data_1K5G
#
_entry.id   1K5G
#
_cell.length_a   99.930
_cell.length_b   102.568
_cell.length_c   118.850
_cell.angle_alpha   71.67
_cell.angle_beta   79.09
_cell.angle_gamma   67.81
#
_symmetry.space_group_name_H-M   'P 1'
#
loop_
_entity.id
_entity.type
_entity.pdbx_description
1 polymer 'GTP-binding nuclear protein RAN'
2 polymer 'Ran-specific GTPase-activating protein'
3 polymer 'Ran GTPase activating protein 1'
4 non-polymer 'MAGNESIUM ION'
5 non-polymer "GUANOSINE-5'-DIPHOSPHATE"
6 non-polymer 'ALUMINUM FLUORIDE'
#
loop_
_entity_poly.entity_id
_entity_poly.type
_entity_poly.pdbx_seq_one_letter_code
_entity_poly.pdbx_strand_id
1 'polypeptide(L)'
;MAAQGEPQVQFKLVLVGDGGTGKTTFVKRHLTGEFEKKYVATLGVEVHPLVFHTNRGPIKFNVWDTAGQEKFGGLRDGYY
IQAQCAIIMFDVTSRVTYKNVPNWHRDLVRVCENIPIVLCGNKVDIKDRKVKAKSIVFHRKKNLQYYDISAKSNYNFEKP
FLWLARKLIGDPNLEFVAMPALAPPEVVMDPALAAQYEHDLEVAQTTALPDEDDDL
;
A,D,G,J
2 'polypeptide(L)'
;MAAAKDTHEDHDTSTENTDESNHDPQFEPIVSLPEQEIKTLEEDEEELFKMRAKLFRFASENDLPEWKERGTGDVKLLKH
KEKGAIRLLMRRDKTLKICANHYITPMMELKPNAGSDRAWVWNTHADFADECPKPELLAIRFLNAENAQKFKTKFEECRK
EIEEREKKAGSGKNDHAEKVAEKLEALSVKEETKEDAEEKQ
;
B,E,H,K
3 'polypeptide(L)'
;MARFSIEGKSLKLDAITTEDEKSVFAVLLEDDSVKEIVLSGNTIGTEAARWLSENIASKKDLEIAEFSDIFTGRVKDEIP
EALRLLLQALLKCPKLHTVRLSDNAFGPTAQEPLIDFLSKHTPLEHLYLHNNGLGPQAGAKIARALQELAVNKKAKNAPP
LRSIICGRNRLENGSMKEWAKTFQSHRLLHTVKMVQNGIRPEGIEHLLLEGLAYCQELKVLDLQDNTFTHLGSSALAIAL
KSWPNLRELGLNDCLLSARGAAAVVDAFSKLENIGLQTLRLQYNEIELDAVRTLKTVIDEKMPDLLFLELNGNRFSEEDD
VVDEIREVFSTRGRGELDELDDMEELTDEEEEDEEEEAESQSPEPETSEEEKEDKELADELSKAHI
;
C,F,I,L
#
# COMPACT_ATOMS: atom_id res chain seq x y z
N GLN A 8 -2.89 28.19 -82.83
CA GLN A 8 -3.03 28.81 -81.48
C GLN A 8 -4.31 28.31 -80.81
N VAL A 9 -4.15 27.25 -80.03
CA VAL A 9 -5.24 26.63 -79.30
C VAL A 9 -5.37 27.19 -77.88
N GLN A 10 -6.60 27.48 -77.47
CA GLN A 10 -6.89 28.03 -76.15
C GLN A 10 -7.72 27.13 -75.25
N PHE A 11 -7.29 27.00 -74.01
CA PHE A 11 -8.01 26.18 -73.06
C PHE A 11 -8.40 26.96 -71.81
N LYS A 12 -9.66 26.83 -71.37
CA LYS A 12 -10.06 27.53 -70.16
C LYS A 12 -9.91 26.61 -68.95
N LEU A 13 -8.89 26.88 -68.16
CA LEU A 13 -8.62 26.09 -66.96
C LEU A 13 -9.03 26.86 -65.72
N VAL A 14 -9.87 26.22 -64.91
CA VAL A 14 -10.34 26.82 -63.67
C VAL A 14 -9.49 26.40 -62.45
N LEU A 15 -8.82 27.36 -61.83
CA LEU A 15 -8.01 27.04 -60.66
C LEU A 15 -8.88 27.42 -59.46
N VAL A 16 -9.14 26.44 -58.62
CA VAL A 16 -10.02 26.65 -57.49
C VAL A 16 -9.44 25.99 -56.26
N GLY A 17 -9.95 26.35 -55.09
CA GLY A 17 -9.46 25.74 -53.86
C GLY A 17 -9.53 26.65 -52.64
N ASP A 18 -9.36 26.08 -51.45
CA ASP A 18 -9.41 26.90 -50.25
C ASP A 18 -8.38 28.01 -50.30
N GLY A 19 -8.70 29.14 -49.66
CA GLY A 19 -7.79 30.28 -49.66
C GLY A 19 -6.48 30.10 -48.90
N GLY A 20 -5.44 30.75 -49.40
CA GLY A 20 -4.13 30.64 -48.77
C GLY A 20 -3.44 29.31 -49.03
N THR A 21 -3.80 28.67 -50.14
CA THR A 21 -3.21 27.39 -50.44
C THR A 21 -2.09 27.53 -51.47
N GLY A 22 -2.28 28.37 -52.46
CA GLY A 22 -1.22 28.54 -53.43
C GLY A 22 -1.67 28.84 -54.84
N LYS A 23 -2.97 28.86 -55.10
CA LYS A 23 -3.44 29.11 -56.45
C LYS A 23 -2.68 30.21 -57.16
N THR A 24 -2.71 31.43 -56.62
CA THR A 24 -2.00 32.55 -57.26
C THR A 24 -0.46 32.32 -57.26
N THR A 25 0.11 32.03 -56.10
CA THR A 25 1.55 31.76 -56.02
C THR A 25 1.98 30.85 -57.14
N PHE A 26 1.25 29.75 -57.28
CA PHE A 26 1.51 28.78 -58.32
C PHE A 26 1.47 29.42 -59.70
N VAL A 27 0.32 30.02 -60.02
CA VAL A 27 0.13 30.67 -61.29
C VAL A 27 1.19 31.75 -61.55
N LYS A 28 1.49 32.52 -60.50
CA LYS A 28 2.49 33.58 -60.61
C LYS A 28 3.79 32.97 -61.12
N ARG A 29 4.40 32.11 -60.30
CA ARG A 29 5.64 31.45 -60.68
C ARG A 29 5.61 30.99 -62.12
N HIS A 30 4.48 30.42 -62.54
CA HIS A 30 4.40 29.96 -63.90
C HIS A 30 4.44 31.03 -64.95
N LEU A 31 4.41 32.29 -64.56
CA LEU A 31 4.50 33.32 -65.59
C LEU A 31 5.54 34.38 -65.30
N THR A 32 6.35 34.14 -64.29
CA THR A 32 7.41 35.08 -63.91
C THR A 32 8.58 34.31 -63.34
N GLY A 33 8.30 33.15 -62.77
CA GLY A 33 9.36 32.35 -62.19
C GLY A 33 9.55 32.74 -60.74
N GLU A 34 8.99 33.88 -60.36
CA GLU A 34 9.11 34.36 -58.99
C GLU A 34 8.30 33.53 -57.99
N PHE A 35 8.83 33.42 -56.78
CA PHE A 35 8.09 32.72 -55.75
C PHE A 35 7.50 33.77 -54.83
N GLU A 36 6.28 34.22 -55.14
CA GLU A 36 5.60 35.22 -54.33
C GLU A 36 5.35 34.65 -52.94
N LYS A 37 6.12 35.14 -51.97
CA LYS A 37 6.03 34.71 -50.58
C LYS A 37 4.99 35.49 -49.77
N LYS A 38 4.55 36.63 -50.33
CA LYS A 38 3.56 37.45 -49.67
C LYS A 38 2.16 36.95 -49.99
N TYR A 39 1.35 36.76 -48.94
CA TYR A 39 -0.01 36.28 -49.13
C TYR A 39 -0.98 37.42 -49.41
N VAL A 40 -1.38 37.57 -50.66
CA VAL A 40 -2.33 38.62 -50.98
C VAL A 40 -3.58 38.07 -51.64
N ALA A 41 -4.63 37.96 -50.82
CA ALA A 41 -5.93 37.42 -51.26
C ALA A 41 -6.40 37.91 -52.63
N THR A 42 -6.82 36.97 -53.46
CA THR A 42 -7.25 37.24 -54.81
C THR A 42 -8.74 37.60 -54.86
N LEU A 43 -9.10 38.87 -54.79
CA LEU A 43 -10.52 39.19 -54.86
C LEU A 43 -11.22 38.80 -56.16
N GLY A 44 -12.29 38.01 -56.04
CA GLY A 44 -13.04 37.58 -57.22
C GLY A 44 -12.32 36.55 -58.10
N VAL A 45 -11.88 36.99 -59.27
CA VAL A 45 -11.16 36.09 -60.18
C VAL A 45 -10.23 36.88 -61.09
N GLU A 46 -8.99 36.41 -61.23
CA GLU A 46 -8.02 37.06 -62.11
C GLU A 46 -7.67 36.11 -63.24
N VAL A 47 -7.90 36.50 -64.49
CA VAL A 47 -7.57 35.59 -65.58
C VAL A 47 -6.13 35.80 -66.08
N HIS A 48 -5.25 34.83 -65.81
CA HIS A 48 -3.85 34.88 -66.23
C HIS A 48 -3.62 33.84 -67.32
N PRO A 49 -3.07 34.25 -68.47
CA PRO A 49 -2.81 33.28 -69.55
C PRO A 49 -1.36 32.77 -69.58
N LEU A 50 -1.22 31.47 -69.75
CA LEU A 50 0.08 30.82 -69.83
C LEU A 50 0.16 30.05 -71.15
N VAL A 51 1.29 30.18 -71.85
CA VAL A 51 1.47 29.47 -73.11
C VAL A 51 2.58 28.48 -72.90
N PHE A 52 2.46 27.33 -73.56
CA PHE A 52 3.44 26.27 -73.49
C PHE A 52 3.67 25.77 -74.89
N HIS A 53 4.89 25.32 -75.16
CA HIS A 53 5.16 24.79 -76.48
C HIS A 53 5.31 23.29 -76.42
N THR A 54 4.60 22.60 -77.31
CA THR A 54 4.64 21.15 -77.35
C THR A 54 5.07 20.65 -78.72
N ASN A 55 5.22 19.34 -78.82
CA ASN A 55 5.60 18.71 -80.07
C ASN A 55 4.43 18.82 -81.04
N ARG A 56 3.30 19.33 -80.55
CA ARG A 56 2.13 19.49 -81.40
C ARG A 56 1.70 20.95 -81.52
N GLY A 57 2.68 21.84 -81.39
CA GLY A 57 2.39 23.25 -81.50
C GLY A 57 2.23 23.92 -80.15
N PRO A 58 2.09 25.25 -80.14
CA PRO A 58 1.94 26.00 -78.91
C PRO A 58 0.46 26.05 -78.46
N ILE A 59 0.23 25.86 -77.18
CA ILE A 59 -1.11 25.90 -76.63
C ILE A 59 -1.17 26.94 -75.52
N LYS A 60 -2.36 27.53 -75.34
CA LYS A 60 -2.52 28.54 -74.33
C LYS A 60 -3.57 28.21 -73.30
N PHE A 61 -3.15 28.11 -72.04
CA PHE A 61 -4.06 27.86 -70.94
C PHE A 61 -4.49 29.22 -70.38
N ASN A 62 -5.80 29.47 -70.32
CA ASN A 62 -6.29 30.71 -69.73
C ASN A 62 -6.66 30.37 -68.29
N VAL A 63 -5.66 30.35 -67.41
CA VAL A 63 -5.87 30.02 -66.02
C VAL A 63 -6.82 30.97 -65.33
N TRP A 64 -8.04 30.52 -65.01
CA TRP A 64 -8.95 31.39 -64.29
C TRP A 64 -8.70 31.20 -62.79
N ASP A 65 -7.85 32.03 -62.22
CA ASP A 65 -7.52 31.97 -60.81
C ASP A 65 -8.71 32.49 -60.00
N THR A 66 -9.25 31.67 -59.09
CA THR A 66 -10.42 32.09 -58.29
C THR A 66 -10.11 32.36 -56.83
N ALA A 67 -11.10 32.91 -56.14
CA ALA A 67 -11.01 33.25 -54.73
C ALA A 67 -11.53 32.15 -53.79
N GLY A 68 -10.68 31.69 -52.89
CA GLY A 68 -11.07 30.64 -51.96
C GLY A 68 -12.00 30.95 -50.80
N GLN A 69 -12.68 32.09 -50.81
CA GLN A 69 -13.59 32.38 -49.71
C GLN A 69 -15.00 32.12 -50.20
N GLU A 70 -15.29 32.63 -51.40
CA GLU A 70 -16.58 32.50 -52.05
C GLU A 70 -17.21 31.12 -51.85
N LYS A 71 -18.30 31.07 -51.08
CA LYS A 71 -18.98 29.79 -50.82
C LYS A 71 -19.38 29.19 -52.15
N PHE A 72 -19.24 27.88 -52.25
CA PHE A 72 -19.60 27.16 -53.47
C PHE A 72 -21.09 27.33 -53.67
N GLY A 73 -21.48 27.51 -54.94
CA GLY A 73 -22.89 27.69 -55.25
C GLY A 73 -23.08 28.21 -56.66
N GLY A 74 -24.31 28.58 -57.00
CA GLY A 74 -24.57 29.08 -58.34
C GLY A 74 -23.91 30.43 -58.57
N LEU A 75 -23.63 31.15 -57.50
CA LEU A 75 -23.01 32.44 -57.65
C LEU A 75 -21.64 32.34 -58.27
N ARG A 76 -21.12 31.12 -58.33
CA ARG A 76 -19.80 30.90 -58.91
C ARG A 76 -19.87 30.43 -60.37
N ASP A 77 -21.05 29.99 -60.79
CA ASP A 77 -21.25 29.50 -62.17
C ASP A 77 -20.37 30.17 -63.24
N GLY A 78 -20.29 31.50 -63.20
CA GLY A 78 -19.48 32.22 -64.17
C GLY A 78 -18.09 31.63 -64.44
N TYR A 79 -17.33 31.35 -63.39
CA TYR A 79 -16.01 30.79 -63.56
C TYR A 79 -16.05 29.43 -64.25
N TYR A 80 -16.87 28.54 -63.70
CA TYR A 80 -17.02 27.18 -64.18
C TYR A 80 -17.49 27.03 -65.61
N ILE A 81 -18.51 27.79 -66.00
CA ILE A 81 -19.05 27.73 -67.36
C ILE A 81 -17.96 27.58 -68.43
N GLN A 82 -18.31 26.86 -69.50
CA GLN A 82 -17.42 26.58 -70.62
C GLN A 82 -15.95 26.31 -70.32
N ALA A 83 -15.63 25.92 -69.09
CA ALA A 83 -14.25 25.59 -68.73
C ALA A 83 -13.96 24.33 -69.51
N GLN A 84 -12.71 23.91 -69.55
CA GLN A 84 -12.37 22.70 -70.29
C GLN A 84 -11.42 21.81 -69.51
N CYS A 85 -11.14 22.25 -68.30
CA CYS A 85 -10.25 21.56 -67.40
C CYS A 85 -10.19 22.42 -66.15
N ALA A 86 -9.50 21.94 -65.13
CA ALA A 86 -9.42 22.68 -63.89
C ALA A 86 -8.40 22.06 -62.95
N ILE A 87 -8.01 22.81 -61.92
CA ILE A 87 -7.05 22.32 -60.96
C ILE A 87 -7.62 22.65 -59.61
N ILE A 88 -7.73 21.67 -58.73
CA ILE A 88 -8.23 21.93 -57.40
C ILE A 88 -7.01 21.90 -56.53
N MET A 89 -6.84 22.90 -55.66
CA MET A 89 -5.67 22.93 -54.81
C MET A 89 -5.95 22.95 -53.33
N PHE A 90 -5.07 22.34 -52.55
CA PHE A 90 -5.21 22.31 -51.11
C PHE A 90 -3.81 22.25 -50.49
N ASP A 91 -3.72 22.71 -49.24
CA ASP A 91 -2.46 22.77 -48.54
C ASP A 91 -2.17 21.52 -47.74
N VAL A 92 -1.12 20.84 -48.15
CA VAL A 92 -0.67 19.63 -47.49
C VAL A 92 -0.48 19.80 -45.98
N THR A 93 -0.39 21.04 -45.49
CA THR A 93 -0.21 21.24 -44.06
C THR A 93 -1.52 21.66 -43.38
N SER A 94 -2.60 21.65 -44.15
CA SER A 94 -3.89 22.03 -43.60
C SER A 94 -4.92 20.94 -43.83
N ARG A 95 -5.18 20.14 -42.80
CA ARG A 95 -6.19 19.08 -42.98
C ARG A 95 -7.50 19.73 -43.42
N VAL A 96 -7.87 20.83 -42.77
CA VAL A 96 -9.08 21.55 -43.11
C VAL A 96 -9.17 21.88 -44.59
N THR A 97 -8.04 22.19 -45.19
CA THR A 97 -8.02 22.56 -46.59
C THR A 97 -8.27 21.39 -47.53
N TYR A 98 -7.87 20.21 -47.10
CA TYR A 98 -8.04 19.00 -47.88
C TYR A 98 -9.50 18.53 -47.75
N LYS A 99 -10.00 18.51 -46.51
CA LYS A 99 -11.37 18.11 -46.25
C LYS A 99 -12.35 18.88 -47.14
N ASN A 100 -11.93 20.03 -47.65
CA ASN A 100 -12.81 20.82 -48.50
C ASN A 100 -12.74 20.47 -49.97
N VAL A 101 -11.72 19.72 -50.36
CA VAL A 101 -11.58 19.34 -51.76
C VAL A 101 -12.91 18.85 -52.35
N PRO A 102 -13.57 17.90 -51.66
CA PRO A 102 -14.85 17.34 -52.11
C PRO A 102 -15.84 18.40 -52.54
N ASN A 103 -16.00 19.44 -51.73
CA ASN A 103 -16.95 20.48 -52.08
C ASN A 103 -16.51 21.21 -53.33
N TRP A 104 -15.21 21.48 -53.46
CA TRP A 104 -14.72 22.15 -54.66
C TRP A 104 -15.06 21.25 -55.81
N HIS A 105 -14.60 20.00 -55.74
CA HIS A 105 -14.92 19.08 -56.80
C HIS A 105 -16.36 18.66 -56.59
N ARG A 106 -17.29 19.42 -57.14
CA ARG A 106 -18.71 19.13 -57.03
C ARG A 106 -19.37 20.39 -57.49
N ASP A 107 -19.01 21.48 -56.83
CA ASP A 107 -19.55 22.78 -57.21
C ASP A 107 -18.95 22.96 -58.60
N LEU A 108 -17.88 22.23 -58.87
CA LEU A 108 -17.19 22.29 -60.15
C LEU A 108 -17.84 21.35 -61.15
N VAL A 109 -17.92 20.07 -60.83
CA VAL A 109 -18.53 19.10 -61.75
C VAL A 109 -20.05 19.26 -61.90
N ARG A 110 -20.62 20.28 -61.28
CA ARG A 110 -22.05 20.50 -61.41
C ARG A 110 -22.36 21.20 -62.71
N VAL A 111 -21.40 21.94 -63.22
CA VAL A 111 -21.65 22.64 -64.46
C VAL A 111 -20.77 22.09 -65.57
N CYS A 112 -19.67 21.45 -65.18
CA CYS A 112 -18.75 20.90 -66.18
C CYS A 112 -18.91 19.40 -66.40
N GLU A 113 -19.51 18.73 -65.41
CA GLU A 113 -19.74 17.30 -65.49
C GLU A 113 -18.48 16.47 -65.76
N ASN A 114 -18.12 16.36 -67.03
CA ASN A 114 -16.96 15.57 -67.39
C ASN A 114 -15.79 16.36 -67.95
N ILE A 115 -14.83 16.71 -67.10
CA ILE A 115 -13.65 17.44 -67.54
C ILE A 115 -12.42 17.08 -66.72
N PRO A 116 -11.24 17.04 -67.35
CA PRO A 116 -9.98 16.70 -66.70
C PRO A 116 -9.74 17.62 -65.51
N ILE A 117 -9.33 17.05 -64.40
CA ILE A 117 -9.09 17.81 -63.19
C ILE A 117 -7.90 17.24 -62.45
N VAL A 118 -6.93 18.08 -62.11
CA VAL A 118 -5.79 17.58 -61.36
C VAL A 118 -5.84 18.13 -59.94
N LEU A 119 -5.73 17.23 -58.97
CA LEU A 119 -5.76 17.62 -57.57
C LEU A 119 -4.32 17.85 -57.09
N CYS A 120 -4.07 19.05 -56.58
CA CYS A 120 -2.73 19.40 -56.12
C CYS A 120 -2.60 19.67 -54.63
N GLY A 121 -1.72 18.91 -53.99
CA GLY A 121 -1.48 19.10 -52.58
C GLY A 121 -0.24 19.96 -52.57
N ASN A 122 -0.42 21.28 -52.44
CA ASN A 122 0.72 22.17 -52.46
C ASN A 122 1.43 22.30 -51.11
N LYS A 123 2.61 22.92 -51.17
CA LYS A 123 3.47 23.17 -50.02
C LYS A 123 3.96 21.87 -49.40
N VAL A 124 4.30 20.91 -50.26
CA VAL A 124 4.80 19.63 -49.77
C VAL A 124 6.18 19.83 -49.23
N ASP A 125 6.71 21.03 -49.45
CA ASP A 125 8.04 21.36 -49.00
C ASP A 125 8.09 21.59 -47.49
N ILE A 126 6.96 21.97 -46.89
CA ILE A 126 6.92 22.22 -45.45
C ILE A 126 7.25 20.98 -44.64
N LYS A 127 8.02 21.19 -43.58
CA LYS A 127 8.44 20.12 -42.67
C LYS A 127 7.25 19.34 -42.10
N ASP A 128 6.62 19.88 -41.07
CA ASP A 128 5.48 19.22 -40.42
C ASP A 128 4.28 19.07 -41.35
N ARG A 129 4.28 18.00 -42.15
CA ARG A 129 3.19 17.72 -43.09
C ARG A 129 2.00 17.03 -42.42
N LYS A 130 0.79 17.33 -42.89
CA LYS A 130 -0.42 16.74 -42.30
C LYS A 130 -1.11 15.72 -43.20
N VAL A 131 -1.42 16.12 -44.42
CA VAL A 131 -2.05 15.22 -45.40
C VAL A 131 -0.93 14.53 -46.19
N LYS A 132 -0.57 13.33 -45.73
CA LYS A 132 0.50 12.56 -46.37
C LYS A 132 0.10 11.92 -47.70
N ALA A 133 1.11 11.60 -48.50
CA ALA A 133 0.92 10.99 -49.81
C ALA A 133 -0.08 9.82 -49.82
N LYS A 134 0.15 8.86 -48.92
CA LYS A 134 -0.72 7.70 -48.81
C LYS A 134 -2.19 8.12 -48.78
N SER A 135 -2.65 8.49 -47.59
CA SER A 135 -4.04 8.90 -47.36
C SER A 135 -4.86 9.50 -48.50
N ILE A 136 -4.22 10.21 -49.44
CA ILE A 136 -4.98 10.81 -50.55
C ILE A 136 -5.66 9.72 -51.37
N VAL A 137 -7.00 9.73 -51.36
CA VAL A 137 -7.77 8.74 -52.10
C VAL A 137 -8.78 9.37 -53.06
N PHE A 138 -9.38 10.47 -52.61
CA PHE A 138 -10.40 11.17 -53.40
C PHE A 138 -10.24 11.10 -54.91
N HIS A 139 -9.02 11.15 -55.42
CA HIS A 139 -8.84 11.09 -56.87
C HIS A 139 -9.24 9.74 -57.43
N ARG A 140 -9.07 8.68 -56.64
CA ARG A 140 -9.45 7.33 -57.07
C ARG A 140 -10.95 7.25 -57.31
N LYS A 141 -11.72 7.80 -56.36
CA LYS A 141 -13.17 7.78 -56.42
C LYS A 141 -13.87 8.80 -57.33
N LYS A 142 -13.12 9.77 -57.85
CA LYS A 142 -13.74 10.78 -58.71
C LYS A 142 -13.07 11.03 -60.06
N ASN A 143 -12.16 10.13 -60.45
CA ASN A 143 -11.45 10.24 -61.73
C ASN A 143 -10.65 11.54 -61.90
N LEU A 144 -9.68 11.75 -61.01
CA LEU A 144 -8.82 12.93 -61.04
C LEU A 144 -7.38 12.48 -61.12
N GLN A 145 -6.51 13.38 -61.54
CA GLN A 145 -5.10 13.06 -61.58
C GLN A 145 -4.61 13.73 -60.31
N TYR A 146 -3.57 13.20 -59.68
CA TYR A 146 -3.09 13.83 -58.45
C TYR A 146 -1.59 14.10 -58.43
N TYR A 147 -1.22 15.25 -57.86
CA TYR A 147 0.18 15.62 -57.77
C TYR A 147 0.58 16.39 -56.51
N ASP A 148 1.62 15.91 -55.84
CA ASP A 148 2.15 16.60 -54.68
C ASP A 148 2.91 17.70 -55.38
N ILE A 149 2.85 18.93 -54.87
CA ILE A 149 3.60 20.00 -55.52
C ILE A 149 4.06 21.03 -54.53
N SER A 150 4.95 21.89 -54.98
CA SER A 150 5.46 22.95 -54.14
C SER A 150 5.80 24.14 -54.98
N ALA A 151 4.92 25.13 -54.99
CA ALA A 151 5.20 26.31 -55.78
C ALA A 151 6.58 26.84 -55.36
N LYS A 152 7.00 26.51 -54.14
CA LYS A 152 8.28 26.97 -53.62
C LYS A 152 9.49 26.23 -54.15
N SER A 153 9.46 24.92 -54.08
CA SER A 153 10.60 24.14 -54.55
C SER A 153 10.40 23.71 -56.00
N ASN A 154 9.26 24.06 -56.57
CA ASN A 154 8.92 23.69 -57.94
C ASN A 154 8.63 22.21 -58.14
N TYR A 155 8.72 21.43 -57.07
CA TYR A 155 8.47 19.99 -57.19
C TYR A 155 7.17 19.72 -57.95
N ASN A 156 7.30 19.09 -59.13
CA ASN A 156 6.16 18.75 -59.97
C ASN A 156 5.39 19.96 -60.48
N PHE A 157 5.90 21.15 -60.18
CA PHE A 157 5.21 22.38 -60.56
C PHE A 157 4.73 22.50 -62.00
N GLU A 158 5.15 21.60 -62.88
CA GLU A 158 4.72 21.67 -64.28
C GLU A 158 3.93 20.45 -64.72
N LYS A 159 3.82 19.47 -63.85
CA LYS A 159 3.07 18.27 -64.20
C LYS A 159 1.60 18.59 -64.50
N PRO A 160 0.92 19.31 -63.58
CA PRO A 160 -0.48 19.65 -63.80
C PRO A 160 -0.83 20.08 -65.23
N PHE A 161 -0.18 21.12 -65.73
CA PHE A 161 -0.44 21.59 -67.09
C PHE A 161 -0.11 20.50 -68.10
N LEU A 162 1.05 19.88 -67.90
CA LEU A 162 1.51 18.82 -68.79
C LEU A 162 0.45 17.74 -68.93
N TRP A 163 -0.17 17.38 -67.81
CA TRP A 163 -1.20 16.37 -67.83
C TRP A 163 -2.34 16.88 -68.70
N LEU A 164 -3.20 17.70 -68.12
CA LEU A 164 -4.35 18.27 -68.82
C LEU A 164 -4.10 18.44 -70.30
N ALA A 165 -2.90 18.91 -70.64
CA ALA A 165 -2.54 19.13 -72.03
C ALA A 165 -2.62 17.80 -72.79
N ARG A 166 -1.98 16.78 -72.23
CA ARG A 166 -2.01 15.47 -72.85
C ARG A 166 -3.45 14.96 -72.97
N LYS A 167 -4.20 15.12 -71.89
CA LYS A 167 -5.58 14.67 -71.87
C LYS A 167 -6.41 15.41 -72.89
N LEU A 168 -6.30 16.73 -72.91
CA LEU A 168 -7.06 17.55 -73.84
C LEU A 168 -6.66 17.31 -75.28
N ILE A 169 -5.36 17.38 -75.56
CA ILE A 169 -4.82 17.20 -76.90
C ILE A 169 -4.99 15.75 -77.36
N GLY A 170 -5.06 14.84 -76.40
CA GLY A 170 -5.22 13.42 -76.72
C GLY A 170 -3.95 12.80 -77.26
N ASP A 171 -2.82 13.05 -76.60
CA ASP A 171 -1.53 12.50 -77.00
C ASP A 171 -0.70 12.12 -75.77
N PRO A 172 -0.96 10.94 -75.21
CA PRO A 172 -0.26 10.42 -74.03
C PRO A 172 1.18 10.85 -73.95
N ASN A 173 1.85 10.96 -75.09
CA ASN A 173 3.25 11.33 -75.10
C ASN A 173 3.57 12.76 -75.50
N LEU A 174 2.67 13.69 -75.18
CA LEU A 174 2.92 15.09 -75.52
C LEU A 174 3.94 15.62 -74.55
N GLU A 175 4.79 16.53 -75.02
CA GLU A 175 5.77 17.12 -74.14
C GLU A 175 6.20 18.53 -74.51
N PHE A 176 6.55 19.30 -73.48
CA PHE A 176 6.97 20.66 -73.69
C PHE A 176 8.28 20.62 -74.48
N VAL A 177 8.53 21.64 -75.28
CA VAL A 177 9.75 21.71 -76.09
C VAL A 177 10.23 23.12 -76.34
N ALA A 178 11.53 23.33 -76.15
CA ALA A 178 12.13 24.63 -76.39
C ALA A 178 11.18 25.80 -76.17
N MET A 179 11.16 26.71 -77.14
CA MET A 179 10.34 27.92 -77.18
C MET A 179 11.08 28.85 -78.10
N PRO A 180 10.54 29.11 -79.30
CA PRO A 180 11.27 30.01 -80.20
C PRO A 180 11.78 31.29 -79.50
N ALA A 181 13.09 31.47 -79.55
CA ALA A 181 13.76 32.63 -78.96
C ALA A 181 13.98 33.65 -80.05
N LEU A 182 13.02 34.55 -80.22
CA LEU A 182 13.11 35.58 -81.24
C LEU A 182 14.27 36.54 -80.98
N ALA A 183 14.53 37.38 -81.97
CA ALA A 183 15.62 38.34 -81.90
C ALA A 183 15.26 39.52 -81.04
N PRO A 184 16.03 39.77 -79.97
CA PRO A 184 15.74 40.90 -79.08
C PRO A 184 15.78 42.18 -79.92
N PRO A 185 14.79 43.07 -79.77
CA PRO A 185 14.77 44.31 -80.54
C PRO A 185 16.09 45.11 -80.52
N GLU A 186 16.18 46.05 -81.47
CA GLU A 186 17.34 46.92 -81.67
C GLU A 186 18.39 47.04 -80.56
N VAL A 187 18.18 47.99 -79.65
CA VAL A 187 19.09 48.29 -78.53
C VAL A 187 20.13 49.34 -78.93
N VAL A 188 19.72 50.60 -78.95
CA VAL A 188 20.60 51.72 -79.30
C VAL A 188 20.58 52.74 -78.17
N MET A 189 20.21 53.98 -78.51
CA MET A 189 20.12 55.08 -77.55
C MET A 189 21.29 55.18 -76.58
N ASP A 190 21.24 56.17 -75.68
CA ASP A 190 22.31 56.37 -74.70
C ASP A 190 22.16 57.63 -73.83
N PRO A 191 21.86 58.79 -74.44
CA PRO A 191 21.70 60.07 -73.72
C PRO A 191 20.97 60.01 -72.38
N ALA A 192 19.85 60.70 -72.28
CA ALA A 192 19.06 60.73 -71.05
C ALA A 192 18.54 59.31 -70.81
N LEU A 193 18.52 58.54 -71.89
CA LEU A 193 18.06 57.15 -71.84
C LEU A 193 19.08 56.26 -71.14
N ALA A 194 19.89 56.86 -70.27
CA ALA A 194 20.90 56.14 -69.53
C ALA A 194 21.50 57.05 -68.46
N ALA A 195 22.61 56.60 -67.88
CA ALA A 195 23.32 57.33 -66.82
C ALA A 195 22.72 56.99 -65.46
N GLN A 196 21.45 57.34 -65.25
CA GLN A 196 20.79 57.04 -63.98
C GLN A 196 20.51 55.55 -63.83
N TYR A 197 21.05 54.77 -64.77
CA TYR A 197 20.90 53.31 -64.75
C TYR A 197 21.97 52.74 -63.82
N GLU A 198 23.18 53.28 -63.95
CA GLU A 198 24.31 52.85 -63.14
C GLU A 198 23.96 53.05 -61.67
N HIS A 199 23.12 54.06 -61.43
CA HIS A 199 22.67 54.40 -60.08
C HIS A 199 21.92 53.23 -59.45
N ASP A 200 21.04 52.61 -60.25
CA ASP A 200 20.25 51.47 -59.79
C ASP A 200 21.05 50.17 -59.89
N LEU A 201 21.91 50.07 -60.91
CA LEU A 201 22.74 48.90 -61.09
C LEU A 201 23.55 48.66 -59.82
N GLU A 202 23.84 49.75 -59.11
CA GLU A 202 24.61 49.69 -57.88
C GLU A 202 23.69 49.39 -56.70
N VAL A 203 22.47 49.93 -56.74
CA VAL A 203 21.49 49.69 -55.68
C VAL A 203 21.19 48.20 -55.68
N ALA A 204 21.64 47.54 -56.74
CA ALA A 204 21.45 46.10 -56.92
C ALA A 204 22.66 45.30 -56.42
N GLN A 205 23.83 45.52 -57.04
CA GLN A 205 25.05 44.81 -56.67
C GLN A 205 25.32 44.89 -55.17
N THR A 206 24.56 45.75 -54.50
CA THR A 206 24.68 45.94 -53.05
C THR A 206 23.71 45.01 -52.33
N THR A 207 22.43 45.10 -52.69
CA THR A 207 21.40 44.28 -52.06
C THR A 207 21.68 42.79 -52.27
N ALA A 208 21.99 42.09 -51.18
CA ALA A 208 22.30 40.66 -51.24
C ALA A 208 21.17 39.82 -51.83
N LEU A 209 21.56 38.76 -52.51
CA LEU A 209 20.62 37.84 -53.14
C LEU A 209 20.10 36.87 -52.09
N PRO A 210 18.79 36.58 -52.11
CA PRO A 210 18.16 35.64 -51.16
C PRO A 210 18.66 34.20 -51.35
N ASP A 211 19.82 33.88 -50.77
CA ASP A 211 20.39 32.54 -50.91
C ASP A 211 19.58 31.49 -50.16
N GLU A 212 18.96 30.59 -50.93
CA GLU A 212 18.15 29.53 -50.38
C GLU A 212 18.70 28.13 -50.73
N ASP A 213 19.65 28.10 -51.67
CA ASP A 213 20.27 26.84 -52.10
C ASP A 213 20.97 26.12 -50.95
N ASN B 22 -7.55 8.50 -60.05
CA ASN B 22 -7.80 7.13 -60.57
C ASN B 22 -6.47 6.63 -61.12
N HIS B 23 -6.44 5.35 -61.52
CA HIS B 23 -5.25 4.73 -62.07
C HIS B 23 -4.76 5.63 -63.21
N ASP B 24 -5.63 5.82 -64.20
CA ASP B 24 -5.35 6.68 -65.34
C ASP B 24 -6.65 7.16 -65.95
N PRO B 25 -7.22 8.26 -65.42
CA PRO B 25 -8.48 8.83 -65.92
C PRO B 25 -8.49 8.93 -67.44
N GLN B 26 -9.59 8.50 -68.04
CA GLN B 26 -9.72 8.52 -69.49
C GLN B 26 -10.70 9.59 -69.99
N PHE B 27 -10.23 10.42 -70.93
CA PHE B 27 -11.05 11.49 -71.51
C PHE B 27 -10.90 11.49 -73.02
N GLU B 28 -12.01 11.65 -73.73
CA GLU B 28 -11.91 11.68 -75.18
C GLU B 28 -11.51 13.09 -75.61
N PRO B 29 -10.33 13.22 -76.21
CA PRO B 29 -9.71 14.46 -76.72
C PRO B 29 -10.66 15.58 -77.14
N ILE B 30 -10.29 16.80 -76.79
CA ILE B 30 -11.08 17.99 -77.12
C ILE B 30 -10.68 18.52 -78.48
N VAL B 31 -9.42 18.30 -78.86
CA VAL B 31 -8.93 18.76 -80.16
C VAL B 31 -8.03 17.73 -80.82
N SER B 32 -7.76 17.95 -82.10
CA SER B 32 -6.89 17.05 -82.83
C SER B 32 -5.76 17.92 -83.35
N LEU B 33 -4.58 17.78 -82.75
CA LEU B 33 -3.45 18.59 -83.18
C LEU B 33 -2.31 17.78 -83.78
N PRO B 34 -2.01 18.04 -85.08
CA PRO B 34 -0.96 17.39 -85.87
C PRO B 34 0.43 17.55 -85.29
N GLU B 35 1.23 16.50 -85.41
CA GLU B 35 2.61 16.51 -84.94
C GLU B 35 3.24 17.72 -85.62
N GLN B 36 4.25 18.30 -84.99
CA GLN B 36 4.85 19.46 -85.60
C GLN B 36 6.31 19.62 -85.24
N GLU B 37 7.06 20.19 -86.18
CA GLU B 37 8.48 20.43 -85.99
C GLU B 37 8.68 21.86 -85.56
N ILE B 38 9.06 22.04 -84.31
CA ILE B 38 9.28 23.35 -83.73
C ILE B 38 10.74 23.77 -83.80
N LYS B 39 10.99 24.89 -84.47
CA LYS B 39 12.34 25.40 -84.62
C LYS B 39 12.68 26.19 -83.38
N THR B 40 13.95 26.56 -83.23
CA THR B 40 14.37 27.31 -82.06
C THR B 40 14.82 28.73 -82.38
N LEU B 41 15.03 29.01 -83.66
CA LEU B 41 15.50 30.34 -84.09
C LEU B 41 16.83 30.52 -83.38
N GLU B 42 17.44 29.37 -83.13
CA GLU B 42 18.72 29.24 -82.45
C GLU B 42 19.60 28.33 -83.35
N GLU B 43 19.16 28.13 -84.59
CA GLU B 43 19.88 27.28 -85.56
C GLU B 43 21.14 27.95 -86.13
N ASP B 44 21.03 29.25 -86.43
CA ASP B 44 22.17 30.01 -86.96
C ASP B 44 22.98 30.45 -85.74
N GLU B 45 22.94 29.61 -84.72
CA GLU B 45 23.59 29.78 -83.43
C GLU B 45 25.10 30.03 -83.42
N GLU B 46 25.76 29.24 -82.58
CA GLU B 46 27.20 29.22 -82.32
C GLU B 46 27.32 28.55 -80.96
N GLU B 47 26.68 29.16 -79.96
CA GLU B 47 26.69 28.62 -78.60
C GLU B 47 28.11 28.54 -78.01
N LEU B 48 28.68 29.70 -77.72
CA LEU B 48 30.01 29.77 -77.15
C LEU B 48 30.03 29.15 -75.76
N PHE B 49 29.10 29.62 -74.92
CA PHE B 49 29.01 29.14 -73.55
C PHE B 49 27.66 28.51 -73.19
N LYS B 50 27.73 27.48 -72.34
CA LYS B 50 26.55 26.77 -71.86
C LYS B 50 26.82 26.21 -70.46
N MET B 51 26.04 26.65 -69.49
CA MET B 51 26.18 26.20 -68.11
C MET B 51 24.89 26.53 -67.38
N ARG B 52 24.45 25.65 -66.49
CA ARG B 52 23.21 25.90 -65.76
C ARG B 52 23.42 26.82 -64.56
N ALA B 53 22.41 27.66 -64.29
CA ALA B 53 22.48 28.61 -63.19
C ALA B 53 21.11 29.20 -62.89
N LYS B 54 20.99 29.83 -61.72
CA LYS B 54 19.74 30.46 -61.33
C LYS B 54 19.80 31.96 -61.67
N LEU B 55 18.80 32.45 -62.39
CA LEU B 55 18.75 33.84 -62.79
C LEU B 55 17.74 34.62 -61.96
N PHE B 56 18.07 35.85 -61.60
CA PHE B 56 17.18 36.68 -60.80
C PHE B 56 16.82 37.98 -61.50
N ARG B 57 15.64 38.51 -61.14
CA ARG B 57 15.11 39.77 -61.67
C ARG B 57 15.20 40.76 -60.52
N PHE B 58 15.22 42.05 -60.80
CA PHE B 58 15.31 42.97 -59.68
C PHE B 58 14.08 43.83 -59.41
N ALA B 59 13.52 43.64 -58.21
CA ALA B 59 12.33 44.35 -57.73
C ALA B 59 11.45 44.93 -58.81
N SER B 60 11.84 46.09 -59.33
CA SER B 60 11.09 46.80 -60.37
C SER B 60 10.38 47.97 -59.70
N GLU B 61 9.14 48.22 -60.12
CA GLU B 61 8.33 49.29 -59.57
C GLU B 61 7.57 48.77 -58.35
N ASN B 62 8.30 48.36 -57.33
CA ASN B 62 7.70 47.85 -56.11
C ASN B 62 8.12 48.70 -54.94
N ASP B 63 9.02 49.66 -55.19
CA ASP B 63 9.51 50.55 -54.15
C ASP B 63 10.25 49.74 -53.09
N LEU B 64 10.13 48.42 -53.18
CA LEU B 64 10.76 47.50 -52.25
C LEU B 64 11.84 46.72 -52.99
N PRO B 65 13.08 47.23 -53.00
CA PRO B 65 14.21 46.59 -53.67
C PRO B 65 14.44 45.13 -53.26
N GLU B 66 13.76 44.22 -53.94
CA GLU B 66 13.89 42.79 -53.66
C GLU B 66 14.35 42.06 -54.91
N TRP B 67 14.90 40.88 -54.69
CA TRP B 67 15.36 40.05 -55.81
C TRP B 67 14.35 38.94 -56.03
N LYS B 68 13.64 39.00 -57.17
CA LYS B 68 12.66 37.98 -57.53
C LYS B 68 13.28 36.97 -58.47
N GLU B 69 13.13 35.68 -58.17
CA GLU B 69 13.67 34.62 -59.02
C GLU B 69 13.11 34.74 -60.43
N ARG B 70 13.91 34.40 -61.43
CA ARG B 70 13.42 34.49 -62.81
C ARG B 70 13.42 33.12 -63.44
N GLY B 71 14.41 32.31 -63.08
CA GLY B 71 14.51 30.97 -63.61
C GLY B 71 15.77 30.22 -63.21
N THR B 72 15.71 28.90 -63.34
CA THR B 72 16.83 28.02 -63.04
C THR B 72 16.97 27.10 -64.23
N GLY B 73 18.07 27.23 -64.96
CA GLY B 73 18.29 26.39 -66.12
C GLY B 73 19.63 26.66 -66.79
N ASP B 74 19.79 26.16 -68.01
CA ASP B 74 21.05 26.32 -68.75
C ASP B 74 21.16 27.69 -69.42
N VAL B 75 22.21 28.43 -69.07
CA VAL B 75 22.45 29.75 -69.65
C VAL B 75 23.27 29.54 -70.93
N LYS B 76 23.02 30.36 -71.94
CA LYS B 76 23.77 30.21 -73.19
C LYS B 76 24.16 31.54 -73.81
N LEU B 77 25.35 31.58 -74.37
CA LEU B 77 25.85 32.76 -75.03
C LEU B 77 25.89 32.42 -76.50
N LEU B 78 25.17 33.20 -77.32
CA LEU B 78 25.14 32.91 -78.74
C LEU B 78 25.59 34.07 -79.62
N LYS B 79 26.43 33.75 -80.63
CA LYS B 79 26.95 34.72 -81.59
C LYS B 79 26.31 34.30 -82.90
N HIS B 80 26.08 35.24 -83.80
CA HIS B 80 25.46 34.88 -85.07
C HIS B 80 26.47 34.65 -86.19
N LYS B 81 26.44 33.44 -86.74
CA LYS B 81 27.33 33.05 -87.82
C LYS B 81 27.25 34.10 -88.93
N GLU B 82 26.04 34.32 -89.44
CA GLU B 82 25.78 35.31 -90.49
C GLU B 82 26.35 36.68 -90.08
N LYS B 83 25.70 37.33 -89.13
CA LYS B 83 26.13 38.63 -88.65
C LYS B 83 27.22 38.41 -87.61
N GLY B 84 27.15 39.15 -86.50
CA GLY B 84 28.13 39.00 -85.45
C GLY B 84 27.44 38.91 -84.10
N ALA B 85 26.39 39.71 -83.96
CA ALA B 85 25.59 39.78 -82.74
C ALA B 85 25.68 38.58 -81.79
N ILE B 86 25.85 38.88 -80.50
CA ILE B 86 25.92 37.85 -79.47
C ILE B 86 24.91 38.18 -78.38
N ARG B 87 24.15 37.19 -77.95
CA ARG B 87 23.14 37.41 -76.93
C ARG B 87 23.20 36.35 -75.85
N LEU B 88 22.44 36.62 -74.78
CA LEU B 88 22.33 35.71 -73.64
C LEU B 88 20.93 35.11 -73.78
N LEU B 89 20.81 33.80 -73.62
CA LEU B 89 19.54 33.13 -73.75
C LEU B 89 19.37 32.04 -72.71
N MET B 90 18.44 32.23 -71.79
CA MET B 90 18.21 31.25 -70.75
C MET B 90 16.82 30.64 -70.82
N ARG B 91 16.71 29.37 -70.45
CA ARG B 91 15.43 28.68 -70.46
C ARG B 91 15.28 28.00 -69.12
N ARG B 92 14.07 27.97 -68.57
CA ARG B 92 13.84 27.33 -67.27
C ARG B 92 13.71 25.82 -67.42
N ASP B 93 14.02 25.10 -66.35
CA ASP B 93 13.90 23.65 -66.37
C ASP B 93 12.45 23.23 -66.59
N LYS B 94 12.25 22.02 -67.10
CA LYS B 94 10.92 21.47 -67.34
C LYS B 94 10.05 22.23 -68.33
N THR B 95 9.71 23.46 -67.96
CA THR B 95 8.85 24.31 -68.76
C THR B 95 9.51 24.79 -70.05
N LEU B 96 10.83 24.99 -70.00
CA LEU B 96 11.59 25.43 -71.16
C LEU B 96 11.25 26.82 -71.65
N LYS B 97 10.45 27.55 -70.89
CA LYS B 97 10.11 28.93 -71.26
C LYS B 97 11.39 29.77 -71.16
N ILE B 98 11.48 30.81 -71.99
CA ILE B 98 12.64 31.70 -71.98
C ILE B 98 12.59 32.60 -70.76
N CYS B 99 13.66 32.65 -69.97
CA CYS B 99 13.68 33.49 -68.78
C CYS B 99 14.69 34.63 -68.90
N ALA B 100 15.29 34.76 -70.07
CA ALA B 100 16.27 35.80 -70.36
C ALA B 100 16.67 35.65 -71.81
N ASN B 101 16.63 36.76 -72.55
CA ASN B 101 16.97 36.70 -73.96
C ASN B 101 17.22 38.12 -74.46
N HIS B 102 18.47 38.54 -74.35
CA HIS B 102 18.88 39.89 -74.77
C HIS B 102 20.27 39.89 -75.39
N TYR B 103 20.56 40.95 -76.14
CA TYR B 103 21.85 41.09 -76.79
C TYR B 103 22.89 41.62 -75.82
N ILE B 104 24.17 41.37 -76.10
CA ILE B 104 25.24 41.87 -75.25
C ILE B 104 25.74 43.15 -75.92
N THR B 105 25.68 44.26 -75.19
CA THR B 105 26.12 45.54 -75.74
C THR B 105 27.51 45.93 -75.24
N PRO B 106 28.08 46.99 -75.82
CA PRO B 106 29.41 47.47 -75.43
C PRO B 106 29.44 47.83 -73.94
N MET B 107 28.50 48.68 -73.54
CA MET B 107 28.40 49.13 -72.14
C MET B 107 27.65 48.11 -71.29
N MET B 108 28.31 47.00 -71.00
CA MET B 108 27.74 45.92 -70.19
C MET B 108 28.90 45.11 -69.60
N GLU B 109 28.68 44.50 -68.44
CA GLU B 109 29.73 43.71 -67.79
C GLU B 109 29.21 43.05 -66.52
N LEU B 110 29.95 42.08 -66.00
CA LEU B 110 29.54 41.39 -64.78
C LEU B 110 30.20 42.01 -63.54
N LYS B 111 29.38 42.38 -62.55
CA LYS B 111 29.88 42.98 -61.31
C LYS B 111 29.44 42.13 -60.13
N PRO B 112 30.39 41.55 -59.37
CA PRO B 112 30.05 40.71 -58.21
C PRO B 112 28.94 41.28 -57.37
N ASN B 113 28.08 40.39 -56.88
CA ASN B 113 26.93 40.78 -56.07
C ASN B 113 27.30 41.09 -54.63
N ALA B 114 28.12 42.11 -54.43
CA ALA B 114 28.54 42.49 -53.07
C ALA B 114 29.08 41.23 -52.42
N GLY B 115 28.27 40.60 -51.58
CA GLY B 115 28.68 39.38 -50.92
C GLY B 115 28.58 38.27 -51.96
N SER B 116 29.32 37.18 -51.76
CA SER B 116 29.30 36.06 -52.70
C SER B 116 29.94 36.47 -54.03
N ASP B 117 30.60 35.51 -54.68
CA ASP B 117 31.26 35.77 -55.95
C ASP B 117 30.75 34.79 -56.99
N ARG B 118 29.87 33.87 -56.58
CA ARG B 118 29.31 32.88 -57.49
C ARG B 118 28.21 33.55 -58.32
N ALA B 119 28.02 34.85 -58.11
CA ALA B 119 26.99 35.60 -58.82
C ALA B 119 27.41 36.99 -59.30
N TRP B 120 26.81 37.42 -60.42
CA TRP B 120 27.08 38.73 -61.01
C TRP B 120 25.76 39.37 -61.40
N VAL B 121 25.73 40.70 -61.39
CA VAL B 121 24.54 41.43 -61.76
C VAL B 121 24.89 42.16 -63.05
N TRP B 122 23.92 42.84 -63.65
CA TRP B 122 24.16 43.59 -64.87
C TRP B 122 22.89 44.20 -65.40
N ASN B 123 23.03 45.17 -66.31
CA ASN B 123 21.86 45.83 -66.86
C ASN B 123 21.70 45.46 -68.33
N THR B 124 20.44 45.50 -68.80
CA THR B 124 20.13 45.22 -70.19
C THR B 124 19.10 46.24 -70.62
N HIS B 125 19.43 47.07 -71.62
CA HIS B 125 18.50 48.08 -72.07
C HIS B 125 17.20 47.47 -72.57
N ALA B 126 17.25 46.21 -72.98
CA ALA B 126 16.07 45.53 -73.49
C ALA B 126 16.16 44.00 -73.51
N ASP B 127 15.42 43.37 -72.61
CA ASP B 127 15.35 41.92 -72.53
C ASP B 127 14.12 41.54 -73.33
N PHE B 128 14.04 40.29 -73.75
CA PHE B 128 12.89 39.85 -74.55
C PHE B 128 12.39 38.48 -74.10
N ALA B 129 12.51 38.21 -72.81
CA ALA B 129 12.08 36.95 -72.27
C ALA B 129 10.56 36.80 -72.39
N ASP B 130 9.86 37.92 -72.30
CA ASP B 130 8.42 37.88 -72.39
C ASP B 130 7.97 38.41 -73.74
N GLU B 131 8.87 38.32 -74.72
CA GLU B 131 8.61 38.77 -76.08
C GLU B 131 8.05 40.20 -76.12
N CYS B 132 8.47 41.00 -75.15
CA CYS B 132 8.08 42.40 -75.05
C CYS B 132 9.33 43.07 -74.50
N PRO B 133 9.91 44.03 -75.25
CA PRO B 133 11.12 44.80 -74.89
C PRO B 133 11.07 45.44 -73.52
N LYS B 134 11.79 44.89 -72.54
CA LYS B 134 11.74 45.45 -71.20
C LYS B 134 13.10 45.66 -70.54
N PRO B 135 13.27 46.80 -69.83
CA PRO B 135 14.50 47.14 -69.11
C PRO B 135 14.65 46.24 -67.90
N GLU B 136 15.52 45.23 -68.01
CA GLU B 136 15.72 44.30 -66.91
C GLU B 136 17.08 44.44 -66.27
N LEU B 137 17.09 44.40 -64.95
CA LEU B 137 18.31 44.50 -64.17
C LEU B 137 18.47 43.14 -63.53
N LEU B 138 19.21 42.26 -64.20
CA LEU B 138 19.39 40.89 -63.75
C LEU B 138 20.50 40.61 -62.77
N ALA B 139 20.72 39.32 -62.55
CA ALA B 139 21.75 38.82 -61.66
C ALA B 139 21.67 37.29 -61.69
N ILE B 140 22.77 36.64 -62.07
CA ILE B 140 22.82 35.19 -62.16
C ILE B 140 23.81 34.61 -61.17
N ARG B 141 23.50 33.43 -60.66
CA ARG B 141 24.36 32.74 -59.69
C ARG B 141 24.66 31.30 -60.13
N PHE B 142 25.92 30.90 -59.99
CA PHE B 142 26.31 29.55 -60.40
C PHE B 142 26.65 28.67 -59.22
N LEU B 143 26.68 27.36 -59.47
CA LEU B 143 26.98 26.37 -58.44
C LEU B 143 28.28 26.66 -57.70
N ASN B 144 29.38 26.77 -58.45
CA ASN B 144 30.70 27.05 -57.88
C ASN B 144 31.28 28.36 -58.39
N ALA B 145 31.93 29.09 -57.49
CA ALA B 145 32.53 30.38 -57.80
C ALA B 145 33.45 30.38 -59.02
N GLU B 146 34.13 29.27 -59.26
CA GLU B 146 35.02 29.18 -60.42
C GLU B 146 34.22 29.06 -61.72
N ASN B 147 32.99 28.57 -61.61
CA ASN B 147 32.11 28.43 -62.77
C ASN B 147 31.71 29.85 -63.18
N ALA B 148 31.57 30.72 -62.18
CA ALA B 148 31.20 32.11 -62.41
C ALA B 148 32.30 32.78 -63.22
N GLN B 149 33.55 32.44 -62.90
CA GLN B 149 34.67 33.00 -63.62
C GLN B 149 34.65 32.47 -65.05
N LYS B 150 34.49 31.15 -65.20
CA LYS B 150 34.45 30.53 -66.52
C LYS B 150 33.34 31.21 -67.35
N PHE B 151 32.36 31.78 -66.64
CA PHE B 151 31.24 32.49 -67.29
C PHE B 151 31.67 33.93 -67.58
N LYS B 152 32.09 34.65 -66.55
CA LYS B 152 32.52 36.03 -66.71
C LYS B 152 33.61 36.15 -67.76
N THR B 153 34.56 35.21 -67.72
CA THR B 153 35.65 35.21 -68.68
C THR B 153 35.04 35.18 -70.09
N LYS B 154 34.23 34.15 -70.35
CA LYS B 154 33.59 33.99 -71.65
C LYS B 154 32.62 35.14 -71.92
N PHE B 155 32.03 35.70 -70.86
CA PHE B 155 31.09 36.80 -71.05
C PHE B 155 31.86 38.06 -71.42
N GLU B 156 33.04 38.23 -70.81
CA GLU B 156 33.84 39.41 -71.09
C GLU B 156 34.47 39.37 -72.47
N GLU B 157 35.12 38.25 -72.80
CA GLU B 157 35.76 38.10 -74.12
C GLU B 157 34.71 37.93 -75.19
N CYS B 158 33.46 38.08 -74.78
CA CYS B 158 32.32 37.97 -75.68
C CYS B 158 31.75 39.38 -75.79
N ARG B 159 31.98 40.16 -74.75
CA ARG B 159 31.54 41.55 -74.71
C ARG B 159 32.60 42.31 -75.47
N LYS B 160 33.82 41.78 -75.44
CA LYS B 160 34.93 42.37 -76.15
C LYS B 160 34.72 42.20 -77.66
N GLU B 161 34.40 40.97 -78.06
CA GLU B 161 34.16 40.64 -79.46
C GLU B 161 33.09 41.56 -80.07
N ILE B 162 32.37 42.26 -79.20
CA ILE B 162 31.31 43.19 -79.62
C ILE B 162 31.73 44.65 -79.63
N GLU B 163 32.62 45.04 -78.73
CA GLU B 163 33.08 46.43 -78.74
C GLU B 163 33.99 46.54 -79.94
N GLU B 164 34.76 45.48 -80.17
CA GLU B 164 35.66 45.43 -81.31
C GLU B 164 34.78 45.65 -82.53
N ARG B 165 33.62 45.00 -82.53
CA ARG B 165 32.65 45.12 -83.61
C ARG B 165 32.47 46.61 -83.88
N GLU B 166 31.55 47.23 -83.15
CA GLU B 166 31.26 48.67 -83.30
C GLU B 166 32.51 49.47 -83.68
N LYS B 167 32.57 49.88 -84.95
CA LYS B 167 33.68 50.66 -85.46
C LYS B 167 35.02 50.33 -84.79
N ALA C 2 -38.81 42.21 -36.90
CA ALA C 2 -37.68 43.17 -36.87
C ALA C 2 -36.50 42.54 -37.57
N ARG C 3 -36.77 41.57 -38.44
CA ARG C 3 -35.73 40.87 -39.17
C ARG C 3 -35.88 41.02 -40.69
N PHE C 4 -34.83 41.50 -41.36
CA PHE C 4 -34.87 41.62 -42.81
C PHE C 4 -33.87 40.65 -43.40
N SER C 5 -34.28 39.89 -44.42
CA SER C 5 -33.35 38.92 -44.99
C SER C 5 -33.60 38.48 -46.43
N ILE C 6 -32.49 38.33 -47.19
CA ILE C 6 -32.53 37.87 -48.57
C ILE C 6 -31.56 36.70 -48.67
N GLU C 7 -31.36 36.04 -47.54
CA GLU C 7 -30.47 34.90 -47.45
C GLU C 7 -30.67 33.87 -48.57
N GLY C 8 -29.59 33.54 -49.26
CA GLY C 8 -29.65 32.54 -50.32
C GLY C 8 -30.44 32.87 -51.58
N LYS C 9 -31.01 34.06 -51.66
CA LYS C 9 -31.77 34.40 -52.86
C LYS C 9 -30.88 34.51 -54.10
N SER C 10 -29.59 34.27 -53.92
CA SER C 10 -28.60 34.32 -55.00
C SER C 10 -28.87 35.44 -55.98
N LEU C 11 -28.93 36.67 -55.45
CA LEU C 11 -29.20 37.82 -56.29
C LEU C 11 -27.93 38.51 -56.74
N LYS C 12 -27.90 38.86 -58.03
CA LYS C 12 -26.77 39.57 -58.61
C LYS C 12 -27.17 41.03 -58.43
N LEU C 13 -27.05 41.51 -57.20
CA LEU C 13 -27.45 42.89 -56.90
C LEU C 13 -26.41 43.92 -57.29
N ASP C 14 -26.54 44.46 -58.50
CA ASP C 14 -25.60 45.45 -58.99
C ASP C 14 -25.91 46.89 -58.64
N ALA C 15 -27.16 47.32 -58.85
CA ALA C 15 -27.52 48.71 -58.60
C ALA C 15 -28.63 49.08 -57.62
N ILE C 16 -29.82 48.50 -57.80
CA ILE C 16 -30.96 48.84 -56.94
C ILE C 16 -31.42 50.25 -57.28
N THR C 17 -32.16 50.38 -58.38
CA THR C 17 -32.68 51.68 -58.82
C THR C 17 -34.01 51.53 -59.54
N THR C 18 -34.22 50.38 -60.16
CA THR C 18 -35.45 50.09 -60.89
C THR C 18 -36.63 49.92 -59.92
N GLU C 19 -37.86 49.89 -60.45
CA GLU C 19 -39.03 49.71 -59.61
C GLU C 19 -38.78 48.44 -58.83
N ASP C 20 -38.51 47.35 -59.56
CA ASP C 20 -38.21 46.07 -58.94
C ASP C 20 -36.83 46.32 -58.33
N GLU C 21 -36.19 45.31 -57.78
CA GLU C 21 -34.89 45.52 -57.16
C GLU C 21 -35.12 46.31 -55.88
N LYS C 22 -35.82 47.44 -55.97
CA LYS C 22 -36.11 48.24 -54.80
C LYS C 22 -37.20 47.56 -53.99
N SER C 23 -38.09 46.88 -54.71
CA SER C 23 -39.19 46.16 -54.07
C SER C 23 -38.59 45.09 -53.16
N VAL C 24 -37.47 44.51 -53.59
CA VAL C 24 -36.79 43.47 -52.82
C VAL C 24 -36.46 43.99 -51.45
N PHE C 25 -35.96 45.23 -51.40
CA PHE C 25 -35.61 45.82 -50.12
C PHE C 25 -36.71 46.72 -49.57
N ALA C 26 -37.95 46.35 -49.83
CA ALA C 26 -39.08 47.13 -49.34
C ALA C 26 -39.13 47.00 -47.82
N VAL C 27 -39.23 45.76 -47.37
CA VAL C 27 -39.27 45.47 -45.94
C VAL C 27 -38.20 46.27 -45.21
N LEU C 28 -37.15 46.65 -45.93
CA LEU C 28 -36.06 47.40 -45.35
C LEU C 28 -36.45 48.87 -45.25
N LEU C 29 -36.95 49.42 -46.35
CA LEU C 29 -37.36 50.82 -46.42
C LEU C 29 -38.48 51.21 -45.45
N GLU C 30 -39.56 50.43 -45.43
CA GLU C 30 -40.72 50.72 -44.59
C GLU C 30 -40.51 50.57 -43.08
N ASP C 31 -39.98 49.43 -42.65
CA ASP C 31 -39.76 49.18 -41.23
C ASP C 31 -38.42 49.72 -40.73
N ASP C 32 -38.48 50.74 -39.86
CA ASP C 32 -37.24 51.32 -39.34
C ASP C 32 -36.82 50.69 -38.02
N SER C 33 -37.72 49.90 -37.46
CA SER C 33 -37.45 49.22 -36.19
C SER C 33 -36.89 47.81 -36.41
N VAL C 34 -35.89 47.69 -37.28
CA VAL C 34 -35.27 46.40 -37.58
C VAL C 34 -34.06 46.11 -36.68
N LYS C 35 -33.94 44.85 -36.23
CA LYS C 35 -32.86 44.42 -35.36
C LYS C 35 -31.78 43.57 -36.05
N GLU C 36 -32.17 42.80 -37.06
CA GLU C 36 -31.23 41.93 -37.77
C GLU C 36 -31.35 42.07 -39.27
N ILE C 37 -30.23 42.32 -39.95
CA ILE C 37 -30.25 42.41 -41.40
C ILE C 37 -29.39 41.30 -41.92
N VAL C 38 -29.89 40.50 -42.86
CA VAL C 38 -29.09 39.41 -43.41
C VAL C 38 -28.99 39.56 -44.90
N LEU C 39 -27.78 39.61 -45.42
CA LEU C 39 -27.62 39.78 -46.86
C LEU C 39 -26.97 38.59 -47.53
N SER C 40 -26.49 37.63 -46.72
CA SER C 40 -25.79 36.44 -47.22
C SER C 40 -26.36 35.82 -48.47
N GLY C 41 -25.51 35.22 -49.27
CA GLY C 41 -25.97 34.57 -50.48
C GLY C 41 -26.29 35.47 -51.65
N ASN C 42 -25.61 36.62 -51.75
CA ASN C 42 -25.84 37.52 -52.88
C ASN C 42 -24.56 38.27 -53.24
N THR C 43 -24.54 38.90 -54.42
CA THR C 43 -23.38 39.68 -54.85
C THR C 43 -23.74 41.15 -54.89
N ILE C 44 -23.22 41.89 -53.92
CA ILE C 44 -23.54 43.28 -53.85
C ILE C 44 -22.48 44.10 -54.55
N GLY C 45 -22.90 44.85 -55.56
CA GLY C 45 -21.96 45.72 -56.26
C GLY C 45 -21.81 47.00 -55.46
N THR C 46 -20.90 47.87 -55.86
CA THR C 46 -20.72 49.11 -55.13
C THR C 46 -21.97 49.98 -55.20
N GLU C 47 -22.55 50.11 -56.39
CA GLU C 47 -23.74 50.94 -56.50
C GLU C 47 -24.82 50.51 -55.53
N ALA C 48 -25.14 49.22 -55.54
CA ALA C 48 -26.15 48.71 -54.63
C ALA C 48 -25.64 48.85 -53.19
N ALA C 49 -24.33 48.73 -53.01
CA ALA C 49 -23.78 48.86 -51.67
C ALA C 49 -24.09 50.28 -51.21
N ARG C 50 -23.98 51.22 -52.12
CA ARG C 50 -24.26 52.61 -51.79
C ARG C 50 -25.70 52.77 -51.32
N TRP C 51 -26.63 52.29 -52.14
CA TRP C 51 -28.06 52.38 -51.84
C TRP C 51 -28.42 51.67 -50.52
N LEU C 52 -27.71 50.59 -50.18
CA LEU C 52 -28.00 49.88 -48.94
C LEU C 52 -27.36 50.54 -47.75
N SER C 53 -26.33 51.36 -47.97
CA SER C 53 -25.66 52.06 -46.86
C SER C 53 -26.61 53.11 -46.33
N GLU C 54 -27.14 53.91 -47.25
CA GLU C 54 -28.05 54.97 -46.89
C GLU C 54 -29.25 54.41 -46.13
N ASN C 55 -29.78 53.29 -46.59
CA ASN C 55 -30.94 52.65 -45.96
C ASN C 55 -30.65 51.77 -44.76
N ILE C 56 -29.42 51.77 -44.29
CA ILE C 56 -29.08 50.97 -43.12
C ILE C 56 -28.79 51.88 -41.93
N ALA C 57 -28.20 53.05 -42.21
CA ALA C 57 -27.88 53.97 -41.13
C ALA C 57 -29.15 54.31 -40.36
N SER C 58 -30.23 54.46 -41.10
CA SER C 58 -31.52 54.80 -40.51
C SER C 58 -32.01 53.77 -39.49
N LYS C 59 -31.66 52.51 -39.69
CA LYS C 59 -32.11 51.46 -38.79
C LYS C 59 -31.28 51.50 -37.53
N LYS C 60 -31.66 52.41 -36.64
CA LYS C 60 -30.94 52.61 -35.40
C LYS C 60 -31.13 51.53 -34.35
N ASP C 61 -32.09 50.65 -34.54
CA ASP C 61 -32.28 49.63 -33.53
C ASP C 61 -31.58 48.36 -33.94
N LEU C 62 -30.81 48.44 -35.01
CA LEU C 62 -30.07 47.30 -35.53
C LEU C 62 -29.19 46.66 -34.45
N GLU C 63 -29.20 45.33 -34.38
CA GLU C 63 -28.42 44.59 -33.41
C GLU C 63 -27.49 43.57 -34.07
N ILE C 64 -27.94 43.04 -35.21
CA ILE C 64 -27.13 42.05 -35.93
C ILE C 64 -27.00 42.34 -37.42
N ALA C 65 -25.78 42.21 -37.92
CA ALA C 65 -25.51 42.44 -39.33
C ALA C 65 -24.86 41.16 -39.87
N GLU C 66 -25.66 40.38 -40.60
CA GLU C 66 -25.16 39.15 -41.19
C GLU C 66 -24.73 39.48 -42.59
N PHE C 67 -23.46 39.83 -42.76
CA PHE C 67 -22.91 40.19 -44.06
C PHE C 67 -21.98 39.15 -44.62
N SER C 68 -22.01 37.95 -44.04
CA SER C 68 -21.17 36.86 -44.53
C SER C 68 -21.58 36.50 -45.96
N ASP C 69 -20.62 36.13 -46.78
CA ASP C 69 -20.89 35.77 -48.17
C ASP C 69 -21.79 36.79 -48.87
N ILE C 70 -21.19 37.87 -49.38
CA ILE C 70 -21.97 38.89 -50.07
C ILE C 70 -21.26 39.48 -51.28
N PHE C 71 -20.07 38.97 -51.58
CA PHE C 71 -19.32 39.51 -52.70
C PHE C 71 -18.92 38.52 -53.78
N THR C 72 -19.24 37.24 -53.59
CA THR C 72 -18.85 36.24 -54.57
C THR C 72 -18.92 36.74 -56.02
N GLY C 73 -17.77 37.01 -56.63
CA GLY C 73 -17.75 37.46 -58.01
C GLY C 73 -17.19 38.86 -58.23
N ARG C 74 -17.07 39.61 -57.14
CA ARG C 74 -16.56 40.98 -57.20
C ARG C 74 -15.05 41.00 -57.19
N VAL C 75 -14.48 41.85 -58.05
CA VAL C 75 -13.03 41.96 -58.15
C VAL C 75 -12.45 43.02 -57.20
N LYS C 76 -11.11 43.07 -57.11
CA LYS C 76 -10.40 44.04 -56.25
C LYS C 76 -10.86 45.45 -56.60
N ASP C 77 -11.24 45.57 -57.85
CA ASP C 77 -11.73 46.76 -58.47
C ASP C 77 -12.97 47.32 -57.76
N GLU C 78 -13.77 46.47 -57.12
CA GLU C 78 -15.03 46.95 -56.49
C GLU C 78 -15.39 46.59 -55.04
N ILE C 79 -14.78 45.56 -54.47
CA ILE C 79 -15.12 45.20 -53.08
C ILE C 79 -14.76 46.25 -52.06
N PRO C 80 -13.51 46.70 -52.03
CA PRO C 80 -13.11 47.71 -51.06
C PRO C 80 -14.05 48.91 -50.96
N GLU C 81 -14.49 49.43 -52.10
CA GLU C 81 -15.42 50.55 -52.09
C GLU C 81 -16.68 50.10 -51.36
N ALA C 82 -17.35 49.10 -51.93
CA ALA C 82 -18.57 48.57 -51.36
C ALA C 82 -18.45 48.25 -49.88
N LEU C 83 -17.40 47.53 -49.51
CA LEU C 83 -17.24 47.18 -48.10
C LEU C 83 -17.21 48.45 -47.29
N ARG C 84 -16.45 49.43 -47.78
CA ARG C 84 -16.30 50.71 -47.10
C ARG C 84 -17.67 51.33 -46.81
N LEU C 85 -18.49 51.49 -47.84
CA LEU C 85 -19.81 52.08 -47.66
C LEU C 85 -20.61 51.37 -46.59
N LEU C 86 -20.75 50.05 -46.69
CA LEU C 86 -21.52 49.33 -45.69
C LEU C 86 -20.96 49.55 -44.29
N LEU C 87 -19.70 49.17 -44.08
CA LEU C 87 -19.11 49.37 -42.77
C LEU C 87 -19.26 50.82 -42.30
N GLN C 88 -19.39 51.74 -43.25
CA GLN C 88 -19.54 53.15 -42.90
C GLN C 88 -20.87 53.33 -42.21
N ALA C 89 -21.90 52.71 -42.77
CA ALA C 89 -23.23 52.80 -42.19
C ALA C 89 -23.27 52.10 -40.85
N LEU C 90 -22.94 50.81 -40.83
CA LEU C 90 -22.96 50.06 -39.57
C LEU C 90 -22.42 50.88 -38.42
N LEU C 91 -21.33 51.58 -38.66
CA LEU C 91 -20.70 52.41 -37.64
C LEU C 91 -21.69 53.31 -36.93
N LYS C 92 -22.75 53.69 -37.64
CA LYS C 92 -23.78 54.56 -37.11
C LYS C 92 -24.97 53.84 -36.45
N CYS C 93 -24.74 52.67 -35.87
CA CYS C 93 -25.80 51.90 -35.21
C CYS C 93 -25.43 51.66 -33.76
N PRO C 94 -25.94 52.48 -32.85
CA PRO C 94 -25.71 52.44 -31.40
C PRO C 94 -25.85 51.10 -30.72
N LYS C 95 -26.76 50.26 -31.19
CA LYS C 95 -27.00 48.95 -30.55
C LYS C 95 -26.44 47.71 -31.25
N LEU C 96 -25.70 47.89 -32.34
CA LEU C 96 -25.12 46.77 -33.10
C LEU C 96 -24.01 46.07 -32.32
N HIS C 97 -24.32 44.92 -31.72
CA HIS C 97 -23.32 44.21 -30.93
C HIS C 97 -22.69 43.05 -31.70
N THR C 98 -23.40 42.56 -32.71
CA THR C 98 -22.90 41.43 -33.49
C THR C 98 -22.86 41.73 -34.97
N VAL C 99 -21.67 41.65 -35.55
CA VAL C 99 -21.50 41.89 -36.97
C VAL C 99 -20.70 40.74 -37.57
N ARG C 100 -21.18 40.18 -38.68
CA ARG C 100 -20.50 39.06 -39.34
C ARG C 100 -20.07 39.36 -40.79
N LEU C 101 -18.77 39.27 -41.05
CA LEU C 101 -18.23 39.56 -42.38
C LEU C 101 -17.51 38.40 -43.05
N SER C 102 -17.72 37.19 -42.53
CA SER C 102 -17.08 35.98 -43.05
C SER C 102 -17.41 35.61 -44.49
N ASP C 103 -16.55 34.77 -45.06
CA ASP C 103 -16.72 34.27 -46.42
C ASP C 103 -16.72 35.32 -47.53
N ASN C 104 -15.83 36.30 -47.37
CA ASN C 104 -15.65 37.37 -48.35
C ASN C 104 -14.16 37.60 -48.57
N ALA C 105 -13.77 37.70 -49.84
CA ALA C 105 -12.37 37.92 -50.21
C ALA C 105 -11.91 39.33 -49.78
N PHE C 106 -11.10 39.39 -48.74
CA PHE C 106 -10.62 40.67 -48.24
C PHE C 106 -9.10 40.85 -48.34
N GLY C 107 -8.35 40.17 -47.47
CA GLY C 107 -6.90 40.30 -47.49
C GLY C 107 -6.49 41.77 -47.45
N PRO C 108 -5.20 42.05 -47.62
CA PRO C 108 -4.66 43.41 -47.59
C PRO C 108 -5.46 44.37 -48.47
N THR C 109 -5.71 43.95 -49.69
CA THR C 109 -6.42 44.78 -50.65
C THR C 109 -7.76 45.35 -50.21
N ALA C 110 -8.20 45.04 -48.98
CA ALA C 110 -9.50 45.55 -48.49
C ALA C 110 -9.49 45.70 -47.00
N GLN C 111 -8.30 45.91 -46.44
CA GLN C 111 -8.16 46.05 -45.01
C GLN C 111 -8.61 47.40 -44.49
N GLU C 112 -8.68 48.40 -45.38
CA GLU C 112 -9.07 49.73 -44.95
C GLU C 112 -10.38 49.82 -44.17
N PRO C 113 -11.51 49.44 -44.78
CA PRO C 113 -12.79 49.50 -44.06
C PRO C 113 -12.71 48.71 -42.75
N LEU C 114 -12.15 47.51 -42.81
CA LEU C 114 -12.02 46.69 -41.59
C LEU C 114 -11.26 47.43 -40.49
N ILE C 115 -10.04 47.85 -40.83
CA ILE C 115 -9.21 48.55 -39.89
C ILE C 115 -9.93 49.76 -39.31
N ASP C 116 -10.66 50.49 -40.15
CA ASP C 116 -11.39 51.65 -39.66
C ASP C 116 -12.42 51.13 -38.66
N PHE C 117 -13.55 50.66 -39.21
CA PHE C 117 -14.67 50.12 -38.46
C PHE C 117 -14.30 49.40 -37.15
N LEU C 118 -13.53 48.33 -37.24
CA LEU C 118 -13.20 47.57 -36.04
C LEU C 118 -12.61 48.36 -34.91
N SER C 119 -11.84 49.39 -35.21
CA SER C 119 -11.24 50.15 -34.13
C SER C 119 -12.26 51.08 -33.47
N LYS C 120 -13.22 51.53 -34.25
CA LYS C 120 -14.19 52.48 -33.74
C LYS C 120 -15.47 51.92 -33.14
N HIS C 121 -16.17 51.05 -33.86
CA HIS C 121 -17.45 50.49 -33.38
C HIS C 121 -17.46 49.90 -31.98
N THR C 122 -17.57 50.76 -30.97
CA THR C 122 -17.59 50.32 -29.57
C THR C 122 -18.71 49.40 -29.17
N PRO C 123 -19.89 49.49 -29.83
CA PRO C 123 -21.01 48.61 -29.45
C PRO C 123 -20.74 47.11 -29.71
N LEU C 124 -19.72 46.83 -30.52
CA LEU C 124 -19.34 45.48 -30.88
C LEU C 124 -19.05 44.53 -29.75
N GLU C 125 -19.72 43.38 -29.78
CA GLU C 125 -19.55 42.34 -28.77
C GLU C 125 -19.14 41.01 -29.42
N HIS C 126 -19.69 40.75 -30.61
CA HIS C 126 -19.41 39.49 -31.32
C HIS C 126 -18.94 39.72 -32.73
N LEU C 127 -17.66 39.45 -32.97
CA LEU C 127 -17.07 39.66 -34.28
C LEU C 127 -16.81 38.36 -35.06
N TYR C 128 -17.45 38.25 -36.21
CA TYR C 128 -17.30 37.08 -37.05
C TYR C 128 -16.53 37.39 -38.32
N LEU C 129 -15.21 37.31 -38.22
CA LEU C 129 -14.29 37.57 -39.34
C LEU C 129 -13.60 36.24 -39.63
N HIS C 130 -14.31 35.39 -40.37
CA HIS C 130 -13.86 34.05 -40.70
C HIS C 130 -13.74 33.82 -42.18
N ASN C 131 -12.62 33.25 -42.58
CA ASN C 131 -12.39 32.96 -43.99
C ASN C 131 -12.51 34.25 -44.78
N ASN C 132 -11.52 35.11 -44.63
CA ASN C 132 -11.48 36.39 -45.31
C ASN C 132 -10.12 36.57 -45.98
N GLY C 133 -9.21 35.66 -45.67
CA GLY C 133 -7.88 35.72 -46.26
C GLY C 133 -7.13 36.98 -45.86
N LEU C 134 -7.24 37.32 -44.60
CA LEU C 134 -6.58 38.50 -44.10
C LEU C 134 -5.10 38.45 -44.40
N GLY C 135 -4.44 37.38 -44.00
CA GLY C 135 -3.01 37.27 -44.23
C GLY C 135 -2.28 37.85 -43.03
N PRO C 136 -1.03 37.42 -42.77
CA PRO C 136 -0.23 37.90 -41.64
C PRO C 136 -0.12 39.41 -41.57
N GLN C 137 0.04 40.04 -42.72
CA GLN C 137 0.16 41.48 -42.73
C GLN C 137 -1.12 42.11 -42.23
N ALA C 138 -2.17 42.05 -43.04
CA ALA C 138 -3.44 42.64 -42.64
C ALA C 138 -3.94 42.09 -41.28
N GLY C 139 -3.75 40.80 -41.07
CA GLY C 139 -4.20 40.22 -39.84
C GLY C 139 -3.71 41.05 -38.68
N ALA C 140 -2.44 41.42 -38.75
CA ALA C 140 -1.82 42.22 -37.71
C ALA C 140 -2.54 43.56 -37.55
N LYS C 141 -2.75 44.26 -38.66
CA LYS C 141 -3.43 45.55 -38.58
C LYS C 141 -4.80 45.37 -37.93
N ILE C 142 -5.56 44.38 -38.39
CA ILE C 142 -6.86 44.09 -37.78
C ILE C 142 -6.66 43.88 -36.26
N ALA C 143 -5.59 43.18 -35.90
CA ALA C 143 -5.33 42.92 -34.50
C ALA C 143 -5.07 44.22 -33.74
N ARG C 144 -4.30 45.13 -34.33
CA ARG C 144 -3.99 46.40 -33.69
C ARG C 144 -5.30 47.16 -33.60
N ALA C 145 -5.98 47.22 -34.73
CA ALA C 145 -7.26 47.91 -34.80
C ALA C 145 -8.17 47.46 -33.66
N LEU C 146 -8.08 46.19 -33.27
CA LEU C 146 -8.94 45.73 -32.20
C LEU C 146 -8.42 46.21 -30.86
N GLN C 147 -7.10 46.39 -30.76
CA GLN C 147 -6.47 46.88 -29.53
C GLN C 147 -7.00 48.28 -29.29
N GLU C 148 -7.12 49.04 -30.38
CA GLU C 148 -7.65 50.39 -30.33
C GLU C 148 -9.03 50.28 -29.75
N LEU C 149 -9.91 49.57 -30.46
CA LEU C 149 -11.29 49.37 -30.01
C LEU C 149 -11.32 49.11 -28.50
N ALA C 150 -10.31 48.40 -27.99
CA ALA C 150 -10.25 48.12 -26.57
C ALA C 150 -10.34 49.43 -25.84
N VAL C 151 -9.43 50.35 -26.20
CA VAL C 151 -9.33 51.70 -25.63
C VAL C 151 -10.60 52.52 -25.81
N ASN C 152 -11.00 52.74 -27.05
CA ASN C 152 -12.20 53.50 -27.35
C ASN C 152 -13.39 52.95 -26.59
N LYS C 153 -13.32 51.68 -26.18
CA LYS C 153 -14.39 51.05 -25.43
C LYS C 153 -14.36 51.47 -23.96
N LYS C 154 -13.18 51.47 -23.36
CA LYS C 154 -13.04 51.88 -21.97
C LYS C 154 -13.37 53.37 -21.80
N ALA C 155 -13.21 54.14 -22.86
CA ALA C 155 -13.49 55.56 -22.80
C ALA C 155 -14.98 55.82 -22.74
N LYS C 156 -15.78 54.95 -23.37
CA LYS C 156 -17.23 55.12 -23.37
C LYS C 156 -17.98 54.09 -22.51
N ASN C 157 -17.30 53.50 -21.54
CA ASN C 157 -17.91 52.50 -20.66
C ASN C 157 -18.79 51.49 -21.40
N ALA C 158 -18.36 51.07 -22.59
CA ALA C 158 -19.13 50.11 -23.38
C ALA C 158 -18.85 48.65 -23.02
N PRO C 159 -19.79 47.75 -23.35
CA PRO C 159 -19.68 46.31 -23.07
C PRO C 159 -18.35 45.77 -23.58
N PRO C 160 -17.85 44.69 -22.96
CA PRO C 160 -16.59 44.10 -23.39
C PRO C 160 -16.81 43.30 -24.64
N LEU C 161 -15.77 43.16 -25.47
CA LEU C 161 -15.88 42.34 -26.67
C LEU C 161 -15.98 40.93 -26.10
N ARG C 162 -16.84 40.10 -26.68
CA ARG C 162 -17.04 38.76 -26.16
C ARG C 162 -16.63 37.59 -27.07
N SER C 163 -16.76 37.77 -28.37
CA SER C 163 -16.43 36.71 -29.29
C SER C 163 -15.67 37.13 -30.54
N ILE C 164 -14.55 36.47 -30.78
CA ILE C 164 -13.76 36.72 -31.98
C ILE C 164 -13.66 35.38 -32.71
N ILE C 165 -14.31 35.32 -33.86
CA ILE C 165 -14.27 34.11 -34.67
C ILE C 165 -13.45 34.51 -35.87
N CYS C 166 -12.13 34.30 -35.77
CA CYS C 166 -11.25 34.69 -36.87
C CYS C 166 -10.34 33.58 -37.34
N GLY C 167 -10.82 32.79 -38.29
CA GLY C 167 -10.01 31.70 -38.79
C GLY C 167 -9.99 31.58 -40.29
N ARG C 168 -9.06 30.78 -40.80
CA ARG C 168 -8.94 30.56 -42.23
C ARG C 168 -8.56 31.87 -42.88
N ASN C 169 -7.65 32.59 -42.20
CA ASN C 169 -7.15 33.87 -42.67
C ASN C 169 -5.64 33.87 -42.73
N ARG C 170 -5.04 32.73 -42.48
CA ARG C 170 -3.59 32.64 -42.53
C ARG C 170 -2.93 33.73 -41.70
N LEU C 171 -3.42 33.93 -40.48
CA LEU C 171 -2.83 34.93 -39.61
C LEU C 171 -1.35 34.63 -39.42
N GLU C 172 -0.96 33.38 -39.63
CA GLU C 172 0.43 32.93 -39.46
C GLU C 172 1.09 33.43 -38.16
N ASN C 173 2.40 33.20 -38.03
CA ASN C 173 3.07 33.66 -36.83
C ASN C 173 3.33 35.13 -36.96
N GLY C 174 3.37 35.60 -38.20
CA GLY C 174 3.60 37.01 -38.44
C GLY C 174 2.81 37.91 -37.53
N SER C 175 1.51 37.61 -37.40
CA SER C 175 0.61 38.41 -36.56
C SER C 175 0.39 37.92 -35.13
N MET C 176 1.06 36.86 -34.71
CA MET C 176 0.80 36.40 -33.36
C MET C 176 1.29 37.38 -32.30
N LYS C 177 2.41 38.04 -32.55
CA LYS C 177 2.94 39.01 -31.60
C LYS C 177 1.83 40.01 -31.30
N GLU C 178 1.22 40.54 -32.36
CA GLU C 178 0.17 41.52 -32.18
C GLU C 178 -1.13 40.94 -31.60
N TRP C 179 -1.65 39.86 -32.17
CA TRP C 179 -2.89 39.26 -31.64
C TRP C 179 -2.79 38.97 -30.14
N ALA C 180 -1.65 38.44 -29.72
CA ALA C 180 -1.47 38.16 -28.33
C ALA C 180 -1.76 39.43 -27.55
N LYS C 181 -1.46 40.58 -28.14
CA LYS C 181 -1.71 41.84 -27.45
C LYS C 181 -3.21 42.13 -27.50
N THR C 182 -3.83 41.85 -28.64
CA THR C 182 -5.28 42.08 -28.75
C THR C 182 -6.01 41.32 -27.63
N PHE C 183 -5.50 40.15 -27.28
CA PHE C 183 -6.14 39.42 -26.21
C PHE C 183 -5.88 40.10 -24.89
N GLN C 184 -4.65 40.50 -24.62
CA GLN C 184 -4.34 41.19 -23.38
C GLN C 184 -5.31 42.36 -23.20
N SER C 185 -5.77 42.90 -24.33
CA SER C 185 -6.70 44.01 -24.33
C SER C 185 -8.05 43.53 -23.84
N HIS C 186 -8.68 42.65 -24.61
CA HIS C 186 -9.98 42.11 -24.25
C HIS C 186 -9.94 40.85 -23.38
N ARG C 187 -9.62 41.01 -22.11
CA ARG C 187 -9.55 39.89 -21.18
C ARG C 187 -10.90 39.38 -20.70
N LEU C 188 -11.99 39.77 -21.39
CA LEU C 188 -13.30 39.30 -20.97
C LEU C 188 -13.98 38.50 -22.06
N LEU C 189 -13.20 38.00 -23.01
CA LEU C 189 -13.75 37.22 -24.11
C LEU C 189 -14.32 35.92 -23.58
N HIS C 190 -15.27 35.38 -24.33
CA HIS C 190 -15.89 34.11 -23.99
C HIS C 190 -15.59 33.07 -25.07
N THR C 191 -15.61 33.53 -26.32
CA THR C 191 -15.38 32.66 -27.44
C THR C 191 -14.35 33.18 -28.40
N VAL C 192 -13.19 32.54 -28.45
CA VAL C 192 -12.15 32.93 -29.38
C VAL C 192 -11.85 31.70 -30.24
N LYS C 193 -12.03 31.83 -31.55
CA LYS C 193 -11.78 30.73 -32.46
C LYS C 193 -10.88 31.15 -33.64
N MET C 194 -9.60 30.80 -33.56
CA MET C 194 -8.68 31.16 -34.61
C MET C 194 -8.19 29.90 -35.29
N VAL C 195 -9.11 29.28 -36.03
CA VAL C 195 -8.85 28.03 -36.73
C VAL C 195 -8.18 28.16 -38.07
N GLN C 196 -7.30 27.22 -38.39
CA GLN C 196 -6.66 27.17 -39.69
C GLN C 196 -5.96 28.45 -40.11
N ASN C 197 -5.02 28.91 -39.29
CA ASN C 197 -4.29 30.13 -39.62
C ASN C 197 -2.80 29.89 -39.81
N GLY C 198 -2.46 28.68 -40.23
CA GLY C 198 -1.07 28.35 -40.44
C GLY C 198 -0.15 28.70 -39.29
N ILE C 199 -0.71 29.07 -38.15
CA ILE C 199 0.13 29.42 -37.01
C ILE C 199 0.94 28.18 -36.63
N ARG C 200 2.26 28.32 -36.58
CA ARG C 200 3.16 27.22 -36.23
C ARG C 200 3.49 27.28 -34.73
N PRO C 201 4.22 26.26 -34.23
CA PRO C 201 4.62 26.16 -32.82
C PRO C 201 4.95 27.48 -32.10
N GLU C 202 6.07 28.09 -32.47
CA GLU C 202 6.48 29.35 -31.86
C GLU C 202 5.26 30.28 -31.81
N GLY C 203 4.47 30.28 -32.87
CA GLY C 203 3.29 31.12 -32.92
C GLY C 203 2.33 30.79 -31.80
N ILE C 204 1.92 29.52 -31.70
CA ILE C 204 0.99 29.11 -30.66
C ILE C 204 1.55 29.31 -29.24
N GLU C 205 2.84 29.01 -29.05
CA GLU C 205 3.45 29.20 -27.73
C GLU C 205 3.17 30.63 -27.24
N HIS C 206 3.38 31.59 -28.14
CA HIS C 206 3.16 33.00 -27.81
C HIS C 206 1.68 33.25 -27.65
N LEU C 207 0.96 33.12 -28.76
CA LEU C 207 -0.48 33.32 -28.72
C LEU C 207 -1.07 32.79 -27.42
N LEU C 208 -0.54 31.68 -26.92
CA LEU C 208 -1.06 31.11 -25.69
C LEU C 208 -0.56 31.84 -24.44
N LEU C 209 0.68 31.57 -24.07
CA LEU C 209 1.31 32.16 -22.89
C LEU C 209 1.28 33.69 -22.74
N GLU C 210 1.21 34.42 -23.85
CA GLU C 210 1.19 35.87 -23.78
C GLU C 210 -0.13 36.48 -24.27
N GLY C 211 -1.00 35.62 -24.82
CA GLY C 211 -2.30 36.05 -25.31
C GLY C 211 -3.43 35.45 -24.50
N LEU C 212 -4.17 34.52 -25.08
CA LEU C 212 -5.29 33.90 -24.40
C LEU C 212 -5.16 33.70 -22.90
N ALA C 213 -3.98 33.27 -22.43
CA ALA C 213 -3.79 33.02 -21.00
C ALA C 213 -4.29 34.15 -20.10
N TYR C 214 -4.46 35.36 -20.64
CA TYR C 214 -4.92 36.48 -19.83
C TYR C 214 -6.42 36.58 -19.81
N CYS C 215 -7.11 35.80 -20.65
CA CYS C 215 -8.58 35.85 -20.71
C CYS C 215 -9.27 34.92 -19.69
N GLN C 216 -8.99 35.09 -18.41
CA GLN C 216 -9.58 34.24 -17.40
C GLN C 216 -11.07 33.88 -17.60
N GLU C 217 -11.82 34.73 -18.27
CA GLU C 217 -13.24 34.48 -18.49
C GLU C 217 -13.55 33.46 -19.57
N LEU C 218 -12.56 33.19 -20.43
CA LEU C 218 -12.68 32.28 -21.56
C LEU C 218 -13.53 31.02 -21.37
N LYS C 219 -14.48 30.83 -22.29
CA LYS C 219 -15.41 29.70 -22.27
C LYS C 219 -15.12 28.72 -23.39
N VAL C 220 -14.96 29.24 -24.60
CA VAL C 220 -14.72 28.41 -25.79
C VAL C 220 -13.49 28.82 -26.59
N LEU C 221 -12.57 27.88 -26.76
CA LEU C 221 -11.34 28.16 -27.49
C LEU C 221 -11.10 27.09 -28.52
N ASP C 222 -10.97 27.48 -29.78
CA ASP C 222 -10.72 26.54 -30.86
C ASP C 222 -9.51 26.99 -31.67
N LEU C 223 -8.48 26.15 -31.72
CA LEU C 223 -7.25 26.46 -32.45
C LEU C 223 -6.97 25.39 -33.51
N GLN C 224 -8.04 24.74 -33.93
CA GLN C 224 -7.99 23.67 -34.92
C GLN C 224 -7.16 23.94 -36.16
N ASP C 225 -6.47 22.89 -36.60
CA ASP C 225 -5.63 22.89 -37.78
C ASP C 225 -4.45 23.86 -37.82
N ASN C 226 -3.73 23.95 -36.71
CA ASN C 226 -2.56 24.81 -36.63
C ASN C 226 -1.48 23.87 -36.11
N THR C 227 -0.26 24.02 -36.57
CA THR C 227 0.76 23.12 -36.08
C THR C 227 1.16 23.48 -34.65
N PHE C 228 0.90 22.58 -33.70
CA PHE C 228 1.27 22.84 -32.31
C PHE C 228 2.64 22.27 -31.95
N THR C 229 2.73 20.94 -31.99
CA THR C 229 3.92 20.13 -31.64
C THR C 229 4.23 20.24 -30.16
N HIS C 230 5.39 19.72 -29.75
CA HIS C 230 5.74 19.76 -28.34
C HIS C 230 5.78 21.17 -27.78
N LEU C 231 6.30 22.11 -28.57
CA LEU C 231 6.39 23.49 -28.13
C LEU C 231 4.99 24.05 -27.83
N GLY C 232 4.09 23.94 -28.81
CA GLY C 232 2.74 24.44 -28.63
C GLY C 232 2.05 23.77 -27.45
N SER C 233 2.15 22.45 -27.37
CA SER C 233 1.53 21.71 -26.30
C SER C 233 1.94 22.22 -24.94
N SER C 234 3.25 22.27 -24.68
CA SER C 234 3.74 22.74 -23.39
C SER C 234 3.11 24.07 -23.04
N ALA C 235 2.97 24.94 -24.04
CA ALA C 235 2.34 26.22 -23.79
C ALA C 235 0.92 25.91 -23.30
N LEU C 236 0.15 25.24 -24.15
CA LEU C 236 -1.22 24.86 -23.82
C LEU C 236 -1.36 24.24 -22.43
N ALA C 237 -0.43 23.36 -22.07
CA ALA C 237 -0.46 22.72 -20.77
C ALA C 237 -0.42 23.76 -19.67
N ILE C 238 0.60 24.61 -19.70
CA ILE C 238 0.75 25.66 -18.70
C ILE C 238 -0.50 26.53 -18.61
N ALA C 239 -0.96 26.98 -19.76
CA ALA C 239 -2.12 27.85 -19.87
C ALA C 239 -3.48 27.29 -19.43
N LEU C 240 -3.67 25.98 -19.47
CA LEU C 240 -4.96 25.43 -19.09
C LEU C 240 -5.50 25.91 -17.76
N LYS C 241 -4.62 26.03 -16.77
CA LYS C 241 -5.03 26.49 -15.44
C LYS C 241 -5.64 27.89 -15.46
N SER C 242 -5.50 28.59 -16.58
CA SER C 242 -6.02 29.95 -16.68
C SER C 242 -7.50 30.03 -17.05
N TRP C 243 -8.05 28.98 -17.64
CA TRP C 243 -9.46 29.02 -18.05
C TRP C 243 -10.36 28.08 -17.28
N PRO C 244 -10.85 28.53 -16.12
CA PRO C 244 -11.74 27.76 -15.23
C PRO C 244 -13.04 27.43 -15.88
N ASN C 245 -13.63 28.45 -16.50
CA ASN C 245 -14.92 28.23 -17.12
C ASN C 245 -14.75 27.71 -18.54
N LEU C 246 -13.69 26.94 -18.77
CA LEU C 246 -13.49 26.41 -20.10
C LEU C 246 -14.56 25.37 -20.25
N ARG C 247 -15.13 25.29 -21.44
CA ARG C 247 -16.18 24.33 -21.72
C ARG C 247 -15.96 23.62 -23.04
N GLU C 248 -15.27 24.28 -23.97
CA GLU C 248 -15.00 23.67 -25.25
C GLU C 248 -13.56 23.92 -25.62
N LEU C 249 -12.83 22.84 -25.89
CA LEU C 249 -11.44 22.94 -26.26
C LEU C 249 -11.23 22.18 -27.57
N GLY C 250 -11.16 22.91 -28.67
CA GLY C 250 -10.98 22.28 -29.97
C GLY C 250 -9.55 22.29 -30.48
N LEU C 251 -8.90 21.13 -30.43
CA LEU C 251 -7.52 20.98 -30.89
C LEU C 251 -7.40 20.00 -32.07
N ASN C 252 -8.49 19.76 -32.76
CA ASN C 252 -8.45 18.83 -33.89
C ASN C 252 -7.45 19.27 -34.95
N ASP C 253 -6.63 18.34 -35.43
CA ASP C 253 -5.65 18.63 -36.48
C ASP C 253 -4.47 19.50 -36.04
N CYS C 254 -4.10 19.47 -34.76
CA CYS C 254 -3.01 20.34 -34.34
C CYS C 254 -1.65 19.73 -34.14
N LEU C 255 -1.49 18.46 -34.50
CA LEU C 255 -0.21 17.78 -34.34
C LEU C 255 0.39 17.99 -32.97
N LEU C 256 -0.43 17.88 -31.93
CA LEU C 256 0.06 18.07 -30.57
C LEU C 256 1.34 17.28 -30.34
N SER C 257 1.41 16.11 -30.96
CA SER C 257 2.54 15.18 -30.83
C SER C 257 2.30 14.25 -29.65
N ALA C 258 2.74 13.00 -29.79
CA ALA C 258 2.59 12.02 -28.74
C ALA C 258 3.00 12.60 -27.40
N ARG C 259 4.14 13.27 -27.42
CA ARG C 259 4.73 13.89 -26.24
C ARG C 259 3.91 15.09 -25.75
N GLY C 260 3.36 15.83 -26.71
CA GLY C 260 2.56 16.99 -26.36
C GLY C 260 1.28 16.60 -25.64
N ALA C 261 0.48 15.75 -26.30
CA ALA C 261 -0.78 15.32 -25.72
C ALA C 261 -0.47 14.78 -24.34
N ALA C 262 0.62 14.00 -24.27
CA ALA C 262 1.04 13.41 -23.01
C ALA C 262 0.97 14.45 -21.90
N ALA C 263 1.56 15.61 -22.15
CA ALA C 263 1.57 16.70 -21.19
C ALA C 263 0.21 17.38 -21.04
N VAL C 264 -0.43 17.74 -22.15
CA VAL C 264 -1.73 18.38 -22.08
C VAL C 264 -2.64 17.57 -21.19
N VAL C 265 -2.67 16.26 -21.41
CA VAL C 265 -3.51 15.40 -20.61
C VAL C 265 -3.05 15.59 -19.18
N ASP C 266 -1.77 15.37 -18.95
CA ASP C 266 -1.24 15.53 -17.60
C ASP C 266 -1.74 16.86 -17.03
N ALA C 267 -1.68 17.91 -17.85
CA ALA C 267 -2.13 19.25 -17.48
C ALA C 267 -3.53 19.20 -16.87
N PHE C 268 -4.49 18.63 -17.61
CA PHE C 268 -5.86 18.51 -17.12
C PHE C 268 -5.85 17.75 -15.80
N SER C 269 -5.11 16.63 -15.78
CA SER C 269 -5.00 15.79 -14.60
C SER C 269 -4.91 16.61 -13.32
N LYS C 270 -4.16 17.72 -13.40
CA LYS C 270 -3.94 18.59 -12.25
C LYS C 270 -5.03 19.62 -12.03
N LEU C 271 -5.78 19.96 -13.07
CA LEU C 271 -6.86 20.93 -12.92
C LEU C 271 -7.85 20.44 -11.89
N GLU C 272 -8.65 21.35 -11.36
CA GLU C 272 -9.65 20.99 -10.36
C GLU C 272 -10.99 21.50 -10.86
N ASN C 273 -12.07 20.97 -10.30
CA ASN C 273 -13.42 21.39 -10.70
C ASN C 273 -13.51 21.60 -12.22
N ILE C 274 -13.13 20.58 -12.98
CA ILE C 274 -13.19 20.70 -14.43
C ILE C 274 -14.60 20.69 -14.98
N GLY C 275 -15.04 21.83 -15.50
CA GLY C 275 -16.38 21.90 -16.04
C GLY C 275 -16.35 21.71 -17.53
N LEU C 276 -15.24 21.18 -18.05
CA LEU C 276 -15.10 20.99 -19.49
C LEU C 276 -16.31 20.23 -20.00
N GLN C 277 -16.78 20.55 -21.19
CA GLN C 277 -17.96 19.89 -21.74
C GLN C 277 -17.80 19.26 -23.10
N THR C 278 -16.71 19.57 -23.79
CA THR C 278 -16.48 19.01 -25.11
C THR C 278 -15.02 19.23 -25.48
N LEU C 279 -14.28 18.12 -25.58
CA LEU C 279 -12.85 18.14 -25.87
C LEU C 279 -12.58 17.49 -27.22
N ARG C 280 -12.07 18.26 -28.18
CA ARG C 280 -11.76 17.75 -29.52
C ARG C 280 -10.26 17.50 -29.66
N LEU C 281 -9.83 16.24 -29.65
CA LEU C 281 -8.40 15.93 -29.75
C LEU C 281 -7.98 15.14 -30.97
N GLN C 282 -8.75 15.19 -32.05
CA GLN C 282 -8.42 14.44 -33.27
C GLN C 282 -7.01 14.68 -33.79
N TYR C 283 -6.64 13.90 -34.79
CA TYR C 283 -5.33 13.94 -35.44
C TYR C 283 -4.17 14.64 -34.75
N ASN C 284 -3.76 14.16 -33.58
CA ASN C 284 -2.65 14.79 -32.91
C ASN C 284 -1.52 13.82 -32.59
N GLU C 285 -1.52 12.66 -33.25
CA GLU C 285 -0.50 11.63 -33.04
C GLU C 285 -0.53 11.15 -31.59
N ILE C 286 -1.60 11.46 -30.87
CA ILE C 286 -1.72 11.06 -29.47
C ILE C 286 -1.54 9.55 -29.35
N GLU C 287 -0.64 9.11 -28.48
CA GLU C 287 -0.43 7.68 -28.36
C GLU C 287 -1.25 7.04 -27.23
N LEU C 288 -1.49 5.74 -27.37
CA LEU C 288 -2.27 4.93 -26.42
C LEU C 288 -2.03 5.27 -24.93
N ASP C 289 -0.77 5.29 -24.50
CA ASP C 289 -0.44 5.59 -23.10
C ASP C 289 -1.08 6.87 -22.60
N ALA C 290 -1.22 7.84 -23.49
CA ALA C 290 -1.85 9.10 -23.12
C ALA C 290 -3.38 8.93 -23.07
N VAL C 291 -3.93 8.29 -24.09
CA VAL C 291 -5.37 8.04 -24.16
C VAL C 291 -5.76 7.25 -22.93
N ARG C 292 -4.86 6.39 -22.47
CA ARG C 292 -5.10 5.58 -21.29
C ARG C 292 -5.38 6.52 -20.12
N THR C 293 -4.44 7.43 -19.88
CA THR C 293 -4.57 8.39 -18.78
C THR C 293 -5.73 9.35 -19.01
N LEU C 294 -5.85 9.85 -20.24
CA LEU C 294 -6.94 10.76 -20.52
C LEU C 294 -8.27 10.16 -20.07
N LYS C 295 -8.42 8.85 -20.26
CA LYS C 295 -9.66 8.20 -19.84
C LYS C 295 -9.91 8.39 -18.37
N THR C 296 -9.08 7.77 -17.54
CA THR C 296 -9.23 7.85 -16.10
C THR C 296 -9.48 9.31 -15.67
N VAL C 297 -8.79 10.25 -16.30
CA VAL C 297 -8.97 11.66 -15.93
C VAL C 297 -10.40 12.11 -16.27
N ILE C 298 -10.84 11.80 -17.48
CA ILE C 298 -12.18 12.15 -17.93
C ILE C 298 -13.20 11.58 -16.96
N ASP C 299 -12.92 10.36 -16.50
CA ASP C 299 -13.78 9.63 -15.57
C ASP C 299 -13.80 10.27 -14.18
N GLU C 300 -12.64 10.34 -13.55
CA GLU C 300 -12.52 10.92 -12.22
C GLU C 300 -12.79 12.44 -12.12
N LYS C 301 -12.12 13.22 -12.96
CA LYS C 301 -12.24 14.68 -12.86
C LYS C 301 -13.03 15.50 -13.90
N MET C 302 -13.62 14.87 -14.91
CA MET C 302 -14.38 15.60 -15.92
C MET C 302 -15.87 15.21 -16.00
N PRO C 303 -16.58 15.32 -14.88
CA PRO C 303 -18.00 14.97 -14.81
C PRO C 303 -18.95 15.55 -15.83
N ASP C 304 -18.60 16.62 -16.52
CA ASP C 304 -19.55 17.19 -17.47
C ASP C 304 -19.25 16.92 -18.93
N LEU C 305 -18.21 16.16 -19.21
CA LEU C 305 -17.84 15.87 -20.59
C LEU C 305 -18.99 15.24 -21.37
N LEU C 306 -19.35 15.84 -22.49
CA LEU C 306 -20.43 15.31 -23.32
C LEU C 306 -19.86 14.87 -24.66
N PHE C 307 -18.71 15.42 -25.04
CA PHE C 307 -18.12 15.06 -26.32
C PHE C 307 -16.62 14.85 -26.27
N LEU C 308 -16.16 13.80 -26.93
CA LEU C 308 -14.74 13.52 -26.99
C LEU C 308 -14.46 13.19 -28.45
N GLU C 309 -13.20 13.37 -28.87
CA GLU C 309 -12.80 13.12 -30.25
C GLU C 309 -11.32 12.76 -30.33
N LEU C 310 -11.04 11.49 -30.59
CA LEU C 310 -9.67 11.02 -30.68
C LEU C 310 -9.37 10.42 -32.05
N ASN C 311 -10.38 10.35 -32.89
CA ASN C 311 -10.22 9.78 -34.22
C ASN C 311 -9.02 10.37 -34.94
N GLY C 312 -8.18 9.50 -35.51
CA GLY C 312 -7.02 9.96 -36.24
C GLY C 312 -5.65 9.86 -35.59
N ASN C 313 -5.59 9.58 -34.29
CA ASN C 313 -4.30 9.47 -33.60
C ASN C 313 -3.52 8.16 -33.79
N ARG C 314 -2.54 7.93 -32.92
CA ARG C 314 -1.70 6.74 -32.99
C ARG C 314 -2.01 5.65 -31.97
N PHE C 315 -3.20 5.06 -32.09
CA PHE C 315 -3.59 3.97 -31.20
C PHE C 315 -4.75 3.27 -31.89
N SER C 316 -4.65 1.94 -31.96
CA SER C 316 -5.65 1.09 -32.61
C SER C 316 -7.10 1.31 -32.16
N GLU C 317 -8.02 1.27 -33.12
CA GLU C 317 -9.44 1.45 -32.84
C GLU C 317 -9.93 0.33 -31.92
N GLU C 318 -9.15 -0.74 -31.86
CA GLU C 318 -9.45 -1.92 -31.04
C GLU C 318 -9.11 -1.71 -29.57
N ASP C 319 -7.84 -1.38 -29.30
CA ASP C 319 -7.30 -1.17 -27.95
C ASP C 319 -8.33 -0.97 -26.85
N ASP C 320 -8.13 -1.71 -25.77
CA ASP C 320 -8.97 -1.71 -24.59
C ASP C 320 -9.59 -0.37 -24.23
N VAL C 321 -8.72 0.61 -23.96
CA VAL C 321 -9.11 1.97 -23.58
C VAL C 321 -10.37 2.51 -24.26
N VAL C 322 -10.49 2.29 -25.56
CA VAL C 322 -11.67 2.76 -26.30
C VAL C 322 -12.93 2.33 -25.57
N ASP C 323 -13.16 1.02 -25.53
CA ASP C 323 -14.34 0.48 -24.88
C ASP C 323 -14.47 1.03 -23.46
N GLU C 324 -13.34 1.12 -22.76
CA GLU C 324 -13.35 1.63 -21.38
C GLU C 324 -13.91 3.05 -21.31
N ILE C 325 -13.60 3.85 -22.33
CA ILE C 325 -14.07 5.23 -22.42
C ILE C 325 -15.56 5.21 -22.74
N ARG C 326 -15.92 4.51 -23.82
CA ARG C 326 -17.31 4.39 -24.25
C ARG C 326 -18.12 3.89 -23.05
N GLU C 327 -17.51 3.00 -22.28
CA GLU C 327 -18.15 2.45 -21.11
C GLU C 327 -18.43 3.53 -20.07
N VAL C 328 -17.44 4.40 -19.85
CA VAL C 328 -17.59 5.47 -18.86
C VAL C 328 -18.82 6.33 -19.09
N PHE C 329 -19.06 6.70 -20.34
CA PHE C 329 -20.21 7.52 -20.70
C PHE C 329 -21.51 6.72 -20.54
N SER C 330 -21.43 5.41 -20.79
CA SER C 330 -22.60 4.55 -20.68
C SER C 330 -23.09 4.53 -19.25
N THR C 331 -22.18 4.21 -18.33
CA THR C 331 -22.51 4.14 -16.91
C THR C 331 -23.12 5.45 -16.44
N ARG C 332 -22.60 6.55 -16.98
CA ARG C 332 -23.05 7.89 -16.63
C ARG C 332 -24.39 8.25 -17.28
N GLY C 333 -24.59 7.74 -18.49
CA GLY C 333 -25.81 8.03 -19.22
C GLY C 333 -25.64 9.28 -20.05
N ARG C 334 -24.50 9.94 -19.87
CA ARG C 334 -24.17 11.16 -20.59
C ARG C 334 -22.71 11.12 -21.03
N GLY C 335 -22.50 11.12 -22.35
CA GLY C 335 -21.15 11.07 -22.87
C GLY C 335 -21.22 10.70 -24.33
N GLU C 336 -20.07 10.67 -25.02
CA GLU C 336 -20.07 10.33 -26.44
C GLU C 336 -18.72 10.41 -27.11
N LEU C 337 -18.12 9.27 -27.40
CA LEU C 337 -16.84 9.24 -28.08
C LEU C 337 -17.13 9.24 -29.59
N ASP C 338 -16.23 9.75 -30.41
CA ASP C 338 -16.48 9.79 -31.85
C ASP C 338 -16.11 8.45 -32.48
N GLU C 339 -16.34 8.33 -33.80
CA GLU C 339 -16.02 7.10 -34.52
C GLU C 339 -14.56 7.14 -34.95
N LEU C 340 -13.77 6.16 -34.49
CA LEU C 340 -12.34 6.12 -34.82
C LEU C 340 -12.00 5.39 -36.13
N ASP C 341 -12.62 5.79 -37.23
CA ASP C 341 -12.39 5.14 -38.50
C ASP C 341 -11.20 5.60 -39.33
N ASP C 342 -10.12 6.07 -38.70
CA ASP C 342 -8.99 6.54 -39.51
C ASP C 342 -7.66 6.65 -38.79
N MET C 343 -7.46 5.85 -37.75
CA MET C 343 -6.21 5.92 -36.97
C MET C 343 -4.94 5.96 -37.81
N GLU C 344 -3.94 6.70 -37.32
CA GLU C 344 -2.66 6.84 -38.02
C GLU C 344 -1.83 5.58 -37.87
N GLU C 345 -0.87 5.41 -38.78
CA GLU C 345 0.00 4.24 -38.79
C GLU C 345 -0.78 2.99 -39.12
N GLN D 8 53.93 14.52 20.22
CA GLN D 8 52.50 14.45 19.78
C GLN D 8 51.73 15.66 20.33
N VAL D 9 51.64 16.70 19.52
CA VAL D 9 50.97 17.94 19.87
C VAL D 9 49.51 17.93 19.38
N GLN D 10 48.61 18.37 20.25
CA GLN D 10 47.18 18.41 19.90
C GLN D 10 46.60 19.82 19.88
N PHE D 11 45.79 20.10 18.87
CA PHE D 11 45.15 21.40 18.76
C PHE D 11 43.64 21.28 18.63
N LYS D 12 42.90 22.08 19.37
CA LYS D 12 41.45 22.00 19.26
C LYS D 12 40.95 23.01 18.27
N LEU D 13 40.55 22.57 17.10
CA LEU D 13 40.07 23.49 16.08
C LEU D 13 38.57 23.41 15.94
N VAL D 14 37.92 24.56 16.02
CA VAL D 14 36.48 24.61 15.92
C VAL D 14 36.03 24.91 14.51
N LEU D 15 35.30 23.99 13.89
CA LEU D 15 34.80 24.22 12.54
C LEU D 15 33.37 24.66 12.73
N VAL D 16 33.06 25.86 12.24
CA VAL D 16 31.74 26.43 12.41
C VAL D 16 31.23 27.10 11.14
N GLY D 17 29.93 27.33 11.07
CA GLY D 17 29.39 27.96 9.87
C GLY D 17 27.96 27.56 9.55
N ASP D 18 27.33 28.28 8.64
CA ASP D 18 25.95 27.98 8.28
C ASP D 18 25.83 26.55 7.77
N GLY D 19 24.65 25.97 7.96
CA GLY D 19 24.41 24.61 7.53
C GLY D 19 24.38 24.39 6.02
N GLY D 20 24.84 23.21 5.61
CA GLY D 20 24.87 22.86 4.19
C GLY D 20 25.99 23.56 3.44
N THR D 21 27.03 23.96 4.15
CA THR D 21 28.09 24.67 3.47
C THR D 21 29.25 23.76 3.11
N GLY D 22 29.58 22.81 3.99
CA GLY D 22 30.66 21.91 3.69
C GLY D 22 31.50 21.48 4.86
N LYS D 23 31.21 21.99 6.06
CA LYS D 23 32.04 21.62 7.19
C LYS D 23 32.38 20.11 7.25
N THR D 24 31.36 19.26 7.35
CA THR D 24 31.63 17.81 7.40
C THR D 24 32.27 17.34 6.10
N THR D 25 31.64 17.62 4.95
CA THR D 25 32.22 17.20 3.68
C THR D 25 33.71 17.44 3.69
N PHE D 26 34.07 18.66 4.01
CA PHE D 26 35.46 19.07 4.06
C PHE D 26 36.26 18.15 4.99
N VAL D 27 35.81 18.07 6.23
CA VAL D 27 36.48 17.24 7.23
C VAL D 27 36.57 15.79 6.79
N LYS D 28 35.48 15.29 6.20
CA LYS D 28 35.41 13.92 5.75
C LYS D 28 36.58 13.69 4.80
N ARG D 29 36.53 14.35 3.65
CA ARG D 29 37.59 14.22 2.67
C ARG D 29 38.96 14.20 3.31
N HIS D 30 39.16 15.06 4.30
CA HIS D 30 40.46 15.11 4.93
C HIS D 30 40.82 13.89 5.72
N LEU D 31 39.90 12.95 5.87
CA LEU D 31 40.26 11.76 6.62
C LEU D 31 39.89 10.47 5.93
N THR D 32 39.46 10.59 4.68
CA THR D 32 39.11 9.42 3.89
C THR D 32 39.42 9.69 2.43
N GLY D 33 39.40 10.97 2.06
CA GLY D 33 39.69 11.36 0.69
C GLY D 33 38.41 11.38 -0.13
N GLU D 34 37.36 10.78 0.42
CA GLU D 34 36.08 10.69 -0.25
C GLU D 34 35.38 12.04 -0.32
N PHE D 35 34.64 12.24 -1.40
CA PHE D 35 33.88 13.46 -1.53
C PHE D 35 32.44 13.13 -1.24
N GLU D 36 32.06 13.19 0.03
CA GLU D 36 30.69 12.91 0.41
C GLU D 36 29.73 13.90 -0.26
N LYS D 37 29.02 13.41 -1.28
CA LYS D 37 28.08 14.23 -2.02
C LYS D 37 26.69 14.26 -1.39
N LYS D 38 26.44 13.38 -0.41
CA LYS D 38 25.15 13.35 0.26
C LYS D 38 25.12 14.32 1.42
N TYR D 39 24.08 15.13 1.47
CA TYR D 39 23.97 16.10 2.55
C TYR D 39 23.32 15.52 3.79
N VAL D 40 24.12 15.23 4.80
CA VAL D 40 23.55 14.68 6.03
C VAL D 40 23.89 15.53 7.24
N ALA D 41 22.93 16.39 7.62
CA ALA D 41 23.05 17.30 8.76
C ALA D 41 23.77 16.71 9.98
N THR D 42 24.74 17.45 10.49
CA THR D 42 25.54 17.04 11.64
C THR D 42 24.88 17.37 12.95
N LEU D 43 24.10 16.49 13.55
CA LEU D 43 23.48 16.87 14.83
C LEU D 43 24.45 17.15 15.98
N GLY D 44 24.35 18.34 16.57
CA GLY D 44 25.22 18.71 17.68
C GLY D 44 26.67 18.98 17.29
N VAL D 45 27.57 18.06 17.63
CA VAL D 45 28.97 18.20 17.31
C VAL D 45 29.67 16.85 17.22
N GLU D 46 30.46 16.65 16.17
CA GLU D 46 31.20 15.41 16.00
C GLU D 46 32.70 15.75 16.03
N VAL D 47 33.44 15.20 16.98
CA VAL D 47 34.86 15.48 17.02
C VAL D 47 35.67 14.47 16.18
N HIS D 48 36.23 14.95 15.06
CA HIS D 48 37.05 14.14 14.16
C HIS D 48 38.51 14.59 14.26
N PRO D 49 39.44 13.66 14.52
CA PRO D 49 40.85 14.02 14.61
C PRO D 49 41.64 13.77 13.33
N LEU D 50 42.47 14.72 12.96
CA LEU D 50 43.29 14.63 11.76
C LEU D 50 44.72 14.87 12.16
N VAL D 51 45.63 14.04 11.64
CA VAL D 51 47.05 14.22 11.94
C VAL D 51 47.76 14.59 10.66
N PHE D 52 48.77 15.44 10.79
CA PHE D 52 49.57 15.91 9.67
C PHE D 52 51.02 15.83 10.06
N HIS D 53 51.89 15.55 9.10
CA HIS D 53 53.30 15.49 9.44
C HIS D 53 54.02 16.68 8.89
N THR D 54 54.79 17.32 9.74
CA THR D 54 55.52 18.51 9.34
C THR D 54 57.02 18.35 9.57
N ASN D 55 57.78 19.34 9.14
CA ASN D 55 59.21 19.33 9.32
C ASN D 55 59.52 19.51 10.81
N ARG D 56 58.49 19.75 11.61
CA ARG D 56 58.68 19.91 13.04
C ARG D 56 57.93 18.85 13.83
N GLY D 57 57.75 17.70 13.21
CA GLY D 57 57.06 16.61 13.87
C GLY D 57 55.61 16.51 13.48
N PRO D 58 54.93 15.45 13.95
CA PRO D 58 53.51 15.26 13.66
C PRO D 58 52.63 16.03 14.62
N ILE D 59 51.58 16.65 14.10
CA ILE D 59 50.65 17.41 14.93
C ILE D 59 49.26 16.89 14.71
N LYS D 60 48.41 17.01 15.73
CA LYS D 60 47.05 16.52 15.60
C LYS D 60 45.97 17.57 15.84
N PHE D 61 45.20 17.84 14.80
CA PHE D 61 44.11 18.76 14.90
C PHE D 61 42.87 17.98 15.35
N ASN D 62 42.23 18.40 16.43
CA ASN D 62 40.99 17.73 16.83
C ASN D 62 39.85 18.60 16.29
N VAL D 63 39.51 18.41 15.01
CA VAL D 63 38.45 19.20 14.40
C VAL D 63 37.10 19.03 15.09
N TRP D 64 36.60 20.06 15.75
CA TRP D 64 35.28 19.96 16.37
C TRP D 64 34.26 20.45 15.35
N ASP D 65 33.71 19.52 14.58
CA ASP D 65 32.74 19.82 13.56
C ASP D 65 31.40 20.16 14.26
N THR D 66 30.86 21.37 14.02
CA THR D 66 29.61 21.79 14.67
C THR D 66 28.44 21.84 13.73
N ALA D 67 27.26 22.05 14.31
CA ALA D 67 26.00 22.11 13.57
C ALA D 67 25.57 23.55 13.24
N GLY D 68 25.38 23.83 11.95
CA GLY D 68 24.99 25.16 11.51
C GLY D 68 23.58 25.64 11.72
N GLN D 69 22.80 25.00 12.59
CA GLN D 69 21.45 25.49 12.83
C GLN D 69 21.47 26.20 14.17
N GLU D 70 22.08 25.54 15.14
CA GLU D 70 22.19 26.06 16.49
C GLU D 70 22.45 27.57 16.52
N LYS D 71 21.47 28.33 17.00
CA LYS D 71 21.63 29.79 17.08
C LYS D 71 22.85 30.11 17.94
N PHE D 72 23.60 31.13 17.53
CA PHE D 72 24.78 31.55 18.27
C PHE D 72 24.33 32.02 19.63
N GLY D 73 25.13 31.70 20.65
CA GLY D 73 24.77 32.10 22.00
C GLY D 73 25.61 31.37 23.02
N GLY D 74 25.28 31.50 24.30
CA GLY D 74 26.06 30.81 25.30
C GLY D 74 25.84 29.31 25.25
N LEU D 75 24.71 28.90 24.68
CA LEU D 75 24.42 27.48 24.60
C LEU D 75 25.48 26.75 23.78
N ARG D 76 26.28 27.51 23.06
CA ARG D 76 27.34 26.94 22.24
C ARG D 76 28.69 26.94 22.95
N ASP D 77 28.82 27.73 24.02
CA ASP D 77 30.09 27.83 24.75
C ASP D 77 30.94 26.57 24.77
N GLY D 78 30.31 25.42 25.00
CA GLY D 78 31.06 24.19 25.05
C GLY D 78 32.05 23.97 23.92
N TYR D 79 31.62 24.18 22.68
CA TYR D 79 32.48 23.98 21.53
C TYR D 79 33.66 24.92 21.55
N TYR D 80 33.34 26.19 21.69
CA TYR D 80 34.32 27.26 21.71
C TYR D 80 35.40 27.17 22.78
N ILE D 81 34.98 26.92 24.03
CA ILE D 81 35.91 26.83 25.17
C ILE D 81 37.21 26.13 24.79
N GLN D 82 38.29 26.57 25.44
CA GLN D 82 39.64 26.04 25.22
C GLN D 82 40.05 25.71 23.81
N ALA D 83 39.37 26.28 22.82
CA ALA D 83 39.74 26.04 21.44
C ALA D 83 41.08 26.71 21.27
N GLN D 84 41.74 26.51 20.13
CA GLN D 84 43.02 27.14 19.94
C GLN D 84 43.15 27.62 18.53
N CYS D 85 42.05 27.48 17.79
CA CYS D 85 41.99 27.89 16.40
C CYS D 85 40.60 27.51 15.92
N ALA D 86 40.26 27.90 14.70
CA ALA D 86 38.94 27.60 14.20
C ALA D 86 38.85 27.91 12.73
N ILE D 87 37.80 27.42 12.08
CA ILE D 87 37.59 27.66 10.66
C ILE D 87 36.12 28.02 10.51
N ILE D 88 35.84 29.15 9.88
CA ILE D 88 34.46 29.57 9.67
C ILE D 88 34.22 29.30 8.22
N MET D 89 33.13 28.61 7.90
CA MET D 89 32.88 28.30 6.49
C MET D 89 31.58 28.84 5.99
N PHE D 90 31.56 29.16 4.69
CA PHE D 90 30.33 29.65 4.07
C PHE D 90 30.34 29.22 2.61
N ASP D 91 29.17 29.16 2.01
CA ASP D 91 29.04 28.73 0.63
C ASP D 91 29.08 29.89 -0.37
N VAL D 92 30.12 29.87 -1.19
CA VAL D 92 30.32 30.87 -2.24
C VAL D 92 29.10 31.07 -3.16
N THR D 93 28.14 30.15 -3.13
CA THR D 93 26.94 30.29 -3.96
C THR D 93 25.73 30.73 -3.14
N SER D 94 25.96 31.02 -1.86
CA SER D 94 24.90 31.45 -0.98
C SER D 94 25.24 32.78 -0.31
N ARG D 95 24.72 33.89 -0.84
CA ARG D 95 25.01 35.17 -0.22
C ARG D 95 24.56 35.08 1.23
N VAL D 96 23.37 34.54 1.48
CA VAL D 96 22.86 34.41 2.84
C VAL D 96 23.87 33.74 3.76
N THR D 97 24.58 32.77 3.24
CA THR D 97 25.54 32.05 4.06
C THR D 97 26.77 32.87 4.43
N TYR D 98 27.12 33.81 3.57
CA TYR D 98 28.28 34.68 3.79
C TYR D 98 27.88 35.78 4.77
N LYS D 99 26.69 36.35 4.57
CA LYS D 99 26.18 37.42 5.41
C LYS D 99 26.19 36.96 6.86
N ASN D 100 26.22 35.64 7.08
CA ASN D 100 26.23 35.13 8.44
C ASN D 100 27.60 35.01 9.08
N VAL D 101 28.64 35.06 8.26
CA VAL D 101 29.98 34.93 8.78
C VAL D 101 30.23 35.79 10.04
N PRO D 102 29.87 37.08 9.96
CA PRO D 102 30.03 38.03 11.06
C PRO D 102 29.51 37.48 12.37
N ASN D 103 28.32 36.89 12.35
CA ASN D 103 27.77 36.34 13.59
C ASN D 103 28.59 35.16 14.09
N TRP D 104 29.02 34.28 13.17
CA TRP D 104 29.85 33.14 13.58
C TRP D 104 31.10 33.71 14.20
N HIS D 105 31.79 34.58 13.47
CA HIS D 105 32.97 35.21 14.02
C HIS D 105 32.50 36.29 14.98
N ARG D 106 32.25 35.92 16.22
CA ARG D 106 31.79 36.84 17.24
C ARG D 106 31.33 35.96 18.33
N ASP D 107 30.40 35.08 17.98
CA ASP D 107 29.90 34.13 18.95
C ASP D 107 31.13 33.29 19.23
N LEU D 108 32.08 33.35 18.30
CA LEU D 108 33.32 32.62 18.45
C LEU D 108 34.35 33.40 19.25
N VAL D 109 34.68 34.61 18.79
CA VAL D 109 35.66 35.44 19.50
C VAL D 109 35.18 35.96 20.85
N ARG D 110 33.97 35.56 21.26
CA ARG D 110 33.45 36.00 22.54
C ARG D 110 34.07 35.18 23.65
N VAL D 111 34.47 33.96 23.35
CA VAL D 111 35.04 33.13 24.39
C VAL D 111 36.50 32.89 24.11
N CYS D 112 36.89 33.00 22.86
CA CYS D 112 38.27 32.76 22.49
C CYS D 112 39.12 34.02 22.33
N GLU D 113 38.43 35.14 22.12
CA GLU D 113 39.09 36.43 21.97
C GLU D 113 40.14 36.46 20.88
N ASN D 114 41.35 36.01 21.21
CA ASN D 114 42.44 36.04 20.24
C ASN D 114 42.93 34.66 19.79
N ILE D 115 42.43 34.18 18.66
CA ILE D 115 42.86 32.88 18.12
C ILE D 115 42.78 32.87 16.59
N PRO D 116 43.74 32.18 15.96
CA PRO D 116 43.83 32.05 14.49
C PRO D 116 42.52 31.53 13.92
N ILE D 117 42.05 32.15 12.86
CA ILE D 117 40.80 31.75 12.26
C ILE D 117 40.88 31.89 10.76
N VAL D 118 40.56 30.84 10.01
CA VAL D 118 40.61 30.98 8.56
C VAL D 118 39.20 30.94 8.00
N LEU D 119 38.88 31.92 7.17
CA LEU D 119 37.56 32.00 6.58
C LEU D 119 37.59 31.26 5.25
N CYS D 120 36.68 30.30 5.08
CA CYS D 120 36.63 29.52 3.85
C CYS D 120 35.36 29.66 3.05
N GLY D 121 35.50 30.09 1.80
CA GLY D 121 34.36 30.22 0.94
C GLY D 121 34.38 28.93 0.14
N ASN D 122 33.59 27.95 0.58
CA ASN D 122 33.60 26.66 -0.11
C ASN D 122 32.74 26.61 -1.36
N LYS D 123 32.88 25.51 -2.09
CA LYS D 123 32.15 25.27 -3.31
C LYS D 123 32.46 26.30 -4.38
N VAL D 124 33.72 26.71 -4.47
CA VAL D 124 34.12 27.69 -5.47
C VAL D 124 34.09 27.03 -6.83
N ASP D 125 33.87 25.72 -6.83
CA ASP D 125 33.82 24.96 -8.06
C ASP D 125 32.52 25.18 -8.83
N ILE D 126 31.45 25.54 -8.12
CA ILE D 126 30.17 25.78 -8.78
C ILE D 126 30.22 26.91 -9.79
N LYS D 127 29.53 26.70 -10.90
CA LYS D 127 29.46 27.66 -12.00
C LYS D 127 28.96 29.04 -11.54
N ASP D 128 27.64 29.18 -11.40
CA ASP D 128 27.00 30.44 -10.99
C ASP D 128 27.39 30.84 -9.56
N ARG D 129 28.54 31.50 -9.42
CA ARG D 129 29.04 31.94 -8.12
C ARG D 129 28.41 33.27 -7.69
N LYS D 130 28.21 33.42 -6.38
CA LYS D 130 27.59 34.64 -5.91
C LYS D 130 28.53 35.56 -5.15
N VAL D 131 29.26 35.02 -4.18
CA VAL D 131 30.21 35.80 -3.38
C VAL D 131 31.57 35.64 -4.07
N LYS D 132 31.92 36.63 -4.91
CA LYS D 132 33.17 36.60 -5.65
C LYS D 132 34.39 36.94 -4.80
N ALA D 133 35.54 36.53 -5.30
CA ALA D 133 36.82 36.73 -4.62
C ALA D 133 37.04 38.16 -4.11
N LYS D 134 36.84 39.12 -5.01
CA LYS D 134 36.99 40.53 -4.69
C LYS D 134 36.26 40.86 -3.40
N SER D 135 34.96 41.10 -3.54
CA SER D 135 34.05 41.43 -2.43
C SER D 135 34.39 40.96 -1.02
N ILE D 136 35.07 39.82 -0.86
CA ILE D 136 35.40 39.35 0.49
C ILE D 136 36.33 40.34 1.19
N VAL D 137 35.85 40.96 2.26
CA VAL D 137 36.63 41.94 3.01
C VAL D 137 36.73 41.59 4.48
N PHE D 138 35.63 41.10 5.04
CA PHE D 138 35.58 40.75 6.45
C PHE D 138 36.89 40.29 7.09
N HIS D 139 37.73 39.54 6.37
CA HIS D 139 38.98 39.08 6.98
C HIS D 139 39.94 40.25 7.24
N ARG D 140 39.87 41.28 6.40
CA ARG D 140 40.71 42.47 6.58
C ARG D 140 40.40 43.18 7.89
N LYS D 141 39.10 43.33 8.18
CA LYS D 141 38.65 44.01 9.40
C LYS D 141 38.66 43.21 10.70
N LYS D 142 38.86 41.90 10.63
CA LYS D 142 38.86 41.09 11.83
C LYS D 142 40.07 40.18 12.03
N ASN D 143 41.13 40.40 11.27
CA ASN D 143 42.35 39.61 11.39
C ASN D 143 42.16 38.09 11.18
N LEU D 144 41.68 37.73 9.99
CA LEU D 144 41.45 36.35 9.61
C LEU D 144 42.25 36.04 8.37
N GLN D 145 42.47 34.76 8.12
CA GLN D 145 43.16 34.35 6.92
C GLN D 145 41.99 33.93 6.04
N TYR D 146 42.11 34.08 4.72
CA TYR D 146 40.99 33.69 3.88
C TYR D 146 41.38 32.78 2.72
N TYR D 147 40.52 31.81 2.42
CA TYR D 147 40.79 30.91 1.32
C TYR D 147 39.55 30.45 0.56
N ASP D 148 39.61 30.54 -0.77
CA ASP D 148 38.51 30.05 -1.60
C ASP D 148 38.84 28.58 -1.55
N ILE D 149 37.83 27.71 -1.48
CA ILE D 149 38.14 26.28 -1.45
C ILE D 149 37.03 25.50 -2.06
N SER D 150 37.30 24.23 -2.32
CA SER D 150 36.31 23.33 -2.88
C SER D 150 36.55 21.93 -2.38
N ALA D 151 35.76 21.50 -1.42
CA ALA D 151 35.91 20.14 -0.91
C ALA D 151 35.82 19.18 -2.09
N LYS D 152 35.12 19.61 -3.14
CA LYS D 152 34.95 18.79 -4.33
C LYS D 152 36.17 18.70 -5.25
N SER D 153 36.73 19.85 -5.60
CA SER D 153 37.88 19.86 -6.49
C SER D 153 39.18 19.89 -5.70
N ASN D 154 39.08 19.94 -4.38
CA ASN D 154 40.25 20.01 -3.50
C ASN D 154 41.02 21.33 -3.59
N TYR D 155 40.55 22.27 -4.41
CA TYR D 155 41.23 23.57 -4.54
C TYR D 155 41.52 24.17 -3.17
N ASN D 156 42.79 24.29 -2.84
CA ASN D 156 43.23 24.86 -1.56
C ASN D 156 42.80 24.05 -0.34
N PHE D 157 42.17 22.90 -0.57
CA PHE D 157 41.65 22.08 0.52
C PHE D 157 42.57 21.81 1.70
N GLU D 158 43.86 22.09 1.56
CA GLU D 158 44.77 21.82 2.66
C GLU D 158 45.41 23.06 3.21
N LYS D 159 45.12 24.21 2.60
CA LYS D 159 45.72 25.46 3.05
C LYS D 159 45.30 25.79 4.48
N PRO D 160 43.98 25.75 4.75
CA PRO D 160 43.48 26.06 6.10
C PRO D 160 44.30 25.44 7.22
N PHE D 161 44.47 24.13 7.21
CA PHE D 161 45.24 23.47 8.26
C PHE D 161 46.69 23.90 8.22
N LEU D 162 47.23 24.00 7.02
CA LEU D 162 48.62 24.41 6.84
C LEU D 162 48.86 25.77 7.48
N TRP D 163 47.90 26.67 7.31
CA TRP D 163 48.03 27.99 7.88
C TRP D 163 48.07 27.84 9.40
N LEU D 164 46.91 27.75 10.02
CA LEU D 164 46.82 27.59 11.48
C LEU D 164 48.03 26.89 12.09
N ALA D 165 48.49 25.84 11.41
CA ALA D 165 49.64 25.09 11.90
C ALA D 165 50.84 26.02 12.01
N ARG D 166 51.12 26.72 10.91
CA ARG D 166 52.22 27.66 10.89
C ARG D 166 52.02 28.71 11.99
N LYS D 167 50.81 29.23 12.07
CA LYS D 167 50.51 30.24 13.06
C LYS D 167 50.68 29.70 14.47
N LEU D 168 50.11 28.54 14.74
CA LEU D 168 50.21 27.96 16.08
C LEU D 168 51.63 27.54 16.45
N ILE D 169 52.28 26.81 15.53
CA ILE D 169 53.65 26.33 15.75
C ILE D 169 54.65 27.50 15.73
N GLY D 170 54.27 28.58 15.04
CA GLY D 170 55.16 29.73 14.95
C GLY D 170 56.35 29.51 14.05
N ASP D 171 56.10 28.99 12.85
CA ASP D 171 57.16 28.74 11.88
C ASP D 171 56.66 29.01 10.46
N PRO D 172 56.66 30.30 10.07
CA PRO D 172 56.20 30.75 8.75
C PRO D 172 56.44 29.75 7.64
N ASN D 173 57.55 29.01 7.71
CA ASN D 173 57.88 28.05 6.68
C ASN D 173 57.62 26.59 7.01
N LEU D 174 56.60 26.32 7.82
CA LEU D 174 56.29 24.95 8.17
C LEU D 174 55.62 24.31 6.99
N GLU D 175 55.89 23.03 6.76
CA GLU D 175 55.26 22.33 5.66
C GLU D 175 55.04 20.85 5.89
N PHE D 176 53.99 20.34 5.28
CA PHE D 176 53.65 18.95 5.41
C PHE D 176 54.75 18.14 4.75
N VAL D 177 54.99 16.93 5.24
CA VAL D 177 56.04 16.08 4.71
C VAL D 177 55.75 14.59 4.82
N ALA D 178 55.98 13.86 3.73
CA ALA D 178 55.79 12.43 3.69
C ALA D 178 54.72 11.95 4.66
N MET D 179 55.09 10.92 5.44
CA MET D 179 54.23 10.28 6.45
C MET D 179 54.80 8.88 6.56
N PRO D 180 55.46 8.56 7.67
CA PRO D 180 56.01 7.22 7.79
C PRO D 180 55.03 6.14 7.36
N ALA D 181 55.46 5.34 6.37
CA ALA D 181 54.65 4.24 5.83
C ALA D 181 55.12 2.95 6.49
N LEU D 182 54.48 2.59 7.59
CA LEU D 182 54.85 1.39 8.32
C LEU D 182 54.62 0.13 7.50
N ALA D 183 55.12 -0.98 8.03
CA ALA D 183 54.98 -2.27 7.38
C ALA D 183 53.59 -2.85 7.56
N PRO D 184 52.89 -3.10 6.45
CA PRO D 184 51.54 -3.66 6.53
C PRO D 184 51.64 -4.99 7.27
N PRO D 185 50.73 -5.23 8.23
CA PRO D 185 50.77 -6.49 8.99
C PRO D 185 50.87 -7.76 8.12
N GLU D 186 51.20 -8.88 8.78
CA GLU D 186 51.37 -10.20 8.17
C GLU D 186 50.79 -10.47 6.77
N VAL D 187 49.53 -10.91 6.73
CA VAL D 187 48.82 -11.25 5.50
C VAL D 187 49.01 -12.72 5.13
N VAL D 188 48.27 -13.59 5.83
CA VAL D 188 48.35 -15.03 5.59
C VAL D 188 46.95 -15.57 5.29
N MET D 189 46.50 -16.52 6.12
CA MET D 189 45.18 -17.14 5.98
C MET D 189 44.77 -17.49 4.54
N ASP D 190 43.56 -18.03 4.39
CA ASP D 190 43.05 -18.41 3.07
C ASP D 190 41.70 -19.14 3.06
N PRO D 191 41.53 -20.15 3.95
CA PRO D 191 40.30 -20.95 4.04
C PRO D 191 38.98 -20.17 3.92
N ALA D 192 38.16 -20.21 4.97
CA ALA D 192 36.88 -19.51 4.98
C ALA D 192 37.17 -18.02 4.89
N LEU D 193 38.40 -17.65 5.26
CA LEU D 193 38.86 -16.27 5.24
C LEU D 193 39.09 -15.79 3.80
N ALA D 194 38.39 -16.42 2.86
CA ALA D 194 38.50 -16.07 1.46
C ALA D 194 37.43 -16.80 0.67
N ALA D 195 37.56 -16.77 -0.65
CA ALA D 195 36.62 -17.41 -1.57
C ALA D 195 35.47 -16.45 -1.91
N GLN D 196 34.68 -16.09 -0.89
CA GLN D 196 33.56 -15.17 -1.08
C GLN D 196 34.04 -13.74 -1.34
N TYR D 197 35.35 -13.60 -1.50
CA TYR D 197 35.98 -12.31 -1.77
C TYR D 197 35.89 -12.06 -3.28
N GLU D 198 36.18 -13.10 -4.05
CA GLU D 198 36.12 -13.04 -5.51
C GLU D 198 34.71 -12.63 -5.92
N HIS D 199 33.74 -13.02 -5.09
CA HIS D 199 32.34 -12.70 -5.33
C HIS D 199 32.12 -11.19 -5.36
N ASP D 200 32.74 -10.49 -4.41
CA ASP D 200 32.62 -9.04 -4.31
C ASP D 200 33.61 -8.35 -5.26
N LEU D 201 34.76 -8.97 -5.45
CA LEU D 201 35.78 -8.43 -6.36
C LEU D 201 35.17 -8.24 -7.74
N GLU D 202 34.17 -9.07 -8.04
CA GLU D 202 33.49 -9.01 -9.32
C GLU D 202 32.36 -7.99 -9.27
N VAL D 203 31.68 -7.89 -8.12
CA VAL D 203 30.59 -6.93 -7.94
C VAL D 203 31.19 -5.55 -8.11
N ALA D 204 32.52 -5.50 -8.10
CA ALA D 204 33.26 -4.26 -8.24
C ALA D 204 33.68 -4.00 -9.69
N GLN D 205 34.49 -4.91 -10.24
CA GLN D 205 34.98 -4.76 -11.61
C GLN D 205 33.82 -4.52 -12.58
N THR D 206 32.61 -4.70 -12.08
CA THR D 206 31.40 -4.51 -12.85
C THR D 206 30.91 -3.07 -12.70
N THR D 207 30.68 -2.65 -11.46
CA THR D 207 30.20 -1.31 -11.15
C THR D 207 31.18 -0.25 -11.66
N ALA D 208 30.75 0.51 -12.67
CA ALA D 208 31.58 1.55 -13.28
C ALA D 208 32.04 2.62 -12.29
N LEU D 209 33.25 3.14 -12.53
CA LEU D 209 33.85 4.17 -11.69
C LEU D 209 33.29 5.52 -12.10
N PRO D 210 32.94 6.36 -11.11
CA PRO D 210 32.40 7.71 -11.34
C PRO D 210 33.41 8.62 -12.03
N ASP D 211 33.52 8.51 -13.35
CA ASP D 211 34.48 9.34 -14.10
C ASP D 211 34.07 10.81 -14.11
N GLU D 212 34.90 11.63 -13.46
CA GLU D 212 34.67 13.07 -13.36
C GLU D 212 35.80 13.87 -14.01
N ASP D 213 36.93 13.20 -14.29
CA ASP D 213 38.09 13.84 -14.92
C ASP D 213 37.76 14.45 -16.28
N ASN E 22 43.23 39.80 7.13
CA ASN E 22 44.22 40.90 7.25
C ASN E 22 45.37 40.57 6.33
N HIS E 23 46.31 41.50 6.18
CA HIS E 23 47.48 41.31 5.33
C HIS E 23 48.12 39.99 5.75
N ASP E 24 48.54 39.93 7.01
CA ASP E 24 49.15 38.75 7.60
C ASP E 24 48.95 38.75 9.11
N PRO E 25 47.79 38.26 9.59
CA PRO E 25 47.47 38.20 11.01
C PRO E 25 48.64 37.67 11.85
N GLN E 26 48.94 38.36 12.95
CA GLN E 26 50.06 37.95 13.77
C GLN E 26 49.61 37.34 15.09
N PHE E 27 50.12 36.14 15.40
CA PHE E 27 49.79 35.46 16.66
C PHE E 27 51.06 34.94 17.33
N GLU E 28 51.15 35.10 18.64
CA GLU E 28 52.34 34.59 19.33
C GLU E 28 52.15 33.08 19.58
N PRO E 29 53.02 32.25 18.97
CA PRO E 29 53.04 30.80 19.04
C PRO E 29 52.53 30.19 20.32
N ILE E 30 51.78 29.08 20.16
CA ILE E 30 51.20 28.36 21.28
C ILE E 30 52.18 27.32 21.79
N VAL E 31 53.05 26.83 20.90
CA VAL E 31 54.06 25.83 21.29
C VAL E 31 55.40 26.10 20.62
N SER E 32 56.42 25.41 21.11
CA SER E 32 57.76 25.55 20.57
C SER E 32 58.18 24.14 20.14
N LEU E 33 58.16 23.89 18.83
CA LEU E 33 58.54 22.57 18.32
C LEU E 33 59.82 22.56 17.49
N PRO E 34 60.84 21.84 17.98
CA PRO E 34 62.15 21.70 17.37
C PRO E 34 62.09 21.10 15.97
N GLU E 35 62.98 21.58 15.11
CA GLU E 35 63.08 21.08 13.74
C GLU E 35 63.27 19.58 13.89
N GLN E 36 62.82 18.82 12.90
CA GLN E 36 62.99 17.39 13.01
C GLN E 36 63.15 16.69 11.68
N GLU E 37 63.92 15.61 11.71
CA GLU E 37 64.18 14.82 10.51
C GLU E 37 63.23 13.64 10.50
N ILE E 38 62.28 13.71 9.58
CA ILE E 38 61.27 12.67 9.43
C ILE E 38 61.66 11.63 8.39
N LYS E 39 61.76 10.38 8.83
CA LYS E 39 62.10 9.30 7.93
C LYS E 39 60.83 8.84 7.22
N THR E 40 60.99 8.01 6.21
CA THR E 40 59.84 7.52 5.45
C THR E 40 59.60 6.03 5.63
N LEU E 41 60.58 5.32 6.18
CA LEU E 41 60.47 3.88 6.37
C LEU E 41 60.28 3.35 4.96
N GLU E 42 60.83 4.12 4.04
CA GLU E 42 60.79 3.84 2.61
C GLU E 42 62.25 3.93 2.12
N GLU E 43 63.19 3.93 3.06
CA GLU E 43 64.64 4.01 2.76
C GLU E 43 65.25 2.72 2.20
N ASP E 44 64.82 1.58 2.74
CA ASP E 44 65.30 0.27 2.28
C ASP E 44 64.42 -0.13 1.11
N GLU E 45 63.96 0.90 0.40
CA GLU E 45 63.07 0.84 -0.75
C GLU E 45 63.46 -0.03 -1.92
N GLU E 46 63.40 0.59 -3.10
CA GLU E 46 63.72 0.04 -4.41
C GLU E 46 62.98 0.95 -5.38
N GLU E 47 61.65 1.01 -5.23
CA GLU E 47 60.83 1.87 -6.07
C GLU E 47 60.90 1.48 -7.54
N LEU E 48 60.33 0.32 -7.86
CA LEU E 48 60.32 -0.18 -9.22
C LEU E 48 59.50 0.75 -10.10
N PHE E 49 58.27 1.03 -9.67
CA PHE E 49 57.37 1.87 -10.44
C PHE E 49 56.90 3.11 -9.69
N LYS E 50 56.73 4.20 -10.44
CA LYS E 50 56.26 5.48 -9.92
C LYS E 50 55.49 6.24 -11.00
N MET E 51 54.22 6.52 -10.74
CA MET E 51 53.37 7.23 -11.68
C MET E 51 52.16 7.75 -10.92
N ARG E 52 51.72 8.96 -11.24
CA ARG E 52 50.57 9.54 -10.55
C ARG E 52 49.23 9.02 -11.09
N ALA E 53 48.26 8.86 -10.20
CA ALA E 53 46.94 8.35 -10.57
C ALA E 53 45.92 8.56 -9.45
N LYS E 54 44.65 8.41 -9.78
CA LYS E 54 43.58 8.56 -8.80
C LYS E 54 43.15 7.17 -8.30
N LEU E 55 43.17 7.00 -6.99
CA LEU E 55 42.82 5.73 -6.39
C LEU E 55 41.41 5.81 -5.77
N PHE E 56 40.65 4.72 -5.91
CA PHE E 56 39.28 4.63 -5.38
C PHE E 56 39.08 3.49 -4.38
N ARG E 57 38.15 3.70 -3.47
CA ARG E 57 37.81 2.72 -2.44
C ARG E 57 36.46 2.19 -2.84
N PHE E 58 36.07 1.00 -2.39
CA PHE E 58 34.74 0.53 -2.79
C PHE E 58 33.71 0.45 -1.70
N ALA E 59 32.61 1.20 -1.90
CA ALA E 59 31.47 1.29 -1.00
C ALA E 59 31.74 0.87 0.43
N SER E 60 31.77 -0.44 0.67
CA SER E 60 32.00 -1.01 1.99
C SER E 60 30.66 -1.48 2.54
N GLU E 61 30.42 -1.22 3.82
CA GLU E 61 29.18 -1.60 4.48
C GLU E 61 28.18 -0.45 4.35
N ASN E 62 27.80 -0.14 3.11
CA ASN E 62 26.85 0.92 2.85
C ASN E 62 25.64 0.36 2.11
N ASP E 63 25.71 -0.92 1.77
CA ASP E 63 24.63 -1.60 1.04
C ASP E 63 24.43 -0.94 -0.31
N LEU E 64 25.09 0.21 -0.50
CA LEU E 64 25.01 0.96 -1.73
C LEU E 64 26.36 0.91 -2.43
N PRO E 65 26.56 -0.08 -3.32
CA PRO E 65 27.82 -0.26 -4.06
C PRO E 65 28.24 0.98 -4.84
N GLU E 66 28.98 1.86 -4.18
CA GLU E 66 29.47 3.08 -4.81
C GLU E 66 31.00 3.15 -4.72
N TRP E 67 31.60 3.92 -5.60
CA TRP E 67 33.04 4.10 -5.59
C TRP E 67 33.39 5.42 -4.93
N LYS E 68 34.01 5.35 -3.76
CA LYS E 68 34.43 6.55 -3.02
C LYS E 68 35.90 6.85 -3.33
N GLU E 69 36.19 8.10 -3.68
CA GLU E 69 37.58 8.48 -3.96
C GLU E 69 38.46 8.19 -2.74
N ARG E 70 39.72 7.84 -2.97
CA ARG E 70 40.62 7.58 -1.85
C ARG E 70 41.80 8.53 -1.90
N GLY E 71 42.24 8.88 -3.10
CA GLY E 71 43.35 9.81 -3.21
C GLY E 71 43.82 10.01 -4.64
N THR E 72 44.52 11.11 -4.86
CA THR E 72 45.07 11.41 -6.17
C THR E 72 46.51 11.78 -5.93
N GLY E 73 47.44 10.93 -6.39
CA GLY E 73 48.85 11.21 -6.19
C GLY E 73 49.75 10.20 -6.88
N ASP E 74 51.03 10.19 -6.52
CA ASP E 74 51.98 9.26 -7.12
C ASP E 74 51.90 7.87 -6.50
N VAL E 75 51.65 6.87 -7.34
CA VAL E 75 51.57 5.48 -6.89
C VAL E 75 52.98 4.91 -6.96
N LYS E 76 53.33 4.04 -6.02
CA LYS E 76 54.66 3.45 -6.05
C LYS E 76 54.68 1.96 -5.71
N LEU E 77 55.56 1.23 -6.38
CA LEU E 77 55.71 -0.19 -6.15
C LEU E 77 57.09 -0.34 -5.52
N LEU E 78 57.14 -0.92 -4.33
CA LEU E 78 58.42 -1.07 -3.65
C LEU E 78 58.74 -2.51 -3.29
N LYS E 79 59.99 -2.90 -3.53
CA LYS E 79 60.48 -4.24 -3.19
C LYS E 79 61.51 -4.00 -2.11
N HIS E 80 61.67 -4.95 -1.18
CA HIS E 80 62.64 -4.75 -0.12
C HIS E 80 64.02 -5.35 -0.43
N LYS E 81 65.03 -4.48 -0.43
CA LYS E 81 66.40 -4.88 -0.69
C LYS E 81 66.75 -6.06 0.22
N GLU E 82 66.63 -5.83 1.52
CA GLU E 82 66.91 -6.86 2.53
C GLU E 82 66.14 -8.14 2.19
N LYS E 83 64.84 -8.12 2.44
CA LYS E 83 63.98 -9.27 2.16
C LYS E 83 63.64 -9.27 0.66
N GLY E 84 62.37 -9.52 0.35
CA GLY E 84 61.95 -9.52 -1.03
C GLY E 84 60.66 -8.74 -1.19
N ALA E 85 59.78 -8.90 -0.20
CA ALA E 85 58.48 -8.24 -0.15
C ALA E 85 58.33 -7.00 -1.01
N ILE E 86 57.22 -6.93 -1.75
CA ILE E 86 56.90 -5.80 -2.60
C ILE E 86 55.51 -5.31 -2.24
N ARG E 87 55.36 -4.00 -2.11
CA ARG E 87 54.08 -3.41 -1.77
C ARG E 87 53.72 -2.23 -2.66
N LEU E 88 52.47 -1.80 -2.51
CA LEU E 88 51.92 -0.67 -3.24
C LEU E 88 51.79 0.44 -2.19
N LEU E 89 52.28 1.63 -2.50
CA LEU E 89 52.24 2.76 -1.58
C LEU E 89 51.86 4.06 -2.28
N MET E 90 50.71 4.60 -1.91
CA MET E 90 50.24 5.83 -2.52
C MET E 90 50.10 6.95 -1.49
N ARG E 91 50.38 8.18 -1.92
CA ARG E 91 50.26 9.34 -1.06
C ARG E 91 49.45 10.38 -1.82
N ARG E 92 48.57 11.10 -1.11
CA ARG E 92 47.75 12.12 -1.74
C ARG E 92 48.54 13.40 -1.94
N ASP E 93 48.15 14.19 -2.92
CA ASP E 93 48.82 15.45 -3.20
C ASP E 93 48.66 16.40 -2.01
N LYS E 94 49.59 17.34 -1.91
CA LYS E 94 49.55 18.35 -0.84
C LYS E 94 49.66 17.82 0.58
N THR E 95 48.68 17.03 0.97
CA THR E 95 48.61 16.49 2.32
C THR E 95 49.67 15.41 2.56
N LEU E 96 49.97 14.64 1.51
CA LEU E 96 50.97 13.58 1.59
C LEU E 96 50.57 12.41 2.47
N LYS E 97 49.34 12.39 2.94
CA LYS E 97 48.87 11.29 3.77
C LYS E 97 48.84 10.03 2.89
N ILE E 98 49.08 8.87 3.49
CA ILE E 98 49.07 7.59 2.77
C ILE E 98 47.63 7.19 2.43
N CYS E 99 47.34 6.94 1.16
CA CYS E 99 45.99 6.55 0.77
C CYS E 99 45.90 5.10 0.32
N ALA E 100 47.00 4.38 0.45
CA ALA E 100 47.08 2.98 0.05
C ALA E 100 48.47 2.48 0.43
N ASN E 101 48.52 1.37 1.15
CA ASN E 101 49.80 0.84 1.60
C ASN E 101 49.63 -0.62 2.01
N HIS E 102 49.78 -1.52 1.03
CA HIS E 102 49.63 -2.94 1.27
C HIS E 102 50.62 -3.75 0.45
N TYR E 103 50.84 -4.99 0.86
CA TYR E 103 51.75 -5.89 0.17
C TYR E 103 51.08 -6.53 -1.04
N ILE E 104 51.89 -6.98 -2.00
CA ILE E 104 51.35 -7.64 -3.18
C ILE E 104 51.45 -9.13 -2.92
N THR E 105 50.32 -9.82 -2.97
CA THR E 105 50.30 -11.25 -2.71
C THR E 105 50.23 -12.06 -3.99
N PRO E 106 50.38 -13.40 -3.87
CA PRO E 106 50.32 -14.27 -5.04
C PRO E 106 48.97 -14.15 -5.73
N MET E 107 47.90 -14.34 -4.96
CA MET E 107 46.53 -14.26 -5.48
C MET E 107 46.04 -12.80 -5.57
N MET E 108 46.59 -12.08 -6.55
CA MET E 108 46.24 -10.67 -6.78
C MET E 108 46.57 -10.34 -8.24
N GLU E 109 45.85 -9.39 -8.82
CA GLU E 109 46.08 -9.01 -10.22
C GLU E 109 45.17 -7.85 -10.62
N LEU E 110 45.48 -7.21 -11.74
CA LEU E 110 44.69 -6.09 -12.21
C LEU E 110 43.63 -6.54 -13.22
N LYS E 111 42.37 -6.19 -12.97
CA LYS E 111 41.26 -6.56 -13.87
C LYS E 111 40.56 -5.28 -14.34
N PRO E 112 40.57 -5.00 -15.65
CA PRO E 112 39.92 -3.80 -16.18
C PRO E 112 38.55 -3.54 -15.54
N ASN E 113 38.27 -2.26 -15.33
CA ASN E 113 37.02 -1.84 -14.71
C ASN E 113 35.84 -1.84 -15.68
N ALA E 114 35.48 -3.01 -16.19
CA ALA E 114 34.37 -3.11 -17.14
C ALA E 114 34.63 -2.10 -18.25
N GLY E 115 33.96 -0.96 -18.19
CA GLY E 115 34.18 0.07 -19.17
C GLY E 115 35.50 0.75 -18.84
N SER E 116 36.12 1.40 -19.82
CA SER E 116 37.40 2.07 -19.61
C SER E 116 38.52 1.04 -19.35
N ASP E 117 39.72 1.37 -19.81
CA ASP E 117 40.85 0.48 -19.64
C ASP E 117 41.99 1.22 -18.92
N ARG E 118 41.77 2.51 -18.65
CA ARG E 118 42.77 3.32 -17.97
C ARG E 118 42.74 3.01 -16.48
N ALA E 119 41.88 2.07 -16.09
CA ALA E 119 41.73 1.70 -14.69
C ALA E 119 41.62 0.20 -14.42
N TRP E 120 42.09 -0.21 -13.25
CA TRP E 120 42.05 -1.61 -12.82
C TRP E 120 41.56 -1.67 -11.38
N VAL E 121 40.93 -2.78 -11.01
CA VAL E 121 40.45 -2.97 -9.66
C VAL E 121 41.26 -4.13 -9.09
N TRP E 122 41.08 -4.42 -7.82
CA TRP E 122 41.79 -5.52 -7.19
C TRP E 122 41.49 -5.62 -5.72
N ASN E 123 41.79 -6.77 -5.13
CA ASN E 123 41.52 -6.97 -3.73
C ASN E 123 42.82 -7.02 -2.93
N THR E 124 42.74 -6.64 -1.66
CA THR E 124 43.89 -6.66 -0.74
C THR E 124 43.36 -7.17 0.58
N HIS E 125 43.89 -8.30 1.04
CA HIS E 125 43.44 -8.88 2.30
C HIS E 125 43.67 -7.91 3.46
N ALA E 126 44.62 -7.01 3.32
CA ALA E 126 44.92 -6.04 4.37
C ALA E 126 45.70 -4.82 3.91
N ASP E 127 45.01 -3.68 3.89
CA ASP E 127 45.60 -2.41 3.51
C ASP E 127 45.98 -1.75 4.83
N PHE E 128 46.88 -0.79 4.80
CA PHE E 128 47.34 -0.13 6.02
C PHE E 128 47.45 1.38 5.86
N ALA E 129 46.59 1.94 5.01
CA ALA E 129 46.60 3.38 4.75
C ALA E 129 46.22 4.13 6.02
N ASP E 130 45.37 3.53 6.82
CA ASP E 130 44.93 4.18 8.05
C ASP E 130 45.61 3.55 9.26
N GLU E 131 46.75 2.90 9.00
CA GLU E 131 47.53 2.25 10.05
C GLU E 131 46.70 1.28 10.89
N CYS E 132 45.69 0.71 10.26
CA CYS E 132 44.81 -0.27 10.88
C CYS E 132 44.49 -1.24 9.74
N PRO E 133 44.84 -2.53 9.91
CA PRO E 133 44.63 -3.60 8.93
C PRO E 133 43.18 -3.70 8.44
N LYS E 134 42.93 -3.29 7.20
CA LYS E 134 41.57 -3.34 6.68
C LYS E 134 41.42 -3.93 5.29
N PRO E 135 40.38 -4.75 5.09
CA PRO E 135 40.09 -5.41 3.81
C PRO E 135 39.60 -4.35 2.83
N GLU E 136 40.48 -3.93 1.92
CA GLU E 136 40.09 -2.91 0.96
C GLU E 136 39.97 -3.47 -0.45
N LEU E 137 38.94 -3.02 -1.15
CA LEU E 137 38.69 -3.43 -2.52
C LEU E 137 38.90 -2.16 -3.34
N LEU E 138 40.12 -1.97 -3.84
CA LEU E 138 40.48 -0.78 -4.59
C LEU E 138 40.22 -0.76 -6.09
N ALA E 139 40.73 0.29 -6.71
CA ALA E 139 40.62 0.50 -8.15
C ALA E 139 41.33 1.82 -8.46
N ILE E 140 42.34 1.76 -9.31
CA ILE E 140 43.11 2.94 -9.66
C ILE E 140 42.96 3.28 -11.15
N ARG E 141 42.99 4.57 -11.46
CA ARG E 141 42.84 5.05 -12.84
C ARG E 141 43.98 5.98 -13.22
N PHE E 142 44.53 5.80 -14.42
CA PHE E 142 45.64 6.63 -14.87
C PHE E 142 45.23 7.58 -15.99
N LEU E 143 46.07 8.59 -16.22
CA LEU E 143 45.82 9.59 -17.25
C LEU E 143 45.54 8.97 -18.63
N ASN E 144 46.48 8.15 -19.12
CA ASN E 144 46.34 7.50 -20.42
C ASN E 144 46.33 5.97 -20.29
N ALA E 145 45.50 5.32 -21.10
CA ALA E 145 45.35 3.87 -21.09
C ALA E 145 46.67 3.10 -21.21
N GLU E 146 47.64 3.66 -21.93
CA GLU E 146 48.93 2.99 -22.09
C GLU E 146 49.75 3.08 -20.80
N ASN E 147 49.43 4.08 -19.97
CA ASN E 147 50.11 4.25 -18.70
C ASN E 147 49.63 3.13 -17.81
N ALA E 148 48.37 2.76 -17.96
CA ALA E 148 47.78 1.68 -17.17
C ALA E 148 48.49 0.37 -17.50
N GLN E 149 48.84 0.18 -18.77
CA GLN E 149 49.55 -1.02 -19.17
C GLN E 149 50.95 -0.99 -18.54
N LYS E 150 51.63 0.15 -18.69
CA LYS E 150 52.98 0.31 -18.12
C LYS E 150 52.94 -0.02 -16.63
N PHE E 151 51.76 0.16 -16.03
CA PHE E 151 51.55 -0.12 -14.61
C PHE E 151 51.25 -1.61 -14.44
N LYS E 152 50.22 -2.10 -15.13
CA LYS E 152 49.83 -3.50 -15.04
C LYS E 152 51.03 -4.39 -15.35
N THR E 153 51.76 -4.03 -16.39
CA THR E 153 52.93 -4.81 -16.77
C THR E 153 53.86 -4.89 -15.57
N LYS E 154 54.23 -3.73 -15.03
CA LYS E 154 55.13 -3.67 -13.89
C LYS E 154 54.49 -4.26 -12.65
N PHE E 155 53.16 -4.22 -12.60
CA PHE E 155 52.45 -4.77 -11.44
C PHE E 155 52.42 -6.29 -11.55
N GLU E 156 52.25 -6.79 -12.76
CA GLU E 156 52.19 -8.23 -12.98
C GLU E 156 53.55 -8.90 -12.84
N GLU E 157 54.53 -8.45 -13.62
CA GLU E 157 55.86 -9.03 -13.53
C GLU E 157 56.32 -8.95 -12.09
N CYS E 158 55.64 -8.10 -11.34
CA CYS E 158 55.92 -7.87 -9.93
C CYS E 158 55.06 -8.78 -9.05
N ARG E 159 53.95 -9.27 -9.61
CA ARG E 159 53.05 -10.17 -8.88
C ARG E 159 53.57 -11.60 -9.03
N LYS E 160 54.31 -11.82 -10.12
CA LYS E 160 54.89 -13.12 -10.44
C LYS E 160 56.21 -13.20 -9.67
N GLU E 161 57.03 -12.16 -9.82
CA GLU E 161 58.32 -12.07 -9.15
C GLU E 161 58.15 -12.42 -7.67
N ILE E 162 56.90 -12.43 -7.20
CA ILE E 162 56.57 -12.76 -5.81
C ILE E 162 56.00 -14.16 -5.67
N GLU E 163 55.29 -14.63 -6.69
CA GLU E 163 54.72 -15.98 -6.62
C GLU E 163 55.86 -16.99 -6.75
N GLU E 164 56.98 -16.54 -7.33
CA GLU E 164 58.16 -17.38 -7.49
C GLU E 164 58.89 -17.46 -6.17
N ARG E 165 58.59 -16.52 -5.28
CA ARG E 165 59.21 -16.48 -3.98
C ARG E 165 58.85 -17.75 -3.23
N GLU E 166 57.71 -17.74 -2.53
CA GLU E 166 57.30 -18.91 -1.75
C GLU E 166 57.39 -20.22 -2.54
N LYS E 167 58.36 -21.04 -2.15
CA LYS E 167 58.59 -22.32 -2.81
C LYS E 167 58.63 -22.08 -4.30
N ALA F 2 -2.55 32.75 29.25
CA ALA F 2 -2.60 31.40 28.57
C ALA F 2 -1.31 31.18 27.81
N ARG F 3 -0.26 31.89 28.22
CA ARG F 3 1.04 31.80 27.57
C ARG F 3 2.16 31.33 28.50
N PHE F 4 2.82 30.23 28.16
CA PHE F 4 3.93 29.74 28.96
C PHE F 4 5.22 29.91 28.17
N SER F 5 6.27 30.43 28.81
CA SER F 5 7.50 30.62 28.07
C SER F 5 8.78 30.71 28.89
N ILE F 6 9.84 30.10 28.37
CA ILE F 6 11.16 30.13 28.98
C ILE F 6 12.15 30.60 27.93
N GLU F 7 11.64 31.40 27.00
CA GLU F 7 12.41 31.98 25.92
C GLU F 7 13.71 32.63 26.39
N GLY F 8 14.83 32.19 25.79
CA GLY F 8 16.13 32.74 26.13
C GLY F 8 16.71 32.49 27.50
N LYS F 9 16.01 31.75 28.34
CA LYS F 9 16.54 31.49 29.67
C LYS F 9 17.79 30.61 29.61
N SER F 10 18.22 30.26 28.41
CA SER F 10 19.43 29.44 28.19
C SER F 10 19.59 28.34 29.21
N LEU F 11 18.56 27.53 29.35
CA LEU F 11 18.60 26.45 30.32
C LEU F 11 19.10 25.14 29.73
N LYS F 12 20.00 24.48 30.45
CA LYS F 12 20.53 23.20 30.03
C LYS F 12 19.55 22.20 30.66
N LEU F 13 18.37 22.09 30.08
CA LEU F 13 17.34 21.20 30.63
C LEU F 13 17.53 19.73 30.28
N ASP F 14 18.22 19.02 31.15
CA ASP F 14 18.46 17.61 30.92
C ASP F 14 17.39 16.68 31.40
N ALA F 15 16.93 16.82 32.64
CA ALA F 15 15.95 15.89 33.18
C ALA F 15 14.58 16.38 33.65
N ILE F 16 14.57 17.36 34.55
CA ILE F 16 13.32 17.87 35.14
C ILE F 16 12.74 16.81 36.08
N THR F 17 13.30 16.72 37.28
CA THR F 17 12.86 15.76 38.29
C THR F 17 13.05 16.30 39.70
N THR F 18 14.02 17.19 39.87
CA THR F 18 14.31 17.79 41.18
C THR F 18 13.18 18.75 41.57
N GLU F 19 13.19 19.22 42.82
CA GLU F 19 12.16 20.15 43.26
C GLU F 19 12.22 21.33 42.31
N ASP F 20 13.42 21.91 42.17
CA ASP F 20 13.63 23.02 41.24
C ASP F 20 13.51 22.33 39.89
N GLU F 21 13.78 23.03 38.79
CA GLU F 21 13.64 22.41 37.47
C GLU F 21 12.15 22.21 37.20
N LYS F 22 11.45 21.58 38.15
CA LYS F 22 10.01 21.37 38.01
C LYS F 22 9.31 22.68 38.30
N SER F 23 9.89 23.47 39.20
CA SER F 23 9.33 24.78 39.54
C SER F 23 9.31 25.67 38.28
N VAL F 24 10.33 25.50 37.44
CA VAL F 24 10.45 26.26 36.20
C VAL F 24 9.20 26.05 35.36
N PHE F 25 8.75 24.81 35.27
CA PHE F 25 7.56 24.50 34.49
C PHE F 25 6.32 24.40 35.35
N ALA F 26 6.24 25.24 36.37
CA ALA F 26 5.09 25.25 37.26
C ALA F 26 3.91 25.80 36.49
N VAL F 27 4.07 27.03 35.98
CA VAL F 27 3.03 27.69 35.20
C VAL F 27 2.47 26.72 34.16
N LEU F 28 3.24 25.70 33.81
CA LEU F 28 2.82 24.72 32.81
C LEU F 28 1.92 23.69 33.48
N LEU F 29 2.37 23.17 34.61
CA LEU F 29 1.62 22.17 35.36
C LEU F 29 0.25 22.63 35.88
N GLU F 30 0.21 23.80 36.53
CA GLU F 30 -1.03 24.34 37.12
C GLU F 30 -2.11 24.80 36.12
N ASP F 31 -1.73 25.62 35.15
CA ASP F 31 -2.67 26.13 34.15
C ASP F 31 -2.85 25.19 32.97
N ASP F 32 -4.03 24.60 32.85
CA ASP F 32 -4.30 23.67 31.74
C ASP F 32 -4.94 24.38 30.56
N SER F 33 -5.31 25.64 30.76
CA SER F 33 -5.92 26.44 29.71
C SER F 33 -4.88 27.30 28.98
N VAL F 34 -3.78 26.68 28.55
CA VAL F 34 -2.70 27.38 27.85
C VAL F 34 -2.88 27.31 26.34
N LYS F 35 -2.57 28.42 25.66
CA LYS F 35 -2.70 28.52 24.22
C LYS F 35 -1.35 28.49 23.47
N GLU F 36 -0.31 29.05 24.09
CA GLU F 36 1.00 29.13 23.46
C GLU F 36 2.10 28.65 24.40
N ILE F 37 2.95 27.75 23.89
CA ILE F 37 4.09 27.27 24.69
C ILE F 37 5.35 27.65 23.93
N VAL F 38 6.27 28.32 24.61
CA VAL F 38 7.50 28.72 23.96
C VAL F 38 8.67 28.12 24.70
N LEU F 39 9.49 27.35 24.01
CA LEU F 39 10.63 26.71 24.65
C LEU F 39 11.99 27.18 24.14
N SER F 40 11.97 27.96 23.05
CA SER F 40 13.18 28.48 22.43
C SER F 40 14.25 28.96 23.40
N GLY F 41 15.51 28.84 22.95
CA GLY F 41 16.62 29.27 23.76
C GLY F 41 17.02 28.33 24.89
N ASN F 42 16.79 27.03 24.72
CA ASN F 42 17.18 26.08 25.74
C ASN F 42 17.59 24.75 25.09
N THR F 43 18.25 23.89 25.85
CA THR F 43 18.65 22.56 25.35
C THR F 43 17.84 21.50 26.05
N ILE F 44 16.90 20.91 25.34
CA ILE F 44 16.05 19.90 25.95
C ILE F 44 16.59 18.49 25.70
N GLY F 45 16.92 17.80 26.79
CA GLY F 45 17.43 16.45 26.66
C GLY F 45 16.24 15.54 26.46
N THR F 46 16.49 14.26 26.16
CA THR F 46 15.37 13.35 25.98
C THR F 46 14.57 13.18 27.27
N GLU F 47 15.26 13.00 28.40
CA GLU F 47 14.53 12.83 29.66
C GLU F 47 13.57 13.98 29.91
N ALA F 48 14.06 15.20 29.81
CA ALA F 48 13.21 16.37 30.02
C ALA F 48 12.17 16.40 28.89
N ALA F 49 12.55 15.95 27.70
CA ALA F 49 11.62 15.96 26.58
C ALA F 49 10.45 15.07 26.96
N ARG F 50 10.76 13.95 27.61
CA ARG F 50 9.74 13.01 28.05
C ARG F 50 8.77 13.67 29.04
N TRP F 51 9.32 14.27 30.09
CA TRP F 51 8.52 14.95 31.10
C TRP F 51 7.70 16.10 30.52
N LEU F 52 8.20 16.75 29.47
CA LEU F 52 7.43 17.83 28.89
C LEU F 52 6.38 17.30 27.93
N SER F 53 6.56 16.08 27.44
CA SER F 53 5.58 15.53 26.52
C SER F 53 4.31 15.27 27.30
N GLU F 54 4.48 14.57 28.42
CA GLU F 54 3.35 14.20 29.28
C GLU F 54 2.58 15.44 29.69
N ASN F 55 3.30 16.50 30.04
CA ASN F 55 2.66 17.73 30.46
C ASN F 55 2.20 18.67 29.37
N ILE F 56 2.28 18.23 28.11
CA ILE F 56 1.84 19.06 27.02
C ILE F 56 0.56 18.51 26.41
N ALA F 57 0.45 17.18 26.38
CA ALA F 57 -0.74 16.56 25.84
C ALA F 57 -1.98 17.08 26.58
N SER F 58 -1.84 17.29 27.88
CA SER F 58 -2.95 17.77 28.68
C SER F 58 -3.46 19.15 28.28
N LYS F 59 -2.57 19.99 27.77
CA LYS F 59 -2.96 21.34 27.36
C LYS F 59 -3.71 21.26 26.04
N LYS F 60 -4.99 20.91 26.12
CA LYS F 60 -5.84 20.76 24.94
C LYS F 60 -6.26 22.04 24.25
N ASP F 61 -6.04 23.18 24.89
CA ASP F 61 -6.43 24.42 24.23
C ASP F 61 -5.24 25.06 23.52
N LEU F 62 -4.15 24.30 23.46
CA LEU F 62 -2.93 24.78 22.83
C LEU F 62 -3.19 25.20 21.39
N GLU F 63 -2.62 26.34 21.01
CA GLU F 63 -2.77 26.88 19.67
C GLU F 63 -1.42 27.08 18.98
N ILE F 64 -0.40 27.42 19.75
CA ILE F 64 0.93 27.66 19.18
C ILE F 64 2.03 26.94 19.93
N ALA F 65 2.92 26.32 19.17
CA ALA F 65 4.05 25.63 19.76
C ALA F 65 5.33 26.23 19.19
N GLU F 66 5.99 27.07 19.97
CA GLU F 66 7.23 27.69 19.54
C GLU F 66 8.37 26.81 20.01
N PHE F 67 8.77 25.88 19.16
CA PHE F 67 9.86 24.96 19.51
C PHE F 67 11.15 25.26 18.76
N SER F 68 11.24 26.45 18.18
CA SER F 68 12.43 26.83 17.44
C SER F 68 13.59 26.88 18.42
N ASP F 69 14.79 26.51 17.95
CA ASP F 69 15.97 26.55 18.80
C ASP F 69 15.75 25.92 20.19
N ILE F 70 15.87 24.60 20.27
CA ILE F 70 15.68 23.91 21.54
C ILE F 70 16.63 22.75 21.77
N PHE F 71 17.53 22.51 20.81
CA PHE F 71 18.45 21.38 20.93
C PHE F 71 19.94 21.72 20.86
N THR F 72 20.27 23.00 20.71
CA THR F 72 21.66 23.41 20.61
C THR F 72 22.58 22.62 21.56
N GLY F 73 23.36 21.68 21.03
CA GLY F 73 24.26 20.90 21.85
C GLY F 73 23.97 19.41 21.87
N ARG F 74 22.76 19.04 21.45
CA ARG F 74 22.35 17.64 21.44
C ARG F 74 22.86 16.91 20.21
N VAL F 75 23.35 15.69 20.43
CA VAL F 75 23.90 14.86 19.36
C VAL F 75 22.84 13.96 18.68
N LYS F 76 23.22 13.33 17.56
CA LYS F 76 22.34 12.44 16.80
C LYS F 76 21.80 11.37 17.75
N ASP F 77 22.64 11.07 18.72
CA ASP F 77 22.37 10.12 19.79
C ASP F 77 21.10 10.44 20.59
N GLU F 78 20.69 11.71 20.66
CA GLU F 78 19.52 12.08 21.49
C GLU F 78 18.40 12.97 20.92
N ILE F 79 18.64 13.68 19.84
CA ILE F 79 17.58 14.55 19.29
C ILE F 79 16.36 13.79 18.79
N PRO F 80 16.56 12.85 17.86
CA PRO F 80 15.44 12.08 17.31
C PRO F 80 14.48 11.54 18.37
N GLU F 81 15.02 11.01 19.45
CA GLU F 81 14.15 10.51 20.52
C GLU F 81 13.32 11.70 21.04
N ALA F 82 14.00 12.69 21.60
CA ALA F 82 13.36 13.87 22.14
C ALA F 82 12.37 14.52 21.17
N LEU F 83 12.78 14.71 19.94
CA LEU F 83 11.87 15.33 18.99
C LEU F 83 10.61 14.47 18.89
N ARG F 84 10.82 13.16 18.79
CA ARG F 84 9.71 12.21 18.67
C ARG F 84 8.71 12.42 19.80
N LEU F 85 9.18 12.34 21.04
CA LEU F 85 8.30 12.51 22.17
C LEU F 85 7.45 13.78 22.08
N LEU F 86 8.10 14.92 21.87
CA LEU F 86 7.37 16.18 21.77
C LEU F 86 6.33 16.14 20.66
N LEU F 87 6.79 15.89 19.44
CA LEU F 87 5.87 15.82 18.34
C LEU F 87 4.75 14.82 18.61
N GLN F 88 5.04 13.84 19.46
CA GLN F 88 4.05 12.82 19.82
C GLN F 88 2.93 13.47 20.59
N ALA F 89 3.30 14.36 21.51
CA ALA F 89 2.31 15.06 22.31
C ALA F 89 1.55 16.06 21.45
N LEU F 90 2.26 16.98 20.80
CA LEU F 90 1.59 17.97 19.97
C LEU F 90 0.46 17.37 19.17
N LEU F 91 0.72 16.21 18.58
CA LEU F 91 -0.29 15.52 17.78
C LEU F 91 -1.64 15.43 18.47
N LYS F 92 -1.61 15.44 19.80
CA LYS F 92 -2.82 15.30 20.59
C LYS F 92 -3.42 16.62 21.02
N CYS F 93 -3.26 17.66 20.19
CA CYS F 93 -3.82 19.00 20.50
C CYS F 93 -4.73 19.44 19.37
N PRO F 94 -6.05 19.26 19.55
CA PRO F 94 -7.10 19.60 18.59
C PRO F 94 -7.08 20.99 17.98
N LYS F 95 -6.64 21.98 18.75
CA LYS F 95 -6.60 23.36 18.27
C LYS F 95 -5.25 23.94 17.84
N LEU F 96 -4.20 23.12 17.82
CA LEU F 96 -2.86 23.56 17.43
C LEU F 96 -2.78 23.86 15.92
N HIS F 97 -2.84 25.13 15.55
CA HIS F 97 -2.77 25.49 14.14
C HIS F 97 -1.37 25.95 13.69
N THR F 98 -0.57 26.41 14.64
CA THR F 98 0.76 26.90 14.35
C THR F 98 1.82 26.21 15.19
N VAL F 99 2.76 25.56 14.52
CA VAL F 99 3.86 24.87 15.18
C VAL F 99 5.18 25.29 14.51
N ARG F 100 6.17 25.67 15.30
CA ARG F 100 7.48 26.10 14.78
C ARG F 100 8.65 25.24 15.30
N LEU F 101 9.38 24.63 14.37
CA LEU F 101 10.50 23.76 14.73
C LEU F 101 11.82 24.22 14.14
N SER F 102 11.89 25.48 13.74
CA SER F 102 13.10 26.04 13.14
C SER F 102 14.33 26.09 14.04
N ASP F 103 15.49 26.23 13.40
CA ASP F 103 16.79 26.35 14.09
C ASP F 103 17.17 25.15 14.95
N ASN F 104 16.91 23.95 14.43
CA ASN F 104 17.26 22.71 15.12
C ASN F 104 17.86 21.78 14.10
N ALA F 105 18.96 21.10 14.47
CA ALA F 105 19.64 20.17 13.58
C ALA F 105 18.81 18.91 13.33
N PHE F 106 18.22 18.79 12.15
CA PHE F 106 17.39 17.63 11.88
C PHE F 106 17.92 16.73 10.76
N GLY F 107 17.81 17.20 9.53
CA GLY F 107 18.29 16.39 8.42
C GLY F 107 17.72 14.99 8.45
N PRO F 108 18.18 14.09 7.56
CA PRO F 108 17.72 12.71 7.49
C PRO F 108 17.68 12.02 8.85
N THR F 109 18.79 12.14 9.57
CA THR F 109 18.92 11.52 10.89
C THR F 109 17.80 11.81 11.91
N ALA F 110 16.81 12.62 11.53
CA ALA F 110 15.71 12.94 12.47
C ALA F 110 14.42 13.20 11.72
N GLN F 111 14.31 12.64 10.53
CA GLN F 111 13.13 12.84 9.72
C GLN F 111 11.90 12.07 10.20
N GLU F 112 12.13 11.03 11.01
CA GLU F 112 11.02 10.23 11.46
C GLU F 112 9.90 10.98 12.12
N PRO F 113 10.15 11.67 13.24
CA PRO F 113 9.08 12.42 13.91
C PRO F 113 8.41 13.43 12.97
N LEU F 114 9.20 14.12 12.18
CA LEU F 114 8.65 15.12 11.26
C LEU F 114 7.72 14.45 10.28
N ILE F 115 8.23 13.43 9.60
CA ILE F 115 7.45 12.71 8.61
C ILE F 115 6.15 12.18 9.21
N ASP F 116 6.22 11.71 10.45
CA ASP F 116 5.03 11.19 11.11
C ASP F 116 4.10 12.37 11.30
N PHE F 117 4.38 13.15 12.33
CA PHE F 117 3.62 14.35 12.70
C PHE F 117 3.04 15.14 11.54
N LEU F 118 3.89 15.68 10.68
CA LEU F 118 3.40 16.49 9.57
C LEU F 118 2.33 15.86 8.71
N SER F 119 2.35 14.56 8.54
CA SER F 119 1.34 13.93 7.71
C SER F 119 0.01 13.81 8.45
N LYS F 120 0.08 13.69 9.77
CA LYS F 120 -1.12 13.49 10.54
C LYS F 120 -1.83 14.71 11.13
N HIS F 121 -1.09 15.57 11.79
CA HIS F 121 -1.67 16.77 12.42
C HIS F 121 -2.51 17.67 11.53
N THR F 122 -3.78 17.31 11.37
CA THR F 122 -4.70 18.07 10.52
C THR F 122 -5.04 19.49 10.97
N PRO F 123 -4.91 19.77 12.28
CA PRO F 123 -5.22 21.13 12.73
C PRO F 123 -4.22 22.19 12.20
N LEU F 124 -3.06 21.71 11.74
CA LEU F 124 -1.99 22.55 11.23
C LEU F 124 -2.35 23.56 10.15
N GLU F 125 -2.02 24.82 10.42
CA GLU F 125 -2.27 25.87 9.46
C GLU F 125 -0.98 26.62 9.11
N HIS F 126 -0.09 26.77 10.09
CA HIS F 126 1.18 27.49 9.88
C HIS F 126 2.36 26.68 10.33
N LEU F 127 3.15 26.24 9.34
CA LEU F 127 4.32 25.41 9.59
C LEU F 127 5.65 26.16 9.41
N TYR F 128 6.42 26.23 10.49
CA TYR F 128 7.68 26.92 10.44
C TYR F 128 8.81 25.92 10.56
N LEU F 129 9.25 25.41 9.41
CA LEU F 129 10.34 24.44 9.37
C LEU F 129 11.46 25.16 8.62
N HIS F 130 12.20 25.98 9.35
CA HIS F 130 13.27 26.80 8.76
C HIS F 130 14.64 26.52 9.35
N ASN F 131 15.63 26.36 8.48
CA ASN F 131 16.98 26.10 8.95
C ASN F 131 16.96 24.84 9.83
N ASN F 132 16.80 23.70 9.18
CA ASN F 132 16.74 22.43 9.87
C ASN F 132 17.66 21.45 9.17
N GLY F 133 18.20 21.87 8.03
CA GLY F 133 19.11 21.02 7.28
C GLY F 133 18.47 19.73 6.79
N LEU F 134 17.24 19.84 6.33
CA LEU F 134 16.52 18.68 5.85
C LEU F 134 17.32 17.96 4.80
N GLY F 135 17.75 18.68 3.78
CA GLY F 135 18.50 18.02 2.72
C GLY F 135 17.51 17.56 1.66
N PRO F 136 17.95 17.37 0.41
CA PRO F 136 17.09 16.95 -0.70
C PRO F 136 16.35 15.65 -0.40
N GLN F 137 17.04 14.70 0.22
CA GLN F 137 16.41 13.42 0.54
C GLN F 137 15.25 13.61 1.50
N ALA F 138 15.55 13.98 2.74
CA ALA F 138 14.51 14.19 3.73
C ALA F 138 13.51 15.27 3.30
N GLY F 139 14.00 16.31 2.62
CA GLY F 139 13.09 17.35 2.20
C GLY F 139 11.94 16.72 1.44
N ALA F 140 12.28 15.82 0.54
CA ALA F 140 11.29 15.14 -0.28
C ALA F 140 10.30 14.42 0.60
N LYS F 141 10.78 13.62 1.55
CA LYS F 141 9.88 12.89 2.43
C LYS F 141 8.95 13.86 3.13
N ILE F 142 9.51 14.94 3.70
CA ILE F 142 8.70 15.96 4.37
C ILE F 142 7.64 16.49 3.36
N ALA F 143 8.05 16.61 2.10
CA ALA F 143 7.15 17.10 1.07
C ALA F 143 6.01 16.11 0.84
N ARG F 144 6.35 14.82 0.77
CA ARG F 144 5.34 13.79 0.56
C ARG F 144 4.43 13.81 1.77
N ALA F 145 5.06 13.76 2.93
CA ALA F 145 4.35 13.78 4.20
C ALA F 145 3.33 14.89 4.22
N LEU F 146 3.64 16.01 3.59
CA LEU F 146 2.68 17.10 3.61
C LEU F 146 1.57 16.81 2.61
N GLN F 147 1.89 16.07 1.56
CA GLN F 147 0.90 15.72 0.56
C GLN F 147 -0.15 14.89 1.25
N GLU F 148 0.32 14.00 2.12
CA GLU F 148 -0.55 13.14 2.89
C GLU F 148 -1.47 14.04 3.69
N LEU F 149 -0.87 14.86 4.54
CA LEU F 149 -1.64 15.78 5.37
C LEU F 149 -2.76 16.43 4.55
N ALA F 150 -2.49 16.71 3.28
CA ALA F 150 -3.49 17.31 2.41
C ALA F 150 -4.73 16.44 2.46
N VAL F 151 -4.53 15.16 2.18
CA VAL F 151 -5.58 14.16 2.17
C VAL F 151 -6.26 13.99 3.53
N ASN F 152 -5.47 13.68 4.55
CA ASN F 152 -6.02 13.52 5.88
C ASN F 152 -6.82 14.75 6.28
N LYS F 153 -6.53 15.87 5.65
CA LYS F 153 -7.24 17.12 5.97
C LYS F 153 -8.61 17.18 5.30
N LYS F 154 -8.67 16.78 4.04
CA LYS F 154 -9.94 16.77 3.31
C LYS F 154 -10.90 15.74 3.91
N ALA F 155 -10.35 14.70 4.51
CA ALA F 155 -11.17 13.66 5.11
C ALA F 155 -11.87 14.18 6.35
N LYS F 156 -11.22 15.10 7.07
CA LYS F 156 -11.81 15.63 8.30
C LYS F 156 -12.29 17.09 8.18
N ASN F 157 -12.55 17.55 6.95
CA ASN F 157 -13.02 18.92 6.73
C ASN F 157 -12.27 19.97 7.55
N ALA F 158 -10.96 19.80 7.70
CA ALA F 158 -10.15 20.74 8.49
C ALA F 158 -9.67 21.91 7.65
N PRO F 159 -9.29 23.03 8.33
CA PRO F 159 -8.80 24.25 7.70
C PRO F 159 -7.65 23.93 6.76
N PRO F 160 -7.48 24.75 5.71
CA PRO F 160 -6.40 24.54 4.75
C PRO F 160 -5.07 24.95 5.34
N LEU F 161 -3.99 24.35 4.88
CA LEU F 161 -2.68 24.75 5.38
C LEU F 161 -2.51 26.15 4.78
N ARG F 162 -1.97 27.09 5.57
CA ARG F 162 -1.81 28.45 5.07
C ARG F 162 -0.38 28.96 4.91
N SER F 163 0.55 28.49 5.73
CA SER F 163 1.91 28.97 5.64
C SER F 163 2.99 27.91 5.80
N ILE F 164 3.91 27.88 4.85
CA ILE F 164 5.02 26.96 4.90
C ILE F 164 6.27 27.82 4.83
N ILE F 165 7.00 27.86 5.93
CA ILE F 165 8.24 28.62 5.96
C ILE F 165 9.31 27.54 6.03
N CYS F 166 9.79 27.13 4.85
CA CYS F 166 10.80 26.09 4.83
C CYS F 166 12.05 26.48 4.04
N GLY F 167 13.01 27.09 4.72
CA GLY F 167 14.21 27.51 4.02
C GLY F 167 15.49 27.17 4.78
N ARG F 168 16.62 27.28 4.06
CA ARG F 168 17.93 26.99 4.62
C ARG F 168 18.00 25.54 5.02
N ASN F 169 17.42 24.70 4.15
CA ASN F 169 17.37 23.25 4.33
C ASN F 169 17.97 22.52 3.14
N ARG F 170 18.50 23.28 2.17
CA ARG F 170 19.09 22.67 0.99
C ARG F 170 18.13 21.69 0.33
N LEU F 171 16.87 22.08 0.18
CA LEU F 171 15.93 21.20 -0.48
C LEU F 171 16.43 20.83 -1.87
N GLU F 172 17.36 21.63 -2.41
CA GLU F 172 17.94 21.41 -3.75
C GLU F 172 16.89 21.05 -4.82
N ASN F 173 17.34 20.68 -6.02
CA ASN F 173 16.38 20.32 -7.05
C ASN F 173 15.87 18.90 -6.77
N GLY F 174 16.67 18.14 -6.04
CA GLY F 174 16.29 16.78 -5.70
C GLY F 174 14.84 16.66 -5.26
N SER F 175 14.43 17.56 -4.38
CA SER F 175 13.05 17.54 -3.87
C SER F 175 12.05 18.46 -4.57
N MET F 176 12.47 19.15 -5.62
CA MET F 176 11.49 20.03 -6.24
C MET F 176 10.34 19.28 -6.89
N LYS F 177 10.63 18.16 -7.54
CA LYS F 177 9.59 17.35 -8.18
C LYS F 177 8.48 17.12 -7.14
N GLU F 178 8.87 16.67 -5.96
CA GLU F 178 7.91 16.38 -4.94
C GLU F 178 7.24 17.62 -4.37
N TRP F 179 8.02 18.62 -3.94
CA TRP F 179 7.44 19.86 -3.37
C TRP F 179 6.38 20.47 -4.30
N ALA F 180 6.70 20.51 -5.59
CA ALA F 180 5.77 21.06 -6.55
C ALA F 180 4.43 20.35 -6.37
N LYS F 181 4.47 19.08 -5.99
CA LYS F 181 3.25 18.33 -5.78
C LYS F 181 2.62 18.78 -4.48
N THR F 182 3.44 18.99 -3.47
CA THR F 182 2.93 19.44 -2.18
C THR F 182 2.11 20.72 -2.36
N PHE F 183 2.53 21.56 -3.29
CA PHE F 183 1.77 22.78 -3.51
C PHE F 183 0.47 22.44 -4.21
N GLN F 184 0.54 21.61 -5.24
CA GLN F 184 -0.68 21.22 -5.96
C GLN F 184 -1.72 20.75 -4.95
N SER F 185 -1.22 20.20 -3.85
CA SER F 185 -2.09 19.72 -2.78
C SER F 185 -2.73 20.89 -2.07
N HIS F 186 -1.90 21.70 -1.42
CA HIS F 186 -2.40 22.86 -0.69
C HIS F 186 -2.53 24.16 -1.50
N ARG F 187 -3.52 24.21 -2.40
CA ARG F 187 -3.72 25.38 -3.23
C ARG F 187 -4.32 26.58 -2.54
N LEU F 188 -4.33 26.55 -1.20
CA LEU F 188 -4.89 27.68 -0.48
C LEU F 188 -3.89 28.36 0.41
N LEU F 189 -2.61 28.13 0.15
CA LEU F 189 -1.56 28.76 0.94
C LEU F 189 -1.56 30.27 0.75
N HIS F 190 -1.03 30.95 1.76
CA HIS F 190 -0.94 32.40 1.70
C HIS F 190 0.51 32.81 1.74
N THR F 191 1.29 32.11 2.56
CA THR F 191 2.69 32.41 2.71
C THR F 191 3.58 31.20 2.51
N VAL F 192 4.34 31.19 1.43
CA VAL F 192 5.30 30.10 1.17
C VAL F 192 6.66 30.76 1.02
N LYS F 193 7.60 30.37 1.89
CA LYS F 193 8.95 30.92 1.87
C LYS F 193 9.99 29.81 1.87
N MET F 194 10.55 29.53 0.70
CA MET F 194 11.58 28.50 0.57
C MET F 194 12.90 29.14 0.17
N VAL F 195 13.46 29.86 1.14
CA VAL F 195 14.70 30.58 0.94
C VAL F 195 15.97 29.77 1.15
N GLN F 196 16.98 30.06 0.34
CA GLN F 196 18.29 29.45 0.51
C GLN F 196 18.27 27.92 0.52
N ASN F 197 17.71 27.33 -0.52
CA ASN F 197 17.67 25.88 -0.60
C ASN F 197 18.46 25.36 -1.80
N GLY F 198 19.51 26.08 -2.18
CA GLY F 198 20.34 25.69 -3.31
C GLY F 198 19.57 25.30 -4.57
N ILE F 199 18.27 25.53 -4.58
CA ILE F 199 17.48 25.17 -5.75
C ILE F 199 18.03 25.91 -6.95
N ARG F 200 18.40 25.16 -7.99
CA ARG F 200 18.95 25.78 -9.21
C ARG F 200 17.84 26.01 -10.25
N PRO F 201 18.15 26.68 -11.37
CA PRO F 201 17.22 26.99 -12.46
C PRO F 201 16.16 25.95 -12.74
N GLU F 202 16.57 24.78 -13.25
CA GLU F 202 15.63 23.71 -13.56
C GLU F 202 14.72 23.51 -12.36
N GLY F 203 15.31 23.57 -11.17
CA GLY F 203 14.53 23.43 -9.94
C GLY F 203 13.41 24.46 -9.86
N ILE F 204 13.80 25.73 -9.89
CA ILE F 204 12.82 26.81 -9.82
C ILE F 204 11.78 26.74 -10.97
N GLU F 205 12.23 26.47 -12.18
CA GLU F 205 11.29 26.39 -13.31
C GLU F 205 10.13 25.49 -12.92
N HIS F 206 10.46 24.31 -12.40
CA HIS F 206 9.47 23.33 -11.98
C HIS F 206 8.69 23.86 -10.81
N LEU F 207 9.38 24.02 -9.69
CA LEU F 207 8.74 24.53 -8.48
C LEU F 207 7.73 25.61 -8.83
N LEU F 208 8.05 26.45 -9.82
CA LEU F 208 7.13 27.51 -10.21
C LEU F 208 5.97 27.02 -11.06
N LEU F 209 6.24 26.77 -12.32
CA LEU F 209 5.22 26.32 -13.27
C LEU F 209 4.36 25.09 -12.91
N GLU F 210 4.88 24.20 -12.07
CA GLU F 210 4.13 23.01 -11.68
C GLU F 210 3.78 23.01 -10.18
N GLY F 211 4.34 23.97 -9.45
CA GLY F 211 4.07 24.04 -8.03
C GLY F 211 3.27 25.28 -7.70
N LEU F 212 3.90 26.26 -7.06
CA LEU F 212 3.24 27.52 -6.66
C LEU F 212 2.18 28.03 -7.63
N ALA F 213 2.44 27.94 -8.92
CA ALA F 213 1.47 28.42 -9.91
C ALA F 213 0.03 27.96 -9.67
N TYR F 214 -0.16 26.91 -8.89
CA TYR F 214 -1.51 26.42 -8.62
C TYR F 214 -2.10 27.07 -7.39
N CYS F 215 -1.30 27.80 -6.60
CA CYS F 215 -1.81 28.47 -5.40
C CYS F 215 -2.43 29.86 -5.64
N GLN F 216 -3.42 29.96 -6.50
CA GLN F 216 -4.06 31.24 -6.79
C GLN F 216 -4.24 32.16 -5.57
N GLU F 217 -4.38 31.60 -4.38
CA GLU F 217 -4.60 32.41 -3.18
C GLU F 217 -3.36 33.09 -2.64
N LEU F 218 -2.20 32.64 -3.07
CA LEU F 218 -0.89 33.14 -2.62
C LEU F 218 -0.76 34.65 -2.38
N LYS F 219 -0.28 35.00 -1.19
CA LYS F 219 -0.09 36.39 -0.79
C LYS F 219 1.38 36.77 -0.69
N VAL F 220 2.18 35.90 -0.07
CA VAL F 220 3.61 36.12 0.14
C VAL F 220 4.49 34.97 -0.32
N LEU F 221 5.41 35.28 -1.23
CA LEU F 221 6.32 34.28 -1.77
C LEU F 221 7.72 34.80 -1.73
N ASP F 222 8.61 34.05 -1.07
CA ASP F 222 10.02 34.41 -0.97
C ASP F 222 10.89 33.22 -1.41
N LEU F 223 11.67 33.42 -2.48
CA LEU F 223 12.55 32.39 -3.00
C LEU F 223 14.00 32.87 -2.97
N GLN F 224 14.28 33.77 -2.04
CA GLN F 224 15.61 34.36 -1.86
C GLN F 224 16.78 33.38 -1.84
N ASP F 225 17.87 33.82 -2.45
CA ASP F 225 19.13 33.10 -2.52
C ASP F 225 19.07 31.72 -3.14
N ASN F 226 18.44 31.63 -4.30
CA ASN F 226 18.36 30.39 -5.05
C ASN F 226 18.76 30.82 -6.45
N THR F 227 19.54 30.01 -7.16
CA THR F 227 19.94 30.41 -8.50
C THR F 227 18.77 30.30 -9.46
N PHE F 228 18.33 31.43 -10.02
CA PHE F 228 17.20 31.44 -10.96
C PHE F 228 17.68 31.40 -12.41
N THR F 229 18.34 32.48 -12.82
CA THR F 229 18.87 32.70 -14.19
C THR F 229 17.73 32.85 -15.20
N HIS F 230 18.06 32.89 -16.47
CA HIS F 230 17.03 33.09 -17.47
C HIS F 230 15.93 32.04 -17.40
N LEU F 231 16.32 30.79 -17.15
CA LEU F 231 15.33 29.73 -17.09
C LEU F 231 14.34 29.98 -15.95
N GLY F 232 14.86 30.25 -14.77
CA GLY F 232 14.01 30.49 -13.61
C GLY F 232 13.11 31.69 -13.83
N SER F 233 13.68 32.78 -14.31
CA SER F 233 12.94 34.01 -14.57
C SER F 233 11.76 33.77 -15.48
N SER F 234 12.01 33.18 -16.66
CA SER F 234 10.92 32.91 -17.59
C SER F 234 9.78 32.19 -16.90
N ALA F 235 10.11 31.25 -16.02
CA ALA F 235 9.08 30.53 -15.31
C ALA F 235 8.32 31.57 -14.49
N LEU F 236 9.05 32.26 -13.62
CA LEU F 236 8.49 33.30 -12.77
C LEU F 236 7.62 34.26 -13.57
N ALA F 237 8.10 34.65 -14.74
CA ALA F 237 7.34 35.58 -15.57
C ALA F 237 5.98 35.00 -15.87
N ILE F 238 5.96 33.82 -16.43
CA ILE F 238 4.71 33.16 -16.79
C ILE F 238 3.78 33.04 -15.60
N ALA F 239 4.34 32.56 -14.49
CA ALA F 239 3.59 32.36 -13.26
C ALA F 239 3.01 33.58 -12.54
N LEU F 240 3.60 34.75 -12.71
CA LEU F 240 3.07 35.94 -12.03
C LEU F 240 1.57 36.15 -12.17
N LYS F 241 1.05 35.88 -13.37
CA LYS F 241 -0.36 36.08 -13.60
C LYS F 241 -1.22 35.20 -12.70
N SER F 242 -0.60 34.24 -12.03
CA SER F 242 -1.36 33.33 -11.17
C SER F 242 -1.63 33.83 -9.75
N TRP F 243 -0.88 34.82 -9.30
CA TRP F 243 -1.06 35.32 -7.95
C TRP F 243 -1.56 36.79 -7.90
N PRO F 244 -2.88 36.96 -7.96
CA PRO F 244 -3.53 38.27 -7.94
C PRO F 244 -3.31 38.96 -6.64
N ASN F 245 -3.50 38.23 -5.55
CA ASN F 245 -3.36 38.83 -4.25
C ASN F 245 -1.92 38.78 -3.81
N LEU F 246 -1.01 38.84 -4.76
CA LEU F 246 0.40 38.81 -4.38
C LEU F 246 0.66 40.16 -3.72
N ARG F 247 1.41 40.15 -2.64
CA ARG F 247 1.72 41.38 -1.94
C ARG F 247 3.21 41.51 -1.65
N GLU F 248 3.88 40.38 -1.49
CA GLU F 248 5.31 40.39 -1.24
C GLU F 248 6.00 39.41 -2.15
N LEU F 249 6.99 39.90 -2.90
CA LEU F 249 7.74 39.05 -3.80
C LEU F 249 9.20 39.21 -3.48
N GLY F 250 9.80 38.22 -2.81
CA GLY F 250 11.20 38.31 -2.45
C GLY F 250 12.13 37.52 -3.35
N LEU F 251 12.86 38.21 -4.21
CA LEU F 251 13.78 37.56 -5.13
C LEU F 251 15.22 37.97 -4.85
N ASN F 252 15.50 38.47 -3.65
CA ASN F 252 16.86 38.90 -3.38
C ASN F 252 17.89 37.77 -3.53
N ASP F 253 19.00 38.04 -4.21
CA ASP F 253 20.05 37.05 -4.36
C ASP F 253 19.72 35.89 -5.30
N CYS F 254 18.84 36.10 -6.26
CA CYS F 254 18.51 34.97 -7.11
C CYS F 254 19.12 34.89 -8.49
N LEU F 255 20.04 35.81 -8.79
CA LEU F 255 20.69 35.82 -10.09
C LEU F 255 19.67 35.74 -11.25
N LEU F 256 18.58 36.48 -11.13
CA LEU F 256 17.58 36.46 -12.20
C LEU F 256 18.24 36.61 -13.57
N SER F 257 19.32 37.39 -13.63
CA SER F 257 20.08 37.68 -14.85
C SER F 257 19.48 38.89 -15.53
N ALA F 258 20.33 39.70 -16.18
CA ALA F 258 19.88 40.91 -16.87
C ALA F 258 18.67 40.62 -17.75
N ARG F 259 18.76 39.51 -18.47
CA ARG F 259 17.73 39.04 -19.40
C ARG F 259 16.49 38.56 -18.65
N GLY F 260 16.71 37.95 -17.48
CA GLY F 260 15.61 37.45 -16.69
C GLY F 260 14.74 38.56 -16.14
N ALA F 261 15.37 39.44 -15.38
CA ALA F 261 14.67 40.57 -14.80
C ALA F 261 13.92 41.26 -15.92
N ALA F 262 14.62 41.47 -17.04
CA ALA F 262 14.06 42.11 -18.20
C ALA F 262 12.67 41.59 -18.43
N ALA F 263 12.52 40.26 -18.43
CA ALA F 263 11.24 39.60 -18.64
C ALA F 263 10.30 39.71 -17.45
N VAL F 264 10.81 39.41 -16.26
CA VAL F 264 9.98 39.48 -15.07
C VAL F 264 9.33 40.84 -15.03
N VAL F 265 10.12 41.88 -15.24
CA VAL F 265 9.56 43.21 -15.24
C VAL F 265 8.49 43.24 -16.28
N ASP F 266 8.85 42.88 -17.51
CA ASP F 266 7.88 42.88 -18.58
C ASP F 266 6.63 42.15 -18.10
N ALA F 267 6.83 41.02 -17.43
CA ALA F 267 5.73 40.22 -16.87
C ALA F 267 4.75 41.08 -16.05
N PHE F 268 5.27 41.80 -15.05
CA PHE F 268 4.43 42.69 -14.25
C PHE F 268 3.74 43.71 -15.18
N SER F 269 4.51 44.25 -16.13
CA SER F 269 3.98 45.25 -17.04
C SER F 269 2.61 44.88 -17.55
N LYS F 270 2.42 43.59 -17.79
CA LYS F 270 1.15 43.12 -18.33
C LYS F 270 0.08 42.83 -17.29
N LEU F 271 0.49 42.61 -16.04
CA LEU F 271 -0.47 42.33 -14.98
C LEU F 271 -1.40 43.48 -14.86
N GLU F 272 -2.57 43.25 -14.24
CA GLU F 272 -3.55 44.29 -14.05
C GLU F 272 -3.86 44.36 -12.57
N ASN F 273 -4.44 45.47 -12.12
CA ASN F 273 -4.78 45.63 -10.70
C ASN F 273 -3.70 45.07 -9.78
N ILE F 274 -2.47 45.54 -9.97
CA ILE F 274 -1.38 45.06 -9.15
C ILE F 274 -1.44 45.57 -7.72
N GLY F 275 -1.69 44.66 -6.78
CA GLY F 275 -1.76 45.09 -5.40
C GLY F 275 -0.47 44.79 -4.69
N LEU F 276 0.59 44.59 -5.46
CA LEU F 276 1.90 44.29 -4.89
C LEU F 276 2.26 45.36 -3.88
N GLN F 277 2.88 44.97 -2.77
CA GLN F 277 3.22 45.96 -1.73
C GLN F 277 4.68 46.03 -1.34
N THR F 278 5.46 45.05 -1.73
CA THR F 278 6.88 45.02 -1.39
C THR F 278 7.59 44.05 -2.30
N LEU F 279 8.42 44.59 -3.18
CA LEU F 279 9.17 43.83 -4.17
C LEU F 279 10.66 43.87 -3.88
N ARG F 280 11.25 42.70 -3.57
CA ARG F 280 12.69 42.61 -3.29
C ARG F 280 13.46 42.07 -4.50
N LEU F 281 14.22 42.93 -5.16
CA LEU F 281 14.95 42.50 -6.36
C LEU F 281 16.47 42.64 -6.29
N GLN F 282 17.03 42.62 -5.09
CA GLN F 282 18.47 42.75 -4.93
C GLN F 282 19.27 41.72 -5.71
N TYR F 283 20.59 41.94 -5.77
CA TYR F 283 21.57 41.09 -6.45
C TYR F 283 21.10 40.15 -7.56
N ASN F 284 20.53 40.70 -8.63
CA ASN F 284 20.08 39.85 -9.71
C ASN F 284 20.67 40.23 -11.06
N GLU F 285 21.77 41.00 -11.02
CA GLU F 285 22.43 41.45 -12.23
C GLU F 285 21.48 42.28 -13.10
N ILE F 286 20.37 42.75 -12.51
CA ILE F 286 19.39 43.54 -13.26
C ILE F 286 20.06 44.75 -13.89
N GLU F 287 19.88 44.94 -15.19
CA GLU F 287 20.54 46.07 -15.81
C GLU F 287 19.65 47.30 -15.91
N LEU F 288 20.29 48.46 -16.03
CA LEU F 288 19.63 49.76 -16.12
C LEU F 288 18.37 49.78 -16.98
N ASP F 289 18.45 49.31 -18.22
CA ASP F 289 17.29 49.29 -19.14
C ASP F 289 16.04 48.66 -18.52
N ALA F 290 16.24 47.65 -17.67
CA ALA F 290 15.14 46.99 -16.99
C ALA F 290 14.65 47.86 -15.84
N VAL F 291 15.58 48.39 -15.05
CA VAL F 291 15.24 49.26 -13.92
C VAL F 291 14.51 50.48 -14.46
N ARG F 292 14.86 50.89 -15.68
CA ARG F 292 14.18 52.03 -16.30
C ARG F 292 12.69 51.70 -16.41
N THR F 293 12.39 50.57 -17.06
CA THR F 293 11.00 50.14 -17.24
C THR F 293 10.33 49.80 -15.92
N LEU F 294 11.04 49.08 -15.07
CA LEU F 294 10.47 48.73 -13.80
C LEU F 294 9.92 50.00 -13.16
N LYS F 295 10.64 51.11 -13.30
CA LYS F 295 10.17 52.36 -12.70
C LYS F 295 8.80 52.73 -13.19
N THR F 296 8.72 53.08 -14.47
CA THR F 296 7.46 53.48 -15.03
C THR F 296 6.34 52.51 -14.64
N VAL F 297 6.65 51.21 -14.61
CA VAL F 297 5.64 50.21 -14.26
C VAL F 297 5.19 50.40 -12.82
N ILE F 298 6.15 50.54 -11.92
CA ILE F 298 5.85 50.77 -10.52
C ILE F 298 4.97 51.99 -10.39
N ASP F 299 5.29 53.02 -11.18
CA ASP F 299 4.57 54.28 -11.17
C ASP F 299 3.14 54.14 -11.70
N GLU F 300 3.01 53.72 -12.95
CA GLU F 300 1.70 53.55 -13.58
C GLU F 300 0.83 52.43 -12.98
N LYS F 301 1.36 51.22 -12.88
CA LYS F 301 0.55 50.10 -12.41
C LYS F 301 0.72 49.51 -11.01
N MET F 302 1.62 50.04 -10.18
CA MET F 302 1.80 49.47 -8.83
C MET F 302 1.53 50.47 -7.68
N PRO F 303 0.32 51.05 -7.66
CA PRO F 303 -0.07 52.02 -6.65
C PRO F 303 0.14 51.68 -5.19
N ASP F 304 0.33 50.42 -4.83
CA ASP F 304 0.47 50.14 -3.41
C ASP F 304 1.88 49.84 -2.95
N LEU F 305 2.84 49.87 -3.86
CA LEU F 305 4.22 49.57 -3.52
C LEU F 305 4.77 50.41 -2.36
N LEU F 306 5.23 49.75 -1.31
CA LEU F 306 5.77 50.46 -0.16
C LEU F 306 7.26 50.20 -0.05
N PHE F 307 7.73 49.09 -0.59
CA PHE F 307 9.16 48.78 -0.51
C PHE F 307 9.74 48.27 -1.80
N LEU F 308 10.92 48.76 -2.15
CA LEU F 308 11.61 48.30 -3.35
C LEU F 308 13.03 48.01 -2.93
N GLU F 309 13.72 47.14 -3.67
CA GLU F 309 15.10 46.80 -3.32
C GLU F 309 15.89 46.39 -4.56
N LEU F 310 16.79 47.26 -5.02
CA LEU F 310 17.57 46.98 -6.21
C LEU F 310 19.06 46.97 -5.92
N ASN F 311 19.41 47.21 -4.66
CA ASN F 311 20.81 47.23 -4.27
C ASN F 311 21.54 45.99 -4.71
N GLY F 312 22.70 46.17 -5.34
CA GLY F 312 23.50 45.02 -5.78
C GLY F 312 23.49 44.68 -7.26
N ASN F 313 22.59 45.26 -8.04
CA ASN F 313 22.53 44.92 -9.46
C ASN F 313 23.57 45.59 -10.36
N ARG F 314 23.33 45.56 -11.68
CA ARG F 314 24.26 46.12 -12.64
C ARG F 314 23.87 47.49 -13.22
N PHE F 315 23.83 48.51 -12.38
CA PHE F 315 23.50 49.84 -12.83
C PHE F 315 23.96 50.78 -11.74
N SER F 316 24.64 51.84 -12.14
CA SER F 316 25.21 52.84 -11.22
C SER F 316 24.22 53.46 -10.23
N GLU F 317 24.69 53.63 -8.99
CA GLU F 317 23.88 54.23 -7.93
C GLU F 317 23.51 55.65 -8.33
N GLU F 318 24.23 56.19 -9.31
CA GLU F 318 24.02 57.54 -9.81
C GLU F 318 22.87 57.64 -10.81
N ASP F 319 22.95 56.84 -11.88
CA ASP F 319 21.96 56.80 -12.96
C ASP F 319 20.60 57.42 -12.66
N ASP F 320 20.15 58.25 -13.59
CA ASP F 320 18.89 58.98 -13.51
C ASP F 320 17.75 58.23 -12.83
N VAL F 321 17.39 57.08 -13.39
CA VAL F 321 16.30 56.25 -12.89
C VAL F 321 16.15 56.22 -11.38
N VAL F 322 17.26 56.08 -10.66
CA VAL F 322 17.21 56.03 -9.21
C VAL F 322 16.38 57.19 -8.68
N ASP F 323 16.88 58.41 -8.86
CA ASP F 323 16.18 59.60 -8.40
C ASP F 323 14.73 59.61 -8.89
N GLU F 324 14.51 59.21 -10.14
CA GLU F 324 13.16 59.16 -10.69
C GLU F 324 12.25 58.24 -9.89
N ILE F 325 12.81 57.15 -9.38
CA ILE F 325 12.07 56.18 -8.56
C ILE F 325 11.81 56.79 -7.19
N ARG F 326 12.87 57.27 -6.54
CA ARG F 326 12.77 57.90 -5.23
C ARG F 326 11.75 59.01 -5.35
N GLU F 327 11.77 59.69 -6.48
CA GLU F 327 10.85 60.79 -6.73
C GLU F 327 9.39 60.32 -6.74
N VAL F 328 9.13 59.22 -7.44
CA VAL F 328 7.78 58.66 -7.54
C VAL F 328 7.14 58.44 -6.17
N PHE F 329 7.90 57.86 -5.24
CA PHE F 329 7.38 57.62 -3.91
C PHE F 329 7.17 58.93 -3.16
N SER F 330 8.02 59.94 -3.43
CA SER F 330 7.92 61.25 -2.76
C SER F 330 6.60 61.90 -3.12
N THR F 331 6.33 62.01 -4.42
CA THR F 331 5.10 62.61 -4.89
C THR F 331 3.89 61.92 -4.30
N ARG F 332 4.01 60.60 -4.12
CA ARG F 332 2.93 59.77 -3.57
C ARG F 332 2.79 59.93 -2.08
N GLY F 333 3.93 60.08 -1.41
CA GLY F 333 3.94 60.22 0.03
C GLY F 333 4.09 58.86 0.66
N ARG F 334 4.06 57.83 -0.17
CA ARG F 334 4.18 56.47 0.30
C ARG F 334 5.08 55.69 -0.67
N GLY F 335 6.21 55.21 -0.15
CA GLY F 335 7.13 54.46 -0.98
C GLY F 335 8.46 54.40 -0.27
N GLU F 336 9.44 53.69 -0.84
CA GLU F 336 10.75 53.58 -0.20
C GLU F 336 11.72 52.69 -0.93
N LEU F 337 12.74 53.29 -1.56
CA LEU F 337 13.77 52.53 -2.27
C LEU F 337 14.86 52.24 -1.25
N ASP F 338 15.60 51.15 -1.43
CA ASP F 338 16.65 50.82 -0.46
C ASP F 338 17.93 51.58 -0.80
N GLU F 339 18.95 51.44 0.03
CA GLU F 339 20.23 52.12 -0.19
C GLU F 339 21.10 51.30 -1.13
N LEU F 340 21.43 51.87 -2.30
CA LEU F 340 22.24 51.12 -3.28
C LEU F 340 23.76 51.21 -3.06
N ASP F 341 24.23 50.84 -1.89
CA ASP F 341 25.66 50.92 -1.60
C ASP F 341 26.52 49.75 -1.99
N ASP F 342 26.18 49.03 -3.05
CA ASP F 342 27.00 47.87 -3.43
C ASP F 342 26.84 47.37 -4.84
N MET F 343 26.43 48.23 -5.76
CA MET F 343 26.24 47.82 -7.17
C MET F 343 27.37 46.97 -7.75
N GLU F 344 27.01 46.01 -8.60
CA GLU F 344 27.96 45.10 -9.23
C GLU F 344 28.71 45.82 -10.35
N GLU F 345 29.86 45.25 -10.71
CA GLU F 345 30.73 45.81 -11.74
C GLU F 345 31.31 47.12 -11.28
N GLN G 8 0.79 -34.78 82.83
CA GLN G 8 1.27 -34.36 81.48
C GLN G 8 1.98 -35.54 80.80
N VAL G 9 1.21 -36.28 80.02
CA VAL G 9 1.69 -37.44 79.27
C VAL G 9 2.14 -37.05 77.87
N GLN G 10 3.28 -37.58 77.46
CA GLN G 10 3.82 -37.29 76.12
C GLN G 10 3.94 -38.51 75.21
N PHE G 11 3.52 -38.36 73.97
CA PHE G 11 3.61 -39.47 73.03
C PHE G 11 4.40 -39.06 71.79
N LYS G 12 5.27 -39.94 71.31
CA LYS G 12 6.05 -39.61 70.11
C LYS G 12 5.37 -40.21 68.91
N LEU G 13 4.71 -39.39 68.12
CA LEU G 13 4.04 -39.87 66.93
C LEU G 13 4.81 -39.51 65.68
N VAL G 14 5.09 -40.53 64.86
CA VAL G 14 5.83 -40.33 63.63
C VAL G 14 4.90 -40.13 62.44
N LEU G 15 4.95 -38.95 61.82
CA LEU G 15 4.13 -38.69 60.65
C LEU G 15 5.04 -38.93 59.45
N VAL G 16 4.65 -39.88 58.61
CA VAL G 16 5.46 -40.26 57.47
C VAL G 16 4.64 -40.43 56.22
N GLY G 17 5.28 -40.43 55.06
CA GLY G 17 4.53 -40.61 53.83
C GLY G 17 5.14 -39.92 52.62
N ASP G 18 4.66 -40.24 51.42
CA ASP G 18 5.19 -39.61 50.22
C ASP G 18 5.04 -38.09 50.28
N GLY G 19 5.97 -37.39 49.63
CA GLY G 19 5.93 -35.94 49.64
C GLY G 19 4.80 -35.29 48.87
N GLY G 20 4.37 -34.14 49.36
CA GLY G 20 3.29 -33.41 48.76
C GLY G 20 1.94 -34.05 49.03
N THR G 21 1.83 -34.78 50.13
CA THR G 21 0.56 -35.43 50.43
C THR G 21 -0.27 -34.65 51.45
N GLY G 22 0.39 -34.10 52.46
CA GLY G 22 -0.34 -33.33 53.44
C GLY G 22 0.22 -33.37 54.85
N LYS G 23 1.24 -34.17 55.09
CA LYS G 23 1.78 -34.25 56.44
C LYS G 23 1.85 -32.91 57.16
N THR G 24 2.63 -31.97 56.63
CA THR G 24 2.74 -30.66 57.29
C THR G 24 1.40 -29.92 57.28
N THR G 25 0.76 -29.78 56.11
CA THR G 25 -0.53 -29.09 56.03
C THR G 25 -1.43 -29.54 57.18
N PHE G 26 -1.52 -30.86 57.31
CA PHE G 26 -2.32 -31.49 58.34
C PHE G 26 -1.89 -31.02 59.71
N VAL G 27 -0.62 -31.27 60.03
CA VAL G 27 -0.07 -30.86 61.31
C VAL G 27 -0.26 -29.36 61.56
N LYS G 28 -0.04 -28.56 60.52
CA LYS G 28 -0.17 -27.11 60.63
C LYS G 28 -1.58 -26.79 61.13
N ARG G 29 -2.57 -27.13 60.32
CA ARG G 29 -3.95 -26.89 60.69
C ARG G 29 -4.22 -27.25 62.14
N HIS G 30 -3.67 -28.38 62.58
CA HIS G 30 -3.88 -28.81 63.93
C HIS G 30 -3.27 -27.95 64.99
N LEU G 31 -2.49 -26.95 64.62
CA LEU G 31 -1.92 -26.09 65.64
C LEU G 31 -2.09 -24.61 65.35
N THR G 32 -2.86 -24.30 64.31
CA THR G 32 -3.13 -22.91 63.94
C THR G 32 -4.53 -22.79 63.37
N GLY G 33 -5.01 -23.88 62.79
CA GLY G 33 -6.33 -23.88 62.21
C GLY G 33 -6.25 -23.46 60.78
N GLU G 34 -5.12 -22.87 60.40
CA GLU G 34 -4.91 -22.40 59.04
C GLU G 34 -4.78 -23.53 58.03
N PHE G 35 -5.28 -23.29 56.82
CA PHE G 35 -5.12 -24.29 55.78
C PHE G 35 -4.00 -23.83 54.87
N GLU G 36 -2.77 -24.24 55.19
CA GLU G 36 -1.63 -23.86 54.37
C GLU G 36 -1.80 -24.44 52.97
N LYS G 37 -2.10 -23.56 52.02
CA LYS G 37 -2.28 -23.97 50.64
C LYS G 37 -0.97 -23.98 49.85
N LYS G 38 0.09 -23.40 50.43
CA LYS G 38 1.38 -23.34 49.74
C LYS G 38 2.18 -24.59 50.04
N TYR G 39 2.70 -25.21 48.99
CA TYR G 39 3.48 -26.42 49.17
C TYR G 39 4.93 -26.13 49.45
N VAL G 40 5.34 -26.24 50.71
CA VAL G 40 6.74 -26.01 51.03
C VAL G 40 7.39 -27.23 51.66
N ALA G 41 8.12 -27.97 50.84
CA ALA G 41 8.81 -29.18 51.28
C ALA G 41 9.46 -29.09 52.66
N THR G 42 9.23 -30.10 53.48
CA THR G 42 9.76 -30.16 54.84
C THR G 42 11.16 -30.76 54.90
N LEU G 43 12.22 -29.96 54.85
CA LEU G 43 13.54 -30.59 54.89
C LEU G 43 13.87 -31.33 56.18
N GLY G 44 14.21 -32.62 56.06
CA GLY G 44 14.56 -33.42 57.22
C GLY G 44 13.38 -33.80 58.10
N VAL G 45 13.29 -33.16 59.27
CA VAL G 45 12.19 -33.44 60.18
C VAL G 45 11.92 -32.26 61.10
N GLU G 46 10.65 -31.90 61.25
CA GLU G 46 10.27 -30.80 62.14
C GLU G 46 9.41 -31.38 63.26
N VAL G 47 9.82 -31.21 64.50
CA VAL G 47 9.00 -31.72 65.59
C VAL G 47 8.00 -30.66 66.09
N HIS G 48 6.72 -30.89 65.80
CA HIS G 48 5.64 -30.00 66.24
C HIS G 48 4.82 -30.69 67.32
N PRO G 49 4.62 -30.04 68.47
CA PRO G 49 3.84 -30.65 69.55
C PRO G 49 2.38 -30.15 69.59
N LEU G 50 1.46 -31.09 69.77
CA LEU G 50 0.04 -30.78 69.86
C LEU G 50 -0.49 -31.35 71.16
N VAL G 51 -1.31 -30.58 71.87
CA VAL G 51 -1.89 -31.03 73.12
C VAL G 51 -3.38 -31.15 72.93
N PHE G 52 -3.98 -32.13 73.59
CA PHE G 52 -5.40 -32.36 73.49
C PHE G 52 -5.88 -32.61 74.89
N HIS G 53 -7.12 -32.24 75.17
CA HIS G 53 -7.67 -32.49 76.50
C HIS G 53 -8.72 -33.56 76.43
N THR G 54 -8.57 -34.55 77.30
CA THR G 54 -9.50 -35.68 77.33
C THR G 54 -10.13 -35.83 78.70
N ASN G 55 -11.07 -36.75 78.79
CA ASN G 55 -11.75 -37.03 80.04
C ASN G 55 -10.76 -37.68 81.00
N ARG G 56 -9.55 -37.96 80.52
CA ARG G 56 -8.52 -38.57 81.36
C ARG G 56 -7.30 -37.67 81.47
N GLY G 57 -7.52 -36.38 81.34
CA GLY G 57 -6.42 -35.46 81.46
C GLY G 57 -5.87 -35.01 80.14
N PRO G 58 -4.94 -34.04 80.15
CA PRO G 58 -4.36 -33.54 78.90
C PRO G 58 -3.19 -34.40 78.45
N ILE G 59 -3.12 -34.66 77.16
CA ILE G 59 -2.04 -35.47 76.62
C ILE G 59 -1.35 -34.69 75.53
N LYS G 60 -0.05 -34.94 75.34
CA LYS G 60 0.70 -34.22 74.32
C LYS G 60 1.35 -35.11 73.29
N PHE G 61 0.93 -34.94 72.04
CA PHE G 61 1.49 -35.69 70.95
C PHE G 61 2.67 -34.90 70.42
N ASN G 62 3.85 -35.52 70.35
CA ASN G 62 4.99 -34.82 69.76
C ASN G 62 5.06 -35.30 68.30
N VAL G 63 4.28 -34.69 67.41
CA VAL G 63 4.27 -35.07 66.00
C VAL G 63 5.62 -34.86 65.32
N TRP G 64 6.30 -35.94 64.96
CA TRP G 64 7.57 -35.81 64.27
C TRP G 64 7.25 -35.83 62.78
N ASP G 65 7.07 -34.64 62.22
CA ASP G 65 6.77 -34.49 60.81
C ASP G 65 8.04 -34.82 59.99
N THR G 66 7.96 -35.81 59.08
CA THR G 66 9.14 -36.18 58.29
C THR G 66 9.06 -35.77 56.84
N ALA G 67 10.19 -35.94 56.14
CA ALA G 67 10.30 -35.59 54.72
C ALA G 67 10.07 -36.78 53.78
N GLY G 68 9.09 -36.64 52.88
CA GLY G 68 8.79 -37.73 51.97
C GLY G 68 9.70 -38.04 50.78
N GLN G 69 10.93 -37.56 50.80
CA GLN G 69 11.83 -37.85 49.70
C GLN G 69 12.79 -38.92 50.19
N GLU G 70 13.31 -38.68 51.38
CA GLU G 70 14.25 -39.58 52.03
C GLU G 70 13.93 -41.04 51.82
N LYS G 71 14.76 -41.73 51.04
CA LYS G 71 14.51 -43.15 50.78
C LYS G 71 14.45 -43.89 52.12
N PHE G 72 13.54 -44.87 52.20
CA PHE G 72 13.39 -45.67 53.40
C PHE G 72 14.67 -46.45 53.62
N GLY G 73 15.11 -46.54 54.87
CA GLY G 73 16.33 -47.26 55.18
C GLY G 73 16.78 -46.97 56.59
N GLY G 74 17.97 -47.45 56.95
CA GLY G 74 18.48 -47.21 58.29
C GLY G 74 18.79 -45.75 58.54
N LEU G 75 19.03 -45.01 57.47
CA LEU G 75 19.33 -43.60 57.62
C LEU G 75 18.18 -42.84 58.25
N ARG G 76 17.02 -43.48 58.29
CA ARG G 76 15.83 -42.85 58.87
C ARG G 76 15.62 -43.26 60.32
N ASP G 77 16.27 -44.34 60.75
CA ASP G 77 16.12 -44.86 62.11
C ASP G 77 15.85 -43.82 63.18
N GLY G 78 16.56 -42.70 63.14
CA GLY G 78 16.34 -41.66 64.14
C GLY G 78 14.90 -41.28 64.42
N TYR G 79 14.11 -41.06 63.36
CA TYR G 79 12.72 -40.68 63.52
C TYR G 79 11.93 -41.76 64.20
N TYR G 80 12.03 -42.95 63.64
CA TYR G 80 11.32 -44.12 64.12
C TYR G 80 11.58 -44.52 65.58
N ILE G 81 12.85 -44.57 65.97
CA ILE G 81 13.25 -44.94 67.33
C ILE G 81 12.32 -44.39 68.39
N GLN G 82 12.15 -45.17 69.44
CA GLN G 82 11.28 -44.84 70.57
C GLN G 82 9.95 -44.17 70.25
N ALA G 83 9.48 -44.32 69.02
CA ALA G 83 8.17 -43.75 68.67
C ALA G 83 7.17 -44.58 69.47
N GLN G 84 5.91 -44.17 69.46
CA GLN G 84 4.91 -44.90 70.23
C GLN G 84 3.62 -44.97 69.46
N CYS G 85 3.69 -44.45 68.24
CA CYS G 85 2.55 -44.42 67.36
C CYS G 85 3.02 -43.71 66.10
N ALA G 86 2.18 -43.67 65.08
CA ALA G 86 2.57 -43.01 63.85
C ALA G 86 1.38 -42.88 62.91
N ILE G 87 1.54 -42.06 61.89
CA ILE G 87 0.50 -41.84 60.89
C ILE G 87 1.17 -41.91 59.54
N ILE G 88 0.64 -42.74 58.65
CA ILE G 88 1.19 -42.86 57.32
C ILE G 88 0.20 -42.14 56.46
N MET G 89 0.69 -41.23 55.61
CA MET G 89 -0.24 -40.49 54.79
C MET G 89 0.01 -40.65 53.30
N PHE G 90 -1.08 -40.59 52.52
CA PHE G 90 -0.98 -40.69 51.08
C PHE G 90 -2.12 -39.90 50.44
N ASP G 91 -1.88 -39.45 49.21
CA ASP G 91 -2.86 -38.64 48.50
C ASP G 91 -3.86 -39.44 47.69
N VAL G 92 -5.10 -39.37 48.13
CA VAL G 92 -6.21 -40.03 47.46
C VAL G 92 -6.27 -39.76 45.95
N THR G 93 -5.59 -38.72 45.47
CA THR G 93 -5.59 -38.43 44.02
C THR G 93 -4.30 -38.89 43.35
N SER G 94 -3.44 -39.56 44.11
CA SER G 94 -2.19 -40.05 43.59
C SER G 94 -2.04 -41.55 43.80
N ARG G 95 -2.33 -42.36 42.77
CA ARG G 95 -2.17 -43.79 42.94
C ARG G 95 -0.73 -44.08 43.37
N VAL G 96 0.22 -43.44 42.69
CA VAL G 96 1.61 -43.62 43.03
C VAL G 96 1.88 -43.41 44.53
N THR G 97 1.16 -42.48 45.13
CA THR G 97 1.39 -42.18 46.54
C THR G 97 0.89 -43.26 47.49
N TYR G 98 -0.18 -43.93 47.06
CA TYR G 98 -0.77 -45.01 47.83
C TYR G 98 0.08 -46.27 47.68
N LYS G 99 0.50 -46.57 46.44
CA LYS G 99 1.32 -47.73 46.17
C LYS G 99 2.55 -47.72 47.06
N ASN G 100 2.93 -46.56 47.57
CA ASN G 100 4.11 -46.47 48.41
C ASN G 100 3.85 -46.73 49.89
N VAL G 101 2.58 -46.70 50.29
CA VAL G 101 2.25 -46.94 51.69
C VAL G 101 2.99 -48.15 52.27
N PRO G 102 2.93 -49.30 51.57
CA PRO G 102 3.59 -50.54 52.01
C PRO G 102 5.03 -50.33 52.44
N ASN G 103 5.79 -49.59 51.65
CA ASN G 103 7.18 -49.34 52.01
C ASN G 103 7.30 -48.50 53.28
N TRP G 104 6.45 -47.48 53.40
CA TRP G 104 6.48 -46.65 54.59
C TRP G 104 6.17 -47.57 55.75
N HIS G 105 5.06 -48.29 55.65
CA HIS G 105 4.74 -49.23 56.71
C HIS G 105 5.61 -50.44 56.49
N ARG G 106 6.81 -50.40 57.06
CA ARG G 106 7.75 -51.50 56.94
C ARG G 106 9.04 -50.90 57.40
N ASP G 107 9.42 -49.81 56.74
CA ASP G 107 10.62 -49.12 57.12
C ASP G 107 10.28 -48.61 58.51
N LEU G 108 8.98 -48.53 58.78
CA LEU G 108 8.48 -48.07 60.07
C LEU G 108 8.40 -49.22 61.09
N VAL G 109 7.71 -50.30 60.74
CA VAL G 109 7.58 -51.44 61.65
C VAL G 109 8.87 -52.24 61.81
N ARG G 110 9.95 -51.78 61.19
CA ARG G 110 11.21 -52.49 61.30
C ARG G 110 11.88 -52.13 62.60
N VAL G 111 11.58 -50.95 63.13
CA VAL G 111 12.21 -50.54 64.38
C VAL G 111 11.17 -50.44 65.50
N CYS G 112 9.91 -50.28 65.12
CA CYS G 112 8.85 -50.16 66.10
C CYS G 112 8.06 -51.44 66.31
N GLU G 113 8.13 -52.35 65.35
CA GLU G 113 7.43 -53.63 65.40
C GLU G 113 5.94 -53.51 65.67
N ASN G 114 5.57 -53.38 66.94
CA ASN G 114 4.18 -53.30 67.30
C ASN G 114 3.72 -51.95 67.86
N ILE G 115 3.20 -51.07 67.01
CA ILE G 115 2.71 -49.76 67.46
C ILE G 115 1.51 -49.30 66.63
N PRO G 116 0.58 -48.58 67.27
CA PRO G 116 -0.63 -48.07 66.61
C PRO G 116 -0.27 -47.22 65.43
N ILE G 117 -0.97 -47.41 64.32
CA ILE G 117 -0.68 -46.66 63.11
C ILE G 117 -1.97 -46.38 62.37
N VAL G 118 -2.22 -45.13 62.03
CA VAL G 118 -3.44 -44.84 61.29
C VAL G 118 -3.07 -44.41 59.86
N LEU G 119 -3.70 -45.05 58.89
CA LEU G 119 -3.43 -44.76 57.50
C LEU G 119 -4.42 -43.69 57.06
N CYS G 120 -3.88 -42.59 56.52
CA CYS G 120 -4.74 -41.50 56.08
C CYS G 120 -4.66 -41.19 54.60
N GLY G 121 -5.82 -41.23 53.96
CA GLY G 121 -5.89 -40.92 52.54
C GLY G 121 -6.35 -39.48 52.54
N ASN G 122 -5.41 -38.56 52.39
CA ASN G 122 -5.76 -37.16 52.42
C ASN G 122 -6.28 -36.60 51.11
N LYS G 123 -6.77 -35.36 51.17
CA LYS G 123 -7.31 -34.65 50.03
C LYS G 123 -8.49 -35.40 49.41
N VAL G 124 -9.35 -35.95 50.25
CA VAL G 124 -10.53 -36.67 49.75
C VAL G 124 -11.51 -35.64 49.22
N ASP G 125 -11.19 -34.38 49.45
CA ASP G 125 -12.05 -33.31 48.99
C ASP G 125 -11.95 -33.10 47.49
N ILE G 126 -10.81 -33.46 46.89
CA ILE G 126 -10.63 -33.29 45.46
C ILE G 126 -11.64 -34.07 44.62
N LYS G 127 -12.13 -33.43 43.57
CA LYS G 127 -13.10 -34.02 42.66
C LYS G 127 -12.65 -35.35 42.07
N ASP G 128 -11.79 -35.31 41.05
CA ASP G 128 -11.31 -36.52 40.40
C ASP G 128 -10.45 -37.39 41.33
N ARG G 129 -11.11 -38.23 42.12
CA ARG G 129 -10.44 -39.12 43.07
C ARG G 129 -9.90 -40.39 42.40
N LYS G 130 -8.75 -40.89 42.87
CA LYS G 130 -8.17 -42.09 42.26
C LYS G 130 -8.24 -43.33 43.15
N VAL G 131 -7.78 -43.21 44.39
CA VAL G 131 -7.80 -44.32 45.33
C VAL G 131 -9.10 -44.21 46.11
N LYS G 132 -10.12 -44.94 45.67
CA LYS G 132 -11.44 -44.90 46.30
C LYS G 132 -11.52 -45.65 47.63
N ALA G 133 -12.51 -45.29 48.42
CA ALA G 133 -12.75 -45.88 49.73
C ALA G 133 -12.67 -47.41 49.73
N LYS G 134 -13.43 -48.03 48.84
CA LYS G 134 -13.47 -49.48 48.72
C LYS G 134 -12.05 -50.05 48.69
N SER G 135 -11.46 -50.04 47.50
CA SER G 135 -10.11 -50.55 47.27
C SER G 135 -9.12 -50.55 48.42
N ILE G 136 -9.20 -49.62 49.36
CA ILE G 136 -8.23 -49.63 50.47
C ILE G 136 -8.33 -50.92 51.28
N VAL G 137 -7.27 -51.72 51.25
CA VAL G 137 -7.26 -52.99 51.99
C VAL G 137 -6.08 -53.10 52.93
N PHE G 138 -4.92 -52.62 52.49
CA PHE G 138 -3.70 -52.68 53.28
C PHE G 138 -3.86 -52.64 54.81
N HIS G 139 -4.80 -51.85 55.33
CA HIS G 139 -4.97 -51.78 56.77
C HIS G 139 -5.48 -53.11 57.34
N ARG G 140 -6.28 -53.84 56.57
CA ARG G 140 -6.80 -55.16 57.00
C ARG G 140 -5.64 -56.16 57.21
N LYS G 141 -4.71 -56.17 56.26
CA LYS G 141 -3.57 -57.08 56.31
C LYS G 141 -2.41 -56.70 57.22
N LYS G 142 -2.41 -55.48 57.74
CA LYS G 142 -1.31 -55.06 58.60
C LYS G 142 -1.69 -54.46 59.95
N ASN G 143 -2.95 -54.61 60.34
CA ASN G 143 -3.44 -54.09 61.61
C ASN G 143 -3.26 -52.58 61.79
N LEU G 144 -3.91 -51.81 60.91
CA LEU G 144 -3.86 -50.36 60.94
C LEU G 144 -5.27 -49.83 61.02
N GLN G 145 -5.41 -48.59 61.46
CA GLN G 145 -6.73 -47.97 61.49
C GLN G 145 -6.69 -47.14 60.22
N TYR G 146 -7.83 -46.91 59.58
CA TYR G 146 -7.80 -46.12 58.37
C TYR G 146 -8.81 -44.99 58.35
N TYR G 147 -8.43 -43.86 57.76
CA TYR G 147 -9.33 -42.72 57.70
C TYR G 147 -9.17 -41.88 56.44
N ASP G 148 -10.29 -41.58 55.79
CA ASP G 148 -10.29 -40.71 54.62
C ASP G 148 -10.22 -39.37 55.34
N ILE G 149 -9.45 -38.43 54.84
CA ILE G 149 -9.38 -37.14 55.50
C ILE G 149 -9.13 -36.04 54.52
N SER G 150 -9.30 -34.80 54.98
CA SER G 150 -9.04 -33.64 54.15
C SER G 150 -8.56 -32.49 54.98
N ALA G 151 -7.27 -32.25 54.99
CA ALA G 151 -6.76 -31.14 55.75
C ALA G 151 -7.54 -29.90 55.36
N LYS G 152 -8.03 -29.89 54.13
CA LYS G 152 -8.76 -28.75 53.62
C LYS G 152 -10.17 -28.57 54.16
N SER G 153 -10.96 -29.64 54.10
CA SER G 153 -12.34 -29.56 54.58
C SER G 153 -12.46 -30.03 56.02
N ASN G 154 -11.34 -30.45 56.60
CA ASN G 154 -11.32 -30.95 57.97
C ASN G 154 -12.02 -32.31 58.17
N TYR G 155 -12.55 -32.88 57.09
CA TYR G 155 -13.24 -34.17 57.18
C TYR G 155 -12.36 -35.17 57.93
N ASN G 156 -12.84 -35.60 59.09
CA ASN G 156 -12.13 -36.58 59.93
C ASN G 156 -10.78 -36.09 60.42
N PHE G 157 -10.47 -34.81 60.18
CA PHE G 157 -9.17 -34.27 60.56
C PHE G 157 -8.71 -34.49 62.00
N GLU G 158 -9.60 -34.95 62.87
CA GLU G 158 -9.21 -35.17 64.25
C GLU G 158 -9.31 -36.60 64.68
N LYS G 159 -9.83 -37.46 63.81
CA LYS G 159 -9.98 -38.86 64.16
C LYS G 159 -8.64 -39.52 64.46
N PRO G 160 -7.65 -39.36 63.55
CA PRO G 160 -6.33 -39.97 63.76
C PRO G 160 -5.81 -39.82 65.19
N PHE G 161 -5.71 -38.59 65.70
CA PHE G 161 -5.19 -38.40 67.05
C PHE G 161 -6.12 -39.06 68.07
N LEU G 162 -7.43 -38.87 67.87
CA LEU G 162 -8.42 -39.43 68.76
C LEU G 162 -8.25 -40.92 68.88
N TRP G 163 -8.02 -41.58 67.75
CA TRP G 163 -7.80 -43.02 67.76
C TRP G 163 -6.59 -43.35 68.63
N LEU G 164 -5.40 -43.23 68.06
CA LEU G 164 -4.15 -43.47 68.78
C LEU G 164 -4.24 -43.15 70.28
N ALA G 165 -4.91 -42.06 70.61
CA ALA G 165 -5.06 -41.66 72.00
C ALA G 165 -5.81 -42.77 72.73
N ARG G 166 -6.94 -43.17 72.18
CA ARG G 166 -7.71 -44.23 72.78
C ARG G 166 -6.88 -45.51 72.89
N LYS G 167 -6.18 -45.84 71.81
CA LYS G 167 -5.38 -47.04 71.81
C LYS G 167 -4.26 -46.97 72.82
N LEU G 168 -3.56 -45.85 72.86
CA LEU G 168 -2.44 -45.69 73.77
C LEU G 168 -2.90 -45.63 75.22
N ILE G 169 -3.90 -44.80 75.48
CA ILE G 169 -4.44 -44.62 76.82
C ILE G 169 -5.20 -45.87 77.28
N GLY G 170 -5.69 -46.64 76.30
CA GLY G 170 -6.44 -47.84 76.60
C GLY G 170 -7.83 -47.57 77.15
N ASP G 171 -8.56 -46.67 76.50
CA ASP G 171 -9.92 -46.33 76.94
C ASP G 171 -10.81 -46.11 75.73
N PRO G 172 -11.30 -47.20 75.14
CA PRO G 172 -12.18 -47.17 73.97
C PRO G 172 -13.06 -45.94 73.88
N ASN G 173 -13.52 -45.44 75.03
CA ASN G 173 -14.40 -44.30 75.03
C ASN G 173 -13.78 -42.98 75.43
N LEU G 174 -12.50 -42.80 75.11
CA LEU G 174 -11.83 -41.56 75.45
C LEU G 174 -12.31 -40.49 74.48
N GLU G 175 -12.47 -39.27 74.98
CA GLU G 175 -12.88 -38.19 74.10
C GLU G 175 -12.33 -36.83 74.49
N PHE G 176 -12.16 -36.00 73.46
CA PHE G 176 -11.65 -34.65 73.66
C PHE G 176 -12.70 -33.86 74.45
N VAL G 177 -12.24 -32.92 75.26
CA VAL G 177 -13.14 -32.13 76.07
C VAL G 177 -12.67 -30.71 76.34
N ALA G 178 -13.57 -29.75 76.16
CA ALA G 178 -13.27 -28.35 76.40
C ALA G 178 -11.80 -28.00 76.19
N MET G 179 -11.23 -27.32 77.18
CA MET G 179 -9.83 -26.87 77.21
C MET G 179 -9.85 -25.66 78.13
N PRO G 180 -9.26 -25.78 79.33
CA PRO G 180 -9.28 -24.64 80.24
C PRO G 180 -8.93 -23.32 79.57
N ALA G 181 -9.87 -22.37 79.62
CA ALA G 181 -9.68 -21.04 79.03
C ALA G 181 -9.23 -20.10 80.10
N LEU G 182 -7.91 -19.96 80.24
CA LEU G 182 -7.35 -19.10 81.27
C LEU G 182 -7.69 -17.62 81.05
N ALA G 183 -7.37 -16.82 82.05
CA ALA G 183 -7.64 -15.40 81.99
C ALA G 183 -6.62 -14.70 81.11
N PRO G 184 -7.08 -14.04 80.04
CA PRO G 184 -6.15 -13.33 79.16
C PRO G 184 -5.42 -12.29 80.01
N PRO G 185 -4.10 -12.18 79.86
CA PRO G 185 -3.33 -11.21 80.64
C PRO G 185 -3.89 -9.77 80.65
N GLU G 186 -3.38 -8.96 81.59
CA GLU G 186 -3.77 -7.56 81.80
C GLU G 186 -4.52 -6.81 80.70
N VAL G 187 -3.76 -6.19 79.80
CA VAL G 187 -4.29 -5.40 78.67
C VAL G 187 -4.48 -3.94 79.07
N VAL G 188 -3.38 -3.19 79.09
CA VAL G 188 -3.39 -1.78 79.45
C VAL G 188 -2.75 -0.95 78.34
N MET G 189 -1.70 -0.23 78.68
CA MET G 189 -0.95 0.61 77.73
C MET G 189 -1.82 1.40 76.76
N ASP G 190 -1.17 2.16 75.86
CA ASP G 190 -1.89 2.98 74.88
C ASP G 190 -1.00 3.89 74.01
N PRO G 191 -0.05 4.62 74.63
CA PRO G 191 0.85 5.54 73.91
C PRO G 191 1.39 5.06 72.57
N ALA G 192 2.71 4.91 72.48
CA ALA G 192 3.35 4.45 71.25
C ALA G 192 2.89 3.02 71.00
N LEU G 193 2.44 2.38 72.07
CA LEU G 193 1.95 1.01 72.02
C LEU G 193 0.59 0.92 71.32
N ALA G 194 0.32 1.91 70.46
CA ALA G 194 -0.93 1.96 69.71
C ALA G 194 -0.84 3.05 68.65
N ALA G 195 -1.99 3.39 68.06
CA ALA G 195 -2.10 4.40 67.00
C ALA G 195 -1.84 3.78 65.64
N GLN G 196 -0.64 3.27 65.42
CA GLN G 196 -0.28 2.63 64.15
C GLN G 196 -0.97 1.28 64.00
N TYR G 197 -1.88 0.99 64.93
CA TYR G 197 -2.65 -0.24 64.91
C TYR G 197 -3.84 -0.04 63.99
N GLU G 198 -4.48 1.12 64.13
CA GLU G 198 -5.63 1.48 63.31
C GLU G 198 -5.21 1.45 61.84
N HIS G 199 -3.94 1.73 61.61
CA HIS G 199 -3.38 1.72 60.26
C HIS G 199 -3.50 0.34 59.64
N ASP G 200 -3.20 -0.70 60.42
CA ASP G 200 -3.27 -2.08 59.94
C ASP G 200 -4.69 -2.63 60.03
N LEU G 201 -5.42 -2.18 61.04
CA LEU G 201 -6.81 -2.61 61.23
C LEU G 201 -7.60 -2.29 59.97
N GLU G 202 -7.15 -1.24 59.26
CA GLU G 202 -7.79 -0.81 58.03
C GLU G 202 -7.25 -1.61 56.86
N VAL G 203 -5.96 -1.94 56.89
CA VAL G 203 -5.33 -2.72 55.82
C VAL G 203 -6.02 -4.07 55.82
N ALA G 204 -6.77 -4.32 56.88
CA ALA G 204 -7.50 -5.57 57.05
C ALA G 204 -8.94 -5.46 56.56
N GLN G 205 -9.72 -4.58 57.18
CA GLN G 205 -11.12 -4.40 56.81
C GLN G 205 -11.28 -4.16 55.31
N THR G 206 -10.16 -3.94 54.64
CA THR G 206 -10.13 -3.71 53.20
C THR G 206 -9.94 -5.04 52.46
N THR G 207 -8.86 -5.74 52.81
CA THR G 207 -8.55 -7.03 52.18
C THR G 207 -9.68 -8.03 52.40
N ALA G 208 -10.37 -8.37 51.32
CA ALA G 208 -11.49 -9.31 51.37
C ALA G 208 -11.11 -10.68 51.94
N LEU G 209 -12.07 -11.29 52.63
CA LEU G 209 -11.91 -12.61 53.24
C LEU G 209 -12.09 -13.71 52.21
N PRO G 210 -11.21 -14.73 52.21
CA PRO G 210 -11.29 -15.83 51.26
C PRO G 210 -12.58 -16.65 51.44
N ASP G 211 -13.68 -16.19 50.85
CA ASP G 211 -14.95 -16.91 50.99
C ASP G 211 -14.96 -18.23 50.24
N GLU G 212 -15.02 -19.33 50.99
CA GLU G 212 -15.02 -20.67 50.43
C GLU G 212 -16.31 -21.43 50.77
N ASP G 213 -17.08 -20.90 51.72
CA ASP G 213 -18.34 -21.51 52.14
C ASP G 213 -19.34 -21.65 50.99
N ASN H 22 -7.51 -53.17 59.97
CA ASN H 22 -8.15 -54.41 60.51
C ASN H 22 -9.51 -54.01 61.07
N HIS H 23 -10.30 -54.99 61.47
CA HIS H 23 -11.61 -54.75 62.05
C HIS H 23 -11.44 -53.74 63.18
N ASP H 24 -10.63 -54.11 64.16
CA ASP H 24 -10.33 -53.26 65.30
C ASP H 24 -9.00 -53.66 65.92
N PRO H 25 -7.88 -53.16 65.36
CA PRO H 25 -6.53 -53.48 65.85
C PRO H 25 -6.45 -53.41 67.38
N GLN H 26 -5.83 -54.42 67.98
CA GLN H 26 -5.72 -54.48 69.43
C GLN H 26 -4.30 -54.21 69.92
N PHE H 27 -4.16 -53.26 70.85
CA PHE H 27 -2.85 -52.93 71.42
C PHE H 27 -2.96 -52.85 72.94
N GLU H 28 -1.97 -53.39 73.66
CA GLU H 28 -2.02 -53.29 75.10
C GLU H 28 -1.47 -51.94 75.52
N PRO H 29 -2.32 -51.11 76.15
CA PRO H 29 -2.06 -49.76 76.64
C PRO H 29 -0.63 -49.44 77.07
N ILE H 30 -0.17 -48.25 76.68
CA ILE H 30 1.17 -47.80 77.01
C ILE H 30 1.19 -47.11 78.37
N VAL H 31 0.05 -46.53 78.76
CA VAL H 31 -0.05 -45.87 80.06
C VAL H 31 -1.39 -46.14 80.73
N SER H 32 -1.47 -45.79 82.01
CA SER H 32 -2.70 -45.99 82.75
C SER H 32 -3.08 -44.61 83.30
N LEU H 33 -4.08 -43.99 82.70
CA LEU H 33 -4.48 -42.67 83.14
C LEU H 33 -5.87 -42.62 83.76
N PRO H 34 -5.94 -42.26 85.04
CA PRO H 34 -7.17 -42.14 85.83
C PRO H 34 -8.18 -41.15 85.27
N GLU H 35 -9.46 -41.50 85.39
CA GLU H 35 -10.55 -40.65 84.93
C GLU H 35 -10.30 -39.32 85.59
N GLN H 36 -10.73 -38.23 84.96
CA GLN H 36 -10.51 -36.94 85.57
C GLN H 36 -11.55 -35.91 85.21
N GLU H 37 -11.82 -35.02 86.16
CA GLU H 37 -12.80 -33.96 85.99
C GLU H 37 -12.08 -32.70 85.56
N ILE H 38 -12.31 -32.34 84.31
CA ILE H 38 -11.70 -31.16 83.72
C ILE H 38 -12.60 -29.94 83.80
N LYS H 39 -12.11 -28.90 84.48
CA LYS H 39 -12.85 -27.66 84.62
C LYS H 39 -12.64 -26.82 83.38
N THR H 40 -13.42 -25.77 83.23
CA THR H 40 -13.33 -24.92 82.07
C THR H 40 -12.82 -23.52 82.40
N LEU H 41 -12.79 -23.18 83.68
CA LEU H 41 -12.37 -21.84 84.10
C LEU H 41 -13.31 -20.90 83.40
N GLU H 42 -14.50 -21.44 83.13
CA GLU H 42 -15.58 -20.75 82.47
C GLU H 42 -16.82 -20.93 83.37
N GLU H 43 -16.59 -21.35 84.61
CA GLU H 43 -17.66 -21.58 85.58
C GLU H 43 -18.24 -20.30 86.16
N ASP H 44 -17.37 -19.33 86.45
CA ASP H 44 -17.82 -18.05 86.98
C ASP H 44 -18.21 -17.20 85.77
N GLU H 45 -18.69 -17.89 84.74
CA GLU H 45 -19.13 -17.35 83.46
C GLU H 45 -20.18 -16.24 83.46
N GLU H 46 -21.19 -16.46 82.62
CA GLU H 46 -22.34 -15.61 82.39
C GLU H 46 -22.86 -16.06 81.02
N GLU H 47 -22.00 -15.96 80.02
CA GLU H 47 -22.34 -16.39 78.67
C GLU H 47 -23.51 -15.59 78.10
N LEU H 48 -23.25 -14.33 77.81
CA LEU H 48 -24.27 -13.46 77.25
C LEU H 48 -24.67 -13.95 75.86
N PHE H 49 -23.66 -14.14 75.00
CA PHE H 49 -23.89 -14.56 73.63
C PHE H 49 -23.22 -15.87 73.25
N LYS H 50 -23.89 -16.63 72.41
CA LYS H 50 -23.40 -17.92 71.92
C LYS H 50 -23.96 -18.20 70.54
N MET H 51 -23.08 -18.33 69.56
CA MET H 51 -23.47 -18.59 68.18
C MET H 51 -22.25 -19.12 67.44
N ARG H 52 -22.45 -20.07 66.54
CA ARG H 52 -21.33 -20.64 65.81
C ARG H 52 -20.94 -19.78 64.61
N ALA H 53 -19.64 -19.74 64.34
CA ALA H 53 -19.10 -18.95 63.23
C ALA H 53 -17.66 -19.31 62.91
N LYS H 54 -17.18 -18.88 61.75
CA LYS H 54 -15.80 -19.12 61.35
C LYS H 54 -14.94 -17.90 61.68
N LEU H 55 -13.84 -18.12 62.39
CA LEU H 55 -12.95 -17.05 62.79
C LEU H 55 -11.68 -17.06 61.96
N PHE H 56 -11.20 -15.88 61.58
CA PHE H 56 -9.99 -15.75 60.79
C PHE H 56 -8.89 -14.93 61.48
N ARG H 57 -7.65 -15.24 61.12
CA ARG H 57 -6.45 -14.58 61.64
C ARG H 57 -5.91 -13.75 60.49
N PHE H 58 -5.19 -12.67 60.76
CA PHE H 58 -4.69 -11.91 59.63
C PHE H 58 -3.19 -11.97 59.36
N ALA H 59 -2.87 -12.46 58.17
CA ALA H 59 -1.50 -12.63 57.67
C ALA H 59 -0.43 -12.70 58.75
N SER H 60 -0.04 -11.53 59.27
CA SER H 60 1.00 -11.41 60.30
C SER H 60 2.26 -10.90 59.63
N GLU H 61 3.40 -11.49 60.02
CA GLU H 61 4.69 -11.13 59.46
C GLU H 61 4.98 -12.02 58.26
N ASN H 62 4.14 -11.89 57.24
CA ASN H 62 4.30 -12.66 56.02
C ASN H 62 4.48 -11.73 54.82
N ASP H 63 4.36 -10.42 55.09
CA ASP H 63 4.50 -9.41 54.04
C ASP H 63 3.41 -9.61 53.00
N LEU H 64 2.70 -10.73 53.09
CA LEU H 64 1.64 -11.07 52.17
C LEU H 64 0.30 -11.03 52.93
N PRO H 65 -0.37 -9.87 52.93
CA PRO H 65 -1.66 -9.69 53.62
C PRO H 65 -2.73 -10.71 53.21
N GLU H 66 -2.73 -11.85 53.88
CA GLU H 66 -3.71 -12.89 53.61
C GLU H 66 -4.50 -13.21 54.86
N TRP H 67 -5.68 -13.80 54.68
CA TRP H 67 -6.51 -14.17 55.80
C TRP H 67 -6.38 -15.67 56.02
N LYS H 68 -5.78 -16.05 57.14
CA LYS H 68 -5.60 -17.46 57.50
C LYS H 68 -6.73 -17.89 58.44
N GLU H 69 -7.39 -19.00 58.14
CA GLU H 69 -8.46 -19.50 58.99
C GLU H 69 -7.93 -19.71 60.40
N ARG H 70 -8.78 -19.53 61.41
CA ARG H 70 -8.34 -19.75 62.77
C ARG H 70 -9.17 -20.85 63.41
N GLY H 71 -10.45 -20.89 63.07
CA GLY H 71 -11.33 -21.91 63.60
C GLY H 71 -12.79 -21.75 63.23
N THR H 72 -13.53 -22.83 63.36
CA THR H 72 -14.95 -22.83 63.07
C THR H 72 -15.62 -23.47 64.27
N GLY H 73 -16.40 -22.69 65.00
CA GLY H 73 -17.06 -23.23 66.17
C GLY H 73 -17.97 -22.24 66.85
N ASP H 74 -18.40 -22.54 68.07
CA ASP H 74 -19.29 -21.65 68.80
C ASP H 74 -18.55 -20.48 69.47
N VAL H 75 -18.94 -19.26 69.12
CA VAL H 75 -18.31 -18.07 69.70
C VAL H 75 -19.07 -17.73 70.97
N LYS H 76 -18.36 -17.25 71.98
CA LYS H 76 -19.05 -16.90 73.21
C LYS H 76 -18.56 -15.60 73.84
N LEU H 77 -19.49 -14.86 74.42
CA LEU H 77 -19.16 -13.62 75.07
C LEU H 77 -19.39 -13.89 76.55
N LEU H 78 -18.37 -13.68 77.37
CA LEU H 78 -18.52 -13.93 78.80
C LEU H 78 -18.19 -12.72 79.68
N LYS H 79 -19.04 -12.48 80.68
CA LYS H 79 -18.85 -11.40 81.64
C LYS H 79 -18.59 -12.09 82.97
N HIS H 80 -17.78 -11.49 83.84
CA HIS H 80 -17.51 -12.15 85.12
C HIS H 80 -18.45 -11.71 86.24
N LYS H 81 -19.16 -12.68 86.79
CA LYS H 81 -20.09 -12.45 87.88
C LYS H 81 -19.37 -11.68 88.96
N GLU H 82 -18.28 -12.26 89.47
CA GLU H 82 -17.46 -11.64 90.51
C GLU H 82 -17.09 -10.21 90.09
N LYS H 83 -16.16 -10.09 89.16
CA LYS H 83 -15.73 -8.80 88.66
C LYS H 83 -16.74 -8.31 87.64
N GLY H 84 -16.25 -7.79 86.53
CA GLY H 84 -17.12 -7.30 85.47
C GLY H 84 -16.62 -7.79 84.13
N ALA H 85 -15.30 -7.79 83.97
CA ALA H 85 -14.62 -8.22 82.76
C ALA H 85 -15.43 -9.12 81.82
N ILE H 86 -15.42 -8.78 80.54
CA ILE H 86 -16.12 -9.55 79.50
C ILE H 86 -15.12 -9.89 78.42
N ARG H 87 -15.13 -11.14 77.98
CA ARG H 87 -14.19 -11.57 76.95
C ARG H 87 -14.87 -12.37 75.87
N LEU H 88 -14.13 -12.61 74.79
CA LEU H 88 -14.60 -13.39 73.66
C LEU H 88 -13.85 -14.71 73.78
N LEU H 89 -14.56 -15.83 73.66
CA LEU H 89 -13.93 -17.15 73.76
C LEU H 89 -14.49 -18.10 72.72
N MET H 90 -13.62 -18.55 71.82
CA MET H 90 -14.06 -19.45 70.77
C MET H 90 -13.32 -20.77 70.84
N ARG H 91 -13.99 -21.85 70.46
CA ARG H 91 -13.39 -23.18 70.45
C ARG H 91 -13.71 -23.81 69.13
N ARG H 92 -12.77 -24.57 68.58
CA ARG H 92 -13.00 -25.20 67.28
C ARG H 92 -13.81 -26.49 67.43
N ASP H 93 -14.52 -26.86 66.37
CA ASP H 93 -15.30 -28.10 66.39
C ASP H 93 -14.39 -29.31 66.60
N LYS H 94 -14.95 -30.39 67.10
CA LYS H 94 -14.22 -31.64 67.34
C LYS H 94 -13.07 -31.56 68.32
N THR H 95 -12.05 -30.80 67.95
CA THR H 95 -10.85 -30.65 68.76
C THR H 95 -11.10 -29.87 70.04
N LEU H 96 -12.02 -28.91 69.98
CA LEU H 96 -12.35 -28.09 71.15
C LEU H 96 -11.23 -27.18 71.65
N LYS H 97 -10.14 -27.09 70.88
CA LYS H 97 -9.02 -26.22 71.25
C LYS H 97 -9.53 -24.77 71.14
N ILE H 98 -8.99 -23.88 71.98
CA ILE H 98 -9.37 -22.47 71.97
C ILE H 98 -8.78 -21.76 70.77
N CYS H 99 -9.61 -21.12 69.95
CA CYS H 99 -9.09 -20.43 68.78
C CYS H 99 -9.19 -18.91 68.89
N ALA H 100 -9.59 -18.44 70.08
CA ALA H 100 -9.73 -17.01 70.35
C ALA H 100 -10.13 -16.88 71.80
N ASN H 101 -9.42 -16.05 72.53
CA ASN H 101 -9.71 -15.89 73.95
C ASN H 101 -9.08 -14.59 74.47
N HIS H 102 -9.80 -13.49 74.34
CA HIS H 102 -9.30 -12.20 74.77
C HIS H 102 -10.40 -11.35 75.39
N TYR H 103 -9.98 -10.33 76.13
CA TYR H 103 -10.93 -9.42 76.78
C TYR H 103 -11.43 -8.38 75.80
N ILE H 104 -12.58 -7.79 76.10
CA ILE H 104 -13.14 -6.74 75.26
C ILE H 104 -12.75 -5.44 75.91
N THR H 105 -12.04 -4.59 75.19
CA THR H 105 -11.60 -3.31 75.74
C THR H 105 -12.48 -2.15 75.26
N PRO H 106 -12.27 -0.95 75.83
CA PRO H 106 -13.03 0.23 75.45
C PRO H 106 -12.85 0.53 73.97
N MET H 107 -11.59 0.65 73.54
CA MET H 107 -11.25 0.94 72.15
C MET H 107 -11.28 -0.33 71.29
N MET H 108 -12.48 -0.81 71.00
CA MET H 108 -12.69 -2.01 70.20
C MET H 108 -14.10 -1.96 69.62
N GLU H 109 -14.30 -2.56 68.46
CA GLU H 109 -15.62 -2.54 67.82
C GLU H 109 -15.61 -3.37 66.53
N LEU H 110 -16.80 -3.69 66.03
CA LEU H 110 -16.91 -4.49 64.81
C LEU H 110 -17.07 -3.58 63.58
N LYS H 111 -16.21 -3.79 62.58
CA LYS H 111 -16.25 -3.02 61.35
C LYS H 111 -16.42 -3.98 60.17
N PRO H 112 -17.53 -3.85 59.41
CA PRO H 112 -17.77 -4.74 58.26
C PRO H 112 -16.54 -4.96 57.41
N ASN H 113 -16.40 -6.18 56.91
CA ASN H 113 -15.27 -6.57 56.10
C ASN H 113 -15.38 -6.09 54.66
N ALA H 114 -15.41 -4.78 54.46
CA ALA H 114 -15.52 -4.23 53.12
C ALA H 114 -16.73 -4.89 52.46
N GLY H 115 -16.46 -5.88 51.61
CA GLY H 115 -17.55 -6.61 50.97
C GLY H 115 -18.14 -7.55 52.00
N SER H 116 -19.38 -7.96 51.81
CA SER H 116 -20.04 -8.87 52.76
C SER H 116 -20.30 -8.15 54.08
N ASP H 117 -21.39 -8.51 54.73
CA ASP H 117 -21.76 -7.91 56.01
C ASP H 117 -21.94 -9.00 57.07
N ARG H 118 -21.80 -10.26 56.65
CA ARG H 118 -21.94 -11.40 57.57
C ARG H 118 -20.67 -11.53 58.39
N ALA H 119 -19.73 -10.62 58.18
CA ALA H 119 -18.46 -10.66 58.89
C ALA H 119 -17.95 -9.29 59.39
N TRP H 120 -17.20 -9.33 60.48
CA TRP H 120 -16.62 -8.12 61.06
C TRP H 120 -15.17 -8.42 61.43
N VAL H 121 -14.34 -7.37 61.41
CA VAL H 121 -12.94 -7.49 61.78
C VAL H 121 -12.74 -6.69 63.06
N TRP H 122 -11.56 -6.79 63.67
CA TRP H 122 -11.31 -6.04 64.89
C TRP H 122 -9.93 -6.34 65.43
N ASN H 123 -9.44 -5.47 66.29
CA ASN H 123 -8.12 -5.64 66.85
C ASN H 123 -8.20 -6.05 68.32
N THR H 124 -7.17 -6.76 68.80
CA THR H 124 -7.08 -7.19 70.19
C THR H 124 -5.64 -7.01 70.59
N HIS H 125 -5.40 -6.15 71.58
CA HIS H 125 -4.03 -5.92 72.03
C HIS H 125 -3.36 -7.20 72.52
N ALA H 126 -4.18 -8.16 72.95
CA ALA H 126 -3.64 -9.42 73.45
C ALA H 126 -4.64 -10.57 73.48
N ASP H 127 -4.44 -11.52 72.57
CA ASP H 127 -5.27 -12.71 72.49
C ASP H 127 -4.53 -13.76 73.29
N PHE H 128 -5.21 -14.83 73.69
CA PHE H 128 -4.57 -15.87 74.49
C PHE H 128 -5.01 -17.25 74.06
N ALA H 129 -5.28 -17.40 72.76
CA ALA H 129 -5.71 -18.68 72.22
C ALA H 129 -4.61 -19.70 72.34
N ASP H 130 -3.37 -19.24 72.24
CA ASP H 130 -2.23 -20.13 72.32
C ASP H 130 -1.54 -19.99 73.67
N GLU H 131 -2.31 -19.53 74.66
CA GLU H 131 -1.79 -19.34 76.01
C GLU H 131 -0.48 -18.54 76.05
N CYS H 132 -0.36 -17.64 75.09
CA CYS H 132 0.79 -16.75 74.97
C CYS H 132 0.20 -15.45 74.42
N PRO H 133 0.35 -14.34 75.16
CA PRO H 133 -0.16 -13.00 74.82
C PRO H 133 0.28 -12.52 73.44
N LYS H 134 -0.63 -12.53 72.47
CA LYS H 134 -0.27 -12.11 71.12
C LYS H 134 -1.22 -11.11 70.47
N PRO H 135 -0.67 -10.11 69.77
CA PRO H 135 -1.44 -9.08 69.08
C PRO H 135 -2.13 -9.72 67.89
N GLU H 136 -3.43 -9.96 67.98
CA GLU H 136 -4.16 -10.58 66.88
C GLU H 136 -5.15 -9.63 66.24
N LEU H 137 -5.20 -9.67 64.92
CA LEU H 137 -6.11 -8.85 64.15
C LEU H 137 -7.07 -9.85 63.50
N LEU H 138 -8.19 -10.10 64.16
CA LEU H 138 -9.17 -11.08 63.71
C LEU H 138 -10.25 -10.60 62.75
N ALA H 139 -11.20 -11.49 62.52
CA ALA H 139 -12.32 -11.24 61.66
C ALA H 139 -13.19 -12.51 61.67
N ILE H 140 -14.45 -12.36 62.08
CA ILE H 140 -15.36 -13.50 62.19
C ILE H 140 -16.52 -13.36 61.22
N ARG H 141 -16.99 -14.50 60.69
CA ARG H 141 -18.08 -14.53 59.73
C ARG H 141 -19.18 -15.49 60.17
N PHE H 142 -20.43 -15.05 60.07
CA PHE H 142 -21.57 -15.87 60.47
C PHE H 142 -22.38 -16.36 59.30
N LEU H 143 -23.20 -17.38 59.56
CA LEU H 143 -24.05 -17.98 58.54
C LEU H 143 -24.91 -16.95 57.82
N ASN H 144 -25.72 -16.20 58.57
CA ASN H 144 -26.60 -15.19 57.99
C ASN H 144 -26.26 -13.78 58.49
N ALA H 145 -26.34 -12.80 57.59
CA ALA H 145 -26.02 -11.42 57.92
C ALA H 145 -26.74 -10.86 59.14
N GLU H 146 -27.96 -11.33 59.39
CA GLU H 146 -28.71 -10.85 60.54
C GLU H 146 -28.14 -11.44 61.83
N ASN H 147 -27.47 -12.58 61.70
CA ASN H 147 -26.85 -13.22 62.86
C ASN H 147 -25.69 -12.34 63.26
N ALA H 148 -25.04 -11.74 62.26
CA ALA H 148 -23.91 -10.86 62.50
C ALA H 148 -24.36 -9.67 63.31
N GLN H 149 -25.55 -9.16 62.99
CA GLN H 149 -26.10 -8.03 63.72
C GLN H 149 -26.39 -8.46 65.15
N LYS H 150 -27.06 -9.61 65.29
CA LYS H 150 -27.38 -10.14 66.62
C LYS H 150 -26.10 -10.26 67.43
N PHE H 151 -24.98 -10.41 66.74
CA PHE H 151 -23.66 -10.53 67.36
C PHE H 151 -23.12 -9.13 67.65
N LYS H 152 -23.03 -8.30 66.61
CA LYS H 152 -22.52 -6.94 66.77
C LYS H 152 -23.30 -6.20 67.85
N THR H 153 -24.63 -6.34 67.81
CA THR H 153 -25.48 -5.69 68.79
C THR H 153 -25.02 -6.10 70.17
N LYS H 154 -24.98 -7.41 70.41
CA LYS H 154 -24.58 -7.95 71.70
C LYS H 154 -23.11 -7.64 71.98
N PHE H 155 -22.32 -7.50 70.92
CA PHE H 155 -20.90 -7.21 71.10
C PHE H 155 -20.73 -5.76 71.47
N GLU H 156 -21.54 -4.89 70.86
CA GLU H 156 -21.47 -3.46 71.12
C GLU H 156 -22.00 -3.13 72.51
N GLU H 157 -23.22 -3.56 72.81
CA GLU H 157 -23.80 -3.28 74.12
C GLU H 157 -22.95 -3.96 75.17
N CYS H 158 -22.11 -4.88 74.70
CA CYS H 158 -21.20 -5.63 75.55
C CYS H 158 -19.92 -4.82 75.75
N ARG H 159 -19.51 -4.13 74.70
CA ARG H 159 -18.34 -3.28 74.75
C ARG H 159 -18.74 -2.13 75.63
N LYS H 160 -19.94 -1.61 75.38
CA LYS H 160 -20.52 -0.50 76.13
C LYS H 160 -20.43 -0.73 77.62
N GLU H 161 -21.08 -1.80 78.08
CA GLU H 161 -21.09 -2.15 79.50
C GLU H 161 -19.67 -2.10 80.08
N ILE H 162 -18.66 -2.12 79.21
CA ILE H 162 -17.29 -2.10 79.67
C ILE H 162 -16.67 -0.69 79.71
N GLU H 163 -17.03 0.16 78.75
CA GLU H 163 -16.48 1.51 78.77
C GLU H 163 -17.05 2.26 79.96
N GLU H 164 -18.36 2.14 80.17
CA GLU H 164 -19.01 2.79 81.29
C GLU H 164 -18.34 2.29 82.55
N ARG H 165 -17.98 1.00 82.54
CA ARG H 165 -17.31 0.38 83.68
C ARG H 165 -16.30 1.34 84.30
N GLU H 166 -15.07 1.33 83.81
CA GLU H 166 -14.02 2.19 84.38
C GLU H 166 -14.34 3.68 84.24
N LYS H 167 -14.21 4.39 85.37
CA LYS H 167 -14.46 5.83 85.42
C LYS H 167 -15.70 6.22 84.64
N ALA I 2 37.76 -45.49 36.94
CA ALA I 2 37.44 -44.04 36.92
C ALA I 2 36.12 -43.82 37.62
N ARG I 3 35.75 -44.76 38.48
CA ARG I 3 34.50 -44.69 39.22
C ARG I 3 34.69 -44.68 40.74
N PHE I 4 34.17 -43.66 41.41
CA PHE I 4 34.25 -43.59 42.87
C PHE I 4 32.86 -43.72 43.45
N SER I 5 32.69 -44.55 44.46
CA SER I 5 31.36 -44.70 45.02
C SER I 5 31.30 -45.20 46.45
N ILE I 6 30.32 -44.69 47.19
CA ILE I 6 30.07 -45.08 48.58
C ILE I 6 28.60 -45.41 48.71
N GLU I 7 28.02 -45.82 47.58
CA GLU I 7 26.61 -46.17 47.49
C GLU I 7 26.13 -47.11 48.60
N GLY I 8 25.06 -46.72 49.27
CA GLY I 8 24.50 -47.53 50.34
C GLY I 8 25.32 -47.77 51.58
N LYS I 9 26.50 -47.16 51.67
CA LYS I 9 27.32 -47.36 52.86
C LYS I 9 26.70 -46.75 54.10
N SER I 10 25.53 -46.14 53.93
CA SER I 10 24.78 -45.50 55.02
C SER I 10 25.69 -44.76 56.01
N LEU I 11 26.48 -43.84 55.50
CA LEU I 11 27.40 -43.11 56.34
C LEU I 11 26.86 -41.79 56.81
N LYS I 12 27.01 -41.53 58.10
CA LYS I 12 26.56 -40.27 58.65
C LYS I 12 27.77 -39.36 58.46
N LEU I 13 28.00 -38.91 57.24
CA LEU I 13 29.15 -38.06 56.94
C LEU I 13 28.98 -36.59 57.34
N ASP I 14 29.40 -36.26 58.56
CA ASP I 14 29.28 -34.89 59.05
C ASP I 14 30.42 -33.94 58.71
N ALA I 15 31.66 -34.38 58.91
CA ALA I 15 32.79 -33.49 58.68
C ALA I 15 33.90 -33.90 57.70
N ILE I 16 34.47 -35.10 57.88
CA ILE I 16 35.58 -35.55 57.03
C ILE I 16 36.84 -34.73 57.35
N THR I 17 37.50 -35.06 58.46
CA THR I 17 38.71 -34.36 58.89
C THR I 17 39.67 -35.31 59.63
N THR I 18 39.11 -36.33 60.26
CA THR I 18 39.90 -37.32 60.99
C THR I 18 40.72 -38.15 60.00
N GLU I 19 41.65 -38.96 60.52
CA GLU I 19 42.48 -39.81 59.66
C GLU I 19 41.48 -40.68 58.90
N ASP I 20 40.60 -41.35 59.64
CA ASP I 20 39.56 -42.16 59.02
C ASP I 20 38.64 -41.12 58.40
N GLU I 21 37.51 -41.53 57.85
CA GLU I 21 36.63 -40.54 57.21
C GLU I 21 37.31 -40.04 55.94
N LYS I 22 38.56 -39.63 56.05
CA LYS I 22 39.30 -39.17 54.87
C LYS I 22 39.73 -40.37 54.08
N SER I 23 40.02 -41.47 54.79
CA SER I 23 40.42 -42.72 54.13
C SER I 23 39.28 -43.18 53.20
N VAL I 24 38.04 -42.96 53.63
CA VAL I 24 36.87 -43.33 52.85
C VAL I 24 36.94 -42.69 51.48
N PHE I 25 37.31 -41.43 51.45
CA PHE I 25 37.39 -40.72 50.18
C PHE I 25 38.83 -40.70 49.65
N ALA I 26 39.58 -41.76 49.90
CA ALA I 26 40.96 -41.82 49.41
C ALA I 26 40.92 -41.95 47.88
N VAL I 27 40.25 -43.01 47.42
CA VAL I 27 40.11 -43.28 45.99
C VAL I 27 39.76 -41.98 45.26
N LEU I 28 39.16 -41.05 45.99
CA LEU I 28 38.75 -39.77 45.42
C LEU I 28 39.96 -38.84 45.34
N LEU I 29 40.70 -38.73 46.44
CA LEU I 29 41.88 -37.88 46.51
C LEU I 29 43.01 -38.25 45.54
N GLU I 30 43.39 -39.53 45.52
CA GLU I 30 44.47 -40.01 44.66
C GLU I 30 44.22 -39.99 43.15
N ASP I 31 43.11 -40.57 42.70
CA ASP I 31 42.77 -40.62 41.29
C ASP I 31 42.05 -39.38 40.79
N ASP I 32 42.71 -38.59 39.96
CA ASP I 32 42.09 -37.37 39.44
C ASP I 32 41.37 -37.62 38.11
N SER I 33 41.60 -38.80 37.52
CA SER I 33 40.98 -39.15 36.27
C SER I 33 39.66 -39.91 36.48
N VAL I 34 38.80 -39.38 37.34
CA VAL I 34 37.51 -40.01 37.63
C VAL I 34 36.39 -39.51 36.73
N LYS I 35 35.51 -40.42 36.30
CA LYS I 35 34.39 -40.09 35.41
C LYS I 35 33.03 -40.07 36.11
N GLU I 36 32.85 -40.93 37.11
CA GLU I 36 31.59 -41.02 37.81
C GLU I 36 31.80 -41.00 39.32
N ILE I 37 31.06 -40.15 40.02
CA ILE I 37 31.15 -40.11 41.48
C ILE I 37 29.77 -40.46 41.99
N VAL I 38 29.69 -41.40 42.92
CA VAL I 38 28.37 -41.77 43.44
C VAL I 38 28.36 -41.58 44.96
N LEU I 39 27.43 -40.79 45.46
CA LEU I 39 27.40 -40.55 46.90
C LEU I 39 26.13 -41.07 47.57
N SER I 40 25.16 -41.50 46.76
CA SER I 40 23.88 -42.01 47.23
C SER I 40 23.96 -42.88 48.49
N GLY I 41 22.91 -42.83 49.29
CA GLY I 41 22.85 -43.63 50.50
C GLY I 41 23.66 -43.14 51.67
N ASN I 42 23.84 -41.83 51.78
CA ASN I 42 24.59 -41.26 52.90
C ASN I 42 24.03 -39.89 53.26
N THR I 43 24.42 -39.37 54.43
CA THR I 43 23.98 -38.05 54.86
C THR I 43 25.17 -37.14 54.88
N ILE I 44 25.21 -36.22 53.94
CA ILE I 44 26.33 -35.30 53.87
C ILE I 44 26.02 -33.98 54.57
N GLY I 45 26.80 -33.67 55.60
CA GLY I 45 26.60 -32.42 56.30
C GLY I 45 27.28 -31.32 55.52
N THR I 46 27.06 -30.07 55.91
CA THR I 46 27.71 -29.00 55.19
C THR I 46 29.23 -29.09 55.27
N GLU I 47 29.76 -29.34 56.46
CA GLU I 47 31.21 -29.42 56.58
C GLU I 47 31.78 -30.43 55.60
N ALA I 48 31.24 -31.64 55.62
CA ALA I 48 31.73 -32.65 54.71
C ALA I 48 31.44 -32.20 53.29
N ALA I 49 30.33 -31.50 53.10
CA ALA I 49 29.96 -31.04 51.76
C ALA I 49 31.08 -30.16 51.27
N ARG I 50 31.58 -29.32 52.18
CA ARG I 50 32.66 -28.39 51.85
C ARG I 50 33.89 -29.15 51.40
N TRP I 51 34.34 -30.09 52.22
CA TRP I 51 35.51 -30.88 51.90
C TRP I 51 35.33 -31.67 50.60
N LEU I 52 34.12 -32.08 50.28
CA LEU I 52 33.92 -32.83 49.05
C LEU I 52 33.83 -31.90 47.85
N SER I 53 33.52 -30.62 48.09
CA SER I 53 33.44 -29.68 46.97
C SER I 53 34.83 -29.43 46.43
N GLU I 54 35.74 -29.13 47.34
CA GLU I 54 37.12 -28.87 47.00
C GLU I 54 37.71 -30.05 46.22
N ASN I 55 37.44 -31.26 46.69
CA ASN I 55 37.96 -32.46 46.04
C ASN I 55 37.18 -32.97 44.84
N ILE I 56 36.21 -32.19 44.36
CA ILE I 56 35.45 -32.62 43.20
C ILE I 56 35.77 -31.71 42.03
N ALA I 57 36.02 -30.44 42.31
CA ALA I 57 36.35 -29.51 41.24
C ALA I 57 37.59 -30.02 40.49
N SER I 58 38.52 -30.61 41.23
CA SER I 58 39.73 -31.10 40.62
C SER I 58 39.48 -32.21 39.59
N LYS I 59 38.44 -33.01 39.81
CA LYS I 59 38.14 -34.11 38.88
C LYS I 59 37.52 -33.54 37.62
N LYS I 60 38.37 -33.04 36.73
CA LYS I 60 37.93 -32.43 35.48
C LYS I 60 37.42 -33.40 34.43
N ASP I 61 37.67 -34.69 34.60
CA ASP I 61 37.18 -35.63 33.60
C ASP I 61 35.84 -36.22 34.02
N LEU I 62 35.26 -35.66 35.07
CA LEU I 62 33.97 -36.11 35.59
C LEU I 62 32.89 -36.06 34.52
N GLU I 63 32.10 -37.13 34.44
CA GLU I 63 31.02 -37.24 33.47
C GLU I 63 29.65 -37.47 34.12
N ILE I 64 29.65 -38.14 35.26
CA ILE I 64 28.41 -38.43 35.96
C ILE I 64 28.50 -38.10 37.44
N ALA I 65 27.46 -37.45 37.96
CA ALA I 65 27.41 -37.14 39.37
C ALA I 65 26.12 -37.72 39.92
N GLU I 66 26.24 -38.84 40.64
CA GLU I 66 25.08 -39.49 41.21
C GLU I 66 24.94 -38.96 42.61
N PHE I 67 24.15 -37.90 42.77
CA PHE I 67 23.94 -37.32 44.09
C PHE I 67 22.56 -37.58 44.65
N SER I 68 21.85 -38.56 44.07
CA SER I 68 20.52 -38.88 44.55
C SER I 68 20.64 -39.39 45.97
N ASP I 69 19.64 -39.09 46.79
CA ASP I 69 19.62 -39.54 48.18
C ASP I 69 20.95 -39.29 48.88
N ILE I 70 21.13 -38.07 49.39
CA ILE I 70 22.37 -37.75 50.09
C ILE I 70 22.18 -36.84 51.29
N PHE I 71 20.94 -36.53 51.61
CA PHE I 71 20.70 -35.65 52.74
C PHE I 71 19.74 -36.19 53.81
N THR I 72 19.24 -37.41 53.62
CA THR I 72 18.30 -37.98 54.59
C THR I 72 18.66 -37.63 56.05
N GLY I 73 17.91 -36.72 56.67
CA GLY I 73 18.19 -36.35 58.05
C GLY I 73 18.60 -34.91 58.27
N ARG I 74 18.95 -34.24 57.19
CA ARG I 74 19.38 -32.84 57.24
C ARG I 74 18.20 -31.88 57.21
N VAL I 75 18.27 -30.88 58.09
CA VAL I 75 17.22 -29.87 58.20
C VAL I 75 17.42 -28.66 57.25
N LYS I 76 16.39 -27.82 57.14
CA LYS I 76 16.44 -26.62 56.28
C LYS I 76 17.67 -25.79 56.64
N ASP I 77 18.04 -25.95 57.91
CA ASP I 77 19.17 -25.30 58.53
C ASP I 77 20.51 -25.60 57.83
N GLU I 78 20.63 -26.77 57.20
CA GLU I 78 21.90 -27.17 56.57
C GLU I 78 21.96 -27.66 55.09
N ILE I 79 20.85 -28.11 54.52
CA ILE I 79 20.89 -28.60 53.15
C ILE I 79 21.26 -27.54 52.13
N PRO I 80 20.54 -26.42 52.09
CA PRO I 80 20.85 -25.37 51.12
C PRO I 80 22.33 -25.02 51.02
N GLU I 81 23.00 -24.89 52.17
CA GLU I 81 24.42 -24.58 52.17
C GLU I 81 25.14 -25.74 51.46
N ALA I 82 25.04 -26.93 52.02
CA ALA I 82 25.70 -28.09 51.44
C ALA I 82 25.40 -28.24 49.96
N LEU I 83 24.12 -28.16 49.59
CA LEU I 83 23.78 -28.32 48.18
C LEU I 83 24.54 -27.31 47.34
N ARG I 84 24.55 -26.07 47.83
CA ARG I 84 25.23 -24.98 47.14
C ARG I 84 26.69 -25.35 46.88
N LEU I 85 27.42 -25.70 47.93
CA LEU I 85 28.82 -26.06 47.76
C LEU I 85 29.01 -27.11 46.69
N LEU I 86 28.31 -28.22 46.78
CA LEU I 86 28.48 -29.26 45.77
C LEU I 86 28.17 -28.75 44.37
N LEU I 87 26.97 -28.23 44.18
CA LEU I 87 26.60 -27.72 42.88
C LEU I 87 27.62 -26.67 42.38
N GLN I 88 28.28 -26.01 43.32
CA GLN I 88 29.28 -25.00 43.00
C GLN I 88 30.45 -25.68 42.30
N ALA I 89 30.87 -26.81 42.87
CA ALA I 89 31.98 -27.55 42.28
C ALA I 89 31.56 -28.14 40.93
N LEU I 90 30.51 -28.95 40.91
CA LEU I 90 30.09 -29.56 39.66
C LEU I 90 30.16 -28.58 38.50
N LEU I 91 29.74 -27.35 38.76
CA LEU I 91 29.76 -26.31 37.73
C LEU I 91 31.09 -26.20 37.02
N LYS I 92 32.16 -26.59 37.72
CA LYS I 92 33.51 -26.52 37.19
C LYS I 92 34.00 -27.80 36.54
N CYS I 93 33.09 -28.59 35.96
CA CYS I 93 33.45 -29.84 35.29
C CYS I 93 33.00 -29.81 33.83
N PRO I 94 33.91 -29.46 32.92
CA PRO I 94 33.70 -29.36 31.48
C PRO I 94 32.99 -30.52 30.80
N LYS I 95 33.22 -31.75 31.28
CA LYS I 95 32.61 -32.92 30.65
C LYS I 95 31.40 -33.55 31.35
N LEU I 96 30.93 -32.96 32.44
CA LEU I 96 29.78 -33.48 33.17
C LEU I 96 28.48 -33.35 32.38
N HIS I 97 28.01 -34.43 31.78
CA HIS I 97 26.79 -34.37 30.99
C HIS I 97 25.58 -34.88 31.76
N THR I 98 25.82 -35.71 32.76
CA THR I 98 24.74 -36.30 33.53
C THR I 98 24.88 -36.05 35.02
N VAL I 99 23.88 -35.39 35.60
CA VAL I 99 23.90 -35.07 37.03
C VAL I 99 22.55 -35.49 37.62
N ARG I 100 22.58 -36.22 38.73
CA ARG I 100 21.35 -36.68 39.37
C ARG I 100 21.21 -36.20 40.80
N LEU I 101 20.12 -35.48 41.08
CA LEU I 101 19.90 -34.94 42.41
C LEU I 101 18.60 -35.41 43.08
N SER I 102 18.02 -36.49 42.56
CA SER I 102 16.76 -37.01 43.07
C SER I 102 16.79 -37.53 44.50
N ASP I 103 15.59 -37.66 45.07
CA ASP I 103 15.40 -38.18 46.42
C ASP I 103 16.02 -37.37 47.54
N ASN I 104 15.94 -36.04 47.40
CA ASN I 104 16.47 -35.09 48.39
C ASN I 104 15.44 -33.98 48.61
N ALA I 105 15.22 -33.64 49.87
CA ALA I 105 14.25 -32.60 50.24
C ALA I 105 14.75 -31.23 49.81
N PHE I 106 14.14 -30.66 48.76
CA PHE I 106 14.55 -29.36 48.27
C PHE I 106 13.48 -28.30 48.34
N GLY I 107 12.48 -28.39 47.46
CA GLY I 107 11.43 -27.39 47.48
C GLY I 107 11.98 -25.97 47.49
N PRO I 108 11.11 -24.94 47.63
CA PRO I 108 11.55 -23.55 47.64
C PRO I 108 12.78 -23.28 48.52
N THR I 109 12.72 -23.75 49.75
CA THR I 109 13.79 -23.55 50.72
C THR I 109 15.20 -23.94 50.26
N ALA I 110 15.35 -24.45 49.05
CA ALA I 110 16.68 -24.84 48.57
C ALA I 110 16.80 -24.66 47.07
N GLN I 111 15.98 -23.77 46.52
CA GLN I 111 15.97 -23.58 45.09
C GLN I 111 17.15 -22.82 44.57
N GLU I 112 17.82 -22.08 45.46
CA GLU I 112 18.95 -21.27 45.02
C GLU I 112 20.01 -22.00 44.24
N PRO I 113 20.66 -23.00 44.85
CA PRO I 113 21.70 -23.74 44.12
C PRO I 113 21.17 -24.33 42.81
N LEU I 114 19.98 -24.91 42.85
CA LEU I 114 19.40 -25.50 41.65
C LEU I 114 19.25 -24.45 40.56
N ILE I 115 18.59 -23.35 40.92
CA ILE I 115 18.34 -22.26 39.98
C ILE I 115 19.62 -21.74 39.39
N ASP I 116 20.65 -21.63 40.22
CA ASP I 116 21.96 -21.15 39.74
C ASP I 116 22.48 -22.21 38.73
N PHE I 117 23.06 -23.26 39.29
CA PHE I 117 23.60 -24.38 38.54
C PHE I 117 22.85 -24.70 37.24
N LEU I 118 21.59 -25.07 37.34
CA LEU I 118 20.87 -25.45 36.13
C LEU I 118 20.91 -24.49 34.98
N SER I 119 20.94 -23.21 35.29
CA SER I 119 20.94 -22.24 34.21
C SER I 119 22.30 -22.13 33.58
N LYS I 120 23.33 -22.38 34.36
CA LYS I 120 24.67 -22.23 33.85
C LYS I 120 25.36 -23.46 33.24
N HIS I 121 25.35 -24.58 33.93
CA HIS I 121 26.02 -25.80 33.44
C HIS I 121 25.67 -26.27 32.03
N THR I 122 26.28 -25.65 31.02
CA THR I 122 26.03 -26.01 29.63
C THR I 122 26.38 -27.43 29.21
N PRO I 123 27.33 -28.07 29.89
CA PRO I 123 27.67 -29.45 29.51
C PRO I 123 26.52 -30.43 29.75
N LEU I 124 25.57 -30.04 30.60
CA LEU I 124 24.44 -30.88 30.95
C LEU I 124 23.64 -31.48 29.80
N GLU I 125 23.47 -32.80 29.84
CA GLU I 125 22.68 -33.52 28.82
C GLU I 125 21.54 -34.33 29.46
N HIS I 126 21.79 -34.86 30.65
CA HIS I 126 20.79 -35.66 31.36
C HIS I 126 20.58 -35.18 32.77
N LEU I 127 19.39 -34.65 33.01
CA LEU I 127 19.06 -34.11 34.33
C LEU I 127 18.07 -34.98 35.08
N TYR I 128 18.48 -35.45 36.25
CA TYR I 128 17.62 -36.28 37.06
C TYR I 128 17.20 -35.56 38.32
N LEU I 129 16.12 -34.79 38.23
CA LEU I 129 15.58 -34.03 39.36
C LEU I 129 14.21 -34.66 39.67
N HIS I 130 14.25 -35.78 40.38
CA HIS I 130 13.06 -36.57 40.69
C HIS I 130 12.82 -36.68 42.19
N ASN I 131 11.57 -36.46 42.59
CA ASN I 131 11.20 -36.54 44.00
C ASN I 131 12.09 -35.60 44.80
N ASN I 132 11.83 -34.30 44.66
CA ASN I 132 12.60 -33.28 45.34
C ASN I 132 11.63 -32.31 45.97
N GLY I 133 10.34 -32.47 45.66
CA GLY I 133 9.32 -31.60 46.22
C GLY I 133 9.52 -30.15 45.85
N LEU I 134 9.83 -29.92 44.58
CA LEU I 134 10.05 -28.57 44.12
C LEU I 134 8.85 -27.68 44.44
N GLY I 135 7.65 -28.12 44.05
CA GLY I 135 6.47 -27.31 44.28
C GLY I 135 6.25 -26.42 43.08
N PRO I 136 5.00 -26.00 42.82
CA PRO I 136 4.66 -25.15 41.69
C PRO I 136 5.51 -23.89 41.59
N GLN I 137 5.79 -23.27 42.74
CA GLN I 137 6.58 -22.06 42.76
C GLN I 137 7.99 -22.33 42.28
N ALA I 138 8.77 -23.08 43.07
CA ALA I 138 10.13 -23.41 42.69
C ALA I 138 10.19 -24.13 41.34
N GLY I 139 9.25 -25.03 41.11
CA GLY I 139 9.26 -25.74 39.85
C GLY I 139 9.39 -24.75 38.70
N ALA I 140 8.59 -23.70 38.76
CA ALA I 140 8.60 -22.69 37.73
C ALA I 140 9.99 -22.09 37.61
N LYS I 141 10.59 -21.67 38.71
CA LYS I 141 11.92 -21.08 38.63
C LYS I 141 12.88 -22.08 37.98
N ILE I 142 12.87 -23.33 38.44
CA ILE I 142 13.72 -24.34 37.84
C ILE I 142 13.45 -24.38 36.32
N ALA I 143 12.18 -24.25 35.95
CA ALA I 143 11.82 -24.28 34.54
C ALA I 143 12.41 -23.08 33.80
N ARG I 144 12.34 -21.91 34.40
CA ARG I 144 12.89 -20.71 33.76
C ARG I 144 14.40 -20.90 33.67
N ALA I 145 14.98 -21.30 34.80
CA ALA I 145 16.40 -21.54 34.87
C ALA I 145 16.84 -22.45 33.74
N LEU I 146 16.01 -23.42 33.35
CA LEU I 146 16.39 -24.31 32.26
C LEU I 146 16.27 -23.58 30.91
N GLN I 147 15.35 -22.63 30.85
CA GLN I 147 15.16 -21.86 29.62
C GLN I 147 16.44 -21.09 29.39
N GLU I 148 17.01 -20.58 30.48
CA GLU I 148 18.26 -19.84 30.43
C GLU I 148 19.32 -20.77 29.85
N LEU I 149 19.55 -21.89 30.54
CA LEU I 149 20.52 -22.88 30.10
C LEU I 149 20.38 -23.11 28.60
N ALA I 150 19.16 -23.08 28.08
CA ALA I 150 18.94 -23.25 26.63
C ALA I 150 19.83 -22.24 25.90
N VAL I 151 19.67 -20.96 26.27
CA VAL I 151 20.40 -19.83 25.70
C VAL I 151 21.90 -19.96 25.91
N ASN I 152 22.32 -20.08 27.16
CA ASN I 152 23.73 -20.21 27.47
C ASN I 152 24.34 -21.38 26.70
N LYS I 153 23.50 -22.31 26.27
CA LYS I 153 23.97 -23.46 25.52
C LYS I 153 24.21 -23.10 24.06
N LYS I 154 23.29 -22.35 23.46
CA LYS I 154 23.43 -21.96 22.06
C LYS I 154 24.62 -21.01 21.89
N ALA I 155 24.95 -20.26 22.94
CA ALA I 155 26.06 -19.34 22.87
C ALA I 155 27.40 -20.07 22.81
N LYS I 156 27.48 -21.25 23.43
CA LYS I 156 28.73 -22.01 23.45
C LYS I 156 28.70 -23.27 22.59
N ASN I 157 27.79 -23.33 21.62
CA ASN I 157 27.65 -24.49 20.73
C ASN I 157 27.73 -25.83 21.46
N ALA I 158 27.12 -25.90 22.64
CA ALA I 158 27.14 -27.12 23.44
C ALA I 158 26.03 -28.09 23.06
N PRO I 159 26.20 -29.38 23.41
CA PRO I 159 25.23 -30.44 23.12
C PRO I 159 23.85 -30.06 23.62
N PRO I 160 22.80 -30.60 23.00
CA PRO I 160 21.44 -30.28 23.44
C PRO I 160 21.11 -31.04 24.71
N LEU I 161 20.21 -30.52 25.52
CA LEU I 161 19.79 -31.24 26.71
C LEU I 161 18.99 -32.40 26.14
N ARG I 162 19.17 -33.59 26.70
CA ARG I 162 18.47 -34.77 26.18
C ARG I 162 17.43 -35.43 27.10
N SER I 163 17.65 -35.36 28.40
CA SER I 163 16.73 -36.00 29.33
C SER I 163 16.40 -35.20 30.57
N ILE I 164 15.10 -35.04 30.81
CA ILE I 164 14.64 -34.36 32.01
C ILE I 164 13.73 -35.35 32.73
N ILE I 165 14.19 -35.81 33.88
CA ILE I 165 13.42 -36.73 34.68
C ILE I 165 13.01 -35.89 35.89
N CYS I 166 11.84 -35.27 35.78
CA CYS I 166 11.40 -34.44 36.87
C CYS I 166 9.99 -34.77 37.33
N GLY I 167 9.87 -35.71 38.27
CA GLY I 167 8.56 -36.09 38.76
C GLY I 167 8.48 -36.14 40.27
N ARG I 168 7.26 -36.20 40.79
CA ARG I 168 7.00 -36.28 42.22
C ARG I 168 7.50 -35.03 42.88
N ASN I 169 7.25 -33.91 42.21
CA ASN I 169 7.63 -32.58 42.69
C ASN I 169 6.45 -31.65 42.76
N ARG I 170 5.26 -32.18 42.50
CA ARG I 170 4.06 -31.35 42.53
C ARG I 170 4.23 -30.09 41.70
N LEU I 171 4.74 -30.25 40.48
CA LEU I 171 4.89 -29.06 39.64
C LEU I 171 3.54 -28.39 39.44
N GLU I 172 2.46 -29.14 39.62
CA GLU I 172 1.08 -28.64 39.46
C GLU I 172 0.87 -27.85 38.17
N ASN I 173 -0.28 -27.22 38.04
CA ASN I 173 -0.52 -26.45 36.84
C ASN I 173 0.21 -25.12 36.98
N GLY I 174 0.44 -24.71 38.22
CA GLY I 174 1.12 -23.46 38.46
C GLY I 174 2.31 -23.24 37.57
N SER I 175 3.15 -24.27 37.43
CA SER I 175 4.34 -24.17 36.61
C SER I 175 4.22 -24.68 35.19
N MET I 176 3.04 -25.12 34.76
CA MET I 176 2.97 -25.64 33.39
C MET I 176 3.21 -24.56 32.34
N LYS I 177 2.71 -23.36 32.59
CA LYS I 177 2.91 -22.26 31.65
C LYS I 177 4.40 -22.17 31.34
N GLU I 178 5.20 -22.12 32.40
CA GLU I 178 6.63 -22.00 32.23
C GLU I 178 7.28 -23.25 31.62
N TRP I 179 7.03 -24.43 32.22
CA TRP I 179 7.64 -25.66 31.68
C TRP I 179 7.38 -25.80 30.19
N ALA I 180 6.17 -25.48 29.77
CA ALA I 180 5.84 -25.61 28.37
C ALA I 180 6.85 -24.80 27.58
N LYS I 181 7.33 -23.72 28.20
CA LYS I 181 8.31 -22.89 27.52
C LYS I 181 9.67 -23.58 27.57
N THR I 182 9.97 -24.22 28.69
CA THR I 182 11.22 -24.94 28.80
C THR I 182 11.35 -25.97 27.69
N PHE I 183 10.24 -26.57 27.30
CA PHE I 183 10.32 -27.54 26.22
C PHE I 183 10.54 -26.83 24.90
N GLN I 184 9.79 -25.76 24.64
CA GLN I 184 9.99 -25.01 23.40
C GLN I 184 11.46 -24.68 23.22
N SER I 185 12.15 -24.54 24.34
CA SER I 185 13.57 -24.25 24.35
C SER I 185 14.34 -25.47 23.88
N HIS I 186 14.29 -26.55 24.65
CA HIS I 186 15.00 -27.78 24.30
C HIS I 186 14.23 -28.76 23.41
N ARG I 187 14.03 -28.40 22.15
CA ARG I 187 13.30 -29.26 21.22
C ARG I 187 14.06 -30.48 20.76
N LEU I 188 15.13 -30.84 21.45
CA LEU I 188 15.87 -32.02 21.02
C LEU I 188 15.92 -33.09 22.09
N LEU I 189 15.02 -32.99 23.06
CA LEU I 189 14.97 -33.97 24.13
C LEU I 189 14.60 -35.32 23.59
N HIS I 190 15.00 -36.35 24.33
CA HIS I 190 14.71 -37.73 23.99
C HIS I 190 13.85 -38.35 25.06
N THR I 191 14.16 -38.02 26.31
CA THR I 191 13.43 -38.56 27.44
C THR I 191 12.94 -37.50 28.41
N VAL I 192 11.62 -37.30 28.45
CA VAL I 192 11.03 -36.35 29.40
C VAL I 192 10.02 -37.12 30.25
N LYS I 193 10.24 -37.11 31.56
CA LYS I 193 9.37 -37.84 32.47
C LYS I 193 8.90 -36.97 33.64
N MET I 194 7.69 -36.45 33.54
CA MET I 194 7.16 -35.61 34.58
C MET I 194 6.01 -36.31 35.26
N VAL I 195 6.35 -37.37 35.99
CA VAL I 195 5.38 -38.19 36.71
C VAL I 195 4.94 -37.69 38.07
N GLN I 196 3.66 -37.87 38.38
CA GLN I 196 3.11 -37.54 39.68
C GLN I 196 3.36 -36.10 40.09
N ASN I 197 2.90 -35.15 39.27
CA ASN I 197 3.09 -33.75 39.60
C ASN I 197 1.77 -33.03 39.79
N GLY I 198 0.75 -33.78 40.20
CA GLY I 198 -0.56 -33.20 40.42
C GLY I 198 -1.06 -32.36 39.26
N ILE I 199 -0.37 -32.38 38.14
CA ILE I 199 -0.80 -31.59 37.01
C ILE I 199 -2.22 -32.04 36.61
N ARG I 200 -3.18 -31.09 36.58
CA ARG I 200 -4.56 -31.41 36.22
C ARG I 200 -4.80 -31.15 34.72
N PRO I 201 -5.98 -31.50 34.23
CA PRO I 201 -6.36 -31.33 32.82
C PRO I 201 -5.81 -30.11 32.11
N GLU I 202 -6.30 -28.93 32.49
CA GLU I 202 -5.84 -27.69 31.87
C GLU I 202 -4.32 -27.70 31.81
N GLY I 203 -3.70 -28.19 32.87
CA GLY I 203 -2.25 -28.27 32.92
C GLY I 203 -1.69 -29.12 31.79
N ILE I 204 -2.14 -30.36 31.72
CA ILE I 204 -1.67 -31.24 30.66
C ILE I 204 -2.00 -30.71 29.25
N GLU I 205 -3.20 -30.16 29.06
CA GLU I 205 -3.56 -29.65 27.74
C GLU I 205 -2.45 -28.71 27.25
N HIS I 206 -2.01 -27.82 28.14
CA HIS I 206 -0.97 -26.84 27.83
C HIS I 206 0.35 -27.55 27.68
N LEU I 207 0.84 -28.10 28.77
CA LEU I 207 2.08 -28.84 28.74
C LEU I 207 2.22 -29.62 27.44
N LEU I 208 1.12 -30.18 26.94
CA LEU I 208 1.20 -30.94 25.70
C LEU I 208 1.25 -30.04 24.47
N LEU I 209 0.10 -29.49 24.12
CA LEU I 209 -0.04 -28.63 22.94
C LEU I 209 0.92 -27.44 22.78
N GLU I 210 1.46 -26.95 23.88
CA GLU I 210 2.37 -25.80 23.79
C GLU I 210 3.78 -26.16 24.28
N GLY I 211 3.92 -27.37 24.81
CA GLY I 211 5.20 -27.82 25.32
C GLY I 211 5.74 -28.98 24.50
N LEU I 212 5.73 -30.17 25.08
CA LEU I 212 6.23 -31.36 24.40
C LEU I 212 5.99 -31.41 22.90
N ALA I 213 4.81 -31.01 22.45
CA ALA I 213 4.53 -31.06 21.03
C ALA I 213 5.63 -30.48 20.14
N TYR I 214 6.49 -29.64 20.69
CA TYR I 214 7.55 -29.06 19.87
C TYR I 214 8.81 -29.90 19.86
N CYS I 215 8.86 -30.94 20.68
CA CYS I 215 10.03 -31.83 20.74
C CYS I 215 9.96 -32.99 19.72
N GLN I 216 9.88 -32.68 18.44
CA GLN I 216 9.80 -33.72 17.40
C GLN I 216 10.74 -34.92 17.61
N GLU I 217 11.86 -34.71 18.28
CA GLU I 217 12.84 -35.78 18.51
C GLU I 217 12.46 -36.77 19.60
N LEU I 218 11.52 -36.38 20.44
CA LEU I 218 11.05 -37.19 21.58
C LEU I 218 10.95 -38.70 21.38
N LYS I 219 11.60 -39.44 22.29
CA LYS I 219 11.62 -40.90 22.27
C LYS I 219 10.80 -41.52 23.40
N VAL I 220 10.96 -40.98 24.60
CA VAL I 220 10.26 -41.49 25.77
C VAL I 220 9.55 -40.39 26.56
N LEU I 221 8.23 -40.56 26.73
CA LEU I 221 7.44 -39.60 27.46
C LEU I 221 6.59 -40.32 28.49
N ASP I 222 6.72 -39.92 29.75
CA ASP I 222 5.95 -40.52 30.85
C ASP I 222 5.26 -39.42 31.65
N LEU I 223 3.94 -39.44 31.70
CA LEU I 223 3.17 -38.45 32.43
C LEU I 223 2.29 -39.12 33.47
N GLN I 224 2.73 -40.29 33.89
CA GLN I 224 2.02 -41.10 34.86
C GLN I 224 1.52 -40.38 36.11
N ASP I 225 0.33 -40.76 36.54
CA ASP I 225 -0.33 -40.26 37.73
C ASP I 225 -0.62 -38.76 37.78
N ASN I 226 -1.15 -38.25 36.68
CA ASN I 226 -1.54 -36.86 36.57
C ASN I 226 -2.97 -36.92 36.03
N THR I 227 -3.84 -36.07 36.54
CA THR I 227 -5.20 -36.14 36.04
C THR I 227 -5.27 -35.57 34.62
N PHE I 228 -5.63 -36.43 33.66
CA PHE I 228 -5.77 -35.99 32.28
C PHE I 228 -7.23 -35.63 31.92
N THR I 229 -8.09 -36.64 31.95
CA THR I 229 -9.52 -36.55 31.61
C THR I 229 -9.70 -36.25 30.13
N HIS I 230 -10.93 -35.95 29.70
CA HIS I 230 -11.18 -35.68 28.29
C HIS I 230 -10.34 -34.54 27.75
N LEU I 231 -10.17 -33.48 28.54
CA LEU I 231 -9.38 -32.34 28.11
C LEU I 231 -7.93 -32.74 27.82
N GLY I 232 -7.29 -33.38 28.79
CA GLY I 232 -5.92 -33.83 28.62
C GLY I 232 -5.77 -34.78 27.44
N SER I 233 -6.67 -35.76 27.36
CA SER I 233 -6.64 -36.73 26.27
C SER I 233 -6.66 -36.07 24.91
N SER I 234 -7.64 -35.21 24.65
CA SER I 234 -7.74 -34.53 23.36
C SER I 234 -6.42 -33.87 23.02
N ALA I 235 -5.78 -33.28 24.02
CA ALA I 235 -4.49 -32.67 23.78
C ALA I 235 -3.56 -33.78 23.29
N LEU I 236 -3.37 -34.78 24.13
CA LEU I 236 -2.53 -35.93 23.80
C LEU I 236 -2.82 -36.50 22.41
N ALA I 237 -4.08 -36.60 22.05
CA ALA I 237 -4.45 -37.13 20.76
C ALA I 237 -3.83 -36.28 19.68
N ILE I 238 -4.12 -34.98 19.72
CA ILE I 238 -3.59 -34.08 18.72
C ILE I 238 -2.07 -34.15 18.63
N ALA I 239 -1.43 -34.11 19.78
CA ALA I 239 0.02 -34.14 19.86
C ALA I 239 0.73 -35.41 19.42
N LEU I 240 0.07 -36.56 19.47
CA LEU I 240 0.74 -37.78 19.08
C LEU I 240 1.47 -37.72 17.74
N LYS I 241 0.86 -37.05 16.77
CA LYS I 241 1.46 -36.96 15.45
C LYS I 241 2.80 -36.24 15.47
N SER I 242 3.13 -35.59 16.58
CA SER I 242 4.39 -34.85 16.70
C SER I 242 5.60 -35.70 17.07
N TRP I 243 5.39 -36.89 17.63
CA TRP I 243 6.51 -37.71 18.04
C TRP I 243 6.64 -39.00 17.27
N PRO I 244 7.28 -38.97 16.10
CA PRO I 244 7.51 -40.11 15.22
C PRO I 244 8.35 -41.19 15.86
N ASN I 245 9.45 -40.77 16.49
CA ASN I 245 10.33 -41.72 17.11
C ASN I 245 9.87 -42.01 18.52
N LEU I 246 8.56 -41.96 18.73
CA LEU I 246 8.06 -42.26 20.07
C LEU I 246 8.24 -43.75 20.24
N ARG I 247 8.67 -44.16 21.42
CA ARG I 247 8.87 -45.58 21.68
C ARG I 247 8.25 -46.00 23.00
N GLU I 248 8.13 -45.07 23.94
CA GLU I 248 7.54 -45.39 25.22
C GLU I 248 6.56 -44.30 25.61
N LEU I 249 5.33 -44.70 25.85
CA LEU I 249 4.29 -43.77 26.22
C LEU I 249 3.68 -44.25 27.53
N GLY I 250 4.03 -43.61 28.63
CA GLY I 250 3.50 -44.01 29.92
C GLY I 250 2.37 -43.13 30.43
N LEU I 251 1.16 -43.65 30.38
CA LEU I 251 -0.02 -42.93 30.83
C LEU I 251 -0.71 -43.62 32.01
N ASN I 252 0.01 -44.48 32.72
CA ASN I 252 -0.61 -45.18 33.84
C ASN I 252 -1.12 -44.23 34.91
N ASP I 253 -2.36 -44.44 35.37
CA ASP I 253 -2.93 -43.62 36.43
C ASP I 253 -3.32 -42.21 36.00
N CYS I 254 -3.65 -41.99 34.74
CA CYS I 254 -3.95 -40.62 34.34
C CYS I 254 -5.40 -40.25 34.14
N LEU I 255 -6.31 -41.16 34.48
CA LEU I 255 -7.73 -40.90 34.31
C LEU I 255 -8.04 -40.35 32.92
N LEU I 256 -7.48 -40.95 31.88
CA LEU I 256 -7.75 -40.49 30.52
C LEU I 256 -9.25 -40.33 30.30
N SER I 257 -10.03 -41.21 30.90
CA SER I 257 -11.50 -41.26 30.80
C SER I 257 -11.88 -42.13 29.62
N ALA I 258 -13.01 -42.82 29.74
CA ALA I 258 -13.49 -43.71 28.67
C ALA I 258 -13.47 -43.00 27.32
N ARG I 259 -13.94 -41.75 27.34
CA ARG I 259 -14.00 -40.91 26.15
C ARG I 259 -12.61 -40.49 25.67
N GLY I 260 -11.72 -40.22 26.63
CA GLY I 260 -10.37 -39.81 26.30
C GLY I 260 -9.59 -40.89 25.59
N ALA I 261 -9.47 -42.04 26.23
CA ALA I 261 -8.76 -43.17 25.64
C ALA I 261 -9.35 -43.40 24.27
N ALA I 262 -10.68 -43.35 24.20
CA ALA I 262 -11.40 -43.54 22.93
C ALA I 262 -10.70 -42.77 21.83
N ALA I 263 -10.43 -41.50 22.11
CA ALA I 263 -9.77 -40.62 21.15
C ALA I 263 -8.27 -40.92 21.01
N VAL I 264 -7.56 -41.05 22.12
CA VAL I 264 -6.15 -41.35 22.05
C VAL I 264 -5.93 -42.55 21.16
N VAL I 265 -6.73 -43.59 21.37
CA VAL I 265 -6.61 -44.77 20.56
C VAL I 265 -6.83 -44.34 19.13
N ASP I 266 -7.96 -43.72 18.88
CA ASP I 266 -8.26 -43.27 17.52
C ASP I 266 -7.03 -42.53 16.97
N ALA I 267 -6.44 -41.67 17.80
CA ALA I 267 -5.26 -40.90 17.44
C ALA I 267 -4.20 -41.82 16.84
N PHE I 268 -3.79 -42.84 17.58
CA PHE I 268 -2.80 -43.77 17.07
C PHE I 268 -3.28 -44.35 15.72
N SER I 269 -4.56 -44.76 15.70
CA SER I 269 -5.15 -45.36 14.52
C SER I 269 -4.72 -44.64 13.26
N LYS I 270 -4.64 -43.32 13.34
CA LYS I 270 -4.26 -42.52 12.18
C LYS I 270 -2.75 -42.37 11.96
N LEU I 271 -1.95 -42.61 13.00
CA LEU I 271 -0.50 -42.47 12.86
C LEU I 271 -0.04 -43.46 11.82
N GLU I 272 1.17 -43.25 11.31
CA GLU I 272 1.75 -44.15 10.31
C GLU I 272 3.12 -44.56 10.80
N ASN I 273 3.64 -45.66 10.27
CA ASN I 273 4.96 -46.16 10.66
C ASN I 273 5.15 -46.05 12.16
N ILE I 274 4.23 -46.61 12.93
CA ILE I 274 4.33 -46.53 14.37
C ILE I 274 5.43 -47.42 14.91
N GLY I 275 6.46 -46.79 15.48
CA GLY I 275 7.57 -47.55 16.03
C GLY I 275 7.44 -47.70 17.53
N LEU I 276 6.25 -47.42 18.04
CA LEU I 276 6.00 -47.52 19.47
C LEU I 276 6.46 -48.87 19.99
N GLN I 277 7.04 -48.91 21.17
CA GLN I 277 7.54 -50.17 21.69
C GLN I 277 7.01 -50.59 23.05
N THR I 278 6.36 -49.66 23.74
CA THR I 278 5.84 -49.96 25.06
C THR I 278 4.84 -48.87 25.43
N LEU I 279 3.57 -49.28 25.50
CA LEU I 279 2.47 -48.39 25.80
C LEU I 279 1.83 -48.74 27.14
N ARG I 280 1.92 -47.82 28.11
CA ARG I 280 1.35 -48.04 29.45
C ARG I 280 0.01 -47.32 29.60
N LEU I 281 -1.10 -48.05 29.59
CA LEU I 281 -2.41 -47.43 29.69
C LEU I 281 -3.25 -47.79 30.92
N GLN I 282 -2.60 -48.24 31.99
CA GLN I 282 -3.33 -48.63 33.20
C GLN I 282 -4.30 -47.57 33.72
N TYR I 283 -5.09 -47.96 34.72
CA TYR I 283 -6.07 -47.10 35.38
C TYR I 283 -6.55 -45.83 34.69
N ASN I 284 -7.16 -45.96 33.52
CA ASN I 284 -7.66 -44.78 32.82
C ASN I 284 -9.13 -44.86 32.50
N GLU I 285 -9.84 -45.76 33.18
CA GLU I 285 -11.28 -45.95 32.97
C GLU I 285 -11.56 -46.34 31.52
N ILE I 286 -10.52 -46.75 30.80
CA ILE I 286 -10.68 -47.14 29.39
C ILE I 286 -11.76 -48.20 29.26
N GLU I 287 -12.73 -48.00 28.39
CA GLU I 287 -13.78 -49.00 28.25
C GLU I 287 -13.53 -49.99 27.13
N LEU I 288 -14.15 -51.16 27.26
CA LEU I 288 -14.03 -52.25 26.31
C LEU I 288 -14.00 -51.83 24.84
N ASP I 289 -14.99 -51.06 24.41
CA ASP I 289 -15.05 -50.63 23.01
C ASP I 289 -13.74 -50.02 22.51
N ALA I 290 -13.04 -49.33 23.40
CA ALA I 290 -11.78 -48.71 23.05
C ALA I 290 -10.69 -49.79 23.00
N VAL I 291 -10.66 -50.66 24.01
CA VAL I 291 -9.67 -51.75 24.08
C VAL I 291 -9.83 -52.65 22.85
N ARG I 292 -11.07 -52.74 22.36
CA ARG I 292 -11.38 -53.53 21.17
C ARG I 292 -10.59 -52.95 20.01
N THR I 293 -10.79 -51.66 19.75
CA THR I 293 -10.07 -50.99 18.68
C THR I 293 -8.57 -50.94 18.92
N LEU I 294 -8.16 -50.61 20.14
CA LEU I 294 -6.75 -50.55 20.45
C LEU I 294 -6.09 -51.85 20.01
N LYS I 295 -6.79 -52.97 20.16
CA LYS I 295 -6.21 -54.25 19.76
C LYS I 295 -5.88 -54.26 18.28
N THR I 296 -6.91 -54.19 17.45
CA THR I 296 -6.72 -54.22 16.01
C THR I 296 -5.62 -53.24 15.57
N VAL I 297 -5.59 -52.07 16.19
CA VAL I 297 -4.57 -51.08 15.86
C VAL I 297 -3.18 -51.61 16.20
N ILE I 298 -3.03 -52.13 17.42
CA ILE I 298 -1.76 -52.69 17.86
C ILE I 298 -1.33 -53.74 16.85
N ASP I 299 -2.30 -54.53 16.42
CA ASP I 299 -2.06 -55.62 15.47
C ASP I 299 -1.64 -55.12 14.08
N GLU I 300 -2.51 -54.38 13.44
CA GLU I 300 -2.24 -53.86 12.11
C GLU I 300 -1.10 -52.83 12.05
N LYS I 301 -1.14 -51.81 12.89
CA LYS I 301 -0.17 -50.74 12.82
C LYS I 301 0.96 -50.59 13.85
N MET I 302 1.03 -51.45 14.85
CA MET I 302 2.10 -51.31 15.86
C MET I 302 3.02 -52.54 15.94
N PRO I 303 3.65 -52.89 14.82
CA PRO I 303 4.55 -54.04 14.75
C PRO I 303 5.65 -54.17 15.78
N ASP I 304 6.04 -53.08 16.46
CA ASP I 304 7.15 -53.23 17.41
C ASP I 304 6.78 -53.28 18.88
N LEU I 305 5.48 -53.22 19.16
CA LEU I 305 5.00 -53.24 20.54
C LEU I 305 5.49 -54.47 21.32
N LEU I 306 6.17 -54.22 22.44
CA LEU I 306 6.67 -55.30 23.27
C LEU I 306 5.94 -55.31 24.60
N PHE I 307 5.40 -54.17 25.01
CA PHE I 307 4.70 -54.10 26.28
C PHE I 307 3.40 -53.34 26.21
N LEU I 308 2.38 -53.87 26.86
CA LEU I 308 1.08 -53.22 26.91
C LEU I 308 0.67 -53.29 28.36
N GLU I 309 -0.22 -52.39 28.78
CA GLU I 309 -0.67 -52.36 30.16
C GLU I 309 -2.06 -51.74 30.24
N LEU I 310 -3.07 -52.59 30.48
CA LEU I 310 -4.44 -52.09 30.58
C LEU I 310 -5.06 -52.37 31.95
N ASN I 311 -4.32 -53.06 32.81
CA ASN I 311 -4.80 -53.39 34.14
C ASN I 311 -5.37 -52.17 34.86
N GLY I 312 -6.58 -52.34 35.42
CA GLY I 312 -7.21 -51.27 36.15
C GLY I 312 -8.35 -50.50 35.48
N ASN I 313 -8.57 -50.73 34.19
CA ASN I 313 -9.63 -50.01 33.50
C ASN I 313 -11.04 -50.57 33.67
N ARG I 314 -11.97 -50.11 32.83
CA ARG I 314 -13.36 -50.53 32.89
C ARG I 314 -13.80 -51.58 31.88
N PHE I 315 -13.23 -52.78 31.98
CA PHE I 315 -13.60 -53.86 31.09
C PHE I 315 -13.14 -55.14 31.78
N SER I 316 -14.02 -56.14 31.82
CA SER I 316 -13.74 -57.41 32.48
C SER I 316 -12.48 -58.15 32.04
N GLU I 317 -11.77 -58.73 33.01
CA GLU I 317 -10.55 -59.46 32.72
C GLU I 317 -10.86 -60.63 31.80
N GLU I 318 -12.15 -60.97 31.72
CA GLU I 318 -12.63 -62.10 30.90
C GLU I 318 -12.78 -61.73 29.42
N ASP I 319 -13.57 -60.68 29.17
CA ASP I 319 -13.85 -60.19 27.83
C ASP I 319 -12.93 -60.65 26.71
N ASP I 320 -13.54 -61.10 25.64
CA ASP I 320 -12.85 -61.62 24.46
C ASP I 320 -11.53 -60.94 24.11
N VAL I 321 -11.61 -59.63 23.84
CA VAL I 321 -10.46 -58.82 23.45
C VAL I 321 -9.15 -59.19 24.13
N VAL I 322 -9.19 -59.43 25.43
CA VAL I 322 -7.99 -59.79 26.18
C VAL I 322 -7.25 -60.90 25.45
N ASP I 323 -7.86 -62.09 25.42
CA ASP I 323 -7.26 -63.24 24.75
C ASP I 323 -6.82 -62.88 23.33
N GLU I 324 -7.65 -62.12 22.61
CA GLU I 324 -7.32 -61.71 21.25
C GLU I 324 -6.02 -60.92 21.20
N ILE I 325 -5.79 -60.11 22.22
CA ILE I 325 -4.57 -59.32 22.31
C ILE I 325 -3.40 -60.26 22.63
N ARG I 326 -3.57 -61.04 23.69
CA ARG I 326 -2.53 -61.99 24.13
C ARG I 326 -2.19 -62.87 22.94
N GLU I 327 -3.21 -63.18 22.16
CA GLU I 327 -3.04 -64.02 20.99
C GLU I 327 -2.16 -63.33 19.95
N VAL I 328 -2.40 -62.04 19.72
CA VAL I 328 -1.63 -61.29 18.73
C VAL I 328 -0.13 -61.37 18.98
N PHE I 329 0.28 -61.23 20.24
CA PHE I 329 1.69 -61.29 20.60
C PHE I 329 2.23 -62.71 20.45
N SER I 330 1.37 -63.70 20.69
CA SER I 330 1.76 -65.11 20.57
C SER I 330 2.14 -65.43 19.14
N THR I 331 1.24 -65.12 18.21
CA THR I 331 1.45 -65.36 16.79
C THR I 331 2.73 -64.68 16.31
N ARG I 332 3.01 -63.50 16.87
CA ARG I 332 4.18 -62.71 16.54
C ARG I 332 5.45 -63.27 17.17
N GLY I 333 5.31 -63.79 18.39
CA GLY I 333 6.44 -64.34 19.11
C GLY I 333 7.08 -63.27 19.95
N ARG I 334 6.57 -62.04 19.80
CA ARG I 334 7.07 -60.89 20.53
C ARG I 334 5.90 -60.03 20.96
N GLY I 335 5.75 -59.86 22.27
CA GLY I 335 4.66 -59.05 22.79
C GLY I 335 4.48 -59.39 24.25
N GLU I 336 3.56 -58.73 24.94
CA GLU I 336 3.33 -59.01 26.35
C GLU I 336 2.31 -58.10 27.02
N LEU I 337 1.14 -58.66 27.31
CA LEU I 337 0.09 -57.90 28.00
C LEU I 337 0.32 -58.08 29.51
N ASP I 338 -0.08 -57.12 30.32
CA ASP I 338 0.14 -57.24 31.76
C ASP I 338 -0.98 -58.06 32.39
N GLU I 339 -0.88 -58.32 33.69
CA GLU I 339 -1.88 -59.10 34.42
C GLU I 339 -3.01 -58.18 34.85
N LEU I 340 -4.22 -58.46 34.38
CA LEU I 340 -5.38 -57.60 34.70
C LEU I 340 -6.11 -57.97 36.01
N ASP I 341 -5.36 -58.04 37.11
CA ASP I 341 -5.94 -58.40 38.39
C ASP I 341 -6.59 -57.29 39.22
N ASP I 342 -7.15 -56.26 38.60
CA ASP I 342 -7.74 -55.21 39.40
C ASP I 342 -8.75 -54.29 38.70
N MET I 343 -9.38 -54.79 37.64
CA MET I 343 -10.33 -53.99 36.88
C MET I 343 -11.34 -53.16 37.71
N GLU I 344 -11.64 -51.96 37.24
CA GLU I 344 -12.56 -51.06 37.93
C GLU I 344 -14.00 -51.53 37.77
N GLU I 345 -14.87 -51.08 38.67
CA GLU I 345 -16.28 -51.44 38.67
C GLU I 345 -16.43 -52.90 39.02
N GLN J 8 -51.22 -7.03 -20.01
CA GLN J 8 -50.17 -8.01 -19.63
C GLN J 8 -48.81 -7.57 -20.16
N VAL J 9 -48.08 -6.84 -19.33
CA VAL J 9 -46.75 -6.32 -19.62
C VAL J 9 -45.67 -7.28 -19.16
N GLN J 10 -44.67 -7.50 -20.00
CA GLN J 10 -43.57 -8.42 -19.68
C GLN J 10 -42.22 -7.78 -19.59
N PHE J 11 -41.46 -8.13 -18.55
CA PHE J 11 -40.13 -7.56 -18.40
C PHE J 11 -39.07 -8.65 -18.31
N LYS J 12 -37.94 -8.46 -19.01
CA LYS J 12 -36.86 -9.44 -18.95
C LYS J 12 -35.83 -9.03 -17.92
N LEU J 13 -35.89 -9.64 -16.75
CA LEU J 13 -34.95 -9.33 -15.69
C LEU J 13 -33.84 -10.37 -15.62
N VAL J 14 -32.59 -9.92 -15.66
CA VAL J 14 -31.47 -10.83 -15.59
C VAL J 14 -30.95 -10.96 -14.17
N LEU J 15 -31.01 -12.16 -13.60
CA LEU J 15 -30.51 -12.37 -12.25
C LEU J 15 -29.12 -12.97 -12.44
N VAL J 16 -28.12 -12.31 -11.88
CA VAL J 16 -26.74 -12.73 -12.05
C VAL J 16 -25.97 -12.61 -10.74
N GLY J 17 -24.80 -13.24 -10.67
CA GLY J 17 -24.04 -13.11 -9.44
C GLY J 17 -23.19 -14.32 -9.15
N ASP J 18 -22.24 -14.22 -8.21
CA ASP J 18 -21.41 -15.37 -7.90
C ASP J 18 -22.26 -16.58 -7.48
N GLY J 19 -21.73 -17.78 -7.73
CA GLY J 19 -22.45 -18.99 -7.36
C GLY J 19 -22.59 -19.26 -5.87
N GLY J 20 -23.72 -19.85 -5.51
CA GLY J 20 -23.98 -20.18 -4.11
C GLY J 20 -24.37 -18.97 -3.30
N THR J 21 -24.92 -17.96 -3.95
CA THR J 21 -25.29 -16.77 -3.23
C THR J 21 -26.76 -16.73 -2.91
N GLY J 22 -27.61 -17.19 -3.82
CA GLY J 22 -29.03 -17.18 -3.54
C GLY J 22 -29.93 -16.90 -4.74
N LYS J 23 -29.35 -16.64 -5.91
CA LYS J 23 -30.19 -16.35 -7.07
C LYS J 23 -31.41 -17.27 -7.17
N THR J 24 -31.18 -18.58 -7.32
CA THR J 24 -32.30 -19.51 -7.42
C THR J 24 -33.15 -19.54 -6.13
N THR J 25 -32.52 -19.75 -4.98
CA THR J 25 -33.26 -19.77 -3.73
C THR J 25 -34.24 -18.62 -3.71
N PHE J 26 -33.72 -17.44 -3.99
CA PHE J 26 -34.52 -16.22 -4.01
C PHE J 26 -35.70 -16.36 -4.98
N VAL J 27 -35.37 -16.63 -6.23
CA VAL J 27 -36.40 -16.79 -7.23
C VAL J 27 -37.40 -17.88 -6.86
N LYS J 28 -36.90 -18.98 -6.29
CA LYS J 28 -37.74 -20.10 -5.89
C LYS J 28 -38.80 -19.57 -4.94
N ARG J 29 -38.34 -19.15 -3.77
CA ARG J 29 -39.26 -18.61 -2.79
C ARG J 29 -40.32 -17.72 -3.43
N HIS J 30 -39.89 -16.85 -4.33
CA HIS J 30 -40.83 -15.97 -4.98
C HIS J 30 -41.88 -16.63 -5.83
N LEU J 31 -41.80 -17.94 -6.03
CA LEU J 31 -42.85 -18.56 -6.82
C LEU J 31 -43.40 -19.81 -6.18
N THR J 32 -43.04 -20.06 -4.93
CA THR J 32 -43.53 -21.22 -4.20
C THR J 32 -43.62 -20.88 -2.73
N GLY J 33 -42.78 -19.94 -2.30
CA GLY J 33 -42.79 -19.53 -0.92
C GLY J 33 -41.84 -20.39 -0.14
N GLU J 34 -41.42 -21.50 -0.74
CA GLU J 34 -40.50 -22.42 -0.07
C GLU J 34 -39.09 -21.85 0.07
N PHE J 35 -38.43 -22.22 1.15
CA PHE J 35 -37.06 -21.78 1.32
C PHE J 35 -36.17 -22.96 0.98
N GLU J 36 -35.77 -23.07 -0.28
CA GLU J 36 -34.92 -24.17 -0.70
C GLU J 36 -33.59 -24.07 0.01
N LYS J 37 -33.36 -24.99 0.95
CA LYS J 37 -32.13 -25.01 1.74
C LYS J 37 -31.04 -25.84 1.09
N LYS J 38 -31.40 -26.61 0.07
CA LYS J 38 -30.42 -27.43 -0.61
C LYS J 38 -29.74 -26.64 -1.72
N TYR J 39 -28.41 -26.66 -1.73
CA TYR J 39 -27.68 -25.98 -2.76
C TYR J 39 -27.55 -26.79 -4.04
N VAL J 40 -28.29 -26.45 -5.08
CA VAL J 40 -28.20 -27.18 -6.34
C VAL J 40 -27.90 -26.27 -7.50
N ALA J 41 -26.62 -26.21 -7.85
CA ALA J 41 -26.09 -25.39 -8.93
C ALA J 41 -26.97 -25.35 -10.16
N THR J 42 -27.25 -24.13 -10.63
CA THR J 42 -28.09 -23.88 -11.81
C THR J 42 -27.33 -23.98 -13.13
N LEU J 43 -27.31 -25.12 -13.79
CA LEU J 43 -26.58 -25.18 -15.04
C LEU J 43 -27.12 -24.29 -16.15
N GLY J 44 -26.26 -23.41 -16.69
CA GLY J 44 -26.67 -22.51 -17.76
C GLY J 44 -27.62 -21.39 -17.32
N VAL J 45 -28.88 -21.48 -17.75
CA VAL J 45 -29.86 -20.48 -17.37
C VAL J 45 -31.27 -21.05 -17.34
N GLU J 46 -32.00 -20.77 -16.27
CA GLU J 46 -33.40 -21.22 -16.14
C GLU J 46 -34.32 -20.00 -16.14
N VAL J 47 -35.20 -19.90 -17.11
CA VAL J 47 -36.11 -18.76 -17.10
C VAL J 47 -37.39 -19.05 -16.30
N HIS J 48 -37.53 -18.37 -15.16
CA HIS J 48 -38.71 -18.52 -14.30
C HIS J 48 -39.51 -17.22 -14.37
N PRO J 49 -40.84 -17.31 -14.62
CA PRO J 49 -41.68 -16.11 -14.69
C PRO J 49 -42.47 -15.85 -13.40
N LEU J 50 -42.47 -14.59 -12.96
CA LEU J 50 -43.19 -14.19 -11.78
C LEU J 50 -44.13 -13.05 -12.16
N VAL J 51 -45.37 -13.11 -11.68
CA VAL J 51 -46.33 -12.06 -11.96
C VAL J 51 -46.65 -11.37 -10.65
N PHE J 52 -46.88 -10.07 -10.72
CA PHE J 52 -47.22 -9.26 -9.57
C PHE J 52 -48.36 -8.37 -9.94
N HIS J 53 -49.22 -8.06 -8.98
CA HIS J 53 -50.33 -7.18 -9.28
C HIS J 53 -50.10 -5.82 -8.64
N THR J 54 -50.29 -4.79 -9.45
CA THR J 54 -50.07 -3.43 -8.97
C THR J 54 -51.31 -2.58 -9.21
N ASN J 55 -51.25 -1.36 -8.71
CA ASN J 55 -52.34 -0.44 -8.87
C ASN J 55 -52.43 -0.04 -10.34
N ARG J 56 -51.49 -0.50 -11.14
CA ARG J 56 -51.49 -0.19 -12.58
C ARG J 56 -51.59 -1.43 -13.42
N GLY J 57 -52.22 -2.44 -12.86
CA GLY J 57 -52.39 -3.69 -13.58
C GLY J 57 -51.37 -4.73 -13.22
N PRO J 58 -51.50 -5.94 -13.76
CA PRO J 58 -50.56 -7.02 -13.48
C PRO J 58 -49.36 -7.00 -14.44
N ILE J 59 -48.17 -7.21 -13.89
CA ILE J 59 -46.95 -7.20 -14.69
C ILE J 59 -46.21 -8.52 -14.49
N LYS J 60 -45.49 -8.94 -15.50
CA LYS J 60 -44.77 -10.20 -15.43
C LYS J 60 -43.26 -10.07 -15.64
N PHE J 61 -42.53 -10.43 -14.59
CA PHE J 61 -41.09 -10.42 -14.67
C PHE J 61 -40.64 -11.79 -15.16
N ASN J 62 -39.85 -11.83 -16.23
CA ASN J 62 -39.32 -13.09 -16.72
C ASN J 62 -37.91 -13.19 -16.17
N VAL J 63 -37.79 -13.60 -14.91
CA VAL J 63 -36.49 -13.73 -14.27
C VAL J 63 -35.59 -14.73 -14.97
N TRP J 64 -34.53 -14.24 -15.61
CA TRP J 64 -33.57 -15.14 -16.25
C TRP J 64 -32.50 -15.46 -15.21
N ASP J 65 -32.70 -16.56 -14.49
CA ASP J 65 -31.78 -17.00 -13.47
C ASP J 65 -30.49 -17.56 -14.15
N THR J 66 -29.32 -17.01 -13.84
CA THR J 66 -28.10 -17.47 -14.49
C THR J 66 -27.17 -18.22 -13.56
N ALA J 67 -26.13 -18.81 -14.17
CA ALA J 67 -25.13 -19.60 -13.47
C ALA J 67 -23.88 -18.81 -13.07
N GLY J 68 -23.60 -18.78 -11.78
CA GLY J 68 -22.44 -18.06 -11.29
C GLY J 68 -21.05 -18.60 -11.52
N GLN J 69 -20.87 -19.52 -12.44
CA GLN J 69 -19.52 -20.01 -12.66
C GLN J 69 -19.03 -19.39 -13.96
N GLU J 70 -19.90 -19.43 -14.95
CA GLU J 70 -19.63 -18.91 -16.27
C GLU J 70 -18.85 -17.60 -16.22
N LYS J 71 -17.60 -17.61 -16.68
CA LYS J 71 -16.77 -16.41 -16.69
C LYS J 71 -17.48 -15.35 -17.52
N PHE J 72 -17.43 -14.10 -17.04
CA PHE J 72 -18.05 -12.99 -17.74
C PHE J 72 -17.36 -12.86 -19.08
N GLY J 73 -18.16 -12.63 -20.12
CA GLY J 73 -17.61 -12.49 -21.47
C GLY J 73 -18.70 -12.45 -22.51
N GLY J 74 -18.32 -12.47 -23.78
CA GLY J 74 -19.33 -12.42 -24.81
C GLY J 74 -20.13 -13.72 -24.84
N LEU J 75 -19.57 -14.78 -24.28
CA LEU J 75 -20.26 -16.04 -24.27
C LEU J 75 -21.55 -15.95 -23.49
N ARG J 76 -21.68 -14.88 -22.73
CA ARG J 76 -22.89 -14.68 -21.92
C ARG J 76 -23.91 -13.76 -22.60
N ASP J 77 -23.48 -13.02 -23.60
CA ASP J 77 -24.35 -12.08 -24.30
C ASP J 77 -25.81 -12.49 -24.36
N GLY J 78 -26.07 -13.74 -24.71
CA GLY J 78 -27.45 -14.20 -24.81
C GLY J 78 -28.35 -13.79 -23.66
N TYR J 79 -27.92 -13.98 -22.41
CA TYR J 79 -28.74 -13.65 -21.26
C TYR J 79 -29.04 -12.17 -21.23
N TYR J 80 -27.97 -11.38 -21.32
CA TYR J 80 -28.01 -9.93 -21.27
C TYR J 80 -28.86 -9.25 -22.34
N ILE J 81 -28.69 -9.66 -23.59
CA ILE J 81 -29.43 -9.07 -24.70
C ILE J 81 -30.89 -8.77 -24.35
N GLN J 82 -31.41 -7.71 -24.96
CA GLN J 82 -32.78 -7.24 -24.75
C GLN J 82 -33.36 -7.32 -23.33
N ALA J 83 -32.50 -7.39 -22.32
CA ALA J 83 -32.97 -7.41 -20.95
C ALA J 83 -33.54 -6.02 -20.73
N GLN J 84 -34.19 -5.81 -19.59
CA GLN J 84 -34.77 -4.51 -19.34
C GLN J 84 -34.56 -4.11 -17.92
N CYS J 85 -33.86 -4.97 -17.20
CA CYS J 85 -33.55 -4.75 -15.80
C CYS J 85 -32.75 -5.96 -15.36
N ALA J 86 -32.27 -5.96 -14.12
CA ALA J 86 -31.46 -7.05 -13.67
C ALA J 86 -31.19 -6.92 -12.17
N ILE J 87 -30.75 -8.01 -11.56
CA ILE J 87 -30.45 -8.00 -10.14
C ILE J 87 -29.11 -8.69 -10.00
N ILE J 88 -28.18 -8.05 -9.31
CA ILE J 88 -26.85 -8.61 -9.11
C ILE J 88 -26.87 -9.06 -7.67
N MET J 89 -26.48 -10.30 -7.41
CA MET J 89 -26.53 -10.77 -6.04
C MET J 89 -25.20 -11.22 -5.50
N PHE J 90 -24.99 -11.06 -4.20
CA PHE J 90 -23.76 -11.49 -3.56
C PHE J 90 -24.06 -11.87 -2.11
N ASP J 91 -23.20 -12.71 -1.54
CA ASP J 91 -23.41 -13.20 -0.18
C ASP J 91 -22.71 -12.36 0.89
N VAL J 92 -23.54 -11.70 1.69
CA VAL J 92 -23.08 -10.86 2.77
C VAL J 92 -22.03 -11.54 3.65
N THR J 93 -21.91 -12.86 3.58
CA THR J 93 -20.91 -13.55 4.40
C THR J 93 -19.68 -13.98 3.59
N SER J 94 -19.65 -13.54 2.34
CA SER J 94 -18.54 -13.87 1.47
C SER J 94 -17.92 -12.60 0.90
N ARG J 95 -16.80 -12.14 1.44
CA ARG J 95 -16.17 -10.94 0.91
C ARG J 95 -15.88 -11.21 -0.57
N VAL J 96 -15.33 -12.39 -0.86
CA VAL J 96 -15.01 -12.77 -2.24
C VAL J 96 -16.18 -12.57 -3.20
N THR J 97 -17.38 -12.88 -2.74
CA THR J 97 -18.56 -12.76 -3.56
C THR J 97 -18.95 -11.32 -3.86
N TYR J 98 -18.63 -10.42 -2.94
CA TYR J 98 -18.94 -9.00 -3.09
C TYR J 98 -17.90 -8.38 -4.02
N LYS J 99 -16.63 -8.70 -3.78
CA LYS J 99 -15.55 -8.19 -4.61
C LYS J 99 -15.82 -8.46 -6.08
N ASN J 100 -16.67 -9.46 -6.38
CA ASN J 100 -16.98 -9.78 -7.77
C ASN J 100 -18.13 -8.99 -8.37
N VAL J 101 -18.89 -8.29 -7.54
CA VAL J 101 -20.02 -7.49 -8.04
C VAL J 101 -19.62 -6.62 -9.25
N PRO J 102 -18.52 -5.86 -9.12
CA PRO J 102 -18.01 -5.00 -10.17
C PRO J 102 -17.95 -5.68 -11.52
N ASN J 103 -17.39 -6.89 -11.57
CA ASN J 103 -17.30 -7.61 -12.83
C ASN J 103 -18.68 -8.00 -13.37
N TRP J 104 -19.59 -8.37 -12.48
CA TRP J 104 -20.93 -8.70 -12.92
C TRP J 104 -21.50 -7.44 -13.51
N HIS J 105 -21.49 -6.37 -12.72
CA HIS J 105 -21.98 -5.10 -13.23
C HIS J 105 -20.88 -4.56 -14.13
N ARG J 106 -20.93 -4.91 -15.39
CA ARG J 106 -19.95 -4.46 -16.38
C ARG J 106 -20.15 -5.38 -17.52
N ASP J 107 -20.03 -6.67 -17.24
CA ASP J 107 -20.23 -7.68 -18.26
C ASP J 107 -21.71 -7.50 -18.56
N LEU J 108 -22.42 -6.90 -17.60
CA LEU J 108 -23.84 -6.66 -17.76
C LEU J 108 -24.11 -5.35 -18.51
N VAL J 109 -23.56 -4.24 -18.01
CA VAL J 109 -23.77 -2.94 -18.66
C VAL J 109 -23.03 -2.80 -19.98
N ARG J 110 -22.39 -3.87 -20.43
CA ARG J 110 -21.69 -3.82 -21.71
C ARG J 110 -22.65 -4.00 -22.85
N VAL J 111 -23.76 -4.68 -22.60
CA VAL J 111 -24.72 -4.90 -23.66
C VAL J 111 -26.01 -4.16 -23.37
N CYS J 112 -26.23 -3.86 -22.09
CA CYS J 112 -27.45 -3.17 -21.69
C CYS J 112 -27.27 -1.68 -21.47
N GLU J 113 -26.03 -1.26 -21.22
CA GLU J 113 -25.70 0.14 -20.99
C GLU J 113 -26.52 0.79 -19.88
N ASN J 114 -27.71 1.26 -20.21
CA ASN J 114 -28.55 1.94 -19.23
C ASN J 114 -29.81 1.21 -18.83
N ILE J 115 -29.76 0.45 -17.75
CA ILE J 115 -30.93 -0.29 -17.26
C ILE J 115 -30.93 -0.41 -15.75
N PRO J 116 -32.12 -0.35 -15.14
CA PRO J 116 -32.29 -0.45 -13.69
C PRO J 116 -31.65 -1.72 -13.16
N ILE J 117 -30.92 -1.61 -12.06
CA ILE J 117 -30.23 -2.76 -11.51
C ILE J 117 -30.25 -2.66 -9.99
N VAL J 118 -30.69 -3.70 -9.30
CA VAL J 118 -30.67 -3.62 -7.85
C VAL J 118 -29.62 -4.60 -7.33
N LEU J 119 -28.76 -4.11 -6.44
CA LEU J 119 -27.70 -4.92 -5.86
C LEU J 119 -28.21 -5.51 -4.55
N CYS J 120 -28.17 -6.84 -4.46
CA CYS J 120 -28.65 -7.54 -3.26
C CYS J 120 -27.57 -8.28 -2.48
N GLY J 121 -27.46 -7.92 -1.21
CA GLY J 121 -26.51 -8.59 -0.34
C GLY J 121 -27.37 -9.60 0.38
N ASN J 122 -27.41 -10.83 -0.12
CA ASN J 122 -28.26 -11.83 0.50
C ASN J 122 -27.67 -12.50 1.73
N LYS J 123 -28.51 -13.28 2.40
CA LYS J 123 -28.15 -14.01 3.61
C LYS J 123 -27.73 -13.07 4.74
N VAL J 124 -28.42 -11.95 4.87
CA VAL J 124 -28.10 -10.99 5.91
C VAL J 124 -28.50 -11.58 7.25
N ASP J 125 -29.22 -12.69 7.19
CA ASP J 125 -29.68 -13.35 8.38
C ASP J 125 -28.55 -14.06 9.12
N ILE J 126 -27.49 -14.43 8.42
CA ILE J 126 -26.38 -15.12 9.06
C ILE J 126 -25.71 -14.27 10.13
N LYS J 127 -25.34 -14.94 11.21
CA LYS J 127 -24.68 -14.30 12.36
C LYS J 127 -23.40 -13.57 11.97
N ASP J 128 -22.31 -14.31 11.82
CA ASP J 128 -21.00 -13.73 11.46
C ASP J 128 -21.00 -13.09 10.07
N ARG J 129 -21.45 -11.85 10.00
CA ARG J 129 -21.53 -11.12 8.72
C ARG J 129 -20.19 -10.50 8.31
N LYS J 130 -19.89 -10.46 7.02
CA LYS J 130 -18.62 -9.91 6.57
C LYS J 130 -18.73 -8.55 5.87
N VAL J 131 -19.60 -8.46 4.88
CA VAL J 131 -19.82 -7.22 4.15
C VAL J 131 -20.96 -6.48 4.83
N LYS J 132 -20.61 -5.57 5.75
CA LYS J 132 -21.59 -4.81 6.51
C LYS J 132 -22.30 -3.72 5.69
N ALA J 133 -23.46 -3.30 6.20
CA ALA J 133 -24.29 -2.29 5.54
C ALA J 133 -23.53 -1.04 5.10
N LYS J 134 -22.78 -0.45 6.04
CA LYS J 134 -21.97 0.74 5.79
C LYS J 134 -21.18 0.57 4.51
N SER J 135 -20.03 -0.09 4.64
CA SER J 135 -19.11 -0.35 3.54
C SER J 135 -19.64 -0.40 2.09
N ILE J 136 -20.87 -0.88 1.88
CA ILE J 136 -21.41 -0.96 0.52
C ILE J 136 -21.45 0.41 -0.11
N VAL J 137 -20.67 0.62 -1.16
CA VAL J 137 -20.62 1.90 -1.86
C VAL J 137 -20.90 1.77 -3.35
N PHE J 138 -20.39 0.69 -3.93
CA PHE J 138 -20.55 0.47 -5.36
C PHE J 138 -21.83 1.01 -5.99
N HIS J 139 -22.96 0.92 -5.30
CA HIS J 139 -24.19 1.42 -5.90
C HIS J 139 -24.16 2.93 -6.11
N ARG J 140 -23.48 3.64 -5.22
CA ARG J 140 -23.35 5.09 -5.33
C ARG J 140 -22.61 5.47 -6.64
N LYS J 141 -21.52 4.77 -6.90
CA LYS J 141 -20.72 5.04 -8.09
C LYS J 141 -21.22 4.50 -9.42
N LYS J 142 -22.22 3.63 -9.40
CA LYS J 142 -22.72 3.07 -10.65
C LYS J 142 -24.22 3.18 -10.90
N ASN J 143 -24.89 4.00 -10.11
CA ASN J 143 -26.33 4.21 -10.23
C ASN J 143 -27.17 2.92 -10.09
N LEU J 144 -27.07 2.29 -8.93
CA LEU J 144 -27.81 1.07 -8.64
C LEU J 144 -28.63 1.29 -7.39
N GLN J 145 -29.64 0.45 -7.19
CA GLN J 145 -30.45 0.54 -5.99
C GLN J 145 -29.83 -0.59 -5.17
N TYR J 146 -29.87 -0.47 -3.85
CA TYR J 146 -29.30 -1.54 -3.05
C TYR J 146 -30.21 -2.03 -1.93
N TYR J 147 -30.16 -3.34 -1.67
CA TYR J 147 -30.99 -3.91 -0.63
C TYR J 147 -30.35 -5.09 0.10
N ASP J 148 -30.33 -5.04 1.43
CA ASP J 148 -29.85 -6.14 2.22
C ASP J 148 -31.05 -7.06 2.11
N ILE J 149 -30.84 -8.36 1.96
CA ILE J 149 -31.98 -9.28 1.87
C ILE J 149 -31.63 -10.63 2.42
N SER J 150 -32.67 -11.42 2.64
CA SER J 150 -32.51 -12.77 3.15
C SER J 150 -33.60 -13.64 2.60
N ALA J 151 -33.27 -14.44 1.59
CA ALA J 151 -34.27 -15.33 1.02
C ALA J 151 -34.82 -16.17 2.18
N LYS J 152 -34.02 -16.34 3.24
CA LYS J 152 -34.46 -17.15 4.37
C LYS J 152 -35.45 -16.46 5.30
N SER J 153 -35.14 -15.25 5.71
CA SER J 153 -36.04 -14.55 6.61
C SER J 153 -36.98 -13.64 5.85
N ASN J 154 -36.84 -13.61 4.53
CA ASN J 154 -37.68 -12.77 3.67
C ASN J 154 -37.41 -11.25 3.84
N TYR J 155 -36.44 -10.88 4.66
CA TYR J 155 -36.13 -9.49 4.89
C TYR J 155 -35.94 -8.79 3.55
N ASN J 156 -36.85 -7.86 3.24
CA ASN J 156 -36.79 -7.08 2.00
C ASN J 156 -36.97 -7.91 0.75
N PHE J 157 -37.20 -9.20 0.92
CA PHE J 157 -37.34 -10.12 -0.23
C PHE J 157 -38.20 -9.69 -1.41
N GLU J 158 -39.01 -8.64 -1.24
CA GLU J 158 -39.86 -8.18 -2.33
C GLU J 158 -39.54 -6.79 -2.80
N LYS J 159 -38.60 -6.14 -2.14
CA LYS J 159 -38.24 -4.78 -2.53
C LYS J 159 -37.66 -4.74 -3.94
N PRO J 160 -36.68 -5.62 -4.24
CA PRO J 160 -36.08 -5.64 -5.58
C PRO J 160 -37.09 -5.52 -6.71
N PHE J 161 -38.04 -6.43 -6.77
CA PHE J 161 -39.04 -6.39 -7.84
C PHE J 161 -39.84 -5.11 -7.76
N LEU J 162 -40.23 -4.75 -6.54
CA LEU J 162 -41.03 -3.54 -6.31
C LEU J 162 -40.34 -2.32 -6.89
N TRP J 163 -39.04 -2.23 -6.66
CA TRP J 163 -38.27 -1.10 -7.17
C TRP J 163 -38.38 -1.14 -8.71
N LEU J 164 -37.54 -1.93 -9.35
CA LEU J 164 -37.53 -2.08 -10.80
C LEU J 164 -38.89 -1.80 -11.45
N ALA J 165 -39.93 -2.31 -10.83
CA ALA J 165 -41.28 -2.13 -11.34
C ALA J 165 -41.60 -0.63 -11.37
N ARG J 166 -41.35 0.03 -10.25
CA ARG J 166 -41.59 1.46 -10.17
C ARG J 166 -40.76 2.17 -11.21
N LYS J 167 -39.48 1.81 -11.28
CA LYS J 167 -38.58 2.43 -12.23
C LYS J 167 -39.02 2.19 -13.67
N LEU J 168 -39.36 0.95 -13.99
CA LEU J 168 -39.79 0.62 -15.35
C LEU J 168 -41.12 1.23 -15.72
N ILE J 169 -42.11 1.07 -14.84
CA ILE J 169 -43.45 1.59 -15.07
C ILE J 169 -43.47 3.12 -14.97
N GLY J 170 -42.52 3.67 -14.23
CA GLY J 170 -42.42 5.12 -14.07
C GLY J 170 -43.47 5.69 -13.15
N ASP J 171 -43.66 5.06 -11.99
CA ASP J 171 -44.64 5.51 -11.01
C ASP J 171 -44.08 5.32 -9.61
N PRO J 172 -43.27 6.28 -9.15
CA PRO J 172 -42.65 6.26 -7.83
C PRO J 172 -43.52 5.62 -6.77
N ASN J 173 -44.84 5.79 -6.86
CA ASN J 173 -45.75 5.22 -5.87
C ASN J 173 -46.50 3.96 -6.27
N LEU J 174 -45.90 3.13 -7.09
CA LEU J 174 -46.54 1.88 -7.52
C LEU J 174 -46.46 0.90 -6.38
N GLU J 175 -47.49 0.11 -6.20
CA GLU J 175 -47.45 -0.89 -5.14
C GLU J 175 -48.23 -2.15 -5.45
N PHE J 176 -47.78 -3.24 -4.85
CA PHE J 176 -48.43 -4.51 -5.06
C PHE J 176 -49.80 -4.44 -4.43
N VAL J 177 -50.76 -5.19 -4.98
CA VAL J 177 -52.13 -5.17 -4.47
C VAL J 177 -52.86 -6.49 -4.65
N ALA J 178 -53.52 -6.94 -3.59
CA ALA J 178 -54.32 -8.16 -3.63
C ALA J 178 -53.80 -9.17 -4.64
N MET J 179 -54.72 -9.67 -5.45
CA MET J 179 -54.47 -10.67 -6.50
C MET J 179 -55.80 -11.35 -6.67
N PRO J 180 -56.49 -11.12 -7.79
CA PRO J 180 -57.78 -11.78 -7.96
C PRO J 180 -57.73 -13.28 -7.60
N ALA J 181 -58.58 -13.65 -6.64
CA ALA J 181 -58.68 -15.04 -6.17
C ALA J 181 -59.86 -15.66 -6.88
N LEU J 182 -59.59 -16.32 -8.02
CA LEU J 182 -60.65 -16.96 -8.80
C LEU J 182 -61.32 -18.12 -8.05
N ALA J 183 -62.40 -18.61 -8.64
CA ALA J 183 -63.15 -19.71 -8.04
C ALA J 183 -62.45 -21.05 -8.24
N PRO J 184 -62.10 -21.73 -7.15
CA PRO J 184 -61.43 -23.03 -7.27
C PRO J 184 -62.35 -23.95 -8.08
N PRO J 185 -61.80 -24.67 -9.07
CA PRO J 185 -62.62 -25.58 -9.87
C PRO J 185 -63.52 -26.52 -9.06
N GLU J 186 -64.49 -27.12 -9.76
CA GLU J 186 -65.49 -28.05 -9.22
C GLU J 186 -65.26 -28.69 -7.85
N VAL J 187 -64.57 -29.84 -7.85
CA VAL J 187 -64.26 -30.62 -6.65
C VAL J 187 -65.37 -31.63 -6.35
N VAL J 188 -65.36 -32.75 -7.09
CA VAL J 188 -66.34 -33.80 -6.91
C VAL J 188 -65.64 -35.13 -6.66
N MET J 189 -65.90 -36.11 -7.53
CA MET J 189 -65.30 -37.44 -7.45
C MET J 189 -65.22 -38.03 -6.05
N ASP J 190 -64.65 -39.23 -5.93
CA ASP J 190 -64.54 -39.91 -4.65
C ASP J 190 -63.99 -41.35 -4.70
N PRO J 191 -64.50 -42.18 -5.63
CA PRO J 191 -64.07 -43.58 -5.78
C PRO J 191 -62.57 -43.86 -5.63
N ALA J 192 -61.96 -44.35 -6.69
CA ALA J 192 -60.52 -44.65 -6.70
C ALA J 192 -59.78 -43.34 -6.53
N LEU J 193 -60.48 -42.25 -6.86
CA LEU J 193 -59.94 -40.90 -6.78
C LEU J 193 -59.82 -40.46 -5.32
N ALA J 194 -59.72 -41.43 -4.43
CA ALA J 194 -59.59 -41.16 -3.00
C ALA J 194 -59.26 -42.45 -2.27
N ALA J 195 -59.36 -42.40 -0.94
CA ALA J 195 -59.07 -43.53 -0.06
C ALA J 195 -57.59 -43.56 0.29
N GLN J 196 -56.74 -43.75 -0.71
CA GLN J 196 -55.30 -43.78 -0.49
C GLN J 196 -54.75 -42.39 -0.17
N TYR J 197 -55.67 -41.44 0.03
CA TYR J 197 -55.32 -40.07 0.37
C TYR J 197 -55.11 -40.01 1.88
N GLU J 198 -56.02 -40.66 2.61
CA GLU J 198 -55.96 -40.70 4.05
C GLU J 198 -54.62 -41.32 4.48
N HIS J 199 -54.12 -42.21 3.62
CA HIS J 199 -52.85 -42.88 3.86
C HIS J 199 -51.72 -41.86 3.95
N ASP J 200 -51.72 -40.90 3.04
CA ASP J 200 -50.68 -39.86 3.02
C ASP J 200 -51.00 -38.75 4.01
N LEU J 201 -52.29 -38.45 4.18
CA LEU J 201 -52.71 -37.43 5.12
C LEU J 201 -52.15 -37.75 6.50
N GLU J 202 -51.94 -39.04 6.75
CA GLU J 202 -51.41 -39.50 8.01
C GLU J 202 -49.88 -39.46 8.00
N VAL J 203 -49.29 -39.76 6.84
CA VAL J 203 -47.84 -39.72 6.69
C VAL J 203 -47.39 -38.29 6.93
N ALA J 204 -48.38 -37.39 6.94
CA ALA J 204 -48.15 -35.98 7.16
C ALA J 204 -48.34 -35.59 8.61
N GLN J 205 -49.55 -35.79 9.13
CA GLN J 205 -49.85 -35.43 10.51
C GLN J 205 -48.85 -36.04 11.48
N THR J 206 -48.01 -36.93 10.95
CA THR J 206 -46.97 -37.59 11.74
C THR J 206 -45.67 -36.81 11.65
N THR J 207 -45.21 -36.58 10.41
CA THR J 207 -43.97 -35.85 10.18
C THR J 207 -44.04 -34.44 10.76
N ALA J 208 -43.23 -34.19 11.78
CA ALA J 208 -43.20 -32.89 12.44
C ALA J 208 -42.85 -31.73 11.51
N LEU J 209 -43.44 -30.58 11.79
CA LEU J 209 -43.21 -29.37 11.01
C LEU J 209 -41.91 -28.71 11.47
N PRO J 210 -41.09 -28.25 10.51
CA PRO J 210 -39.81 -27.58 10.81
C PRO J 210 -40.00 -26.25 11.57
N ASP J 211 -40.17 -26.33 12.88
CA ASP J 211 -40.38 -25.12 13.68
C ASP J 211 -39.14 -24.25 13.75
N GLU J 212 -39.22 -23.07 13.15
CA GLU J 212 -38.12 -22.11 13.11
C GLU J 212 -38.47 -20.80 13.81
N ASP J 213 -39.77 -20.59 14.08
CA ASP J 213 -40.25 -19.37 14.75
C ASP J 213 -39.63 -19.18 16.13
N ASN K 22 -26.94 4.55 -5.94
CA ASN K 22 -26.99 6.03 -5.96
C ASN K 22 -28.10 6.48 -5.02
N HIS K 23 -28.19 7.78 -4.79
CA HIS K 23 -29.21 8.34 -3.92
C HIS K 23 -30.54 7.79 -4.40
N ASP K 24 -30.87 8.10 -5.65
CA ASP K 24 -32.10 7.63 -6.27
C ASP K 24 -31.93 7.59 -7.78
N PRO K 25 -31.38 6.49 -8.31
CA PRO K 25 -31.16 6.33 -9.76
C PRO K 25 -32.38 6.74 -10.57
N GLN K 26 -32.15 7.50 -11.63
CA GLN K 26 -33.26 7.98 -12.45
C GLN K 26 -33.30 7.30 -13.82
N PHE K 27 -34.46 6.80 -14.19
CA PHE K 27 -34.64 6.14 -15.49
C PHE K 27 -35.92 6.62 -16.15
N GLU K 28 -35.88 6.87 -17.46
CA GLU K 28 -37.11 7.30 -18.12
C GLU K 28 -37.93 6.07 -18.46
N PRO K 29 -39.12 5.94 -17.85
CA PRO K 29 -40.11 4.85 -18.00
C PRO K 29 -40.11 4.11 -19.32
N ILE K 30 -40.26 2.78 -19.23
CA ILE K 30 -40.31 1.92 -20.40
C ILE K 30 -41.73 1.78 -20.93
N VAL K 31 -42.71 1.94 -20.06
CA VAL K 31 -44.11 1.86 -20.47
C VAL K 31 -44.96 2.89 -19.75
N SER K 32 -46.17 3.08 -20.27
CA SER K 32 -47.09 4.02 -19.66
C SER K 32 -48.31 3.21 -19.28
N LEU K 33 -48.49 2.95 -17.99
CA LEU K 33 -49.65 2.16 -17.57
C LEU K 33 -50.63 2.93 -16.70
N PRO K 34 -51.87 3.07 -17.19
CA PRO K 34 -52.98 3.77 -16.54
C PRO K 34 -53.36 3.20 -15.18
N GLU K 35 -53.72 4.10 -14.26
CA GLU K 35 -54.13 3.71 -12.92
C GLU K 35 -55.26 2.71 -13.16
N GLN K 36 -55.44 1.79 -12.22
CA GLN K 36 -56.49 0.82 -12.39
C GLN K 36 -57.07 0.31 -11.08
N GLU K 37 -58.36 -0.02 -11.13
CA GLU K 37 -59.08 -0.52 -9.98
C GLU K 37 -59.12 -2.02 -10.05
N ILE K 38 -58.37 -2.65 -9.16
CA ILE K 38 -58.27 -4.10 -9.11
C ILE K 38 -59.26 -4.69 -8.12
N LYS K 39 -60.13 -5.55 -8.62
CA LYS K 39 -61.11 -6.20 -7.77
C LYS K 39 -60.46 -7.42 -7.15
N THR K 40 -61.12 -8.01 -6.16
CA THR K 40 -60.59 -9.17 -5.46
C THR K 40 -61.38 -10.46 -5.71
N LEU K 41 -62.57 -10.32 -6.29
CA LEU K 41 -63.41 -11.49 -6.55
C LEU K 41 -63.65 -12.10 -5.18
N GLU K 42 -63.57 -11.21 -4.19
CA GLU K 42 -63.75 -11.52 -2.79
C GLU K 42 -64.81 -10.55 -2.24
N GLU K 43 -65.51 -9.86 -3.15
CA GLU K 43 -66.54 -8.87 -2.80
C GLU K 43 -67.85 -9.49 -2.30
N ASP K 44 -68.27 -10.59 -2.92
CA ASP K 44 -69.49 -11.29 -2.54
C ASP K 44 -69.08 -12.24 -1.40
N GLU K 45 -68.08 -11.79 -0.65
CA GLU K 45 -67.45 -12.49 0.47
C GLU K 45 -68.35 -12.96 1.60
N GLU K 46 -67.92 -12.61 2.81
CA GLU K 46 -68.54 -12.90 4.09
C GLU K 46 -67.40 -12.75 5.10
N GLU K 47 -66.34 -13.53 4.91
CA GLU K 47 -65.17 -13.48 5.77
C GLU K 47 -65.50 -13.83 7.21
N LEU K 48 -65.81 -15.10 7.45
CA LEU K 48 -66.14 -15.57 8.78
C LEU K 48 -64.92 -15.48 9.70
N PHE K 49 -63.81 -16.02 9.23
CA PHE K 49 -62.58 -16.02 10.01
C PHE K 49 -61.40 -15.35 9.32
N LYS K 50 -60.58 -14.68 10.12
CA LYS K 50 -59.38 -13.99 9.66
C LYS K 50 -58.32 -13.97 10.76
N MET K 51 -57.18 -14.58 10.47
CA MET K 51 -56.08 -14.64 11.42
C MET K 51 -54.81 -15.00 10.65
N ARG K 52 -53.69 -14.39 11.03
CA ARG K 52 -52.44 -14.65 10.33
C ARG K 52 -51.77 -15.94 10.81
N ALA K 53 -51.14 -16.65 9.87
CA ALA K 53 -50.47 -17.91 10.15
C ALA K 53 -49.54 -18.35 9.02
N LYS K 54 -48.66 -19.30 9.31
CA LYS K 54 -47.74 -19.82 8.32
C LYS K 54 -48.33 -21.11 7.74
N LEU K 55 -48.42 -21.18 6.43
CA LEU K 55 -48.98 -22.33 5.73
C LEU K 55 -47.87 -23.14 5.08
N PHE K 56 -48.00 -24.47 5.13
CA PHE K 56 -47.01 -25.37 4.55
C PHE K 56 -47.58 -26.30 3.49
N ARG K 57 -46.74 -26.70 2.56
CA ARG K 57 -47.10 -27.60 1.46
C ARG K 57 -46.41 -28.91 1.79
N PHE K 58 -46.91 -30.05 1.29
CA PHE K 58 -46.21 -31.30 1.62
C PHE K 58 -45.45 -31.99 0.49
N ALA K 59 -44.15 -32.12 0.71
CA ALA K 59 -43.20 -32.74 -0.22
C ALA K 59 -43.66 -32.79 -1.66
N SER K 60 -44.53 -33.75 -1.98
CA SER K 60 -45.05 -33.95 -3.32
C SER K 60 -44.33 -35.14 -3.93
N GLU K 61 -43.97 -35.03 -5.21
CA GLU K 61 -43.27 -36.08 -5.92
C GLU K 61 -41.77 -35.88 -5.76
N ASN K 62 -41.30 -35.96 -4.52
CA ASN K 62 -39.88 -35.79 -4.23
C ASN K 62 -39.34 -37.04 -3.56
N ASP K 63 -40.23 -38.00 -3.29
CA ASP K 63 -39.86 -39.25 -2.64
C ASP K 63 -39.28 -38.97 -1.25
N LEU K 64 -39.06 -37.69 -0.99
CA LEU K 64 -38.51 -37.25 0.29
C LEU K 64 -39.58 -36.44 1.03
N PRO K 65 -40.39 -37.11 1.86
CA PRO K 65 -41.46 -36.47 2.63
C PRO K 65 -41.00 -35.29 3.48
N GLU K 66 -40.96 -34.12 2.86
CA GLU K 66 -40.56 -32.90 3.56
C GLU K 66 -41.67 -31.86 3.53
N TRP K 67 -41.62 -30.94 4.48
CA TRP K 67 -42.61 -29.89 4.54
C TRP K 67 -42.01 -28.61 3.96
N LYS K 68 -42.51 -28.19 2.81
CA LYS K 68 -42.04 -26.96 2.15
C LYS K 68 -42.96 -25.80 2.52
N GLU K 69 -42.39 -24.67 2.96
CA GLU K 69 -43.18 -23.49 3.30
C GLU K 69 -44.02 -23.04 2.10
N ARG K 70 -45.22 -22.53 2.35
CA ARG K 70 -46.05 -22.07 1.24
C ARG K 70 -46.32 -20.57 1.36
N GLY K 71 -46.42 -20.09 2.59
CA GLY K 71 -46.67 -18.68 2.81
C GLY K 71 -46.92 -18.32 4.26
N THR K 72 -46.76 -17.05 4.57
CA THR K 72 -47.00 -16.53 5.91
C THR K 72 -47.85 -15.28 5.72
N GLY K 73 -49.09 -15.34 6.20
CA GLY K 73 -49.99 -14.21 6.05
C GLY K 73 -51.34 -14.45 6.70
N ASP K 74 -52.31 -13.62 6.38
CA ASP K 74 -53.66 -13.74 6.96
C ASP K 74 -54.50 -14.80 6.26
N VAL K 75 -54.97 -15.77 7.05
CA VAL K 75 -55.81 -16.83 6.52
C VAL K 75 -57.25 -16.35 6.61
N LYS K 76 -58.09 -16.74 5.65
CA LYS K 76 -59.48 -16.32 5.67
C LYS K 76 -60.44 -17.41 5.22
N LEU K 77 -61.59 -17.44 5.90
CA LEU K 77 -62.63 -18.40 5.58
C LEU K 77 -63.76 -17.58 4.99
N LEU K 78 -64.16 -17.90 3.77
CA LEU K 78 -65.21 -17.14 3.12
C LEU K 78 -66.40 -17.99 2.68
N LYS K 79 -67.60 -17.49 2.94
CA LYS K 79 -68.85 -18.16 2.55
C LYS K 79 -69.45 -17.24 1.50
N HIS K 80 -70.18 -17.80 0.54
CA HIS K 80 -70.77 -16.95 -0.49
C HIS K 80 -72.20 -16.53 -0.18
N LYS K 81 -72.40 -15.22 -0.09
CA LYS K 81 -73.71 -14.66 0.19
C LYS K 81 -74.74 -15.26 -0.76
N GLU K 82 -74.49 -15.10 -2.06
CA GLU K 82 -75.36 -15.62 -3.12
C GLU K 82 -75.62 -17.12 -2.88
N LYS K 83 -74.60 -17.94 -3.15
CA LYS K 83 -74.70 -19.38 -2.95
C LYS K 83 -74.47 -19.69 -1.48
N GLY K 84 -73.69 -20.73 -1.21
CA GLY K 84 -73.38 -21.10 0.16
C GLY K 84 -71.89 -21.36 0.32
N ALA K 85 -71.32 -21.98 -0.71
CA ALA K 85 -69.90 -22.34 -0.77
C ALA K 85 -68.97 -21.55 0.18
N ILE K 86 -68.11 -22.27 0.88
CA ILE K 86 -67.14 -21.68 1.78
C ILE K 86 -65.75 -22.20 1.42
N ARG K 87 -64.78 -21.28 1.34
CA ARG K 87 -63.42 -21.65 0.98
C ARG K 87 -62.40 -21.05 1.91
N LEU K 88 -61.16 -21.52 1.75
CA LEU K 88 -60.02 -21.04 2.52
C LEU K 88 -59.20 -20.22 1.54
N LEU K 89 -58.81 -19.02 1.93
CA LEU K 89 -58.03 -18.14 1.07
C LEU K 89 -56.91 -17.44 1.80
N MET K 90 -55.68 -17.78 1.45
CA MET K 90 -54.52 -17.18 2.09
C MET K 90 -53.66 -16.38 1.12
N ARG K 91 -53.09 -15.30 1.62
CA ARG K 91 -52.21 -14.45 0.83
C ARG K 91 -50.93 -14.23 1.62
N ARG K 92 -49.78 -14.19 0.94
CA ARG K 92 -48.51 -13.99 1.62
C ARG K 92 -48.28 -12.51 1.90
N ASP K 93 -47.48 -12.24 2.92
CA ASP K 93 -47.15 -10.86 3.27
C ASP K 93 -46.41 -10.20 2.12
N LYS K 94 -46.48 -8.87 2.08
CA LYS K 94 -45.80 -8.06 1.07
C LYS K 94 -46.22 -8.30 -0.38
N THR K 95 -45.94 -9.51 -0.86
CA THR K 95 -46.26 -9.88 -2.21
C THR K 95 -47.77 -9.98 -2.46
N LEU K 96 -48.52 -10.43 -1.45
CA LEU K 96 -49.97 -10.58 -1.55
C LEU K 96 -50.42 -11.66 -2.51
N LYS K 97 -49.49 -12.47 -3.00
CA LYS K 97 -49.85 -13.56 -3.91
C LYS K 97 -50.66 -14.59 -3.11
N ILE K 98 -51.59 -15.27 -3.77
CA ILE K 98 -52.41 -16.29 -3.11
C ILE K 98 -51.58 -17.55 -2.83
N CYS K 99 -51.55 -18.01 -1.58
CA CYS K 99 -50.78 -19.19 -1.24
C CYS K 99 -51.66 -20.40 -0.86
N ALA K 100 -52.96 -20.22 -1.02
CA ALA K 100 -53.94 -21.25 -0.72
C ALA K 100 -55.30 -20.68 -1.09
N ASN K 101 -56.09 -21.46 -1.82
CA ASN K 101 -57.39 -20.98 -2.26
C ASN K 101 -58.20 -22.16 -2.77
N HIS K 102 -58.89 -22.82 -1.84
CA HIS K 102 -59.70 -23.99 -2.16
C HIS K 102 -61.00 -24.01 -1.36
N TYR K 103 -61.97 -24.78 -1.83
CA TYR K 103 -63.25 -24.91 -1.16
C TYR K 103 -63.18 -25.88 -0.01
N ILE K 104 -64.11 -25.76 0.94
CA ILE K 104 -64.14 -26.68 2.06
C ILE K 104 -65.17 -27.73 1.73
N THR K 105 -64.77 -29.00 1.71
CA THR K 105 -65.69 -30.08 1.38
C THR K 105 -66.17 -30.83 2.61
N PRO K 106 -67.15 -31.72 2.44
CA PRO K 106 -67.70 -32.51 3.55
C PRO K 106 -66.60 -33.33 4.21
N MET K 107 -65.91 -34.12 3.40
CA MET K 107 -64.83 -34.97 3.88
C MET K 107 -63.52 -34.19 4.03
N MET K 108 -63.46 -33.34 5.06
CA MET K 108 -62.30 -32.51 5.35
C MET K 108 -62.34 -32.13 6.84
N GLU K 109 -61.18 -31.92 7.46
CA GLU K 109 -61.12 -31.58 8.87
C GLU K 109 -59.68 -31.32 9.30
N LEU K 110 -59.51 -30.70 10.46
CA LEU K 110 -58.17 -30.40 10.96
C LEU K 110 -57.68 -31.50 11.91
N LYS K 111 -56.50 -32.04 11.65
CA LYS K 111 -55.91 -33.09 12.49
C LYS K 111 -54.55 -32.60 13.01
N PRO K 112 -54.39 -32.47 14.35
CA PRO K 112 -53.12 -32.01 14.91
C PRO K 112 -51.90 -32.66 14.26
N ASN K 113 -50.85 -31.86 14.10
CA ASN K 113 -49.62 -32.30 13.48
C ASN K 113 -48.73 -33.13 14.39
N ALA K 114 -49.22 -34.29 14.83
CA ALA K 114 -48.45 -35.15 15.73
C ALA K 114 -48.01 -34.28 16.90
N GLY K 115 -46.76 -33.84 16.86
CA GLY K 115 -46.25 -32.98 17.91
C GLY K 115 -46.81 -31.59 17.67
N SER K 116 -46.88 -30.76 18.71
CA SER K 116 -47.41 -29.42 18.57
C SER K 116 -48.92 -29.45 18.28
N ASP K 117 -49.63 -28.46 18.80
CA ASP K 117 -51.06 -28.38 18.61
C ASP K 117 -51.43 -27.04 17.97
N ARG K 118 -50.43 -26.18 17.77
CA ARG K 118 -50.65 -24.87 17.16
C ARG K 118 -50.80 -25.03 15.66
N ALA K 119 -50.78 -26.28 15.19
CA ALA K 119 -50.89 -26.56 13.77
C ALA K 119 -51.77 -27.77 13.41
N TRP K 120 -52.41 -27.70 12.24
CA TRP K 120 -53.26 -28.77 11.74
C TRP K 120 -52.93 -29.05 10.29
N VAL K 121 -53.15 -30.28 9.85
CA VAL K 121 -52.90 -30.64 8.47
C VAL K 121 -54.25 -30.96 7.86
N TRP K 122 -54.30 -31.22 6.55
CA TRP K 122 -55.56 -31.56 5.90
C TRP K 122 -55.37 -31.73 4.42
N ASN K 123 -56.34 -32.37 3.77
CA ASN K 123 -56.25 -32.62 2.35
C ASN K 123 -57.25 -31.75 1.59
N THR K 124 -56.92 -31.43 0.34
CA THR K 124 -57.80 -30.64 -0.53
C THR K 124 -57.74 -31.27 -1.89
N HIS K 125 -58.87 -31.77 -2.39
CA HIS K 125 -58.87 -32.43 -3.68
C HIS K 125 -58.40 -31.49 -4.80
N ALA K 126 -58.53 -30.18 -4.56
CA ALA K 126 -58.12 -29.21 -5.56
C ALA K 126 -57.90 -27.81 -5.02
N ASP K 127 -56.64 -27.41 -4.95
CA ASP K 127 -56.26 -26.07 -4.50
C ASP K 127 -56.12 -25.25 -5.77
N PHE K 128 -56.17 -23.92 -5.65
CA PHE K 128 -56.07 -23.06 -6.84
C PHE K 128 -55.18 -21.85 -6.58
N ALA K 129 -54.17 -22.04 -5.75
CA ALA K 129 -53.26 -20.97 -5.40
C ALA K 129 -52.46 -20.56 -6.63
N ASP K 130 -52.19 -21.52 -7.51
CA ASP K 130 -51.43 -21.24 -8.70
C ASP K 130 -52.34 -21.17 -9.92
N GLU K 131 -53.63 -20.95 -9.66
CA GLU K 131 -54.62 -20.87 -10.72
C GLU K 131 -54.61 -22.09 -11.65
N CYS K 132 -54.24 -23.23 -11.06
CA CYS K 132 -54.19 -24.52 -11.76
C CYS K 132 -54.60 -25.52 -10.68
N PRO K 133 -55.70 -26.27 -10.91
CA PRO K 133 -56.25 -27.27 -9.99
C PRO K 133 -55.24 -28.31 -9.55
N LYS K 134 -54.78 -28.24 -8.30
CA LYS K 134 -53.79 -29.19 -7.82
C LYS K 134 -54.08 -29.83 -6.47
N PRO K 135 -53.83 -31.16 -6.36
CA PRO K 135 -54.04 -31.91 -5.13
C PRO K 135 -52.99 -31.47 -4.11
N GLU K 136 -53.40 -30.66 -3.14
CA GLU K 136 -52.46 -30.19 -2.13
C GLU K 136 -52.75 -30.77 -0.76
N LEU K 137 -51.69 -31.14 -0.06
CA LEU K 137 -51.80 -31.69 1.27
C LEU K 137 -51.13 -30.64 2.15
N LEU K 138 -51.93 -29.73 2.70
CA LEU K 138 -51.42 -28.63 3.52
C LEU K 138 -51.25 -28.89 4.99
N ALA K 139 -50.94 -27.79 5.69
CA ALA K 139 -50.74 -27.79 7.12
C ALA K 139 -50.42 -26.34 7.53
N ILE K 140 -51.24 -25.80 8.42
CA ILE K 140 -51.07 -24.43 8.87
C ILE K 140 -50.76 -24.37 10.35
N ARG K 141 -49.93 -23.40 10.73
CA ARG K 141 -49.53 -23.22 12.13
C ARG K 141 -49.79 -21.79 12.60
N PHE K 142 -50.32 -21.65 13.80
CA PHE K 142 -50.63 -20.32 14.34
C PHE K 142 -49.72 -19.94 15.49
N LEU K 143 -49.71 -18.65 15.79
CA LEU K 143 -48.88 -18.12 16.88
C LEU K 143 -49.09 -18.85 18.21
N ASN K 144 -50.34 -18.88 18.68
CA ASN K 144 -50.67 -19.53 19.94
C ASN K 144 -51.66 -20.69 19.74
N ALA K 145 -51.44 -21.77 20.48
CA ALA K 145 -52.29 -22.95 20.40
C ALA K 145 -53.79 -22.70 20.52
N GLU K 146 -54.16 -21.69 21.30
CA GLU K 146 -55.58 -21.38 21.45
C GLU K 146 -56.13 -20.71 20.19
N ASN K 147 -55.25 -20.08 19.42
CA ASN K 147 -55.64 -19.44 18.17
C ASN K 147 -56.00 -20.55 17.20
N ALA K 148 -55.28 -21.66 17.31
CA ALA K 148 -55.52 -22.81 16.45
C ALA K 148 -56.92 -23.34 16.72
N GLN K 149 -57.31 -23.34 17.99
CA GLN K 149 -58.64 -23.81 18.34
C GLN K 149 -59.66 -22.84 17.75
N LYS K 150 -59.45 -21.55 17.98
CA LYS K 150 -60.36 -20.53 17.46
C LYS K 150 -60.51 -20.72 15.96
N PHE K 151 -59.50 -21.31 15.35
CA PHE K 151 -59.50 -21.57 13.91
C PHE K 151 -60.25 -22.86 13.65
N LYS K 152 -59.79 -23.95 14.27
CA LYS K 152 -60.42 -25.26 14.10
C LYS K 152 -61.91 -25.19 14.40
N THR K 153 -62.25 -24.50 15.48
CA THR K 153 -63.65 -24.35 15.85
C THR K 153 -64.39 -23.73 14.67
N LYS K 154 -63.91 -22.58 14.20
CA LYS K 154 -64.54 -21.87 13.09
C LYS K 154 -64.44 -22.69 11.80
N PHE K 155 -63.39 -23.50 11.69
CA PHE K 155 -63.20 -24.32 10.51
C PHE K 155 -64.18 -25.49 10.52
N GLU K 156 -64.38 -26.05 11.71
CA GLU K 156 -65.28 -27.19 11.85
C GLU K 156 -66.76 -26.79 11.69
N GLU K 157 -67.22 -25.84 12.49
CA GLU K 157 -68.62 -25.39 12.43
C GLU K 157 -68.89 -24.91 11.02
N CYS K 158 -67.81 -24.62 10.32
CA CYS K 158 -67.88 -24.16 8.95
C CYS K 158 -67.89 -25.37 8.04
N ARG K 159 -67.20 -26.43 8.46
CA ARG K 159 -67.13 -27.66 7.68
C ARG K 159 -68.46 -28.41 7.74
N LYS K 160 -69.17 -28.23 8.85
CA LYS K 160 -70.47 -28.85 9.10
C LYS K 160 -71.51 -28.15 8.22
N GLU K 161 -71.53 -26.81 8.30
CA GLU K 161 -72.45 -25.96 7.54
C GLU K 161 -72.51 -26.37 6.06
N ILE K 162 -71.48 -27.08 5.60
CA ILE K 162 -71.39 -27.54 4.22
C ILE K 162 -71.86 -28.97 4.05
N GLU K 163 -71.74 -29.79 5.10
CA GLU K 163 -72.23 -31.17 4.99
C GLU K 163 -73.75 -31.09 5.09
N GLU K 164 -74.24 -30.12 5.87
CA GLU K 164 -75.67 -29.91 6.04
C GLU K 164 -76.22 -29.32 4.76
N ARG K 165 -75.57 -28.27 4.27
CA ARG K 165 -75.97 -27.61 3.04
C ARG K 165 -76.38 -28.68 2.05
N GLU K 166 -75.39 -29.44 1.59
CA GLU K 166 -75.61 -30.53 0.65
C GLU K 166 -76.73 -31.45 1.15
N LYS K 167 -77.90 -31.33 0.54
CA LYS K 167 -79.08 -32.11 0.91
C LYS K 167 -79.24 -32.24 2.41
N ALA L 2 3.71 -29.13 -29.16
CA ALA L 2 2.89 -30.20 -28.52
C ALA L 2 1.75 -29.58 -27.73
N ARG L 3 1.38 -28.36 -28.11
CA ARG L 3 0.31 -27.63 -27.44
C ARG L 3 -0.84 -27.24 -28.37
N PHE L 4 -2.06 -27.66 -28.04
CA PHE L 4 -3.21 -27.31 -28.87
C PHE L 4 -4.10 -26.41 -28.06
N SER L 5 -4.56 -25.32 -28.67
CA SER L 5 -5.40 -24.41 -27.92
C SER L 5 -6.32 -23.50 -28.71
N ILE L 6 -7.53 -23.30 -28.18
CA ILE L 6 -8.52 -22.43 -28.79
C ILE L 6 -8.98 -21.44 -27.71
N GLU L 7 -8.07 -21.20 -26.78
CA GLU L 7 -8.32 -20.30 -25.66
C GLU L 7 -8.91 -18.96 -26.07
N GLY L 8 -10.03 -18.58 -25.46
CA GLY L 8 -10.65 -17.31 -25.76
C GLY L 8 -11.25 -17.08 -27.14
N LYS L 9 -11.21 -18.09 -28.01
CA LYS L 9 -11.78 -17.93 -29.33
C LYS L 9 -13.29 -17.81 -29.29
N SER L 10 -13.88 -17.81 -28.09
CA SER L 10 -15.33 -17.70 -27.89
C SER L 10 -16.14 -18.40 -28.95
N LEU L 11 -15.89 -19.69 -29.13
CA LEU L 11 -16.59 -20.45 -30.14
C LEU L 11 -17.82 -21.15 -29.59
N LYS L 12 -18.93 -21.08 -30.33
CA LYS L 12 -20.15 -21.76 -29.93
C LYS L 12 -20.03 -23.13 -30.61
N LEU L 13 -19.18 -24.00 -30.06
CA LEU L 13 -18.94 -25.31 -30.65
C LEU L 13 -20.02 -26.33 -30.36
N ASP L 14 -21.03 -26.38 -31.22
CA ASP L 14 -22.11 -27.34 -31.04
C ASP L 14 -21.86 -28.74 -31.56
N ALA L 15 -21.41 -28.87 -32.81
CA ALA L 15 -21.24 -30.20 -33.39
C ALA L 15 -19.87 -30.66 -33.87
N ILE L 16 -19.23 -29.87 -34.73
CA ILE L 16 -17.94 -30.24 -35.32
C ILE L 16 -18.13 -31.39 -36.31
N THR L 17 -18.64 -31.06 -37.49
CA THR L 17 -18.90 -32.06 -38.54
C THR L 17 -18.67 -31.48 -39.93
N THR L 18 -18.87 -30.17 -40.06
CA THR L 18 -18.68 -29.48 -41.33
C THR L 18 -17.20 -29.45 -41.72
N GLU L 19 -16.90 -29.05 -42.95
CA GLU L 19 -15.49 -28.96 -43.39
C GLU L 19 -14.82 -28.04 -42.39
N ASP L 20 -15.36 -26.84 -42.22
CA ASP L 20 -14.84 -25.89 -41.25
C ASP L 20 -15.21 -26.54 -39.92
N GLU L 21 -14.96 -25.88 -38.80
CA GLU L 21 -15.27 -26.49 -37.50
C GLU L 21 -14.25 -27.60 -37.26
N LYS L 22 -14.09 -28.48 -38.24
CA LYS L 22 -13.12 -29.57 -38.12
C LYS L 22 -11.74 -29.00 -38.37
N SER L 23 -11.67 -28.00 -39.24
CA SER L 23 -10.41 -27.33 -39.54
C SER L 23 -9.86 -26.72 -38.25
N VAL L 24 -10.76 -26.22 -37.40
CA VAL L 24 -10.37 -25.60 -36.14
C VAL L 24 -9.54 -26.58 -35.32
N PHE L 25 -9.97 -27.83 -35.29
CA PHE L 25 -9.25 -28.82 -34.51
C PHE L 25 -8.35 -29.67 -35.39
N ALA L 26 -7.75 -29.04 -36.41
CA ALA L 26 -6.87 -29.75 -37.31
C ALA L 26 -5.61 -30.11 -36.52
N VAL L 27 -4.98 -29.07 -35.99
CA VAL L 27 -3.76 -29.25 -35.21
C VAL L 27 -3.95 -30.41 -34.24
N LEU L 28 -5.20 -30.69 -33.88
CA LEU L 28 -5.50 -31.75 -32.93
C LEU L 28 -5.44 -33.09 -33.64
N LEU L 29 -6.12 -33.18 -34.78
CA LEU L 29 -6.16 -34.41 -35.58
C LEU L 29 -4.81 -34.91 -36.10
N GLU L 30 -4.03 -34.01 -36.70
CA GLU L 30 -2.73 -34.35 -37.29
C GLU L 30 -1.63 -34.73 -36.29
N ASP L 31 -1.40 -33.87 -35.30
CA ASP L 31 -0.36 -34.12 -34.30
C ASP L 31 -0.83 -35.00 -33.16
N ASP L 32 -0.30 -36.22 -33.08
CA ASP L 32 -0.69 -37.14 -32.00
C ASP L 32 0.23 -37.03 -30.79
N SER L 33 1.34 -36.32 -30.95
CA SER L 33 2.31 -36.13 -29.87
C SER L 33 2.05 -34.82 -29.09
N VAL L 34 0.79 -34.61 -28.69
CA VAL L 34 0.40 -33.42 -27.95
C VAL L 34 0.46 -33.64 -26.44
N LYS L 35 0.94 -32.62 -25.72
CA LYS L 35 1.09 -32.66 -24.27
C LYS L 35 0.04 -31.82 -23.49
N GLU L 36 -0.42 -30.73 -24.08
CA GLU L 36 -1.38 -29.86 -23.42
C GLU L 36 -2.53 -29.49 -24.37
N ILE L 37 -3.76 -29.65 -23.90
CA ILE L 37 -4.90 -29.28 -24.71
C ILE L 37 -5.63 -28.23 -23.92
N VAL L 38 -5.93 -27.09 -24.55
CA VAL L 38 -6.65 -26.02 -23.87
C VAL L 38 -7.92 -25.71 -24.61
N LEU L 39 -9.05 -25.81 -23.93
CA LEU L 39 -10.32 -25.55 -24.59
C LEU L 39 -11.05 -24.34 -24.03
N SER L 40 -10.52 -23.78 -22.94
CA SER L 40 -11.12 -22.62 -22.26
C SER L 40 -11.67 -21.52 -23.16
N GLY L 41 -12.73 -20.88 -22.70
CA GLY L 41 -13.34 -19.81 -23.47
C GLY L 41 -14.23 -20.23 -24.61
N ASN L 42 -14.89 -21.38 -24.49
CA ASN L 42 -15.78 -21.83 -25.56
C ASN L 42 -16.93 -22.64 -24.96
N THR L 43 -17.99 -22.83 -25.74
CA THR L 43 -19.14 -23.62 -25.28
C THR L 43 -19.18 -24.92 -26.05
N ILE L 44 -18.81 -26.01 -25.38
CA ILE L 44 -18.82 -27.30 -26.04
C ILE L 44 -20.14 -28.04 -25.84
N GLY L 45 -20.81 -28.34 -26.94
CA GLY L 45 -22.07 -29.07 -26.85
C GLY L 45 -21.76 -30.55 -26.70
N THR L 46 -22.77 -31.37 -26.45
CA THR L 46 -22.50 -32.78 -26.31
C THR L 46 -21.98 -33.35 -27.60
N GLU L 47 -22.60 -32.99 -28.72
CA GLU L 47 -22.12 -33.54 -30.01
C GLU L 47 -20.64 -33.28 -30.25
N ALA L 48 -20.23 -32.03 -30.11
CA ALA L 48 -18.84 -31.67 -30.29
C ALA L 48 -18.03 -32.36 -29.16
N ALA L 49 -18.62 -32.50 -27.97
CA ALA L 49 -17.90 -33.14 -26.87
C ALA L 49 -17.59 -34.57 -27.31
N ARG L 50 -18.53 -35.20 -27.99
CA ARG L 50 -18.35 -36.55 -28.47
C ARG L 50 -17.17 -36.60 -29.44
N TRP L 51 -17.21 -35.76 -30.47
CA TRP L 51 -16.16 -35.70 -31.46
C TRP L 51 -14.78 -35.38 -30.84
N LEU L 52 -14.75 -34.59 -29.78
CA LEU L 52 -13.47 -34.28 -29.17
C LEU L 52 -13.00 -35.40 -28.25
N SER L 53 -13.92 -36.24 -27.80
CA SER L 53 -13.53 -37.31 -26.91
C SER L 53 -12.73 -38.29 -27.70
N GLU L 54 -13.29 -38.68 -28.86
CA GLU L 54 -12.64 -39.64 -29.75
C GLU L 54 -11.24 -39.17 -30.14
N ASN L 55 -11.12 -37.89 -30.41
CA ASN L 55 -9.84 -37.33 -30.81
C ASN L 55 -8.90 -36.94 -29.69
N ILE L 56 -9.25 -37.27 -28.46
CA ILE L 56 -8.38 -36.96 -27.33
C ILE L 56 -7.78 -38.23 -26.76
N ALA L 57 -8.54 -39.31 -26.79
CA ALA L 57 -8.02 -40.57 -26.28
C ALA L 57 -6.74 -40.93 -27.02
N SER L 58 -6.71 -40.62 -28.32
CA SER L 58 -5.54 -40.92 -29.13
C SER L 58 -4.26 -40.21 -28.68
N LYS L 59 -4.42 -39.02 -28.10
CA LYS L 59 -3.26 -38.26 -27.67
C LYS L 59 -2.75 -38.87 -26.38
N LYS L 60 -1.96 -39.92 -26.51
CA LYS L 60 -1.44 -40.61 -25.33
C LYS L 60 -0.30 -39.91 -24.61
N ASP L 61 0.26 -38.86 -25.21
CA ASP L 61 1.34 -38.18 -24.52
C ASP L 61 0.83 -36.96 -23.79
N LEU L 62 -0.50 -36.85 -23.72
CA LEU L 62 -1.14 -35.73 -23.04
C LEU L 62 -0.70 -35.64 -21.58
N GLU L 63 -0.40 -34.42 -21.15
CA GLU L 63 0.05 -34.13 -19.79
C GLU L 63 -0.87 -33.12 -19.07
N ILE L 64 -1.44 -32.19 -19.82
CA ILE L 64 -2.31 -31.18 -19.23
C ILE L 64 -3.62 -31.00 -19.99
N ALA L 65 -4.71 -30.95 -19.25
CA ALA L 65 -6.01 -30.75 -19.85
C ALA L 65 -6.60 -29.50 -19.20
N GLU L 66 -6.61 -28.41 -19.96
CA GLU L 66 -7.14 -27.17 -19.47
C GLU L 66 -8.56 -27.11 -19.94
N PHE L 67 -9.49 -27.61 -19.13
CA PHE L 67 -10.90 -27.60 -19.48
C PHE L 67 -11.73 -26.58 -18.72
N SER L 68 -11.05 -25.66 -18.06
CA SER L 68 -11.75 -24.60 -17.32
C SER L 68 -12.59 -23.77 -18.29
N ASP L 69 -13.74 -23.28 -17.82
CA ASP L 69 -14.62 -22.48 -18.65
C ASP L 69 -14.83 -23.06 -20.06
N ILE L 70 -15.76 -24.00 -20.20
CA ILE L 70 -16.03 -24.59 -21.49
C ILE L 70 -17.49 -24.88 -21.72
N PHE L 71 -18.35 -24.52 -20.79
CA PHE L 71 -19.77 -24.80 -20.94
C PHE L 71 -20.69 -23.61 -20.84
N THR L 72 -20.15 -22.41 -20.65
CA THR L 72 -20.99 -21.21 -20.50
C THR L 72 -22.17 -21.22 -21.47
N GLY L 73 -23.37 -21.46 -20.94
CA GLY L 73 -24.56 -21.47 -21.77
C GLY L 73 -25.28 -22.80 -21.88
N ARG L 74 -24.61 -23.87 -21.44
CA ARG L 74 -25.19 -25.19 -21.50
C ARG L 74 -26.07 -25.49 -20.28
N VAL L 75 -27.23 -26.08 -20.55
CA VAL L 75 -28.19 -26.42 -19.50
C VAL L 75 -27.96 -27.81 -18.90
N LYS L 76 -28.63 -28.09 -17.77
CA LYS L 76 -28.53 -29.39 -17.07
C LYS L 76 -28.76 -30.52 -18.06
N ASP L 77 -29.58 -30.17 -19.03
CA ASP L 77 -29.99 -31.03 -20.11
C ASP L 77 -28.79 -31.58 -20.90
N GLU L 78 -27.67 -30.84 -20.96
CA GLU L 78 -26.53 -31.28 -21.78
C GLU L 78 -25.10 -31.35 -21.21
N ILE L 79 -24.82 -30.65 -20.12
CA ILE L 79 -23.48 -30.68 -19.56
C ILE L 79 -23.04 -32.06 -19.08
N PRO L 80 -23.84 -32.69 -18.20
CA PRO L 80 -23.47 -34.02 -17.71
C PRO L 80 -23.03 -34.97 -18.77
N GLU L 81 -23.76 -35.02 -19.87
CA GLU L 81 -23.39 -35.92 -20.96
C GLU L 81 -22.00 -35.51 -21.44
N ALA L 82 -21.91 -34.31 -21.98
CA ALA L 82 -20.64 -33.81 -22.49
C ALA L 82 -19.49 -33.98 -21.51
N LEU L 83 -19.71 -33.63 -20.25
CA LEU L 83 -18.62 -33.77 -19.29
C LEU L 83 -18.18 -35.21 -19.25
N ARG L 84 -19.17 -36.11 -19.19
CA ARG L 84 -18.92 -37.55 -19.13
C ARG L 84 -18.02 -37.97 -20.28
N LEU L 85 -18.42 -37.67 -21.51
CA LEU L 85 -17.60 -38.06 -22.63
C LEU L 85 -16.13 -37.62 -22.50
N LEU L 86 -15.90 -36.33 -22.26
CA LEU L 86 -14.54 -35.83 -22.14
C LEU L 86 -13.80 -36.57 -21.04
N LEU L 87 -14.31 -36.51 -19.82
CA LEU L 87 -13.64 -37.20 -18.72
C LEU L 87 -13.41 -38.69 -19.03
N GLN L 88 -14.25 -39.24 -19.90
CA GLN L 88 -14.14 -40.62 -20.31
C GLN L 88 -12.84 -40.79 -21.07
N ALA L 89 -12.58 -39.86 -21.99
CA ALA L 89 -11.36 -39.92 -22.78
C ALA L 89 -10.14 -39.66 -21.90
N LEU L 90 -10.12 -38.53 -21.20
CA LEU L 90 -8.97 -38.23 -20.34
C LEU L 90 -8.48 -39.45 -19.56
N LEU L 91 -9.43 -40.21 -19.04
CA LEU L 91 -9.11 -41.41 -18.26
C LEU L 91 -8.14 -42.31 -18.96
N LYS L 92 -8.16 -42.27 -20.29
CA LYS L 92 -7.29 -43.08 -21.11
C LYS L 92 -5.96 -42.41 -21.50
N CYS L 93 -5.43 -41.54 -20.63
CA CYS L 93 -4.18 -40.86 -20.92
C CYS L 93 -3.21 -41.14 -19.78
N PRO L 94 -2.29 -42.10 -20.00
CA PRO L 94 -1.28 -42.55 -19.04
C PRO L 94 -0.42 -41.46 -18.39
N LYS L 95 -0.12 -40.39 -19.12
CA LYS L 95 0.76 -39.34 -18.58
C LYS L 95 0.08 -38.06 -18.10
N LEU L 96 -1.25 -38.02 -18.12
CA LEU L 96 -2.00 -36.83 -17.70
C LEU L 96 -1.90 -36.60 -16.20
N HIS L 97 -1.05 -35.66 -15.78
CA HIS L 97 -0.89 -35.41 -14.35
C HIS L 97 -1.68 -34.19 -13.87
N THR L 98 -2.02 -33.29 -14.78
CA THR L 98 -2.74 -32.08 -14.42
C THR L 98 -3.98 -31.89 -15.26
N VAL L 99 -5.12 -31.82 -14.58
CA VAL L 99 -6.37 -31.64 -15.28
C VAL L 99 -7.13 -30.50 -14.58
N ARG L 100 -7.66 -29.56 -15.37
CA ARG L 100 -8.38 -28.42 -14.80
C ARG L 100 -9.83 -28.31 -15.30
N LEU L 101 -10.78 -28.36 -14.36
CA LEU L 101 -12.20 -28.29 -14.71
C LEU L 101 -12.95 -27.11 -14.13
N SER L 102 -12.22 -26.10 -13.64
CA SER L 102 -12.80 -24.91 -13.02
C SER L 102 -13.68 -24.05 -13.92
N ASP L 103 -14.50 -23.23 -13.27
CA ASP L 103 -15.40 -22.31 -13.95
C ASP L 103 -16.45 -22.96 -14.85
N ASN L 104 -17.03 -24.05 -14.37
CA ASN L 104 -18.08 -24.77 -15.07
C ASN L 104 -19.16 -25.16 -14.07
N ALA L 105 -20.42 -24.92 -14.43
CA ALA L 105 -21.56 -25.25 -13.57
C ALA L 105 -21.72 -26.75 -13.43
N PHE L 106 -21.40 -27.29 -12.26
CA PHE L 106 -21.49 -28.72 -12.03
C PHE L 106 -22.48 -29.12 -10.94
N GLY L 107 -22.11 -28.87 -9.69
CA GLY L 107 -23.00 -29.22 -8.60
C GLY L 107 -23.42 -30.67 -8.69
N PRO L 108 -24.38 -31.09 -7.86
CA PRO L 108 -24.88 -32.45 -7.82
C PRO L 108 -25.27 -32.95 -9.20
N THR L 109 -26.04 -32.13 -9.91
CA THR L 109 -26.53 -32.48 -11.22
C THR L 109 -25.48 -32.94 -12.24
N ALA L 110 -24.20 -32.94 -11.88
CA ALA L 110 -23.15 -33.38 -12.82
C ALA L 110 -21.99 -34.06 -12.10
N GLN L 111 -22.27 -34.59 -10.92
CA GLN L 111 -21.25 -35.21 -10.11
C GLN L 111 -20.81 -36.54 -10.63
N GLU L 112 -21.62 -37.16 -11.47
CA GLU L 112 -21.27 -38.47 -11.96
C GLU L 112 -19.90 -38.59 -12.60
N PRO L 113 -19.66 -37.86 -13.71
CA PRO L 113 -18.34 -37.93 -14.36
C PRO L 113 -17.20 -37.64 -13.38
N LEU L 114 -17.37 -36.59 -12.58
CA LEU L 114 -16.35 -36.21 -11.60
C LEU L 114 -16.05 -37.34 -10.66
N ILE L 115 -17.09 -37.86 -10.02
CA ILE L 115 -16.94 -38.96 -9.07
C ILE L 115 -16.27 -40.16 -9.73
N ASP L 116 -16.64 -40.45 -10.97
CA ASP L 116 -16.03 -41.58 -11.65
C ASP L 116 -14.55 -41.23 -11.80
N PHE L 117 -14.26 -40.42 -12.81
CA PHE L 117 -12.92 -39.96 -13.16
C PHE L 117 -11.97 -39.79 -11.98
N LEU L 118 -12.31 -38.91 -11.05
CA LEU L 118 -11.44 -38.63 -9.93
C LEU L 118 -11.00 -39.81 -9.12
N SER L 119 -11.85 -40.82 -9.03
CA SER L 119 -11.46 -41.98 -8.24
C SER L 119 -10.51 -42.89 -8.99
N LYS L 120 -10.64 -42.89 -10.31
CA LYS L 120 -9.83 -43.77 -11.13
C LYS L 120 -8.51 -43.24 -11.68
N HIS L 121 -8.53 -42.07 -12.30
CA HIS L 121 -7.32 -41.48 -12.90
C HIS L 121 -6.10 -41.38 -11.99
N THR L 122 -5.35 -42.47 -11.85
CA THR L 122 -4.16 -42.49 -10.99
C THR L 122 -3.03 -41.56 -11.38
N PRO L 123 -2.88 -41.27 -12.68
CA PRO L 123 -1.80 -40.38 -13.10
C PRO L 123 -1.90 -38.98 -12.51
N LEU L 124 -3.11 -38.63 -12.04
CA LEU L 124 -3.39 -37.31 -11.49
C LEU L 124 -2.47 -36.81 -10.39
N GLU L 125 -1.92 -35.61 -10.58
CA GLU L 125 -1.05 -34.99 -9.61
C GLU L 125 -1.59 -33.60 -9.21
N HIS L 126 -2.17 -32.88 -10.18
CA HIS L 126 -2.69 -31.52 -9.94
C HIS L 126 -4.14 -31.38 -10.38
N LEU L 127 -5.02 -31.23 -9.39
CA LEU L 127 -6.44 -31.13 -9.68
C LEU L 127 -6.99 -29.73 -9.44
N TYR L 128 -7.53 -29.13 -10.51
CA TYR L 128 -8.08 -27.79 -10.43
C TYR L 128 -9.58 -27.84 -10.58
N LEU L 129 -10.26 -28.00 -9.45
CA LEU L 129 -11.73 -28.06 -9.39
C LEU L 129 -12.16 -26.85 -8.58
N HIS L 130 -12.18 -25.69 -9.24
CA HIS L 130 -12.48 -24.39 -8.63
C HIS L 130 -13.68 -23.73 -9.25
N ASN L 131 -14.56 -23.23 -8.40
CA ASN L 131 -15.77 -22.56 -8.85
C ASN L 131 -16.54 -23.51 -9.77
N ASN L 132 -17.15 -24.51 -9.16
CA ASN L 132 -17.92 -25.51 -9.88
C ASN L 132 -19.27 -25.70 -9.19
N GLY L 133 -19.42 -25.07 -8.02
CA GLY L 133 -20.65 -25.16 -7.25
C GLY L 133 -20.98 -26.58 -6.84
N LEU L 134 -19.97 -27.31 -6.41
CA LEU L 134 -20.16 -28.68 -5.99
C LEU L 134 -21.25 -28.79 -4.95
N GLY L 135 -21.15 -28.00 -3.88
CA GLY L 135 -22.15 -28.06 -2.84
C GLY L 135 -21.68 -29.07 -1.82
N PRO L 136 -22.16 -29.00 -0.56
CA PRO L 136 -21.79 -29.91 0.52
C PRO L 136 -22.04 -31.37 0.18
N GLN L 137 -23.16 -31.65 -0.48
CA GLN L 137 -23.50 -33.02 -0.85
C GLN L 137 -22.45 -33.56 -1.81
N ALA L 138 -22.47 -33.07 -3.04
CA ALA L 138 -21.51 -33.54 -4.05
C ALA L 138 -20.04 -33.35 -3.59
N GLY L 139 -19.78 -32.26 -2.89
CA GLY L 139 -18.43 -32.02 -2.44
C GLY L 139 -17.95 -33.25 -1.72
N ALA L 140 -18.81 -33.77 -0.86
CA ALA L 140 -18.49 -34.95 -0.08
C ALA L 140 -18.18 -36.14 -0.99
N LYS L 141 -19.05 -36.40 -1.96
CA LYS L 141 -18.79 -37.51 -2.86
C LYS L 141 -17.43 -37.31 -3.53
N ILE L 142 -17.18 -36.13 -4.09
CA ILE L 142 -15.88 -35.83 -4.72
C ILE L 142 -14.76 -36.14 -3.71
N ALA L 143 -15.00 -35.79 -2.45
CA ALA L 143 -14.01 -36.04 -1.43
C ALA L 143 -13.76 -37.55 -1.26
N ARG L 144 -14.85 -38.32 -1.23
CA ARG L 144 -14.73 -39.78 -1.06
C ARG L 144 -14.00 -40.29 -2.27
N ALA L 145 -14.48 -39.87 -3.42
CA ALA L 145 -13.91 -40.26 -4.68
C ALA L 145 -12.42 -40.04 -4.70
N LEU L 146 -11.95 -39.03 -3.99
CA LEU L 146 -10.51 -38.79 -3.99
C LEU L 146 -9.84 -39.77 -3.02
N GLN L 147 -10.58 -40.17 -1.99
CA GLN L 147 -10.04 -41.12 -1.02
C GLN L 147 -9.79 -42.42 -1.78
N GLU L 148 -10.71 -42.75 -2.68
CA GLU L 148 -10.58 -43.93 -3.48
C GLU L 148 -9.29 -43.79 -4.25
N LEU L 149 -9.23 -42.77 -5.10
CA LEU L 149 -8.03 -42.51 -5.90
C LEU L 149 -6.77 -42.74 -5.08
N ALA L 150 -6.82 -42.38 -3.79
CA ALA L 150 -5.66 -42.59 -2.91
C ALA L 150 -5.26 -44.06 -2.99
N VAL L 151 -6.24 -44.93 -2.75
CA VAL L 151 -6.07 -46.38 -2.79
C VAL L 151 -5.62 -46.89 -4.16
N ASN L 152 -6.41 -46.60 -5.19
CA ASN L 152 -6.07 -47.05 -6.54
C ASN L 152 -4.67 -46.59 -6.93
N LYS L 153 -4.18 -45.55 -6.24
CA LYS L 153 -2.85 -45.02 -6.52
C LYS L 153 -1.78 -45.89 -5.87
N LYS L 154 -2.01 -46.26 -4.61
CA LYS L 154 -1.03 -47.09 -3.91
C LYS L 154 -0.94 -48.47 -4.55
N ALA L 155 -2.00 -48.88 -5.22
CA ALA L 155 -2.02 -50.18 -5.87
C ALA L 155 -1.14 -50.20 -7.10
N LYS L 156 -1.05 -49.06 -7.78
CA LYS L 156 -0.24 -48.98 -8.99
C LYS L 156 1.05 -48.17 -8.83
N ASN L 157 1.53 -48.03 -7.60
CA ASN L 157 2.76 -47.29 -7.32
C ASN L 157 2.85 -45.98 -8.08
N ALA L 158 1.73 -45.26 -8.21
CA ALA L 158 1.71 -43.99 -8.93
C ALA L 158 2.08 -42.79 -8.06
N PRO L 159 2.50 -41.69 -8.71
CA PRO L 159 2.90 -40.45 -8.03
C PRO L 159 1.80 -40.01 -7.07
N PRO L 160 2.19 -39.30 -6.01
CA PRO L 160 1.21 -38.82 -5.03
C PRO L 160 0.45 -37.65 -5.61
N LEU L 161 -0.78 -37.43 -5.14
CA LEU L 161 -1.51 -36.26 -5.62
C LEU L 161 -0.77 -35.09 -4.94
N ARG L 162 -0.59 -33.98 -5.67
CA ARG L 162 0.15 -32.86 -5.12
C ARG L 162 -0.63 -31.57 -4.90
N SER L 163 -1.61 -31.31 -5.75
CA SER L 163 -2.36 -30.07 -5.65
C SER L 163 -3.86 -30.20 -5.82
N ILE L 164 -4.60 -29.69 -4.84
CA ILE L 164 -6.06 -29.68 -4.91
C ILE L 164 -6.48 -28.22 -4.78
N ILE L 165 -6.99 -27.65 -5.86
CA ILE L 165 -7.44 -26.28 -5.86
C ILE L 165 -8.95 -26.42 -5.95
N CYS L 166 -9.61 -26.47 -4.80
CA CYS L 166 -11.07 -26.63 -4.81
C CYS L 166 -11.78 -25.60 -3.96
N GLY L 167 -12.15 -24.49 -4.60
CA GLY L 167 -12.82 -23.44 -3.87
C GLY L 167 -13.99 -22.81 -4.60
N ARG L 168 -14.80 -22.07 -3.86
CA ARG L 168 -15.96 -21.43 -4.41
C ARG L 168 -16.93 -22.51 -4.84
N ASN L 169 -17.04 -23.55 -4.01
CA ASN L 169 -17.92 -24.67 -4.27
C ASN L 169 -18.88 -24.89 -3.12
N ARG L 170 -18.83 -24.02 -2.12
CA ARG L 170 -19.69 -24.16 -0.96
C ARG L 170 -19.58 -25.54 -0.34
N LEU L 171 -18.38 -26.07 -0.20
CA LEU L 171 -18.21 -27.39 0.40
C LEU L 171 -18.84 -27.39 1.79
N GLU L 172 -19.03 -26.21 2.38
CA GLU L 172 -19.61 -26.07 3.72
C GLU L 172 -19.07 -27.04 4.77
N ASN L 173 -19.66 -27.06 5.95
CA ASN L 173 -19.16 -27.99 6.97
C ASN L 173 -19.64 -29.38 6.63
N GLY L 174 -20.76 -29.46 5.90
CA GLY L 174 -21.31 -30.74 5.53
C GLY L 174 -20.26 -31.74 5.06
N SER L 175 -19.34 -31.27 4.21
CA SER L 175 -18.31 -32.14 3.67
C SER L 175 -16.97 -32.10 4.37
N MET L 176 -16.86 -31.35 5.45
CA MET L 176 -15.55 -31.31 6.08
C MET L 176 -15.15 -32.63 6.68
N LYS L 177 -16.11 -33.34 7.27
CA LYS L 177 -15.83 -34.65 7.87
C LYS L 177 -15.10 -35.50 6.84
N GLU L 178 -15.67 -35.57 5.65
CA GLU L 178 -15.10 -36.36 4.59
C GLU L 178 -13.78 -35.79 4.04
N TRP L 179 -13.75 -34.50 3.67
CA TRP L 179 -12.52 -33.91 3.12
C TRP L 179 -11.33 -34.12 4.07
N ALA L 180 -11.61 -34.02 5.36
CA ALA L 180 -10.57 -34.20 6.33
C ALA L 180 -9.97 -35.57 6.10
N LYS L 181 -10.80 -36.52 5.68
CA LYS L 181 -10.31 -37.86 5.42
C LYS L 181 -9.52 -37.86 4.12
N THR L 182 -10.01 -37.15 3.12
CA THR L 182 -9.31 -37.05 1.85
C THR L 182 -7.86 -36.59 2.11
N PHE L 183 -7.67 -35.69 3.06
CA PHE L 183 -6.32 -35.25 3.31
C PHE L 183 -5.52 -36.35 3.98
N GLN L 184 -6.11 -37.01 4.97
CA GLN L 184 -5.40 -38.08 5.64
C GLN L 184 -4.91 -39.07 4.59
N SER L 185 -5.63 -39.15 3.48
CA SER L 185 -5.24 -40.04 2.40
C SER L 185 -3.99 -39.53 1.72
N HIS L 186 -4.09 -38.36 1.09
CA HIS L 186 -2.96 -37.78 0.38
C HIS L 186 -2.07 -36.89 1.24
N ARG L 187 -1.29 -37.52 2.11
CA ARG L 187 -0.41 -36.76 2.99
C ARG L 187 0.83 -36.18 2.31
N LEU L 188 0.83 -36.16 1.00
CA LEU L 188 1.99 -35.63 0.32
C LEU L 188 1.67 -34.43 -0.53
N LEU L 189 0.55 -33.78 -0.25
CA LEU L 189 0.13 -32.60 -1.00
C LEU L 189 1.07 -31.44 -0.76
N HIS L 190 1.15 -30.56 -1.75
CA HIS L 190 1.99 -29.39 -1.66
C HIS L 190 1.12 -28.15 -1.66
N THR L 191 0.08 -28.17 -2.47
CA THR L 191 -0.80 -27.02 -2.57
C THR L 191 -2.25 -27.39 -2.40
N VAL L 192 -2.87 -26.94 -1.32
CA VAL L 192 -4.28 -27.19 -1.10
C VAL L 192 -4.92 -25.81 -0.89
N LYS L 193 -5.86 -25.46 -1.76
CA LYS L 193 -6.56 -24.19 -1.69
C LYS L 193 -8.08 -24.41 -1.71
N MET L 194 -8.71 -24.30 -0.54
CA MET L 194 -10.15 -24.48 -0.44
C MET L 194 -10.78 -23.17 -0.03
N VAL L 195 -10.73 -22.22 -0.95
CA VAL L 195 -11.25 -20.88 -0.72
C VAL L 195 -12.74 -20.69 -0.90
N GLN L 196 -13.33 -19.83 -0.07
CA GLN L 196 -14.73 -19.48 -0.25
C GLN L 196 -15.66 -20.66 -0.29
N ASN L 197 -15.64 -21.49 0.75
CA ASN L 197 -16.54 -22.64 0.77
C ASN L 197 -17.50 -22.57 1.93
N GLY L 198 -17.84 -21.37 2.37
CA GLY L 198 -18.76 -21.25 3.47
C GLY L 198 -18.43 -22.08 4.67
N ILE L 199 -17.27 -22.71 4.69
CA ILE L 199 -16.89 -23.53 5.83
C ILE L 199 -16.85 -22.62 7.09
N ARG L 200 -17.61 -22.99 8.11
CA ARG L 200 -17.66 -22.21 9.35
C ARG L 200 -16.68 -22.79 10.38
N PRO L 201 -16.53 -22.12 11.54
CA PRO L 201 -15.63 -22.52 12.63
C PRO L 201 -15.46 -24.01 12.83
N GLU L 202 -16.49 -24.66 13.35
CA GLU L 202 -16.47 -26.10 13.59
C GLU L 202 -15.88 -26.81 12.36
N GLY L 203 -16.29 -26.37 11.17
CA GLY L 203 -15.77 -26.94 9.94
C GLY L 203 -14.26 -26.82 9.85
N ILE L 204 -13.75 -25.59 10.00
CA ILE L 204 -12.32 -25.38 9.92
C ILE L 204 -11.56 -26.13 11.01
N GLU L 205 -12.09 -26.11 12.23
CA GLU L 205 -11.43 -26.79 13.34
C GLU L 205 -11.10 -28.23 12.94
N HIS L 206 -12.10 -28.89 12.36
CA HIS L 206 -11.96 -30.26 11.91
C HIS L 206 -11.00 -30.29 10.73
N LEU L 207 -11.41 -29.70 9.62
CA LEU L 207 -10.59 -29.66 8.43
C LEU L 207 -9.12 -29.47 8.78
N LEU L 208 -8.85 -28.68 9.82
CA LEU L 208 -7.48 -28.46 10.21
C LEU L 208 -6.92 -29.61 11.03
N LEU L 209 -7.29 -29.67 12.29
CA LEU L 209 -6.79 -30.70 13.20
C LEU L 209 -6.90 -32.16 12.78
N GLU L 210 -7.88 -32.51 11.95
CA GLU L 210 -8.06 -33.89 11.51
C GLU L 210 -7.76 -34.08 10.00
N GLY L 211 -7.55 -32.97 9.30
CA GLY L 211 -7.26 -33.02 7.88
C GLY L 211 -5.84 -32.56 7.58
N LEU L 212 -5.72 -31.36 7.02
CA LEU L 212 -4.43 -30.80 6.64
C LEU L 212 -3.30 -31.12 7.60
N ALA L 213 -3.55 -31.02 8.89
CA ALA L 213 -2.48 -31.31 9.86
C ALA L 213 -1.68 -32.60 9.57
N TYR L 214 -2.22 -33.50 8.78
CA TYR L 214 -1.48 -34.71 8.49
C TYR L 214 -0.59 -34.56 7.27
N CYS L 215 -0.72 -33.44 6.54
CA CYS L 215 0.08 -33.22 5.33
C CYS L 215 1.44 -32.57 5.59
N GLN L 216 2.27 -33.19 6.42
CA GLN L 216 3.58 -32.61 6.74
C GLN L 216 4.35 -31.95 5.58
N GLU L 217 4.10 -32.40 4.35
CA GLU L 217 4.80 -31.86 3.19
C GLU L 217 4.26 -30.54 2.69
N LEU L 218 3.06 -30.18 3.13
CA LEU L 218 2.38 -28.94 2.72
C LEU L 218 3.24 -27.68 2.55
N LYS L 219 3.10 -27.07 1.37
CA LYS L 219 3.84 -25.87 1.00
C LYS L 219 2.95 -24.63 0.94
N VAL L 220 1.79 -24.77 0.31
CA VAL L 220 0.85 -23.66 0.15
C VAL L 220 -0.59 -24.01 0.58
N LEU L 221 -1.11 -23.22 1.51
CA LEU L 221 -2.44 -23.47 2.00
C LEU L 221 -3.22 -22.18 2.02
N ASP L 222 -4.36 -22.16 1.35
CA ASP L 222 -5.21 -20.98 1.29
C ASP L 222 -6.62 -21.35 1.72
N LEU L 223 -7.12 -20.71 2.77
CA LEU L 223 -8.47 -20.97 3.26
C LEU L 223 -9.29 -19.69 3.28
N GLN L 224 -8.91 -18.77 2.41
CA GLN L 224 -9.54 -17.48 2.27
C GLN L 224 -11.06 -17.47 2.23
N ASP L 225 -11.64 -16.47 2.88
CA ASP L 225 -13.08 -16.24 2.93
C ASP L 225 -13.95 -17.35 3.53
N ASN L 226 -13.50 -17.89 4.65
CA ASN L 226 -14.26 -18.90 5.36
C ASN L 226 -14.30 -18.38 6.78
N THR L 227 -15.43 -18.57 7.46
CA THR L 227 -15.48 -18.06 8.83
C THR L 227 -14.65 -18.92 9.77
N PHE L 228 -13.59 -18.35 10.34
CA PHE L 228 -12.75 -19.08 11.27
C PHE L 228 -13.16 -18.86 12.72
N THR L 229 -13.02 -17.62 13.18
CA THR L 229 -13.29 -17.17 14.56
C THR L 229 -12.33 -17.79 15.55
N HIS L 230 -12.57 -17.60 16.84
CA HIS L 230 -11.65 -18.14 17.84
C HIS L 230 -11.47 -19.65 17.73
N LEU L 231 -12.55 -20.36 17.43
CA LEU L 231 -12.46 -21.80 17.30
C LEU L 231 -11.52 -22.19 16.16
N GLY L 232 -11.77 -21.65 14.97
CA GLY L 232 -10.91 -21.96 13.83
C GLY L 232 -9.45 -21.59 14.08
N SER L 233 -9.23 -20.39 14.59
CA SER L 233 -7.89 -19.93 14.88
C SER L 233 -7.14 -20.91 15.77
N SER L 234 -7.70 -21.24 16.92
CA SER L 234 -7.04 -22.17 17.83
C SER L 234 -6.60 -23.42 17.10
N ALA L 235 -7.45 -23.87 16.19
CA ALA L 235 -7.11 -25.06 15.42
C ALA L 235 -5.86 -24.72 14.64
N LEU L 236 -5.96 -23.69 13.81
CA LEU L 236 -4.84 -23.22 13.00
C LEU L 236 -3.55 -23.06 13.81
N ALA L 237 -3.67 -22.48 15.00
CA ALA L 237 -2.52 -22.28 15.85
C ALA L 237 -1.83 -23.61 16.11
N ILE L 238 -2.60 -24.56 16.64
CA ILE L 238 -2.06 -25.86 16.97
C ILE L 238 -1.43 -26.52 15.75
N ALA L 239 -2.15 -26.46 14.63
CA ALA L 239 -1.71 -27.06 13.39
C ALA L 239 -0.49 -26.46 12.70
N LEU L 240 -0.17 -25.20 12.94
CA LEU L 240 0.99 -24.59 12.28
C LEU L 240 2.29 -25.37 12.42
N LYS L 241 2.51 -25.99 13.57
CA LYS L 241 3.73 -26.76 13.78
C LYS L 241 3.87 -27.93 12.84
N SER L 242 2.78 -28.28 12.17
CA SER L 242 2.78 -29.42 11.26
C SER L 242 3.32 -29.13 9.85
N TRP L 243 3.35 -27.87 9.46
CA TRP L 243 3.83 -27.56 8.12
C TRP L 243 5.14 -26.76 8.12
N PRO L 244 6.28 -27.46 8.15
CA PRO L 244 7.63 -26.89 8.15
C PRO L 244 7.95 -26.15 6.88
N ASN L 245 7.65 -26.77 5.76
CA ASN L 245 7.92 -26.15 4.48
C ASN L 245 6.75 -25.26 4.06
N LEU L 246 6.06 -24.68 5.04
CA LEU L 246 4.96 -23.82 4.66
C LEU L 246 5.61 -22.62 4.05
N ARG L 247 5.04 -22.10 2.98
CA ARG L 247 5.60 -20.92 2.34
C ARG L 247 4.54 -19.86 2.06
N GLU L 248 3.29 -20.28 1.92
CA GLU L 248 2.22 -19.35 1.68
C GLU L 248 1.04 -19.71 2.54
N LEU L 249 0.58 -18.75 3.33
CA LEU L 249 -0.54 -18.95 4.22
C LEU L 249 -1.56 -17.85 3.93
N GLY L 250 -2.63 -18.19 3.22
CA GLY L 250 -3.66 -17.23 2.88
C GLY L 250 -4.90 -17.29 3.76
N LEU L 251 -5.03 -16.33 4.65
CA LEU L 251 -6.15 -16.27 5.57
C LEU L 251 -6.99 -15.03 5.35
N ASN L 252 -6.88 -14.42 4.18
CA ASN L 252 -7.66 -13.21 3.95
C ASN L 252 -9.16 -13.42 4.08
N ASP L 253 -9.85 -12.54 4.79
CA ASP L 253 -11.30 -12.65 4.92
C ASP L 253 -11.78 -13.79 5.79
N CYS L 254 -10.99 -14.26 6.75
CA CYS L 254 -11.45 -15.38 7.56
C CYS L 254 -12.00 -15.09 8.95
N LEU L 255 -12.17 -13.81 9.29
CA LEU L 255 -12.66 -13.43 10.60
C LEU L 255 -11.96 -14.17 11.72
N LEU L 256 -10.63 -14.28 11.64
CA LEU L 256 -9.87 -14.96 12.68
C LEU L 256 -10.31 -14.50 14.08
N SER L 257 -10.61 -13.20 14.19
CA SER L 257 -11.03 -12.55 15.43
C SER L 257 -9.78 -12.01 16.15
N ALA L 258 -9.94 -10.87 16.80
CA ALA L 258 -8.84 -10.25 17.52
C ALA L 258 -8.12 -11.29 18.38
N ARG L 259 -8.92 -12.09 19.08
CA ARG L 259 -8.41 -13.13 19.96
C ARG L 259 -7.75 -14.26 19.16
N GLY L 260 -8.31 -14.55 18.00
CA GLY L 260 -7.77 -15.63 17.18
C GLY L 260 -6.39 -15.30 16.65
N ALA L 261 -6.30 -14.18 15.95
CA ALA L 261 -5.05 -13.73 15.38
C ALA L 261 -4.04 -13.73 16.51
N ALA L 262 -4.45 -13.17 17.64
CA ALA L 262 -3.61 -13.11 18.82
C ALA L 262 -2.86 -14.42 18.99
N ALA L 263 -3.60 -15.52 18.98
CA ALA L 263 -3.03 -16.85 19.15
C ALA L 263 -2.25 -17.33 17.93
N VAL L 264 -2.81 -17.17 16.73
CA VAL L 264 -2.10 -17.59 15.53
C VAL L 264 -0.73 -16.95 15.50
N VAL L 265 -0.68 -15.66 15.79
CA VAL L 265 0.60 -14.97 15.81
C VAL L 265 1.44 -15.69 16.84
N ASP L 266 0.94 -15.74 18.08
CA ASP L 266 1.68 -16.42 19.12
C ASP L 266 2.18 -17.77 18.59
N ALA L 267 1.30 -18.48 17.88
CA ALA L 267 1.65 -19.78 17.30
C ALA L 267 2.96 -19.69 16.51
N PHE L 268 3.02 -18.76 15.56
CA PHE L 268 4.24 -18.57 14.77
C PHE L 268 5.41 -18.26 15.69
N SER L 269 5.18 -17.37 16.64
CA SER L 269 6.21 -16.99 17.60
C SER L 269 7.02 -18.20 18.08
N LYS L 270 6.33 -19.32 18.31
CA LYS L 270 6.98 -20.53 18.80
C LYS L 270 7.60 -21.37 17.71
N LEU L 271 7.20 -21.20 16.45
CA LEU L 271 7.77 -21.99 15.37
C LEU L 271 9.24 -21.71 15.27
N GLU L 272 9.99 -22.61 14.62
CA GLU L 272 11.42 -22.44 14.46
C GLU L 272 11.72 -22.53 12.97
N ASN L 273 12.87 -22.02 12.56
CA ASN L 273 13.28 -22.06 11.15
C ASN L 273 12.11 -21.77 10.24
N ILE L 274 11.43 -20.64 10.46
CA ILE L 274 10.28 -20.29 9.63
C ILE L 274 10.67 -19.88 8.21
N GLY L 275 10.32 -20.71 7.24
CA GLY L 275 10.64 -20.40 5.88
C GLY L 275 9.46 -19.74 5.19
N LEU L 276 8.50 -19.28 5.98
CA LEU L 276 7.31 -18.65 5.42
C LEU L 276 7.73 -17.57 4.44
N GLN L 277 7.01 -17.43 3.33
CA GLN L 277 7.36 -16.44 2.32
C GLN L 277 6.28 -15.45 1.94
N THR L 278 5.04 -15.71 2.34
CA THR L 278 3.94 -14.81 2.02
C THR L 278 2.74 -15.14 2.90
N LEU L 279 2.46 -14.22 3.82
CA LEU L 279 1.40 -14.36 4.80
C LEU L 279 0.27 -13.36 4.52
N ARG L 280 -0.92 -13.86 4.17
CA ARG L 280 -2.09 -13.00 3.90
C ARG L 280 -3.04 -12.97 5.10
N LEU L 281 -3.07 -11.89 5.85
CA LEU L 281 -3.92 -11.82 7.02
C LEU L 281 -5.02 -10.76 6.96
N GLN L 282 -5.43 -10.34 5.78
CA GLN L 282 -6.46 -9.31 5.65
C GLN L 282 -7.74 -9.59 6.45
N TYR L 283 -8.62 -8.60 6.48
CA TYR L 283 -9.91 -8.65 7.17
C TYR L 283 -10.15 -9.70 8.24
N ASN L 284 -9.38 -9.71 9.31
CA ASN L 284 -9.60 -10.69 10.35
C ASN L 284 -9.84 -10.08 11.72
N GLU L 285 -10.19 -8.79 11.73
CA GLU L 285 -10.42 -8.04 12.97
C GLU L 285 -9.17 -8.06 13.85
N ILE L 286 -8.01 -8.38 13.27
CA ILE L 286 -6.77 -8.43 14.04
C ILE L 286 -6.52 -7.09 14.71
N GLU L 287 -6.26 -7.08 16.01
CA GLU L 287 -6.05 -5.82 16.68
C GLU L 287 -4.58 -5.45 16.79
N LEU L 288 -4.33 -4.15 16.98
CA LEU L 288 -2.99 -3.57 17.10
C LEU L 288 -2.00 -4.39 17.95
N ASP L 289 -2.38 -4.73 19.17
CA ASP L 289 -1.51 -5.53 20.07
C ASP L 289 -0.95 -6.78 19.41
N ALA L 290 -1.74 -7.40 18.54
CA ALA L 290 -1.31 -8.58 17.82
C ALA L 290 -0.36 -8.19 16.68
N VAL L 291 -0.73 -7.15 15.93
CA VAL L 291 0.10 -6.66 14.82
C VAL L 291 1.43 -6.22 15.37
N ARG L 292 1.42 -5.73 16.60
CA ARG L 292 2.65 -5.30 17.27
C ARG L 292 3.59 -6.52 17.35
N THR L 293 3.10 -7.60 17.95
CA THR L 293 3.89 -8.82 18.11
C THR L 293 4.20 -9.44 16.76
N LEU L 294 3.20 -9.49 15.88
CA LEU L 294 3.43 -10.07 14.58
C LEU L 294 4.65 -9.44 13.96
N LYS L 295 4.83 -8.15 14.16
CA LYS L 295 5.99 -7.46 13.59
C LYS L 295 7.30 -8.07 14.07
N THR L 296 7.56 -7.90 15.37
CA THR L 296 8.78 -8.42 15.96
C THR L 296 9.01 -9.86 15.52
N VAL L 297 7.95 -10.66 15.48
CA VAL L 297 8.10 -12.05 15.06
C VAL L 297 8.59 -12.13 13.61
N ILE L 298 7.95 -11.37 12.73
CA ILE L 298 8.32 -11.35 11.31
C ILE L 298 9.79 -10.97 11.18
N ASP L 299 10.19 -10.00 12.00
CA ASP L 299 11.55 -9.49 12.04
C ASP L 299 12.56 -10.54 12.54
N GLU L 300 12.39 -10.98 13.77
CA GLU L 300 13.29 -11.97 14.37
C GLU L 300 13.26 -13.36 13.73
N LYS L 301 12.08 -13.95 13.58
CA LYS L 301 12.00 -15.32 13.08
C LYS L 301 11.51 -15.61 11.66
N MET L 302 11.11 -14.61 10.89
CA MET L 302 10.63 -14.86 9.52
C MET L 302 11.49 -14.24 8.41
N PRO L 303 12.78 -14.56 8.39
CA PRO L 303 13.73 -14.03 7.40
C PRO L 303 13.39 -14.10 5.92
N ASP L 304 12.43 -14.92 5.51
CA ASP L 304 12.14 -14.99 4.08
C ASP L 304 10.85 -14.32 3.63
N LEU L 305 10.14 -13.70 4.56
CA LEU L 305 8.88 -13.06 4.25
C LEU L 305 9.02 -12.04 3.14
N LEU L 306 8.24 -12.20 2.08
CA LEU L 306 8.28 -11.27 0.95
C LEU L 306 6.95 -10.52 0.86
N PHE L 307 5.88 -11.10 1.38
CA PHE L 307 4.59 -10.43 1.32
C PHE L 307 3.80 -10.50 2.60
N LEU L 308 3.18 -9.39 2.97
CA LEU L 308 2.36 -9.35 4.17
C LEU L 308 1.11 -8.65 3.75
N GLU L 309 0.02 -8.87 4.48
CA GLU L 309 -1.27 -8.26 4.14
C GLU L 309 -2.12 -8.13 5.38
N LEU L 310 -2.28 -6.91 5.87
CA LEU L 310 -3.08 -6.69 7.07
C LEU L 310 -4.25 -5.74 6.81
N ASN L 311 -4.33 -5.26 5.57
CA ASN L 311 -5.40 -4.35 5.20
C ASN L 311 -6.78 -4.87 5.60
N GLY L 312 -7.58 -4.03 6.26
CA GLY L 312 -8.92 -4.43 6.66
C GLY L 312 -9.15 -4.75 8.14
N ASN L 313 -8.10 -4.90 8.93
CA ASN L 313 -8.28 -5.23 10.34
C ASN L 313 -8.67 -4.09 11.28
N ARG L 314 -8.48 -4.30 12.58
CA ARG L 314 -8.84 -3.31 13.61
C ARG L 314 -7.66 -2.54 14.23
N PHE L 315 -6.98 -1.75 13.41
CA PHE L 315 -5.88 -0.94 13.88
C PHE L 315 -5.63 0.13 12.83
N SER L 316 -5.52 1.38 13.28
CA SER L 316 -5.32 2.54 12.40
C SER L 316 -4.16 2.44 11.41
N GLU L 317 -4.40 2.92 10.20
CA GLU L 317 -3.39 2.89 9.16
C GLU L 317 -2.18 3.72 9.61
N GLU L 318 -2.41 4.57 10.61
CA GLU L 318 -1.38 5.46 11.15
C GLU L 318 -0.44 4.75 12.13
N ASP L 319 -1.02 4.15 13.17
CA ASP L 319 -0.29 3.44 14.21
C ASP L 319 1.16 3.07 13.91
N ASP L 320 2.02 3.40 14.87
CA ASP L 320 3.46 3.16 14.79
C ASP L 320 3.86 1.88 14.06
N VAL L 321 3.41 0.75 14.59
CA VAL L 321 3.72 -0.57 14.04
C VAL L 321 3.82 -0.64 12.53
N VAL L 322 2.89 0.01 11.84
CA VAL L 322 2.91 0.00 10.38
C VAL L 322 4.29 0.37 9.87
N ASP L 323 4.68 1.61 10.12
CA ASP L 323 5.98 2.10 9.68
C ASP L 323 7.10 1.18 10.14
N GLU L 324 6.99 0.66 11.37
CA GLU L 324 8.01 -0.24 11.91
C GLU L 324 8.14 -1.50 11.05
N ILE L 325 7.01 -1.97 10.52
CA ILE L 325 6.98 -3.15 9.67
C ILE L 325 7.59 -2.80 8.32
N ARG L 326 7.06 -1.75 7.69
CA ARG L 326 7.56 -1.28 6.40
C ARG L 326 9.06 -1.08 6.52
N GLU L 327 9.48 -0.58 7.67
CA GLU L 327 10.88 -0.31 7.94
C GLU L 327 11.69 -1.60 7.92
N VAL L 328 11.17 -2.65 8.55
CA VAL L 328 11.84 -3.95 8.62
C VAL L 328 12.21 -4.47 7.24
N PHE L 329 11.29 -4.34 6.30
CA PHE L 329 11.53 -4.81 4.94
C PHE L 329 12.55 -3.93 4.22
N SER L 330 12.54 -2.63 4.56
CA SER L 330 13.46 -1.66 3.96
C SER L 330 14.89 -2.02 4.32
N THR L 331 15.16 -2.15 5.61
CA THR L 331 16.48 -2.50 6.10
C THR L 331 16.98 -3.80 5.47
N ARG L 332 16.06 -4.73 5.24
CA ARG L 332 16.38 -6.04 4.65
C ARG L 332 16.59 -5.94 3.14
N GLY L 333 15.83 -5.05 2.50
CA GLY L 333 15.92 -4.89 1.07
C GLY L 333 14.93 -5.82 0.39
N ARG L 334 14.31 -6.67 1.18
CA ARG L 334 13.35 -7.64 0.68
C ARG L 334 12.15 -7.71 1.62
N GLY L 335 10.98 -7.32 1.11
CA GLY L 335 9.79 -7.34 1.92
C GLY L 335 8.72 -6.51 1.24
N GLU L 336 7.53 -6.44 1.81
CA GLU L 336 6.44 -5.67 1.19
C GLU L 336 5.11 -5.78 1.91
N LEU L 337 4.71 -4.70 2.58
CA LEU L 337 3.42 -4.67 3.27
C LEU L 337 2.40 -4.15 2.27
N ASP L 338 1.13 -4.53 2.40
CA ASP L 338 0.12 -4.07 1.45
C ASP L 338 -0.38 -2.68 1.83
N GLU L 339 -1.26 -2.12 1.00
CA GLU L 339 -1.82 -0.78 1.26
C GLU L 339 -3.02 -0.91 2.19
N LEU L 340 -2.94 -0.30 3.38
CA LEU L 340 -4.03 -0.39 4.36
C LEU L 340 -5.14 0.65 4.18
N ASP L 341 -5.73 0.72 2.98
CA ASP L 341 -6.77 1.71 2.73
C ASP L 341 -8.20 1.34 3.11
N ASP L 342 -8.41 0.52 4.14
CA ASP L 342 -9.78 0.15 4.46
C ASP L 342 -10.01 -0.40 5.86
N MET L 343 -9.16 -0.03 6.82
CA MET L 343 -9.26 -0.52 8.20
C MET L 343 -10.67 -0.47 8.77
N GLU L 344 -11.00 -1.50 9.58
CA GLU L 344 -12.32 -1.62 10.20
C GLU L 344 -12.47 -0.64 11.35
N GLU L 345 -13.72 -0.34 11.70
CA GLU L 345 -14.04 0.60 12.76
C GLU L 345 -13.65 2.00 12.35
#